data_9UBG
#
_entry.id   9UBG
#
_cell.length_a   1.00
_cell.length_b   1.00
_cell.length_c   1.00
_cell.angle_alpha   90.00
_cell.angle_beta   90.00
_cell.angle_gamma   90.00
#
_symmetry.space_group_name_H-M   'P 1'
#
loop_
_entity.id
_entity.type
_entity.pdbx_description
1 polymer 'Pyruvate carboxylase'
2 non-polymer "ADENOSINE-5'-DIPHOSPHATE"
3 non-polymer 'ZINC ION'
4 non-polymer 'ACETYL COENZYME *A'
5 water water
#
_entity_poly.entity_id   1
_entity_poly.type   'polypeptide(L)'
_entity_poly.pdbx_seq_one_letter_code
;MFSKVLVANRGEIAIRAFRAAYELGVGTVAVYPYEDRNSQHRLKADESYQIGDIGHPVHAYLSVDEIVATARRAGADAIY
PGYGFLSENPDLAAACAAAGISFVGPSAEVLELAGNKSRAIAAAREAGLPVLMSSAPSASVDELLSVAAGMPFPLFVKAV
AGGGGRGMRRVGDIAALPEAIEAASREAESAFGDPTVYLEQAVINPRHIEVQILADNLGDVIHLYERDCSVQRRHQKVIE
LAPAPHLDAELRYKMCVDAVAFARHIGYSCAGTVEFLLDERGEYVFIEMNPRVQVEHTVTEEITDVDLVASQLRIAAGET
LEQLGLRQEDIAPHGAALQCRITTEDPANGFRPDTGRISALRTAGGAGVRLDGSTNLGAEISPYFDSMLVKLTCRGRDLP
TAVSRARRAIAEFRIRGVSTNIPFLQAVLDDPDFRAGRVTTSFIDERPQLLTARASADRGTKILNFLADVTVNNPYGSRP
STIYPDDKLPDLDLRAAPPAGSKQRLVKLGPEGFARWLRESAAVGVTDTTFRDAHQSLLATRVRTSGLSRVAPYLARTMP
QLLSVECWGGATYDVALRFLKEDPWERLATLRAAMPNICLQMLLRGRNTVGYTPYPEIVTSAFVQEATATGIDIFRIFDA
LNNIESMRPAIDAVRETGSAIAEVAMCYTGDLTDPGEQLYTLDYYLKLAEQIVDAGAHVLAIKDMAGLLRPPAAQRLVSA
LRSRFDLPVHLHTHDTPGGQLASYVAAWHAGADAVDGAAAPLAGTTSQPALSSIVAAAAHTEYDTGLSLSAVCALEPYWE
ALRKVYAPFESGLPGPTGRVYHHEIPGGQLSNLRQQAIALGLGDRFEEIEEAYAGADRVLGRLVKVTPTSKVVGDLALAL
VGAGVSADEFASDPARFGIPESVLGFLRGELGDPPGGWPEPLRTAALAGRGAARPTAQLAADDEIALSSVGAKRQATLNR
LLFPSPTKEFNEHREAYGDTSQLSANQFFYGLRQGEEHRVKLERGVELLIGLEAISEPDERGMRTVMCILNGQLRPVLVR
DRSIA
;
_entity_poly.pdbx_strand_id   A,C,D,B
#
# COMPACT_ATOMS: atom_id res chain seq x y z
N MET A 1 9.44 70.92 3.43
CA MET A 1 10.53 70.04 3.80
C MET A 1 10.90 69.11 2.64
N PHE A 2 11.71 68.10 2.93
CA PHE A 2 12.11 67.14 1.92
C PHE A 2 10.92 66.28 1.49
N SER A 3 10.83 66.03 0.18
CA SER A 3 9.77 65.16 -0.33
C SER A 3 10.07 63.69 -0.04
N LYS A 4 11.33 63.29 -0.18
CA LYS A 4 11.72 61.90 0.03
C LYS A 4 13.13 61.84 0.56
N VAL A 5 13.42 60.81 1.35
CA VAL A 5 14.73 60.62 1.96
C VAL A 5 15.11 59.15 1.85
N LEU A 6 16.38 58.89 1.57
CA LEU A 6 16.91 57.53 1.48
C LEU A 6 17.83 57.29 2.67
N VAL A 7 17.67 56.14 3.31
CA VAL A 7 18.46 55.76 4.49
C VAL A 7 19.41 54.66 4.06
N ALA A 8 20.71 54.96 4.07
CA ALA A 8 21.75 53.99 3.70
C ALA A 8 22.36 53.36 4.96
N ASN A 9 21.52 52.65 5.70
CA ASN A 9 21.95 51.99 6.92
C ASN A 9 21.07 50.78 7.18
N ARG A 10 21.34 50.08 8.27
CA ARG A 10 20.67 48.83 8.60
C ARG A 10 20.42 48.77 10.10
N GLY A 11 19.32 48.11 10.47
CA GLY A 11 19.04 47.85 11.87
C GLY A 11 18.03 48.77 12.51
N GLU A 12 18.19 49.01 13.82
CA GLU A 12 17.22 49.82 14.55
C GLU A 12 17.34 51.30 14.23
N ILE A 13 18.53 51.75 13.83
CA ILE A 13 18.70 53.16 13.48
C ILE A 13 17.89 53.51 12.24
N ALA A 14 17.79 52.57 11.29
CA ALA A 14 16.96 52.79 10.12
C ALA A 14 15.49 52.92 10.50
N ILE A 15 15.02 52.08 11.43
CA ILE A 15 13.63 52.17 11.88
C ILE A 15 13.38 53.47 12.62
N ARG A 16 14.35 53.91 13.43
CA ARG A 16 14.21 55.20 14.11
C ARG A 16 14.13 56.34 13.10
N ALA A 17 14.96 56.31 12.07
CA ALA A 17 14.90 57.33 11.03
C ALA A 17 13.57 57.29 10.29
N PHE A 18 13.06 56.09 10.02
CA PHE A 18 11.76 55.97 9.35
C PHE A 18 10.65 56.55 10.21
N ARG A 19 10.67 56.28 11.51
CA ARG A 19 9.66 56.83 12.41
C ARG A 19 9.74 58.35 12.45
N ALA A 20 10.95 58.89 12.54
CA ALA A 20 11.12 60.34 12.57
C ALA A 20 10.63 60.97 11.27
N ALA A 21 10.93 60.34 10.13
CA ALA A 21 10.47 60.86 8.85
C ALA A 21 8.95 60.81 8.74
N TYR A 22 8.33 59.73 9.20
CA TYR A 22 6.87 59.64 9.15
C TYR A 22 6.23 60.69 10.05
N GLU A 23 6.85 60.99 11.19
CA GLU A 23 6.35 62.05 12.04
C GLU A 23 6.39 63.40 11.34
N LEU A 24 7.33 63.59 10.41
CA LEU A 24 7.47 64.83 9.66
C LEU A 24 6.78 64.79 8.31
N GLY A 25 6.09 63.70 7.98
CA GLY A 25 5.43 63.57 6.69
C GLY A 25 6.38 63.51 5.51
N VAL A 26 7.43 62.71 5.60
CA VAL A 26 8.42 62.56 4.54
C VAL A 26 8.47 61.09 4.12
N GLY A 27 8.48 60.85 2.82
CA GLY A 27 8.60 59.49 2.32
C GLY A 27 9.97 58.90 2.59
N THR A 28 10.03 57.56 2.54
CA THR A 28 11.24 56.84 2.91
C THR A 28 11.56 55.78 1.84
N VAL A 29 12.85 55.56 1.65
CA VAL A 29 13.36 54.57 0.70
C VAL A 29 14.44 53.75 1.40
N ALA A 30 14.44 52.44 1.18
CA ALA A 30 15.38 51.54 1.81
C ALA A 30 16.12 50.72 0.77
N VAL A 31 17.36 50.34 1.11
CA VAL A 31 18.22 49.53 0.24
C VAL A 31 18.72 48.34 1.06
N TYR A 32 18.70 47.16 0.45
CA TYR A 32 19.11 45.94 1.14
C TYR A 32 19.90 45.03 0.21
N PRO A 33 20.84 44.27 0.74
CA PRO A 33 21.50 43.22 -0.05
C PRO A 33 20.63 41.97 -0.10
N TYR A 34 21.06 41.04 -0.97
CA TYR A 34 20.31 39.80 -1.12
C TYR A 34 20.36 38.96 0.16
N GLU A 35 21.52 38.91 0.83
CA GLU A 35 21.67 38.10 2.03
C GLU A 35 20.91 38.65 3.22
N ASP A 36 20.42 39.89 3.16
CA ASP A 36 19.70 40.52 4.25
C ASP A 36 18.27 40.86 3.82
N ARG A 37 17.67 40.00 3.00
CA ARG A 37 16.31 40.25 2.52
C ARG A 37 15.27 40.03 3.59
N ASN A 38 15.61 39.35 4.68
CA ASN A 38 14.66 39.02 5.73
C ASN A 38 14.72 39.99 6.90
N SER A 39 15.42 41.11 6.76
CA SER A 39 15.47 42.10 7.82
C SER A 39 14.14 42.84 7.93
N GLN A 40 13.87 43.37 9.14
CA GLN A 40 12.61 44.04 9.38
C GLN A 40 12.53 45.39 8.67
N HIS A 41 13.65 46.12 8.62
CA HIS A 41 13.64 47.46 8.06
C HIS A 41 13.24 47.47 6.59
N ARG A 42 13.33 46.34 5.91
CA ARG A 42 12.87 46.27 4.52
C ARG A 42 11.36 46.48 4.44
N LEU A 43 10.60 45.89 5.36
CA LEU A 43 9.15 45.98 5.30
C LEU A 43 8.58 47.17 6.07
N LYS A 44 9.43 47.98 6.69
CA LYS A 44 9.00 49.16 7.41
C LYS A 44 9.05 50.43 6.56
N ALA A 45 9.53 50.35 5.33
CA ALA A 45 9.68 51.51 4.46
C ALA A 45 8.63 51.47 3.35
N ASP A 46 8.41 52.64 2.74
CA ASP A 46 7.46 52.73 1.64
C ASP A 46 7.95 51.98 0.41
N GLU A 47 9.23 52.12 0.07
CA GLU A 47 9.82 51.44 -1.08
C GLU A 47 11.15 50.85 -0.69
N SER A 48 11.47 49.70 -1.27
CA SER A 48 12.74 49.01 -1.00
C SER A 48 13.36 48.57 -2.31
N TYR A 49 14.70 48.58 -2.35
CA TYR A 49 15.45 48.20 -3.53
C TYR A 49 16.65 47.37 -3.13
N GLN A 50 17.08 46.51 -4.05
CA GLN A 50 18.20 45.60 -3.83
C GLN A 50 19.46 46.16 -4.47
N ILE A 51 20.57 46.11 -3.73
CA ILE A 51 21.85 46.64 -4.18
C ILE A 51 22.92 45.58 -4.02
N GLY A 52 24.01 45.75 -4.76
CA GLY A 52 25.16 44.88 -4.65
C GLY A 52 25.04 43.64 -5.51
N ASP A 53 26.11 42.86 -5.53
CA ASP A 53 26.18 41.62 -6.28
C ASP A 53 25.75 40.45 -5.37
N ILE A 54 25.94 39.23 -5.85
CA ILE A 54 25.48 38.04 -5.12
C ILE A 54 26.37 37.69 -3.94
N GLY A 55 27.53 38.32 -3.81
CA GLY A 55 28.42 38.08 -2.70
C GLY A 55 28.80 39.37 -2.00
N HIS A 56 29.57 39.22 -0.91
CA HIS A 56 30.09 40.32 -0.13
C HIS A 56 28.97 41.24 0.36
N PRO A 57 28.12 40.77 1.29
CA PRO A 57 27.04 41.64 1.78
C PRO A 57 27.54 42.90 2.46
N VAL A 58 28.66 42.84 3.16
CA VAL A 58 29.17 44.02 3.87
C VAL A 58 29.65 45.08 2.87
N HIS A 59 30.31 44.66 1.79
CA HIS A 59 30.81 45.61 0.81
C HIS A 59 29.68 46.28 0.03
N ALA A 60 28.49 45.71 0.04
CA ALA A 60 27.37 46.31 -0.68
C ALA A 60 27.00 47.68 -0.09
N TYR A 61 27.02 47.80 1.23
CA TYR A 61 26.69 49.07 1.86
C TYR A 61 27.79 50.11 1.69
N LEU A 62 29.02 49.68 1.40
CA LEU A 62 30.13 50.60 1.17
C LEU A 62 30.36 50.80 -0.33
N SER A 63 29.35 51.38 -0.98
CA SER A 63 29.40 51.64 -2.42
C SER A 63 28.67 52.96 -2.69
N VAL A 64 29.43 54.05 -2.76
CA VAL A 64 28.83 55.38 -2.85
C VAL A 64 28.07 55.54 -4.17
N ASP A 65 28.68 55.11 -5.27
CA ASP A 65 28.09 55.35 -6.59
C ASP A 65 26.75 54.64 -6.74
N GLU A 66 26.67 53.39 -6.28
CA GLU A 66 25.42 52.64 -6.42
C GLU A 66 24.30 53.28 -5.60
N ILE A 67 24.61 53.71 -4.37
CA ILE A 67 23.59 54.34 -3.54
C ILE A 67 23.14 55.66 -4.14
N VAL A 68 24.08 56.45 -4.68
CA VAL A 68 23.72 57.71 -5.31
C VAL A 68 22.83 57.47 -6.52
N ALA A 69 23.18 56.47 -7.34
CA ALA A 69 22.37 56.15 -8.51
C ALA A 69 20.97 55.68 -8.11
N THR A 70 20.87 54.86 -7.06
CA THR A 70 19.57 54.40 -6.60
C THR A 70 18.73 55.56 -6.09
N ALA A 71 19.35 56.48 -5.34
CA ALA A 71 18.62 57.64 -4.84
C ALA A 71 18.15 58.52 -5.99
N ARG A 72 18.98 58.70 -7.01
CA ARG A 72 18.58 59.49 -8.18
C ARG A 72 17.43 58.82 -8.93
N ARG A 73 17.48 57.49 -9.06
CA ARG A 73 16.41 56.78 -9.75
C ARG A 73 15.10 56.84 -8.97
N ALA A 74 15.17 56.83 -7.64
CA ALA A 74 13.97 56.86 -6.82
C ALA A 74 13.47 58.28 -6.55
N GLY A 75 14.15 59.29 -7.06
CA GLY A 75 13.73 60.67 -6.84
C GLY A 75 13.84 61.13 -5.40
N ALA A 76 14.94 60.81 -4.73
CA ALA A 76 15.15 61.23 -3.36
C ALA A 76 15.85 62.59 -3.31
N ASP A 77 15.67 63.30 -2.20
CA ASP A 77 16.26 64.60 -2.01
C ASP A 77 17.32 64.63 -0.92
N ALA A 78 17.43 63.60 -0.09
CA ALA A 78 18.39 63.59 1.00
C ALA A 78 18.81 62.15 1.28
N ILE A 79 19.98 62.01 1.92
CA ILE A 79 20.53 60.72 2.32
C ILE A 79 20.91 60.80 3.78
N TYR A 80 20.41 59.85 4.57
CA TYR A 80 20.70 59.80 6.01
C TYR A 80 21.70 58.70 6.30
N PRO A 81 22.91 59.03 6.76
CA PRO A 81 23.91 57.98 7.03
C PRO A 81 23.56 57.10 8.22
N GLY A 82 23.24 57.73 9.35
CA GLY A 82 23.04 57.00 10.60
C GLY A 82 24.31 56.98 11.43
N TYR A 83 24.69 55.79 11.88
CA TYR A 83 25.99 55.58 12.53
C TYR A 83 26.63 54.33 11.95
N GLY A 84 27.95 54.40 11.75
CA GLY A 84 28.66 53.32 11.10
C GLY A 84 28.55 53.40 9.59
N PHE A 85 29.20 52.45 8.94
CA PHE A 85 29.24 52.35 7.47
C PHE A 85 29.82 53.65 6.93
N LEU A 86 29.20 54.30 5.96
CA LEU A 86 29.71 55.56 5.41
C LEU A 86 29.13 56.78 6.12
N SER A 87 29.21 56.80 7.44
CA SER A 87 28.74 57.93 8.23
C SER A 87 29.78 59.02 8.39
N GLU A 88 31.06 58.72 8.11
CA GLU A 88 32.13 59.70 8.24
C GLU A 88 33.09 59.63 7.06
N ASN A 89 32.60 59.19 5.90
CA ASN A 89 33.42 59.09 4.70
C ASN A 89 33.18 60.32 3.83
N PRO A 90 34.21 61.15 3.59
CA PRO A 90 33.97 62.39 2.84
C PRO A 90 33.54 62.19 1.39
N ASP A 91 33.78 61.00 0.82
CA ASP A 91 33.37 60.76 -0.56
C ASP A 91 31.86 60.84 -0.71
N LEU A 92 31.10 60.39 0.29
CA LEU A 92 29.66 60.49 0.23
C LEU A 92 29.21 61.94 0.21
N ALA A 93 29.81 62.79 1.04
CA ALA A 93 29.47 64.21 1.04
C ALA A 93 29.83 64.87 -0.29
N ALA A 94 31.00 64.51 -0.84
CA ALA A 94 31.40 65.08 -2.13
C ALA A 94 30.45 64.66 -3.24
N ALA A 95 30.05 63.39 -3.26
CA ALA A 95 29.12 62.92 -4.27
C ALA A 95 27.75 63.56 -4.12
N CYS A 96 27.29 63.75 -2.88
CA CYS A 96 26.02 64.43 -2.66
C CYS A 96 26.08 65.87 -3.17
N ALA A 97 27.19 66.56 -2.91
CA ALA A 97 27.34 67.93 -3.42
C ALA A 97 27.43 67.95 -4.95
N ALA A 98 27.99 66.89 -5.55
CA ALA A 98 28.10 66.81 -7.00
C ALA A 98 26.75 66.62 -7.69
N ALA A 99 25.71 66.29 -6.93
CA ALA A 99 24.37 66.11 -7.48
C ALA A 99 23.42 67.02 -6.73
N GLY A 100 22.13 66.90 -7.03
CA GLY A 100 21.11 67.70 -6.38
C GLY A 100 20.60 67.15 -5.07
N ILE A 101 21.28 66.16 -4.50
CA ILE A 101 20.86 65.51 -3.27
C ILE A 101 21.63 66.10 -2.10
N SER A 102 20.91 66.46 -1.04
CA SER A 102 21.53 67.02 0.16
C SER A 102 21.99 65.91 1.09
N PHE A 103 23.02 66.20 1.87
CA PHE A 103 23.61 65.26 2.82
C PHE A 103 23.30 65.71 4.24
N VAL A 104 22.76 64.80 5.04
CA VAL A 104 22.43 65.09 6.43
C VAL A 104 23.71 64.91 7.25
N GLY A 105 24.41 66.01 7.51
CA GLY A 105 25.65 65.98 8.23
C GLY A 105 26.18 67.38 8.49
N PRO A 106 27.25 67.48 9.28
CA PRO A 106 27.79 68.81 9.61
C PRO A 106 28.21 69.62 8.40
N SER A 107 29.20 69.10 7.65
CA SER A 107 29.72 69.72 6.45
C SER A 107 30.79 68.82 5.86
N ALA A 108 31.16 69.09 4.61
CA ALA A 108 32.24 68.32 3.99
C ALA A 108 33.59 68.65 4.60
N GLU A 109 33.82 69.92 4.94
CA GLU A 109 35.12 70.32 5.49
C GLU A 109 35.33 69.79 6.90
N VAL A 110 34.27 69.74 7.71
CA VAL A 110 34.40 69.29 9.09
C VAL A 110 34.76 67.81 9.14
N LEU A 111 34.30 67.03 8.16
CA LEU A 111 34.60 65.59 8.15
C LEU A 111 36.09 65.33 7.90
N GLU A 112 36.77 66.23 7.20
CA GLU A 112 38.19 66.01 6.92
C GLU A 112 39.04 66.31 8.15
N LEU A 113 38.54 67.17 9.03
CA LEU A 113 39.30 67.57 10.20
C LEU A 113 39.04 66.64 11.38
N ALA A 114 38.39 65.50 11.21
CA ALA A 114 38.25 64.66 12.39
C ALA A 114 38.86 63.28 12.17
N GLY A 115 39.41 63.02 10.98
CA GLY A 115 39.83 61.69 10.62
C GLY A 115 41.26 61.34 11.05
N ASN A 116 42.22 62.21 10.72
CA ASN A 116 43.62 61.89 10.97
C ASN A 116 44.00 62.02 12.43
N LYS A 117 43.14 62.64 13.25
CA LYS A 117 43.46 62.90 14.66
C LYS A 117 44.60 63.90 14.85
N SER A 118 44.59 64.54 16.03
CA SER A 118 45.61 65.45 16.55
C SER A 118 45.65 66.78 15.82
N ARG A 119 44.97 66.90 14.68
CA ARG A 119 44.68 68.23 14.18
C ARG A 119 43.40 68.75 14.81
N ALA A 120 42.53 67.83 15.25
CA ALA A 120 41.59 68.18 16.30
C ALA A 120 42.32 68.81 17.47
N ILE A 121 43.47 68.23 17.86
CA ILE A 121 44.22 68.72 19.00
C ILE A 121 44.82 70.08 18.68
N ALA A 122 45.29 70.26 17.45
CA ALA A 122 45.73 71.57 17.00
C ALA A 122 44.60 72.58 17.09
N ALA A 123 43.37 72.17 16.76
CA ALA A 123 42.23 73.06 16.89
C ALA A 123 41.84 73.28 18.34
N ALA A 124 42.22 72.38 19.24
CA ALA A 124 41.87 72.53 20.65
C ALA A 124 42.84 73.42 21.41
N ARG A 125 44.12 73.39 21.03
CA ARG A 125 45.05 74.38 21.56
C ARG A 125 44.68 75.79 21.10
N GLU A 126 44.26 75.93 19.85
CA GLU A 126 43.86 77.23 19.32
C GLU A 126 42.59 77.73 20.00
N ALA A 127 41.59 76.86 20.12
CA ALA A 127 40.33 77.24 20.75
C ALA A 127 40.52 77.48 22.25
N GLY A 128 41.66 77.04 22.77
CA GLY A 128 42.01 77.24 24.17
C GLY A 128 41.26 76.34 25.13
N LEU A 129 41.50 75.03 25.04
CA LEU A 129 40.95 74.03 25.94
C LEU A 129 42.08 73.35 26.69
N PRO A 130 41.78 72.66 27.79
CA PRO A 130 42.81 71.81 28.41
C PRO A 130 43.10 70.60 27.54
N VAL A 131 44.34 70.51 27.05
CA VAL A 131 44.74 69.47 26.11
C VAL A 131 45.94 68.73 26.69
N LEU A 132 46.05 67.45 26.34
CA LEU A 132 47.14 66.62 26.82
C LEU A 132 48.30 66.60 25.83
N MET A 133 49.43 66.11 26.33
CA MET A 133 50.61 65.87 25.50
C MET A 133 50.25 64.99 24.31
N SER A 134 50.69 65.41 23.12
CA SER A 134 50.49 64.66 21.89
C SER A 134 51.84 64.26 21.30
N SER A 135 51.95 63.00 20.89
CA SER A 135 53.18 62.46 20.34
C SER A 135 53.14 62.49 18.81
N ALA A 136 54.31 62.55 18.21
CA ALA A 136 54.42 62.57 16.75
C ALA A 136 54.12 61.19 16.18
N PRO A 137 53.13 61.06 15.29
CA PRO A 137 52.82 59.75 14.71
C PRO A 137 53.98 59.23 13.86
N SER A 138 54.53 58.09 14.28
CA SER A 138 55.64 57.47 13.58
C SER A 138 55.61 55.97 13.80
N ALA A 139 55.91 55.22 12.73
CA ALA A 139 56.00 53.76 12.81
C ALA A 139 57.40 53.28 13.18
N SER A 140 58.36 54.18 13.35
CA SER A 140 59.72 53.82 13.69
C SER A 140 59.90 53.77 15.20
N VAL A 141 60.74 52.84 15.65
CA VAL A 141 60.89 52.59 17.08
C VAL A 141 61.97 53.45 17.69
N ASP A 142 63.08 53.67 16.97
CA ASP A 142 64.11 54.58 17.46
C ASP A 142 63.60 56.00 17.57
N GLU A 143 62.83 56.47 16.58
CA GLU A 143 62.26 57.81 16.66
C GLU A 143 61.27 57.92 17.82
N LEU A 144 60.43 56.90 18.00
CA LEU A 144 59.48 56.92 19.11
C LEU A 144 60.19 56.94 20.44
N LEU A 145 61.32 56.22 20.56
CA LEU A 145 62.08 56.25 21.82
C LEU A 145 62.78 57.59 22.01
N SER A 146 63.27 58.19 20.93
CA SER A 146 63.89 59.51 21.03
C SER A 146 62.88 60.56 21.45
N VAL A 147 61.61 60.37 21.10
CA VAL A 147 60.58 61.28 21.62
C VAL A 147 60.15 60.87 23.03
N ALA A 148 60.22 59.56 23.35
CA ALA A 148 59.78 59.04 24.63
C ALA A 148 60.79 59.25 25.75
N ALA A 149 62.00 59.72 25.43
CA ALA A 149 63.00 59.90 26.47
C ALA A 149 62.66 61.04 27.42
N GLY A 150 61.68 61.88 27.10
CA GLY A 150 61.27 62.98 27.96
C GLY A 150 59.83 62.90 28.41
N MET A 151 59.34 61.72 28.78
CA MET A 151 57.91 61.56 29.02
C MET A 151 57.62 61.30 30.49
N PRO A 152 56.44 61.71 30.98
CA PRO A 152 55.94 61.24 32.28
C PRO A 152 55.34 59.86 32.13
N PHE A 153 56.01 58.87 32.67
CA PHE A 153 55.57 57.49 32.55
C PHE A 153 54.59 57.16 33.68
N PRO A 154 53.71 56.16 33.49
CA PRO A 154 53.59 55.21 32.37
C PRO A 154 53.01 55.82 31.10
N LEU A 155 53.01 55.07 30.00
CA LEU A 155 52.63 55.58 28.70
C LEU A 155 51.68 54.62 28.01
N PHE A 156 50.64 55.16 27.39
CA PHE A 156 49.75 54.38 26.53
C PHE A 156 50.22 54.52 25.09
N VAL A 157 50.61 53.40 24.49
CA VAL A 157 50.92 53.34 23.07
C VAL A 157 49.64 52.93 22.34
N LYS A 158 49.14 53.81 21.48
CA LYS A 158 47.85 53.68 20.83
C LYS A 158 48.02 53.64 19.33
N ALA A 159 47.24 52.77 18.68
CA ALA A 159 47.21 52.77 17.22
C ALA A 159 46.67 54.11 16.72
N VAL A 160 47.22 54.57 15.60
CA VAL A 160 46.84 55.88 15.08
C VAL A 160 45.42 55.83 14.50
N ALA A 161 45.11 54.80 13.72
CA ALA A 161 43.77 54.60 13.21
C ALA A 161 42.85 53.88 14.18
N GLY A 162 43.36 53.47 15.33
CA GLY A 162 42.53 52.76 16.29
C GLY A 162 41.45 53.64 16.89
N GLY A 163 40.24 53.10 16.96
CA GLY A 163 39.12 53.82 17.53
C GLY A 163 38.11 52.90 18.20
N GLY A 164 37.77 53.21 19.45
CA GLY A 164 36.88 52.39 20.25
C GLY A 164 37.55 51.71 21.43
N GLY A 165 38.87 51.55 21.39
CA GLY A 165 39.56 50.73 22.37
C GLY A 165 40.16 49.47 21.76
N ARG A 166 40.63 49.57 20.53
CA ARG A 166 41.21 48.44 19.80
C ARG A 166 42.66 48.79 19.45
N GLY A 167 43.62 48.23 20.20
CA GLY A 167 45.01 48.36 19.82
C GLY A 167 45.84 49.35 20.61
N MET A 168 45.71 49.35 21.93
CA MET A 168 46.56 50.16 22.81
C MET A 168 47.12 49.31 23.94
N ARG A 169 48.32 49.68 24.37
CA ARG A 169 49.03 48.98 25.44
C ARG A 169 49.56 49.98 26.45
N ARG A 170 49.49 49.63 27.73
CA ARG A 170 50.03 50.45 28.81
C ARG A 170 51.40 49.89 29.19
N VAL A 171 52.43 50.72 29.13
CA VAL A 171 53.78 50.32 29.51
C VAL A 171 54.22 51.24 30.65
N GLY A 172 54.61 50.65 31.78
CA GLY A 172 55.05 51.38 32.95
C GLY A 172 56.47 51.92 32.90
N ASP A 173 57.24 51.62 31.85
CA ASP A 173 58.62 52.06 31.78
C ASP A 173 59.04 52.16 30.32
N ILE A 174 60.31 52.50 30.11
CA ILE A 174 60.87 52.63 28.76
C ILE A 174 61.72 51.43 28.38
N ALA A 175 62.07 50.55 29.32
CA ALA A 175 62.83 49.36 28.99
C ALA A 175 62.01 48.41 28.13
N ALA A 176 60.73 48.24 28.44
CA ALA A 176 59.82 47.41 27.65
C ALA A 176 59.08 48.21 26.59
N LEU A 177 59.44 49.47 26.40
CA LEU A 177 58.79 50.32 25.41
C LEU A 177 59.04 49.84 23.98
N PRO A 178 60.28 49.41 23.60
CA PRO A 178 60.51 49.03 22.20
C PRO A 178 59.75 47.78 21.75
N GLU A 179 59.78 46.69 22.53
CA GLU A 179 58.98 45.52 22.20
C GLU A 179 57.49 45.85 22.16
N ALA A 180 57.02 46.64 23.14
CA ALA A 180 55.61 47.03 23.16
C ALA A 180 55.24 47.80 21.90
N ILE A 181 56.11 48.72 21.49
CA ILE A 181 55.85 49.58 20.33
C ILE A 181 55.87 48.77 19.05
N GLU A 182 56.79 47.80 18.96
CA GLU A 182 56.81 46.89 17.82
C GLU A 182 55.54 46.05 17.74
N ALA A 183 55.08 45.53 18.88
CA ALA A 183 53.83 44.77 18.87
C ALA A 183 52.65 45.65 18.46
N ALA A 184 52.61 46.88 18.96
CA ALA A 184 51.53 47.79 18.61
C ALA A 184 51.57 48.15 17.13
N SER A 185 52.76 48.38 16.58
CA SER A 185 52.89 48.68 15.17
C SER A 185 52.45 47.51 14.31
N ARG A 186 52.84 46.28 14.68
CA ARG A 186 52.42 45.11 13.92
C ARG A 186 50.91 44.94 13.97
N GLU A 187 50.32 45.11 15.16
CA GLU A 187 48.87 44.98 15.29
C GLU A 187 48.14 46.05 14.49
N ALA A 188 48.63 47.29 14.52
CA ALA A 188 47.98 48.35 13.76
C ALA A 188 48.11 48.12 12.27
N GLU A 189 49.25 47.62 11.81
CA GLU A 189 49.42 47.31 10.39
C GLU A 189 48.49 46.18 9.95
N SER A 190 48.34 45.15 10.79
CA SER A 190 47.44 44.05 10.44
C SER A 190 45.98 44.48 10.52
N ALA A 191 45.65 45.40 11.41
CA ALA A 191 44.26 45.82 11.62
C ALA A 191 43.81 46.84 10.59
N PHE A 192 44.43 48.02 10.59
CA PHE A 192 43.95 49.14 9.79
C PHE A 192 44.89 49.52 8.66
N GLY A 193 46.05 48.87 8.54
CA GLY A 193 46.98 49.14 7.47
C GLY A 193 47.94 50.27 7.74
N ASP A 194 47.78 51.01 8.84
CA ASP A 194 48.73 52.05 9.16
C ASP A 194 49.63 51.55 10.28
N PRO A 195 50.92 51.32 10.04
CA PRO A 195 51.80 50.81 11.09
C PRO A 195 52.26 51.86 12.11
N THR A 196 51.69 53.06 12.07
CA THR A 196 52.11 54.12 12.98
C THR A 196 51.34 54.03 14.29
N VAL A 197 52.08 54.17 15.40
CA VAL A 197 51.49 54.20 16.73
C VAL A 197 52.04 55.41 17.47
N TYR A 198 51.20 56.03 18.29
CA TYR A 198 51.55 57.25 19.00
C TYR A 198 51.44 57.01 20.50
N LEU A 199 52.32 57.65 21.26
CA LEU A 199 52.30 57.50 22.69
C LEU A 199 51.39 58.57 23.29
N GLU A 200 51.06 58.41 24.56
CA GLU A 200 50.35 59.44 25.31
C GLU A 200 50.52 59.19 26.80
N GLN A 201 50.57 60.28 27.56
CA GLN A 201 50.63 60.19 29.02
C GLN A 201 49.40 59.47 29.55
N ALA A 202 49.61 58.54 30.48
CA ALA A 202 48.55 57.65 30.95
C ALA A 202 47.99 58.19 32.26
N VAL A 203 46.81 58.81 32.16
CA VAL A 203 46.15 59.42 33.30
C VAL A 203 45.52 58.33 34.16
N ILE A 204 45.69 58.44 35.47
CA ILE A 204 45.23 57.44 36.41
C ILE A 204 43.74 57.58 36.68
N ASN A 205 43.09 56.41 36.89
CA ASN A 205 41.70 56.20 37.30
C ASN A 205 40.78 57.23 36.65
N PRO A 206 40.55 57.14 35.35
CA PRO A 206 39.76 58.16 34.66
C PRO A 206 38.27 57.87 34.67
N ARG A 207 37.49 58.91 34.38
CA ARG A 207 36.05 58.82 34.16
C ARG A 207 35.73 59.49 32.84
N HIS A 208 34.89 58.84 32.04
CA HIS A 208 34.61 59.29 30.68
C HIS A 208 33.32 60.10 30.66
N ILE A 209 33.40 61.31 30.12
CA ILE A 209 32.31 62.27 30.11
C ILE A 209 32.00 62.71 28.68
N GLU A 210 30.73 62.63 28.29
CA GLU A 210 30.30 62.99 26.94
C GLU A 210 29.45 64.25 27.01
N VAL A 211 29.69 65.17 26.08
CA VAL A 211 28.91 66.40 25.97
C VAL A 211 28.29 66.46 24.58
N GLN A 212 26.97 66.66 24.52
CA GLN A 212 26.23 66.66 23.27
C GLN A 212 26.03 68.09 22.78
N ILE A 213 26.29 68.31 21.50
CA ILE A 213 26.24 69.64 20.88
C ILE A 213 25.26 69.60 19.72
N LEU A 214 24.40 70.60 19.64
CA LEU A 214 23.45 70.76 18.54
C LEU A 214 23.63 72.16 17.94
N ALA A 215 23.69 72.23 16.61
CA ALA A 215 23.97 73.50 15.96
C ALA A 215 23.32 73.53 14.59
N ASP A 216 22.93 74.73 14.17
CA ASP A 216 22.22 74.97 12.92
C ASP A 216 23.16 75.55 11.86
N ASN A 217 22.59 75.97 10.73
CA ASN A 217 23.40 76.34 9.58
C ASN A 217 24.06 77.70 9.77
N LEU A 218 23.28 78.74 10.02
CA LEU A 218 23.82 80.10 10.13
C LEU A 218 24.75 80.28 11.32
N GLY A 219 24.72 79.37 12.30
CA GLY A 219 25.62 79.43 13.42
C GLY A 219 24.94 79.74 14.74
N ASP A 220 24.66 78.70 15.50
CA ASP A 220 24.14 78.82 16.86
C ASP A 220 24.28 77.46 17.52
N VAL A 221 24.96 77.40 18.66
CA VAL A 221 25.35 76.13 19.28
C VAL A 221 24.74 76.05 20.67
N ILE A 222 24.14 74.90 20.97
CA ILE A 222 23.56 74.61 22.28
C ILE A 222 24.04 73.25 22.73
N HIS A 223 24.05 73.03 24.05
CA HIS A 223 24.49 71.78 24.63
C HIS A 223 23.35 71.13 25.41
N LEU A 224 23.36 69.81 25.44
CA LEU A 224 22.34 69.02 26.12
C LEU A 224 22.92 68.26 27.30
N TYR A 225 23.81 68.92 28.06
CA TYR A 225 24.38 68.41 29.29
C TYR A 225 25.23 67.16 29.05
N GLU A 226 25.70 66.53 30.12
CA GLU A 226 26.71 65.49 30.02
C GLU A 226 26.09 64.09 30.17
N ARG A 227 26.92 63.08 29.88
CA ARG A 227 26.61 61.68 30.13
C ARG A 227 27.75 61.02 30.87
N ASP A 228 27.69 59.70 31.05
CA ASP A 228 28.74 58.97 31.75
C ASP A 228 28.84 57.56 31.18
N CYS A 229 30.04 57.17 30.78
CA CYS A 229 30.30 55.86 30.19
C CYS A 229 31.55 55.25 30.82
N SER A 230 31.62 55.26 32.15
CA SER A 230 32.80 54.75 32.84
C SER A 230 32.85 53.23 32.84
N VAL A 231 31.69 52.56 32.83
CA VAL A 231 31.64 51.10 32.89
C VAL A 231 31.99 50.55 31.51
N GLN A 232 33.20 50.02 31.36
CA GLN A 232 33.62 49.45 30.10
C GLN A 232 34.24 48.07 30.32
N ARG A 233 34.13 47.22 29.32
CA ARG A 233 34.74 45.89 29.32
C ARG A 233 35.64 45.78 28.10
N ARG A 234 36.94 45.59 28.33
CA ARG A 234 37.95 45.64 27.27
C ARG A 234 37.81 46.90 26.44
N HIS A 235 37.64 48.04 27.12
CA HIS A 235 37.53 49.37 26.55
C HIS A 235 36.28 49.55 25.68
N GLN A 236 35.35 48.61 25.72
CA GLN A 236 34.09 48.71 24.97
C GLN A 236 32.98 49.16 25.89
N LYS A 237 32.13 50.07 25.40
CA LYS A 237 31.05 50.60 26.20
C LYS A 237 30.05 49.50 26.54
N VAL A 238 29.58 49.50 27.80
CA VAL A 238 28.69 48.44 28.27
C VAL A 238 27.38 49.04 28.78
N ILE A 239 27.46 49.87 29.81
CA ILE A 239 26.28 50.41 30.47
C ILE A 239 26.38 51.93 30.48
N GLU A 240 25.29 52.59 30.07
CA GLU A 240 25.22 54.04 30.04
C GLU A 240 24.68 54.56 31.37
N LEU A 241 24.91 55.84 31.62
CA LEU A 241 24.56 56.44 32.89
C LEU A 241 23.96 57.83 32.69
N ALA A 242 23.05 58.17 33.60
CA ALA A 242 22.40 59.48 33.72
C ALA A 242 23.46 60.55 33.96
N PRO A 243 23.09 61.85 34.00
CA PRO A 243 24.06 62.88 34.40
C PRO A 243 24.94 62.45 35.56
N ALA A 244 26.21 62.83 35.51
CA ALA A 244 27.23 62.09 36.26
C ALA A 244 27.14 62.43 37.74
N PRO A 245 26.90 61.45 38.61
CA PRO A 245 26.76 61.74 40.04
C PRO A 245 28.10 62.12 40.66
N HIS A 246 28.01 62.76 41.82
CA HIS A 246 29.16 63.30 42.53
C HIS A 246 29.94 64.29 41.66
N LEU A 247 29.21 65.11 40.91
CA LEU A 247 29.80 66.17 40.10
C LEU A 247 29.23 67.51 40.54
N ASP A 248 30.11 68.45 40.85
CA ASP A 248 29.69 69.78 41.29
C ASP A 248 29.18 70.58 40.09
N ALA A 249 28.44 71.66 40.39
CA ALA A 249 27.78 72.40 39.32
C ALA A 249 28.77 73.27 38.53
N GLU A 250 29.79 73.81 39.20
CA GLU A 250 30.81 74.57 38.48
C GLU A 250 31.50 73.71 37.45
N LEU A 251 31.79 72.45 37.79
CA LEU A 251 32.47 71.56 36.87
C LEU A 251 31.65 71.36 35.60
N ARG A 252 30.37 71.02 35.76
CA ARG A 252 29.49 70.80 34.62
C ARG A 252 29.32 72.07 33.81
N TYR A 253 29.22 73.22 34.49
CA TYR A 253 29.04 74.48 33.77
C TYR A 253 30.23 74.78 32.88
N LYS A 254 31.44 74.62 33.40
CA LYS A 254 32.59 74.93 32.58
C LYS A 254 32.87 73.88 31.52
N MET A 255 32.54 72.60 31.77
CA MET A 255 32.56 71.61 30.70
C MET A 255 31.63 72.03 29.56
N CYS A 256 30.38 72.34 29.88
CA CYS A 256 29.43 72.74 28.85
C CYS A 256 29.91 73.98 28.12
N VAL A 257 30.51 74.92 28.86
CA VAL A 257 30.88 76.20 28.27
C VAL A 257 32.04 76.03 27.28
N ASP A 258 33.11 75.34 27.68
CA ASP A 258 34.21 75.20 26.72
C ASP A 258 33.86 74.21 25.61
N ALA A 259 33.00 73.21 25.87
CA ALA A 259 32.53 72.37 24.77
C ALA A 259 31.80 73.20 23.72
N VAL A 260 30.92 74.10 24.17
CA VAL A 260 30.17 74.92 23.24
C VAL A 260 31.09 75.92 22.53
N ALA A 261 32.10 76.43 23.23
CA ALA A 261 33.05 77.33 22.58
C ALA A 261 33.83 76.63 21.48
N PHE A 262 34.28 75.39 21.74
CA PHE A 262 34.95 74.62 20.70
C PHE A 262 34.02 74.35 19.52
N ALA A 263 32.77 73.98 19.81
CA ALA A 263 31.83 73.67 18.73
C ALA A 263 31.55 74.90 17.88
N ARG A 264 31.41 76.07 18.52
CA ARG A 264 31.19 77.30 17.76
C ARG A 264 32.42 77.69 16.94
N HIS A 265 33.61 77.52 17.52
CA HIS A 265 34.83 77.84 16.78
C HIS A 265 35.01 76.92 15.58
N ILE A 266 34.59 75.66 15.70
CA ILE A 266 34.90 74.68 14.67
C ILE A 266 34.00 74.81 13.44
N GLY A 267 32.95 75.63 13.53
CA GLY A 267 32.04 75.80 12.40
C GLY A 267 31.16 74.60 12.17
N TYR A 268 30.41 74.20 13.19
CA TYR A 268 29.55 73.02 13.09
C TYR A 268 28.14 73.42 12.67
N SER A 269 27.43 72.45 12.08
CA SER A 269 26.07 72.69 11.60
C SER A 269 25.11 71.55 11.90
N CYS A 270 25.50 70.59 12.74
CA CYS A 270 24.62 69.46 13.02
C CYS A 270 24.85 68.99 14.45
N ALA A 271 24.38 67.78 14.74
CA ALA A 271 24.53 67.16 16.05
C ALA A 271 25.88 66.47 16.18
N GLY A 272 26.34 66.34 17.42
CA GLY A 272 27.58 65.61 17.64
C GLY A 272 27.96 65.61 19.11
N THR A 273 29.17 65.14 19.40
CA THR A 273 29.56 65.01 20.80
C THR A 273 31.06 65.23 20.97
N VAL A 274 31.43 65.64 22.18
CA VAL A 274 32.81 65.85 22.60
C VAL A 274 33.09 64.97 23.82
N GLU A 275 34.29 64.41 23.88
CA GLU A 275 34.65 63.45 24.92
C GLU A 275 35.72 64.03 25.83
N PHE A 276 35.61 63.75 27.14
CA PHE A 276 36.58 64.20 28.12
C PHE A 276 36.87 63.07 29.09
N LEU A 277 38.06 63.12 29.70
CA LEU A 277 38.45 62.21 30.77
C LEU A 277 38.77 63.01 32.02
N LEU A 278 38.23 62.58 33.15
CA LEU A 278 38.32 63.31 34.42
C LEU A 278 39.04 62.42 35.42
N ASP A 279 40.02 62.97 36.13
CA ASP A 279 40.85 62.15 37.01
C ASP A 279 40.59 62.53 38.47
N GLU A 280 41.26 61.81 39.36
CA GLU A 280 41.02 61.96 40.79
C GLU A 280 41.15 63.41 41.25
N ARG A 281 42.14 64.13 40.73
CA ARG A 281 42.27 65.55 41.06
C ARG A 281 41.38 66.42 40.20
N GLY A 282 40.98 65.92 39.03
CA GLY A 282 40.06 66.63 38.16
C GLY A 282 40.74 67.49 37.12
N GLU A 283 40.65 67.07 35.86
CA GLU A 283 41.19 67.82 34.73
C GLU A 283 40.49 67.34 33.47
N TYR A 284 40.54 68.19 32.44
CA TYR A 284 39.92 67.91 31.15
C TYR A 284 41.00 67.62 30.13
N VAL A 285 40.78 66.59 29.32
CA VAL A 285 41.81 66.11 28.41
C VAL A 285 41.42 66.18 26.94
N PHE A 286 40.12 66.20 26.62
CA PHE A 286 39.63 66.39 25.25
C PHE A 286 40.18 65.29 24.33
N ILE A 287 39.68 64.07 24.58
CA ILE A 287 40.17 62.91 23.85
C ILE A 287 39.87 63.05 22.36
N GLU A 288 38.62 63.34 22.01
CA GLU A 288 38.25 63.62 20.62
C GLU A 288 36.82 64.15 20.57
N MET A 289 36.32 64.30 19.34
CA MET A 289 35.00 64.83 19.04
C MET A 289 34.36 63.98 17.95
N ASN A 290 33.28 63.28 18.30
CA ASN A 290 32.58 62.44 17.33
C ASN A 290 31.56 63.27 16.57
N PRO A 291 31.70 63.41 15.25
CA PRO A 291 30.78 64.22 14.44
C PRO A 291 29.59 63.43 13.88
N ARG A 292 28.86 62.74 14.76
CA ARG A 292 27.70 61.95 14.36
C ARG A 292 26.86 61.69 15.60
N VAL A 293 25.87 60.82 15.47
CA VAL A 293 24.99 60.43 16.57
C VAL A 293 25.32 59.00 16.97
N GLN A 294 25.36 58.75 18.27
CA GLN A 294 25.72 57.44 18.79
C GLN A 294 24.46 56.64 19.09
N VAL A 295 24.65 55.48 19.73
CA VAL A 295 23.54 54.64 20.15
C VAL A 295 23.04 54.98 21.55
N GLU A 296 23.64 55.97 22.21
CA GLU A 296 23.29 56.33 23.57
C GLU A 296 22.50 57.63 23.66
N HIS A 297 22.21 58.29 22.53
CA HIS A 297 21.51 59.57 22.57
C HIS A 297 20.17 59.46 23.29
N THR A 298 19.52 58.29 23.21
CA THR A 298 18.24 58.11 23.88
C THR A 298 18.33 58.49 25.36
N VAL A 299 19.48 58.23 25.99
CA VAL A 299 19.62 58.56 27.41
C VAL A 299 19.36 60.04 27.64
N THR A 300 20.03 60.90 26.87
CA THR A 300 19.76 62.33 27.01
C THR A 300 18.33 62.67 26.58
N GLU A 301 17.81 61.95 25.59
CA GLU A 301 16.41 62.14 25.19
C GLU A 301 15.45 61.90 26.34
N GLU A 302 15.86 61.12 27.34
CA GLU A 302 15.00 60.84 28.49
C GLU A 302 15.09 61.90 29.58
N ILE A 303 16.10 62.76 29.56
CA ILE A 303 16.25 63.81 30.57
C ILE A 303 15.90 65.18 30.02
N THR A 304 16.26 65.48 28.76
CA THR A 304 15.98 66.78 28.18
C THR A 304 14.74 66.78 27.30
N ASP A 305 14.08 65.63 27.14
CA ASP A 305 12.91 65.34 26.32
C ASP A 305 12.90 66.14 25.03
N VAL A 306 14.03 66.13 24.31
CA VAL A 306 14.19 66.82 23.04
C VAL A 306 14.49 65.78 21.97
N ASP A 307 13.74 65.84 20.87
CA ASP A 307 13.97 64.91 19.78
C ASP A 307 15.24 65.27 19.02
N LEU A 308 16.06 64.26 18.74
CA LEU A 308 17.36 64.46 18.09
C LEU A 308 17.30 64.22 16.59
N VAL A 309 16.73 63.10 16.15
CA VAL A 309 16.75 62.76 14.73
C VAL A 309 15.85 63.68 13.93
N ALA A 310 14.64 63.95 14.43
CA ALA A 310 13.73 64.86 13.75
C ALA A 310 14.30 66.28 13.69
N SER A 311 14.90 66.73 14.80
CA SER A 311 15.55 68.03 14.80
C SER A 311 16.72 68.06 13.81
N GLN A 312 17.47 66.97 13.73
CA GLN A 312 18.56 66.89 12.77
C GLN A 312 18.02 67.04 11.34
N LEU A 313 16.92 66.34 11.03
CA LEU A 313 16.36 66.39 9.69
C LEU A 313 15.82 67.78 9.36
N ARG A 314 15.18 68.43 10.33
CA ARG A 314 14.70 69.80 10.11
C ARG A 314 15.85 70.79 9.98
N ILE A 315 16.96 70.56 10.69
CA ILE A 315 18.14 71.41 10.55
C ILE A 315 18.75 71.25 9.16
N ALA A 316 18.76 70.01 8.64
CA ALA A 316 19.28 69.79 7.29
C ALA A 316 18.42 70.45 6.22
N ALA A 317 17.17 70.78 6.54
CA ALA A 317 16.26 71.44 5.62
C ALA A 317 16.40 72.95 5.63
N GLY A 318 17.25 73.49 6.49
CA GLY A 318 17.49 74.92 6.53
C GLY A 318 16.69 75.67 7.58
N GLU A 319 16.55 75.10 8.77
CA GLU A 319 15.88 75.75 9.89
C GLU A 319 16.89 76.05 10.99
N THR A 320 16.71 77.19 11.65
CA THR A 320 17.55 77.57 12.77
C THR A 320 16.93 77.09 14.08
N LEU A 321 17.67 77.28 15.16
CA LEU A 321 17.18 76.86 16.48
C LEU A 321 16.35 77.98 17.12
N GLU A 322 15.43 78.55 16.37
CA GLU A 322 14.54 79.58 16.89
C GLU A 322 13.07 79.22 16.70
N GLN A 323 12.70 78.81 15.48
CA GLN A 323 11.36 78.26 15.27
C GLN A 323 11.20 76.88 15.90
N LEU A 324 12.31 76.16 16.11
CA LEU A 324 12.26 74.85 16.76
C LEU A 324 12.06 74.95 18.26
N GLY A 325 12.25 76.13 18.86
CA GLY A 325 12.09 76.29 20.29
C GLY A 325 13.25 75.80 21.12
N LEU A 326 14.37 75.44 20.50
CA LEU A 326 15.53 74.93 21.22
C LEU A 326 16.46 76.10 21.55
N ARG A 327 16.07 76.84 22.59
CA ARG A 327 16.87 77.92 23.16
C ARG A 327 17.18 77.63 24.63
N GLN A 328 18.27 78.18 25.12
CA GLN A 328 18.88 77.70 26.37
C GLN A 328 18.43 78.53 27.58
N GLU A 329 17.13 78.50 27.85
CA GLU A 329 16.67 78.92 29.17
C GLU A 329 15.50 78.07 29.67
N ASP A 330 15.07 77.06 28.93
CA ASP A 330 14.05 76.11 29.36
C ASP A 330 14.52 74.67 29.28
N ILE A 331 15.82 74.45 29.05
CA ILE A 331 16.40 73.12 29.00
C ILE A 331 16.98 72.81 30.38
N ALA A 332 16.34 71.87 31.08
CA ALA A 332 16.73 71.44 32.41
C ALA A 332 16.46 69.95 32.58
N PRO A 333 17.47 69.15 32.92
CA PRO A 333 17.24 67.73 33.17
C PRO A 333 16.41 67.51 34.42
N HIS A 334 15.64 66.42 34.41
CA HIS A 334 14.85 66.05 35.57
C HIS A 334 14.68 64.54 35.57
N GLY A 335 15.11 63.89 36.66
CA GLY A 335 15.19 62.44 36.67
C GLY A 335 16.54 61.92 36.25
N ALA A 336 16.69 60.60 36.37
CA ALA A 336 17.87 59.87 35.94
C ALA A 336 17.43 58.79 34.95
N ALA A 337 18.39 58.29 34.18
CA ALA A 337 18.11 57.26 33.19
C ALA A 337 19.37 56.47 32.90
N LEU A 338 19.18 55.30 32.29
CA LEU A 338 20.29 54.44 31.90
C LEU A 338 19.85 53.53 30.76
N GLN A 339 20.83 53.03 30.02
CA GLN A 339 20.57 52.19 28.86
C GLN A 339 21.50 50.99 28.85
N CYS A 340 20.98 49.87 28.36
CA CYS A 340 21.75 48.64 28.21
C CYS A 340 21.39 47.99 26.88
N ARG A 341 22.30 47.17 26.37
CA ARG A 341 22.15 46.50 25.09
C ARG A 341 22.23 45.00 25.29
N ILE A 342 21.35 44.25 24.61
CA ILE A 342 21.30 42.80 24.73
C ILE A 342 21.87 42.19 23.46
N THR A 343 22.88 41.33 23.63
CA THR A 343 23.56 40.69 22.51
C THR A 343 23.52 39.17 22.69
N THR A 344 23.98 38.47 21.66
CA THR A 344 24.04 37.01 21.66
C THR A 344 25.37 36.48 22.18
N GLU A 345 26.23 37.34 22.71
CA GLU A 345 27.51 36.90 23.21
C GLU A 345 27.36 36.00 24.44
N ASP A 346 28.12 34.91 24.46
CA ASP A 346 28.08 33.96 25.56
C ASP A 346 29.14 34.31 26.57
N PRO A 347 28.78 34.64 27.81
CA PRO A 347 29.79 34.97 28.83
C PRO A 347 30.52 33.75 29.37
N ALA A 348 30.23 32.57 28.82
CA ALA A 348 30.83 31.31 29.28
C ALA A 348 32.02 30.92 28.42
N ASN A 349 31.80 30.71 27.12
CA ASN A 349 32.88 30.49 26.16
C ASN A 349 33.29 31.82 25.54
N GLY A 350 34.34 32.40 26.11
CA GLY A 350 34.88 33.66 25.61
C GLY A 350 33.80 34.73 25.64
N PHE A 351 33.69 35.49 24.55
CA PHE A 351 32.55 36.38 24.35
C PHE A 351 32.11 36.39 22.89
N ARG A 352 32.34 35.29 22.18
CA ARG A 352 32.05 35.24 20.76
C ARG A 352 30.54 35.11 20.51
N PRO A 353 30.04 35.69 19.42
CA PRO A 353 28.61 35.58 19.12
C PRO A 353 28.19 34.15 18.79
N ASP A 354 26.94 33.85 19.07
CA ASP A 354 26.35 32.55 18.79
C ASP A 354 25.21 32.73 17.80
N THR A 355 25.15 31.87 16.79
CA THR A 355 24.13 31.93 15.76
C THR A 355 23.14 30.79 15.94
N GLY A 356 21.88 31.06 15.60
CA GLY A 356 20.85 30.06 15.72
C GLY A 356 19.50 30.66 15.37
N ARG A 357 18.47 29.84 15.55
CA ARG A 357 17.08 30.24 15.33
C ARG A 357 16.39 30.48 16.66
N ILE A 358 15.67 31.60 16.76
CA ILE A 358 15.01 31.99 18.00
C ILE A 358 13.73 31.18 18.15
N SER A 359 13.61 30.47 19.27
CA SER A 359 12.50 29.57 19.53
C SER A 359 11.53 30.11 20.58
N ALA A 360 11.83 31.24 21.20
CA ALA A 360 10.90 31.85 22.16
C ALA A 360 11.30 33.29 22.48
N LEU A 361 10.34 34.21 22.38
CA LEU A 361 10.60 35.62 22.64
C LEU A 361 9.47 36.18 23.50
N ARG A 362 9.81 36.70 24.68
CA ARG A 362 8.88 37.41 25.54
C ARG A 362 9.52 38.72 25.96
N THR A 363 8.87 39.82 25.62
CA THR A 363 9.40 41.17 25.85
C THR A 363 8.96 41.67 27.22
N ALA A 364 9.17 42.96 27.50
CA ALA A 364 8.74 43.49 28.77
C ALA A 364 8.35 44.95 28.57
N GLY A 365 7.93 45.60 29.66
CA GLY A 365 7.49 46.97 29.57
C GLY A 365 6.78 47.37 30.85
N GLY A 366 6.17 48.56 30.79
CA GLY A 366 5.60 49.16 31.98
C GLY A 366 6.01 50.60 32.16
N ALA A 367 6.15 51.02 33.41
CA ALA A 367 6.49 52.41 33.71
C ALA A 367 7.99 52.63 33.59
N GLY A 368 8.38 53.65 32.85
CA GLY A 368 9.79 53.99 32.68
C GLY A 368 10.60 52.94 31.95
N VAL A 369 10.07 52.37 30.87
CA VAL A 369 10.77 51.37 30.08
C VAL A 369 10.60 51.72 28.60
N ARG A 370 11.71 51.74 27.86
CA ARG A 370 11.70 52.01 26.43
C ARG A 370 12.53 50.95 25.73
N LEU A 371 12.02 50.41 24.63
CA LEU A 371 12.68 49.36 23.88
C LEU A 371 12.94 49.83 22.46
N ASP A 372 14.15 49.60 21.97
CA ASP A 372 14.55 49.94 20.61
C ASP A 372 15.08 48.69 19.91
N GLY A 373 14.52 48.38 18.75
CA GLY A 373 14.91 47.18 18.03
C GLY A 373 14.15 45.96 18.52
N SER A 374 13.58 45.18 17.62
CA SER A 374 12.79 44.02 18.02
C SER A 374 12.81 42.97 16.93
N THR A 375 13.22 41.76 17.28
CA THR A 375 13.20 40.63 16.35
C THR A 375 11.84 39.92 16.46
N ASN A 376 11.71 38.78 15.81
CA ASN A 376 10.46 38.02 15.80
C ASN A 376 10.75 36.54 16.01
N LEU A 377 9.68 35.80 16.34
CA LEU A 377 9.80 34.38 16.57
C LEU A 377 10.22 33.66 15.30
N GLY A 378 11.12 32.67 15.43
CA GLY A 378 11.57 31.94 14.27
C GLY A 378 12.61 32.64 13.43
N ALA A 379 13.14 33.78 13.89
CA ALA A 379 14.16 34.49 13.13
C ALA A 379 15.50 33.76 13.19
N GLU A 380 16.34 34.04 12.20
CA GLU A 380 17.67 33.44 12.12
C GLU A 380 18.73 34.52 12.28
N ILE A 381 19.70 34.27 13.16
CA ILE A 381 20.82 35.18 13.34
C ILE A 381 21.75 35.13 12.14
N SER A 382 22.14 36.30 11.64
CA SER A 382 22.93 36.37 10.43
C SER A 382 24.41 36.54 10.77
N PRO A 383 25.30 35.63 10.36
CA PRO A 383 26.71 35.69 10.73
C PRO A 383 27.55 36.61 9.84
N TYR A 384 27.04 37.82 9.61
CA TYR A 384 27.71 38.80 8.75
C TYR A 384 27.85 40.15 9.45
N PHE A 385 26.90 40.46 10.31
CA PHE A 385 26.83 41.77 10.97
C PHE A 385 26.96 41.61 12.48
N ASP A 386 26.75 42.71 13.20
CA ASP A 386 26.86 42.71 14.65
C ASP A 386 25.74 41.89 15.29
N SER A 387 25.89 41.67 16.59
CA SER A 387 25.00 40.80 17.35
C SER A 387 24.01 41.59 18.20
N MET A 388 23.47 42.69 17.68
CA MET A 388 22.61 43.56 18.46
C MET A 388 21.17 43.08 18.38
N LEU A 389 20.54 42.88 19.54
CA LEU A 389 19.18 42.36 19.62
C LEU A 389 18.18 43.41 20.04
N VAL A 390 18.40 44.08 21.18
CA VAL A 390 17.44 45.06 21.69
C VAL A 390 18.16 46.01 22.63
N LYS A 391 17.78 47.28 22.57
CA LYS A 391 18.25 48.32 23.47
C LYS A 391 17.15 48.63 24.49
N LEU A 392 17.49 48.58 25.77
CA LEU A 392 16.53 48.83 26.84
C LEU A 392 16.98 50.06 27.62
N THR A 393 16.08 51.04 27.72
CA THR A 393 16.33 52.28 28.45
C THR A 393 15.33 52.41 29.59
N CYS A 394 15.84 52.69 30.79
CA CYS A 394 15.00 52.81 31.98
C CYS A 394 15.27 54.14 32.67
N ARG A 395 14.19 54.79 33.12
CA ARG A 395 14.27 56.12 33.69
C ARG A 395 13.53 56.15 35.03
N GLY A 396 13.83 57.17 35.82
CA GLY A 396 13.28 57.21 37.17
C GLY A 396 13.51 58.58 37.79
N ARG A 397 12.89 58.78 38.95
CA ARG A 397 13.10 60.01 39.69
C ARG A 397 14.55 60.14 40.15
N ASP A 398 15.14 59.04 40.60
CA ASP A 398 16.53 59.00 41.04
C ASP A 398 17.19 57.75 40.48
N LEU A 399 18.50 57.66 40.69
CA LEU A 399 19.26 56.51 40.19
C LEU A 399 18.82 55.17 40.79
N PRO A 400 18.59 55.04 42.09
CA PRO A 400 18.15 53.72 42.61
C PRO A 400 16.85 53.23 42.01
N THR A 401 15.89 54.13 41.76
CA THR A 401 14.63 53.72 41.14
C THR A 401 14.86 53.22 39.72
N ALA A 402 15.70 53.92 38.95
CA ALA A 402 16.02 53.48 37.60
C ALA A 402 16.73 52.13 37.62
N VAL A 403 17.58 51.90 38.61
CA VAL A 403 18.31 50.65 38.67
C VAL A 403 17.37 49.49 39.03
N SER A 404 16.45 49.71 39.98
CA SER A 404 15.45 48.70 40.28
C SER A 404 14.57 48.40 39.08
N ARG A 405 14.18 49.44 38.35
CA ARG A 405 13.34 49.23 37.18
C ARG A 405 14.09 48.46 36.09
N ALA A 406 15.37 48.77 35.89
CA ALA A 406 16.16 48.02 34.92
C ALA A 406 16.31 46.56 35.34
N ARG A 407 16.51 46.30 36.64
CA ARG A 407 16.60 44.94 37.14
C ARG A 407 15.32 44.17 36.83
N ARG A 408 14.17 44.78 37.12
CA ARG A 408 12.89 44.13 36.84
C ARG A 408 12.72 43.88 35.34
N ALA A 409 13.07 44.86 34.52
CA ALA A 409 12.95 44.72 33.07
C ALA A 409 13.79 43.55 32.56
N ILE A 410 15.04 43.47 33.00
CA ILE A 410 15.94 42.44 32.54
C ILE A 410 15.60 41.07 33.10
N ALA A 411 14.90 41.02 34.25
CA ALA A 411 14.42 39.74 34.74
C ALA A 411 13.22 39.26 33.93
N GLU A 412 12.27 40.15 33.64
CA GLU A 412 11.07 39.75 32.91
C GLU A 412 11.36 39.29 31.49
N PHE A 413 12.40 39.86 30.86
CA PHE A 413 12.69 39.53 29.46
C PHE A 413 13.08 38.06 29.32
N ARG A 414 12.62 37.43 28.24
CA ARG A 414 12.87 36.01 28.01
C ARG A 414 13.24 35.77 26.56
N ILE A 415 14.43 35.21 26.34
CA ILE A 415 14.91 34.85 25.01
C ILE A 415 15.40 33.41 25.05
N ARG A 416 14.81 32.56 24.21
CA ARG A 416 15.16 31.15 24.15
C ARG A 416 15.46 30.77 22.71
N GLY A 417 16.58 30.07 22.50
CA GLY A 417 16.99 29.65 21.19
C GLY A 417 18.47 29.91 20.95
N VAL A 418 18.99 30.97 21.56
CA VAL A 418 20.39 31.34 21.44
C VAL A 418 20.92 31.73 22.81
N SER A 419 22.24 31.75 22.93
CA SER A 419 22.88 32.11 24.19
C SER A 419 23.00 33.62 24.32
N THR A 420 22.66 34.13 25.50
CA THR A 420 22.54 35.57 25.74
C THR A 420 23.44 35.98 26.89
N ASN A 421 23.83 37.26 26.90
CA ASN A 421 24.68 37.83 27.94
C ASN A 421 23.87 38.45 29.08
N ILE A 422 22.62 37.99 29.28
CA ILE A 422 21.81 38.51 30.37
C ILE A 422 22.44 38.32 31.75
N PRO A 423 23.00 37.14 32.09
CA PRO A 423 23.54 36.97 33.44
C PRO A 423 24.69 37.90 33.80
N PHE A 424 25.54 38.24 32.85
CA PHE A 424 26.59 39.23 33.10
C PHE A 424 25.97 40.58 33.48
N LEU A 425 24.95 41.01 32.73
CA LEU A 425 24.28 42.27 33.05
C LEU A 425 23.59 42.20 34.41
N GLN A 426 23.00 41.05 34.75
CA GLN A 426 22.35 40.93 36.05
C GLN A 426 23.37 41.01 37.17
N ALA A 427 24.54 40.40 36.97
CA ALA A 427 25.60 40.49 37.96
C ALA A 427 26.11 41.92 38.10
N VAL A 428 26.17 42.66 37.00
CA VAL A 428 26.64 44.04 37.08
C VAL A 428 25.63 44.93 37.77
N LEU A 429 24.33 44.70 37.52
CA LEU A 429 23.28 45.51 38.15
C LEU A 429 23.13 45.22 39.63
N ASP A 430 23.63 44.07 40.12
CA ASP A 430 23.51 43.69 41.52
C ASP A 430 24.79 43.97 42.32
N ASP A 431 25.64 44.88 41.85
CA ASP A 431 26.87 45.18 42.57
C ASP A 431 26.61 46.34 43.52
N PRO A 432 26.87 46.19 44.82
CA PRO A 432 26.60 47.29 45.76
C PRO A 432 27.38 48.56 45.44
N ASP A 433 28.62 48.42 44.98
CA ASP A 433 29.39 49.59 44.55
C ASP A 433 28.74 50.31 43.37
N PHE A 434 28.18 49.56 42.43
CA PHE A 434 27.52 50.18 41.29
C PHE A 434 26.25 50.92 41.73
N ARG A 435 25.50 50.35 42.67
CA ARG A 435 24.33 51.04 43.20
C ARG A 435 24.74 52.29 43.97
N ALA A 436 25.88 52.24 44.66
CA ALA A 436 26.35 53.41 45.41
C ALA A 436 26.87 54.51 44.48
N GLY A 437 27.24 54.17 43.24
CA GLY A 437 27.67 55.17 42.29
C GLY A 437 29.16 55.37 42.17
N ARG A 438 29.97 54.49 42.75
CA ARG A 438 31.43 54.58 42.65
C ARG A 438 31.89 53.91 41.34
N VAL A 439 31.54 54.56 40.23
CA VAL A 439 31.87 54.06 38.91
C VAL A 439 33.24 54.62 38.49
N THR A 440 34.00 53.80 37.78
CA THR A 440 35.36 54.13 37.39
C THR A 440 35.72 53.25 36.20
N THR A 441 36.63 53.73 35.36
CA THR A 441 37.06 52.98 34.18
C THR A 441 37.51 51.57 34.54
N SER A 442 38.12 51.40 35.71
CA SER A 442 38.59 50.10 36.18
C SER A 442 37.54 49.36 37.01
N PHE A 443 36.25 49.58 36.73
CA PHE A 443 35.19 48.91 37.48
C PHE A 443 35.19 47.40 37.26
N ILE A 444 35.82 46.91 36.19
CA ILE A 444 35.78 45.51 35.84
C ILE A 444 36.87 44.69 36.52
N ASP A 445 37.79 45.35 37.24
CA ASP A 445 38.87 44.66 37.95
C ASP A 445 38.37 43.48 38.79
N GLU A 446 37.16 43.57 39.33
CA GLU A 446 36.61 42.50 40.14
C GLU A 446 36.29 41.30 39.24
N ARG A 447 36.80 40.12 39.63
CA ARG A 447 36.82 38.95 38.75
C ARG A 447 35.49 38.21 38.68
N PRO A 448 34.85 37.87 39.80
CA PRO A 448 33.69 36.97 39.74
C PRO A 448 32.44 37.58 39.14
N GLN A 449 32.50 38.83 38.64
CA GLN A 449 31.40 39.36 37.86
C GLN A 449 31.25 38.64 36.53
N LEU A 450 32.36 38.19 35.94
CA LEU A 450 32.31 37.58 34.61
C LEU A 450 31.68 36.19 34.67
N LEU A 451 32.30 35.27 35.40
CA LEU A 451 31.86 33.87 35.44
C LEU A 451 30.89 33.68 36.59
N THR A 452 29.72 34.31 36.48
CA THR A 452 28.64 34.07 37.42
C THR A 452 27.86 32.81 37.09
N ALA A 453 27.98 32.31 35.86
CA ALA A 453 27.30 31.10 35.41
C ALA A 453 25.82 31.10 35.77
N ARG A 454 25.27 29.93 36.08
CA ARG A 454 23.85 29.75 36.39
C ARG A 454 22.99 30.46 35.36
N ALA A 455 23.15 30.03 34.11
CA ALA A 455 22.55 30.74 32.98
C ALA A 455 21.04 30.81 33.09
N SER A 456 20.36 29.67 32.98
CA SER A 456 18.91 29.65 33.13
C SER A 456 18.34 28.46 33.88
N ALA A 457 19.01 27.30 33.90
CA ALA A 457 18.46 26.08 34.46
C ALA A 457 17.04 25.83 33.91
N ASP A 458 16.95 25.87 32.57
CA ASP A 458 15.67 25.88 31.89
C ASP A 458 15.12 24.45 31.82
N ARG A 459 13.99 24.23 32.48
CA ARG A 459 13.40 22.89 32.55
C ARG A 459 12.38 22.66 31.45
N GLY A 460 11.65 23.70 31.06
CA GLY A 460 10.64 23.54 30.02
C GLY A 460 11.24 23.14 28.68
N THR A 461 12.37 23.73 28.32
CA THR A 461 13.01 23.42 27.04
C THR A 461 13.53 21.99 27.01
N LYS A 462 14.05 21.50 28.13
CA LYS A 462 14.56 20.13 28.16
C LYS A 462 13.42 19.12 28.15
N ILE A 463 12.34 19.41 28.88
CA ILE A 463 11.15 18.56 28.83
C ILE A 463 10.60 18.50 27.41
N LEU A 464 10.52 19.66 26.74
CA LEU A 464 10.02 19.69 25.38
C LEU A 464 10.92 18.91 24.42
N ASN A 465 12.25 19.06 24.56
CA ASN A 465 13.18 18.28 23.76
C ASN A 465 12.96 16.79 23.93
N PHE A 466 12.88 16.32 25.17
CA PHE A 466 12.67 14.89 25.42
C PHE A 466 11.34 14.41 24.85
N LEU A 467 10.27 15.20 25.04
CA LEU A 467 8.96 14.80 24.54
C LEU A 467 8.95 14.73 23.02
N ALA A 468 9.56 15.70 22.33
CA ALA A 468 9.63 15.66 20.88
C ALA A 468 10.45 14.47 20.40
N ASP A 469 11.56 14.17 21.08
CA ASP A 469 12.35 13.01 20.71
C ASP A 469 11.55 11.73 20.84
N VAL A 470 10.78 11.59 21.93
CA VAL A 470 9.94 10.40 22.10
C VAL A 470 8.87 10.34 21.02
N THR A 471 8.25 11.48 20.70
CA THR A 471 7.17 11.49 19.73
C THR A 471 7.66 11.08 18.35
N VAL A 472 8.81 11.62 17.93
CA VAL A 472 9.29 11.35 16.58
C VAL A 472 9.84 9.93 16.45
N ASN A 473 10.55 9.47 17.47
CA ASN A 473 11.28 8.20 17.41
C ASN A 473 10.67 7.14 18.34
N ASN A 474 9.34 7.04 18.36
CA ASN A 474 8.66 6.08 19.21
C ASN A 474 8.79 4.68 18.61
N PRO A 475 9.33 3.71 19.34
CA PRO A 475 9.46 2.36 18.77
C PRO A 475 8.13 1.65 18.60
N TYR A 476 7.17 1.90 19.49
CA TYR A 476 5.88 1.22 19.41
C TYR A 476 5.03 1.84 18.29
N GLY A 477 4.38 0.98 17.53
CA GLY A 477 3.60 1.42 16.39
C GLY A 477 2.30 2.13 16.76
N SER A 478 1.28 1.96 15.94
CA SER A 478 0.01 2.64 16.17
C SER A 478 -0.67 2.10 17.43
N ARG A 479 -1.68 2.82 17.89
CA ARG A 479 -2.24 2.59 19.22
C ARG A 479 -3.71 2.96 19.21
N PRO A 480 -4.50 2.38 20.12
CA PRO A 480 -5.90 2.81 20.25
C PRO A 480 -6.02 4.14 20.97
N SER A 481 -7.25 4.54 21.29
CA SER A 481 -7.47 5.80 22.00
C SER A 481 -6.79 5.76 23.37
N THR A 482 -6.36 6.93 23.82
CA THR A 482 -5.59 7.03 25.06
C THR A 482 -6.49 6.74 26.26
N ILE A 483 -5.98 5.95 27.19
CA ILE A 483 -6.71 5.57 28.41
C ILE A 483 -6.20 6.43 29.56
N TYR A 484 -7.13 6.97 30.34
CA TYR A 484 -6.81 7.81 31.50
C TYR A 484 -7.29 7.10 32.75
N PRO A 485 -6.41 6.45 33.51
CA PRO A 485 -6.90 5.69 34.67
C PRO A 485 -7.39 6.59 35.80
N ASP A 486 -6.91 7.84 35.84
CA ASP A 486 -7.24 8.72 36.94
C ASP A 486 -8.74 8.99 37.02
N ASP A 487 -9.44 8.87 35.89
CA ASP A 487 -10.89 9.07 35.87
C ASP A 487 -11.64 7.97 36.60
N LYS A 488 -11.00 6.84 36.89
CA LYS A 488 -11.67 5.71 37.54
C LYS A 488 -11.55 5.73 39.06
N LEU A 489 -10.86 6.71 39.63
CA LEU A 489 -10.68 6.76 41.07
C LEU A 489 -11.98 7.21 41.74
N PRO A 490 -12.38 6.57 42.84
CA PRO A 490 -13.63 6.96 43.50
C PRO A 490 -13.51 8.31 44.20
N ASP A 491 -14.65 8.94 44.43
CA ASP A 491 -14.68 10.22 45.12
C ASP A 491 -14.40 10.03 46.60
N LEU A 492 -13.53 10.89 47.15
CA LEU A 492 -13.17 10.82 48.56
C LEU A 492 -12.57 12.15 48.96
N ASP A 493 -12.81 12.55 50.20
CA ASP A 493 -12.32 13.83 50.72
C ASP A 493 -10.85 13.66 51.11
N LEU A 494 -9.96 14.17 50.26
CA LEU A 494 -8.52 14.06 50.52
C LEU A 494 -8.02 15.28 51.28
N ARG A 495 -8.70 15.63 52.37
CA ARG A 495 -8.33 16.79 53.17
C ARG A 495 -8.11 16.39 54.62
N ALA A 496 -8.94 15.46 55.11
CA ALA A 496 -8.86 15.01 56.49
C ALA A 496 -7.65 14.09 56.69
N ALA A 497 -7.09 14.16 57.91
CA ALA A 497 -5.95 13.33 58.26
C ALA A 497 -6.40 11.87 58.39
N PRO A 498 -5.54 10.91 58.03
CA PRO A 498 -5.97 9.51 58.02
C PRO A 498 -5.89 8.92 59.41
N PRO A 499 -6.77 7.97 59.73
CA PRO A 499 -6.78 7.41 61.09
C PRO A 499 -5.54 6.59 61.39
N ALA A 500 -5.21 6.53 62.68
CA ALA A 500 -4.00 5.83 63.11
C ALA A 500 -4.05 4.35 62.73
N GLY A 501 -2.89 3.81 62.38
CA GLY A 501 -2.77 2.43 61.94
C GLY A 501 -1.64 1.71 62.65
N SER A 502 -0.89 0.92 61.88
CA SER A 502 0.14 0.05 62.45
C SER A 502 1.41 0.81 62.81
N LYS A 503 1.68 1.95 62.16
CA LYS A 503 2.89 2.70 62.48
C LYS A 503 2.81 3.32 63.87
N GLN A 504 1.63 3.83 64.23
CA GLN A 504 1.41 4.34 65.58
C GLN A 504 1.63 3.24 66.62
N ARG A 505 1.07 2.06 66.39
CA ARG A 505 1.20 0.96 67.33
C ARG A 505 2.66 0.52 67.46
N LEU A 506 3.37 0.44 66.32
CA LEU A 506 4.77 0.04 66.36
C LEU A 506 5.61 1.08 67.11
N VAL A 507 5.31 2.37 66.92
CA VAL A 507 6.02 3.40 67.66
C VAL A 507 5.72 3.30 69.15
N LYS A 508 4.47 3.01 69.51
CA LYS A 508 4.07 3.04 70.91
C LYS A 508 4.64 1.84 71.67
N LEU A 509 4.55 0.64 71.10
CA LEU A 509 4.96 -0.58 71.81
C LEU A 509 6.36 -1.07 71.47
N GLY A 510 6.85 -0.80 70.26
CA GLY A 510 8.16 -1.28 69.87
C GLY A 510 8.07 -2.64 69.19
N PRO A 511 9.23 -3.20 68.83
CA PRO A 511 9.23 -4.47 68.09
C PRO A 511 8.72 -5.65 68.91
N GLU A 512 9.23 -5.82 70.14
CA GLU A 512 8.81 -6.94 70.97
C GLU A 512 7.33 -6.87 71.29
N GLY A 513 6.84 -5.68 71.67
CA GLY A 513 5.43 -5.53 71.97
C GLY A 513 4.55 -5.77 70.75
N PHE A 514 5.00 -5.30 69.59
CA PHE A 514 4.25 -5.55 68.35
C PHE A 514 4.17 -7.04 68.05
N ALA A 515 5.28 -7.76 68.23
CA ALA A 515 5.28 -9.19 68.00
C ALA A 515 4.34 -9.90 68.97
N ARG A 516 4.38 -9.52 70.25
CA ARG A 516 3.50 -10.14 71.24
C ARG A 516 2.03 -9.87 70.92
N TRP A 517 1.71 -8.64 70.54
CA TRP A 517 0.36 -8.27 70.15
C TRP A 517 -0.12 -9.07 68.95
N LEU A 518 0.75 -9.25 67.95
CA LEU A 518 0.39 -10.03 66.78
C LEU A 518 0.20 -11.51 67.12
N ARG A 519 1.01 -12.04 68.03
CA ARG A 519 0.82 -13.43 68.45
C ARG A 519 -0.50 -13.60 69.22
N GLU A 520 -0.86 -12.62 70.05
CA GLU A 520 -2.03 -12.72 70.90
C GLU A 520 -3.32 -12.22 70.25
N SER A 521 -3.28 -11.84 68.98
CA SER A 521 -4.44 -11.28 68.31
C SER A 521 -5.13 -12.34 67.46
N ALA A 522 -6.45 -12.49 67.64
CA ALA A 522 -7.19 -13.54 66.95
C ALA A 522 -7.38 -13.23 65.48
N ALA A 523 -7.29 -11.97 65.10
CA ALA A 523 -7.39 -11.59 63.70
C ALA A 523 -6.11 -11.94 62.95
N VAL A 524 -6.23 -12.04 61.62
CA VAL A 524 -5.15 -12.50 60.74
C VAL A 524 -4.74 -11.33 59.86
N GLY A 525 -3.51 -10.85 60.05
CA GLY A 525 -3.08 -9.63 59.40
C GLY A 525 -2.79 -9.84 57.92
N VAL A 526 -3.38 -8.99 57.08
CA VAL A 526 -3.20 -9.04 55.64
C VAL A 526 -2.12 -8.06 55.22
N THR A 527 -1.21 -8.52 54.37
CA THR A 527 -0.17 -7.67 53.79
C THR A 527 -0.44 -7.50 52.30
N ASP A 528 -0.21 -6.29 51.79
CA ASP A 528 -0.44 -5.97 50.39
C ASP A 528 0.87 -6.05 49.62
N THR A 529 0.87 -6.81 48.52
CA THR A 529 2.05 -6.98 47.68
C THR A 529 1.83 -6.48 46.25
N THR A 530 0.81 -5.64 46.05
CA THR A 530 0.55 -5.12 44.71
C THR A 530 1.65 -4.17 44.23
N PHE A 531 2.28 -3.45 45.17
CA PHE A 531 3.22 -2.42 44.78
C PHE A 531 4.57 -2.99 44.34
N ARG A 532 4.96 -4.15 44.86
CA ARG A 532 6.25 -4.75 44.49
C ARG A 532 6.09 -6.06 43.72
N ASP A 533 5.38 -7.03 44.28
CA ASP A 533 5.43 -8.40 43.77
C ASP A 533 4.34 -8.71 42.75
N ALA A 534 3.47 -7.76 42.42
CA ALA A 534 2.42 -8.00 41.43
C ALA A 534 2.89 -7.71 40.01
N HIS A 535 3.36 -6.49 39.76
CA HIS A 535 3.83 -6.12 38.43
C HIS A 535 5.20 -6.70 38.12
N GLN A 536 5.90 -7.24 39.12
CA GLN A 536 7.17 -7.91 38.84
C GLN A 536 6.97 -9.21 38.07
N SER A 537 5.90 -9.93 38.38
CA SER A 537 5.62 -11.21 37.74
C SER A 537 4.70 -11.10 36.53
N LEU A 538 4.17 -9.91 36.23
CA LEU A 538 3.20 -9.78 35.16
C LEU A 538 3.60 -8.71 34.15
N LEU A 539 4.28 -7.65 34.59
CA LEU A 539 4.60 -6.52 33.73
C LEU A 539 6.09 -6.21 33.70
N ALA A 540 6.94 -7.19 34.02
CA ALA A 540 8.39 -7.05 33.95
C ALA A 540 8.92 -5.91 34.82
N THR A 541 8.21 -5.62 35.92
CA THR A 541 8.62 -4.63 36.91
C THR A 541 8.85 -3.26 36.26
N ARG A 542 7.90 -2.84 35.42
CA ARG A 542 8.03 -1.60 34.67
C ARG A 542 6.98 -0.56 35.04
N VAL A 543 6.35 -0.68 36.19
CA VAL A 543 5.38 0.31 36.63
C VAL A 543 6.12 1.44 37.33
N ARG A 544 5.86 2.68 36.91
CA ARG A 544 6.59 3.84 37.41
C ARG A 544 5.97 4.29 38.73
N THR A 545 6.42 5.46 39.22
CA THR A 545 6.02 5.96 40.53
C THR A 545 4.74 6.79 40.49
N SER A 546 4.37 7.32 39.32
CA SER A 546 3.20 8.20 39.23
C SER A 546 1.92 7.51 39.68
N GLY A 547 1.68 6.30 39.18
CA GLY A 547 0.45 5.61 39.54
C GLY A 547 0.40 5.18 40.99
N LEU A 548 1.53 4.67 41.51
CA LEU A 548 1.59 4.29 42.91
C LEU A 548 1.36 5.49 43.82
N SER A 549 1.99 6.63 43.50
CA SER A 549 1.80 7.82 44.31
C SER A 549 0.39 8.38 44.17
N ARG A 550 -0.23 8.23 43.01
CA ARG A 550 -1.59 8.71 42.85
C ARG A 550 -2.59 7.84 43.61
N VAL A 551 -2.32 6.55 43.74
CA VAL A 551 -3.28 5.63 44.37
C VAL A 551 -2.99 5.38 45.85
N ALA A 552 -1.84 5.80 46.35
CA ALA A 552 -1.52 5.59 47.77
C ALA A 552 -2.45 6.33 48.74
N PRO A 553 -2.77 7.62 48.56
CA PRO A 553 -3.71 8.27 49.50
C PRO A 553 -5.05 7.55 49.64
N TYR A 554 -5.64 7.07 48.54
CA TYR A 554 -6.90 6.35 48.63
C TYR A 554 -6.75 5.08 49.44
N LEU A 555 -5.63 4.37 49.25
CA LEU A 555 -5.38 3.17 50.03
C LEU A 555 -5.22 3.48 51.51
N ALA A 556 -4.54 4.59 51.82
CA ALA A 556 -4.33 4.97 53.21
C ALA A 556 -5.61 5.45 53.89
N ARG A 557 -6.58 5.94 53.12
CA ARG A 557 -7.77 6.53 53.70
C ARG A 557 -9.03 5.68 53.58
N THR A 558 -9.04 4.63 52.76
CA THR A 558 -10.12 3.66 52.81
C THR A 558 -9.76 2.36 53.52
N MET A 559 -8.49 2.05 53.68
CA MET A 559 -8.05 0.79 54.28
C MET A 559 -7.02 1.08 55.36
N PRO A 560 -7.46 1.50 56.54
CA PRO A 560 -6.51 1.80 57.63
C PRO A 560 -6.19 0.60 58.50
N GLN A 561 -6.46 -0.62 58.02
CA GLN A 561 -6.29 -1.81 58.83
C GLN A 561 -5.27 -2.78 58.24
N LEU A 562 -4.59 -2.41 57.16
CA LEU A 562 -3.59 -3.28 56.55
C LEU A 562 -2.33 -3.32 57.41
N LEU A 563 -1.81 -4.53 57.62
CA LEU A 563 -0.69 -4.72 58.54
C LEU A 563 0.55 -3.98 58.04
N SER A 564 0.87 -4.15 56.75
CA SER A 564 2.02 -3.50 56.15
C SER A 564 1.85 -3.54 54.63
N VAL A 565 2.68 -2.76 53.94
CA VAL A 565 2.68 -2.68 52.49
C VAL A 565 4.09 -2.92 51.99
N GLU A 566 4.24 -3.80 51.00
CA GLU A 566 5.53 -4.10 50.39
C GLU A 566 5.65 -3.30 49.10
N CYS A 567 6.57 -2.33 49.09
CA CYS A 567 6.69 -1.44 47.94
C CYS A 567 8.14 -1.10 47.59
N TRP A 568 9.11 -1.88 48.05
CA TRP A 568 10.51 -1.53 47.84
C TRP A 568 11.35 -2.80 47.82
N GLY A 569 12.43 -2.77 47.05
CA GLY A 569 13.39 -3.85 47.04
C GLY A 569 13.16 -4.83 45.92
N GLY A 570 13.82 -5.97 46.04
CA GLY A 570 13.76 -6.96 44.97
C GLY A 570 14.48 -6.44 43.73
N ALA A 571 13.82 -6.57 42.59
CA ALA A 571 14.39 -6.14 41.31
C ALA A 571 14.00 -4.72 40.92
N THR A 572 13.22 -4.01 41.76
CA THR A 572 12.79 -2.67 41.40
C THR A 572 13.95 -1.69 41.38
N TYR A 573 14.97 -1.92 42.22
CA TYR A 573 16.12 -1.03 42.28
C TYR A 573 16.86 -0.99 40.94
N ASP A 574 17.23 -2.15 40.43
CA ASP A 574 18.01 -2.23 39.20
C ASP A 574 17.20 -1.76 38.01
N VAL A 575 15.93 -2.17 37.92
CA VAL A 575 15.09 -1.75 36.79
C VAL A 575 14.83 -0.25 36.84
N ALA A 576 14.65 0.30 38.03
CA ALA A 576 14.44 1.74 38.14
C ALA A 576 15.67 2.52 37.71
N LEU A 577 16.86 2.06 38.11
CA LEU A 577 18.09 2.74 37.71
C LEU A 577 18.36 2.58 36.21
N ARG A 578 18.00 1.43 35.64
CA ARG A 578 18.42 1.09 34.28
C ARG A 578 17.39 1.48 33.23
N PHE A 579 16.16 0.97 33.37
CA PHE A 579 15.15 1.12 32.32
C PHE A 579 14.24 2.33 32.51
N LEU A 580 14.07 2.81 33.73
CA LEU A 580 13.11 3.87 34.01
C LEU A 580 13.74 5.19 34.39
N LYS A 581 15.07 5.24 34.57
CA LYS A 581 15.81 6.47 34.84
C LYS A 581 15.24 7.21 36.05
N GLU A 582 15.01 6.48 37.13
CA GLU A 582 14.46 7.03 38.36
C GLU A 582 15.36 6.68 39.54
N ASP A 583 15.18 7.41 40.63
CA ASP A 583 15.94 7.15 41.86
C ASP A 583 15.04 6.45 42.85
N PRO A 584 15.39 5.24 43.30
CA PRO A 584 14.50 4.51 44.23
C PRO A 584 14.27 5.23 45.55
N TRP A 585 15.25 6.00 46.03
CA TRP A 585 15.10 6.68 47.31
C TRP A 585 14.01 7.75 47.24
N GLU A 586 13.93 8.48 46.13
CA GLU A 586 12.86 9.44 45.96
C GLU A 586 11.50 8.76 45.94
N ARG A 587 11.42 7.58 45.32
CA ARG A 587 10.19 6.80 45.34
C ARG A 587 9.82 6.39 46.76
N LEU A 588 10.80 5.93 47.54
CA LEU A 588 10.52 5.59 48.93
C LEU A 588 10.04 6.79 49.73
N ALA A 589 10.67 7.94 49.53
CA ALA A 589 10.25 9.15 50.26
C ALA A 589 8.83 9.56 49.88
N THR A 590 8.52 9.51 48.57
CA THR A 590 7.17 9.85 48.12
C THR A 590 6.14 8.90 48.70
N LEU A 591 6.44 7.60 48.71
CA LEU A 591 5.50 6.64 49.27
C LEU A 591 5.35 6.81 50.78
N ARG A 592 6.44 7.18 51.47
CA ARG A 592 6.34 7.41 52.91
C ARG A 592 5.44 8.59 53.20
N ALA A 593 5.68 9.72 52.53
CA ALA A 593 4.84 10.90 52.69
C ALA A 593 3.39 10.61 52.32
N ALA A 594 3.16 9.81 51.27
CA ALA A 594 1.80 9.48 50.85
C ALA A 594 1.08 8.68 51.93
N MET A 595 1.72 7.67 52.51
CA MET A 595 1.05 6.85 53.50
C MET A 595 1.76 6.99 54.84
N PRO A 596 1.21 7.72 55.79
CA PRO A 596 1.86 7.90 57.11
C PRO A 596 1.36 6.97 58.21
N ASN A 597 0.39 6.11 57.95
CA ASN A 597 -0.23 5.28 58.98
C ASN A 597 -0.06 3.79 58.76
N ILE A 598 0.66 3.37 57.71
CA ILE A 598 0.83 1.96 57.40
C ILE A 598 2.32 1.66 57.30
N CYS A 599 2.73 0.55 57.91
CA CYS A 599 4.13 0.15 57.89
C CYS A 599 4.57 -0.23 56.49
N LEU A 600 5.86 -0.04 56.21
CA LEU A 600 6.46 -0.38 54.92
C LEU A 600 7.43 -1.55 55.10
N GLN A 601 7.43 -2.46 54.13
CA GLN A 601 8.20 -3.69 54.21
C GLN A 601 9.15 -3.78 53.00
N MET A 602 10.36 -4.28 53.25
CA MET A 602 11.37 -4.42 52.21
C MET A 602 11.98 -5.82 52.27
N LEU A 603 12.24 -6.39 51.09
CA LEU A 603 12.75 -7.75 50.96
C LEU A 603 14.27 -7.71 50.77
N LEU A 604 15.00 -7.90 51.87
CA LEU A 604 16.45 -7.98 51.79
C LEU A 604 16.86 -9.44 51.55
N ARG A 605 18.05 -9.61 50.98
CA ARG A 605 18.52 -10.93 50.58
C ARG A 605 19.85 -11.29 51.24
N GLY A 606 19.96 -11.05 52.54
CA GLY A 606 21.17 -11.42 53.25
C GLY A 606 22.36 -10.58 52.85
N ARG A 607 23.48 -11.25 52.54
CA ARG A 607 24.71 -10.55 52.22
C ARG A 607 24.56 -9.70 50.97
N ASN A 608 23.96 -10.26 49.92
CA ASN A 608 23.69 -9.54 48.70
C ASN A 608 22.36 -8.81 48.89
N THR A 609 22.43 -7.53 49.24
CA THR A 609 21.25 -6.73 49.55
C THR A 609 20.24 -6.69 48.41
N VAL A 610 20.61 -6.07 47.29
CA VAL A 610 19.71 -5.95 46.14
C VAL A 610 20.44 -6.40 44.89
N GLY A 611 21.73 -6.69 45.02
CA GLY A 611 22.55 -7.14 43.91
C GLY A 611 22.48 -8.65 43.74
N TYR A 612 23.51 -9.19 43.08
CA TYR A 612 23.60 -10.61 42.83
C TYR A 612 24.92 -11.21 43.30
N THR A 613 25.70 -10.47 44.08
CA THR A 613 27.01 -10.91 44.56
C THR A 613 27.16 -10.48 46.00
N PRO A 614 27.91 -11.23 46.81
CA PRO A 614 28.24 -10.79 48.16
C PRO A 614 28.90 -9.41 48.19
N TYR A 615 28.55 -8.64 49.22
CA TYR A 615 29.04 -7.29 49.45
C TYR A 615 29.64 -7.21 50.85
N PRO A 616 30.56 -6.28 51.09
CA PRO A 616 31.16 -6.16 52.42
C PRO A 616 30.14 -5.72 53.47
N GLU A 617 30.50 -5.97 54.73
CA GLU A 617 29.57 -5.76 55.84
C GLU A 617 29.23 -4.28 56.00
N ILE A 618 30.20 -3.39 55.79
CA ILE A 618 29.97 -1.96 56.02
C ILE A 618 28.92 -1.44 55.05
N VAL A 619 28.94 -1.91 53.81
CA VAL A 619 27.94 -1.49 52.82
C VAL A 619 26.54 -1.93 53.27
N THR A 620 26.42 -3.17 53.75
CA THR A 620 25.12 -3.66 54.19
C THR A 620 24.60 -2.88 55.39
N SER A 621 25.48 -2.59 56.36
CA SER A 621 25.06 -1.82 57.52
C SER A 621 24.64 -0.41 57.14
N ALA A 622 25.40 0.24 56.25
CA ALA A 622 25.02 1.57 55.78
C ALA A 622 23.68 1.52 55.06
N PHE A 623 23.44 0.46 54.28
CA PHE A 623 22.20 0.37 53.52
C PHE A 623 21.01 0.20 54.45
N VAL A 624 21.17 -0.64 55.48
CA VAL A 624 20.10 -0.82 56.46
C VAL A 624 19.83 0.48 57.19
N GLN A 625 20.89 1.20 57.57
CA GLN A 625 20.71 2.47 58.27
C GLN A 625 19.99 3.49 57.40
N GLU A 626 20.41 3.63 56.14
CA GLU A 626 19.74 4.57 55.25
C GLU A 626 18.28 4.18 55.03
N ALA A 627 18.01 2.88 54.87
CA ALA A 627 16.65 2.45 54.56
C ALA A 627 15.72 2.65 55.75
N THR A 628 16.14 2.25 56.96
CA THR A 628 15.34 2.56 58.14
C THR A 628 15.21 4.07 58.36
N ALA A 629 16.19 4.87 57.93
CA ALA A 629 16.05 6.31 58.09
C ALA A 629 15.02 6.89 57.13
N THR A 630 14.94 6.34 55.91
CA THR A 630 13.97 6.83 54.94
C THR A 630 12.55 6.36 55.25
N GLY A 631 12.38 5.31 56.06
CA GLY A 631 11.05 4.90 56.44
C GLY A 631 10.71 3.43 56.23
N ILE A 632 11.71 2.56 56.15
CA ILE A 632 11.46 1.12 56.02
C ILE A 632 11.24 0.54 57.40
N ASP A 633 10.03 0.02 57.65
CA ASP A 633 9.66 -0.46 58.98
C ASP A 633 10.00 -1.93 59.19
N ILE A 634 9.79 -2.78 58.19
CA ILE A 634 9.95 -4.22 58.31
C ILE A 634 10.95 -4.71 57.27
N PHE A 635 11.87 -5.57 57.70
CA PHE A 635 12.85 -6.18 56.81
C PHE A 635 12.60 -7.68 56.76
N ARG A 636 12.30 -8.21 55.59
CA ARG A 636 12.13 -9.64 55.38
C ARG A 636 13.43 -10.20 54.80
N ILE A 637 14.07 -11.10 55.54
CA ILE A 637 15.40 -11.59 55.23
C ILE A 637 15.31 -13.08 54.89
N PHE A 638 15.84 -13.46 53.73
CA PHE A 638 15.91 -14.84 53.30
C PHE A 638 17.28 -15.10 52.68
N ASP A 639 17.50 -16.35 52.30
CA ASP A 639 18.72 -16.74 51.61
C ASP A 639 18.39 -17.88 50.65
N ALA A 640 19.16 -17.97 49.56
CA ALA A 640 18.89 -18.97 48.53
C ALA A 640 19.02 -20.38 49.09
N LEU A 641 20.22 -20.75 49.50
CA LEU A 641 20.44 -22.02 50.20
C LEU A 641 20.34 -21.74 51.69
N ASN A 642 19.30 -22.28 52.33
CA ASN A 642 18.98 -21.92 53.70
C ASN A 642 20.08 -22.35 54.66
N ASN A 643 20.87 -21.38 55.12
CA ASN A 643 21.93 -21.66 56.07
C ASN A 643 22.24 -20.40 56.87
N ILE A 644 22.63 -20.60 58.13
CA ILE A 644 22.99 -19.49 58.99
C ILE A 644 24.45 -19.14 58.67
N GLU A 645 24.91 -18.01 59.17
CA GLU A 645 26.17 -17.29 58.96
C GLU A 645 26.16 -16.50 57.64
N SER A 646 25.13 -16.67 56.81
CA SER A 646 24.88 -15.83 55.63
C SER A 646 23.85 -14.74 55.88
N MET A 647 23.12 -14.79 57.00
CA MET A 647 22.13 -13.76 57.31
C MET A 647 22.33 -13.14 58.69
N ARG A 648 23.31 -13.58 59.46
CA ARG A 648 23.54 -13.03 60.79
C ARG A 648 23.87 -11.54 60.78
N PRO A 649 24.77 -11.03 59.93
CA PRO A 649 25.06 -9.58 59.97
C PRO A 649 23.86 -8.71 59.68
N ALA A 650 23.00 -9.11 58.74
CA ALA A 650 21.80 -8.34 58.46
C ALA A 650 20.85 -8.32 59.66
N ILE A 651 20.70 -9.47 60.32
CA ILE A 651 19.85 -9.54 61.50
C ILE A 651 20.39 -8.63 62.60
N ASP A 652 21.71 -8.67 62.82
CA ASP A 652 22.30 -7.81 63.84
C ASP A 652 22.12 -6.33 63.49
N ALA A 653 22.28 -5.98 62.20
CA ALA A 653 22.11 -4.59 61.78
C ALA A 653 20.68 -4.12 61.99
N VAL A 654 19.70 -4.98 61.67
CA VAL A 654 18.30 -4.62 61.92
C VAL A 654 18.08 -4.45 63.42
N ARG A 655 18.63 -5.34 64.24
CA ARG A 655 18.34 -5.28 65.67
C ARG A 655 19.02 -4.08 66.33
N GLU A 656 20.13 -3.61 65.76
CA GLU A 656 20.83 -2.46 66.31
C GLU A 656 20.01 -1.19 66.20
N THR A 657 19.09 -1.13 65.24
CA THR A 657 18.32 0.09 65.02
C THR A 657 17.41 0.41 66.20
N GLY A 658 16.64 -0.58 66.66
CA GLY A 658 15.77 -0.39 67.80
C GLY A 658 14.37 0.09 67.46
N SER A 659 14.07 0.27 66.17
CA SER A 659 12.73 0.69 65.77
C SER A 659 12.23 -0.09 64.56
N ALA A 660 12.92 -1.16 64.15
CA ALA A 660 12.52 -1.95 63.00
C ALA A 660 12.17 -3.37 63.43
N ILE A 661 11.52 -4.09 62.52
CA ILE A 661 11.13 -5.48 62.73
C ILE A 661 11.90 -6.34 61.73
N ALA A 662 12.40 -7.47 62.21
CA ALA A 662 13.12 -8.43 61.39
C ALA A 662 12.27 -9.69 61.26
N GLU A 663 12.01 -10.10 60.01
CA GLU A 663 11.22 -11.29 59.71
C GLU A 663 12.08 -12.23 58.89
N VAL A 664 12.51 -13.32 59.50
CA VAL A 664 13.40 -14.29 58.86
C VAL A 664 12.55 -15.36 58.20
N ALA A 665 12.83 -15.65 56.93
CA ALA A 665 12.03 -16.56 56.13
C ALA A 665 12.80 -17.83 55.80
N MET A 666 12.09 -18.95 55.84
CA MET A 666 12.64 -20.25 55.45
C MET A 666 12.04 -20.65 54.11
N CYS A 667 12.89 -21.05 53.17
CA CYS A 667 12.44 -21.41 51.84
C CYS A 667 11.89 -22.84 51.80
N TYR A 668 10.74 -23.00 51.15
CA TYR A 668 10.04 -24.29 51.08
C TYR A 668 10.21 -24.89 49.70
N THR A 669 10.55 -26.18 49.66
CA THR A 669 10.66 -26.91 48.41
C THR A 669 10.31 -28.38 48.67
N GLY A 670 9.86 -29.05 47.62
CA GLY A 670 9.48 -30.44 47.73
C GLY A 670 8.13 -30.62 48.39
N ASP A 671 7.86 -31.88 48.75
CA ASP A 671 6.60 -32.26 49.40
C ASP A 671 6.93 -33.19 50.56
N LEU A 672 6.91 -32.65 51.78
CA LEU A 672 7.29 -33.42 52.95
C LEU A 672 6.26 -34.47 53.35
N THR A 673 4.99 -34.28 52.96
CA THR A 673 3.97 -35.27 53.30
C THR A 673 4.13 -36.57 52.51
N ASP A 674 5.03 -36.61 51.53
CA ASP A 674 5.23 -37.80 50.73
C ASP A 674 6.07 -38.81 51.51
N PRO A 675 5.70 -40.09 51.47
CA PRO A 675 6.48 -41.13 52.18
C PRO A 675 7.95 -41.18 51.77
N GLY A 676 8.24 -40.94 50.50
CA GLY A 676 9.59 -41.03 49.97
C GLY A 676 10.39 -39.75 49.99
N GLU A 677 9.97 -38.74 50.75
CA GLU A 677 10.74 -37.50 50.86
C GLU A 677 11.76 -37.67 51.98
N GLN A 678 13.00 -37.96 51.61
CA GLN A 678 14.05 -38.25 52.58
C GLN A 678 15.02 -37.10 52.81
N LEU A 679 14.82 -35.96 52.15
CA LEU A 679 15.72 -34.83 52.30
C LEU A 679 15.05 -33.62 52.93
N TYR A 680 13.94 -33.15 52.37
CA TYR A 680 13.22 -31.99 52.90
C TYR A 680 12.08 -32.50 53.76
N THR A 681 12.43 -32.90 54.98
CA THR A 681 11.48 -33.47 55.92
C THR A 681 11.17 -32.45 57.02
N LEU A 682 10.24 -32.83 57.89
CA LEU A 682 9.81 -31.91 58.94
C LEU A 682 10.95 -31.57 59.88
N ASP A 683 11.82 -32.53 60.19
CA ASP A 683 12.89 -32.28 61.13
C ASP A 683 13.88 -31.25 60.60
N TYR A 684 14.14 -31.27 59.29
CA TYR A 684 15.03 -30.29 58.67
C TYR A 684 14.50 -28.86 58.90
N TYR A 685 13.22 -28.65 58.62
CA TYR A 685 12.63 -27.33 58.84
C TYR A 685 12.60 -26.98 60.32
N LEU A 686 12.39 -27.97 61.18
CA LEU A 686 12.33 -27.69 62.61
C LEU A 686 13.68 -27.22 63.16
N LYS A 687 14.76 -27.88 62.77
CA LYS A 687 16.08 -27.40 63.19
C LYS A 687 16.44 -26.07 62.53
N LEU A 688 15.99 -25.85 61.29
CA LEU A 688 16.22 -24.56 60.65
C LEU A 688 15.59 -23.44 61.48
N ALA A 689 14.35 -23.66 61.91
CA ALA A 689 13.59 -22.69 62.70
C ALA A 689 14.21 -22.52 64.08
N GLU A 690 14.71 -23.61 64.65
CA GLU A 690 15.38 -23.52 65.95
C GLU A 690 16.63 -22.64 65.85
N GLN A 691 17.41 -22.82 64.78
CA GLN A 691 18.58 -21.98 64.56
C GLN A 691 18.17 -20.52 64.35
N ILE A 692 17.11 -20.29 63.58
CA ILE A 692 16.63 -18.93 63.33
C ILE A 692 16.21 -18.26 64.63
N VAL A 693 15.57 -19.01 65.52
CA VAL A 693 15.13 -18.46 66.80
C VAL A 693 16.33 -18.19 67.71
N ASP A 694 17.30 -19.11 67.72
CA ASP A 694 18.56 -18.86 68.40
C ASP A 694 19.27 -17.62 67.88
N ALA A 695 19.04 -17.26 66.61
CA ALA A 695 19.73 -16.13 66.00
C ALA A 695 19.07 -14.79 66.31
N GLY A 696 17.95 -14.79 67.02
CA GLY A 696 17.30 -13.54 67.39
C GLY A 696 16.34 -13.01 66.34
N ALA A 697 15.37 -13.83 65.97
CA ALA A 697 14.37 -13.46 64.98
C ALA A 697 13.13 -12.90 65.67
N HIS A 698 12.60 -11.80 65.13
CA HIS A 698 11.37 -11.23 65.67
C HIS A 698 10.13 -11.84 65.04
N VAL A 699 10.12 -12.08 63.73
CA VAL A 699 9.03 -12.80 63.09
C VAL A 699 9.62 -13.95 62.28
N LEU A 700 8.91 -15.07 62.25
CA LEU A 700 9.28 -16.25 61.48
C LEU A 700 8.31 -16.43 60.32
N ALA A 701 8.84 -16.64 59.13
CA ALA A 701 8.04 -16.69 57.91
C ALA A 701 8.45 -17.89 57.06
N ILE A 702 7.52 -18.31 56.21
CA ILE A 702 7.74 -19.40 55.26
C ILE A 702 7.56 -18.84 53.85
N LYS A 703 8.54 -19.06 52.99
CA LYS A 703 8.55 -18.50 51.65
C LYS A 703 8.30 -19.61 50.64
N ASP A 704 7.18 -19.54 49.94
CA ASP A 704 6.84 -20.45 48.85
C ASP A 704 6.83 -19.62 47.57
N MET A 705 7.78 -19.90 46.68
CA MET A 705 7.98 -19.13 45.46
C MET A 705 7.47 -19.83 44.21
N ALA A 706 7.19 -21.14 44.27
CA ALA A 706 6.67 -21.87 43.13
C ALA A 706 5.25 -22.38 43.32
N GLY A 707 4.73 -22.36 44.54
CA GLY A 707 3.39 -22.84 44.80
C GLY A 707 3.34 -24.34 45.03
N LEU A 708 4.25 -24.85 45.86
CA LEU A 708 4.37 -26.27 46.11
C LEU A 708 3.88 -26.67 47.51
N LEU A 709 3.18 -25.79 48.20
CA LEU A 709 2.69 -26.07 49.55
C LEU A 709 1.22 -26.47 49.47
N ARG A 710 0.92 -27.66 49.95
CA ARG A 710 -0.41 -28.25 49.99
C ARG A 710 -1.08 -28.05 51.33
N PRO A 711 -2.40 -28.16 51.39
CA PRO A 711 -3.14 -27.90 52.64
C PRO A 711 -2.62 -28.77 53.79
N PRO A 712 -2.39 -30.07 53.59
CA PRO A 712 -2.00 -30.89 54.76
C PRO A 712 -0.58 -30.63 55.24
N ALA A 713 0.37 -30.49 54.31
CA ALA A 713 1.73 -30.07 54.64
C ALA A 713 1.73 -28.78 55.45
N ALA A 714 0.94 -27.81 55.01
CA ALA A 714 0.87 -26.50 55.65
C ALA A 714 0.27 -26.64 57.05
N GLN A 715 -0.77 -27.44 57.19
CA GLN A 715 -1.38 -27.67 58.50
C GLN A 715 -0.37 -28.25 59.47
N ARG A 716 0.30 -29.34 59.08
CA ARG A 716 1.24 -29.99 60.00
C ARG A 716 2.42 -29.09 60.33
N LEU A 717 2.97 -28.40 59.33
CA LEU A 717 4.12 -27.53 59.56
C LEU A 717 3.76 -26.37 60.48
N VAL A 718 2.63 -25.71 60.22
CA VAL A 718 2.22 -24.59 61.06
C VAL A 718 1.95 -25.05 62.48
N SER A 719 1.28 -26.20 62.64
CA SER A 719 1.01 -26.72 63.98
C SER A 719 2.32 -27.00 64.73
N ALA A 720 3.27 -27.67 64.08
CA ALA A 720 4.53 -27.99 64.74
C ALA A 720 5.29 -26.73 65.12
N LEU A 721 5.37 -25.75 64.20
CA LEU A 721 6.07 -24.51 64.47
C LEU A 721 5.42 -23.74 65.62
N ARG A 722 4.08 -23.67 65.64
CA ARG A 722 3.40 -22.92 66.70
C ARG A 722 3.52 -23.62 68.04
N SER A 723 3.58 -24.95 68.06
CA SER A 723 3.65 -25.67 69.32
C SER A 723 5.05 -25.75 69.88
N ARG A 724 6.08 -25.82 69.04
CA ARG A 724 7.46 -25.86 69.52
C ARG A 724 7.94 -24.50 70.01
N PHE A 725 7.60 -23.44 69.30
CA PHE A 725 8.16 -22.11 69.58
C PHE A 725 7.05 -21.14 69.98
N ASP A 726 7.45 -19.88 70.19
CA ASP A 726 6.57 -18.82 70.66
C ASP A 726 6.78 -17.56 69.82
N LEU A 727 6.71 -17.71 68.51
CA LEU A 727 6.88 -16.63 67.55
C LEU A 727 5.70 -16.58 66.60
N PRO A 728 5.32 -15.39 66.14
CA PRO A 728 4.29 -15.29 65.10
C PRO A 728 4.80 -15.84 63.78
N VAL A 729 3.86 -16.34 62.97
CA VAL A 729 4.17 -17.02 61.71
C VAL A 729 3.57 -16.22 60.56
N HIS A 730 4.38 -15.99 59.53
CA HIS A 730 3.96 -15.27 58.34
C HIS A 730 4.04 -16.23 57.15
N LEU A 731 2.99 -16.25 56.34
CA LEU A 731 2.90 -17.19 55.21
C LEU A 731 2.86 -16.42 53.90
N HIS A 732 3.67 -16.85 52.94
CA HIS A 732 3.77 -16.22 51.64
C HIS A 732 3.82 -17.30 50.57
N THR A 733 2.99 -17.17 49.53
CA THR A 733 2.92 -18.19 48.50
C THR A 733 2.46 -17.57 47.19
N HIS A 734 2.68 -18.31 46.11
CA HIS A 734 2.26 -17.93 44.77
C HIS A 734 1.19 -18.89 44.25
N ASP A 735 0.44 -18.41 43.26
CA ASP A 735 -0.76 -19.10 42.78
C ASP A 735 -0.55 -19.72 41.39
N THR A 736 0.65 -20.29 41.16
CA THR A 736 0.92 -20.89 39.86
C THR A 736 0.05 -22.12 39.57
N PRO A 737 -0.09 -23.10 40.47
CA PRO A 737 -0.97 -24.24 40.14
C PRO A 737 -2.45 -23.90 40.17
N GLY A 738 -2.83 -22.79 40.78
CA GLY A 738 -4.21 -22.44 40.97
C GLY A 738 -4.69 -22.77 42.37
N GLY A 739 -5.66 -22.00 42.84
CA GLY A 739 -6.39 -22.35 44.06
C GLY A 739 -5.52 -22.55 45.28
N GLN A 740 -4.54 -21.66 45.48
CA GLN A 740 -3.66 -21.77 46.64
C GLN A 740 -4.27 -21.17 47.91
N LEU A 741 -5.42 -20.48 47.80
CA LEU A 741 -6.06 -19.92 48.97
C LEU A 741 -6.41 -20.99 49.99
N ALA A 742 -6.68 -22.22 49.53
CA ALA A 742 -6.93 -23.33 50.43
C ALA A 742 -5.80 -23.49 51.43
N SER A 743 -4.56 -23.38 50.97
CA SER A 743 -3.42 -23.46 51.88
C SER A 743 -3.53 -22.42 52.99
N TYR A 744 -3.83 -21.18 52.61
CA TYR A 744 -4.04 -20.14 53.61
C TYR A 744 -5.11 -20.54 54.61
N VAL A 745 -6.23 -21.09 54.11
CA VAL A 745 -7.32 -21.46 54.99
C VAL A 745 -6.92 -22.58 55.93
N ALA A 746 -6.02 -23.46 55.49
CA ALA A 746 -5.51 -24.51 56.36
C ALA A 746 -4.47 -24.00 57.33
N ALA A 747 -3.85 -22.86 57.03
CA ALA A 747 -2.79 -22.33 57.89
C ALA A 747 -3.36 -21.49 59.02
N TRP A 748 -4.30 -20.59 58.72
CA TRP A 748 -4.85 -19.75 59.77
C TRP A 748 -5.78 -20.52 60.70
N HIS A 749 -6.24 -21.71 60.29
CA HIS A 749 -7.00 -22.60 61.15
C HIS A 749 -6.12 -23.36 62.14
N ALA A 750 -4.80 -23.20 62.05
CA ALA A 750 -3.86 -23.94 62.89
C ALA A 750 -2.90 -23.05 63.66
N GLY A 751 -2.89 -21.75 63.40
CA GLY A 751 -2.01 -20.86 64.15
C GLY A 751 -1.41 -19.71 63.36
N ALA A 752 -1.50 -19.75 62.03
CA ALA A 752 -0.90 -18.71 61.21
C ALA A 752 -1.50 -17.34 61.54
N ASP A 753 -0.62 -16.34 61.65
CA ASP A 753 -1.01 -15.01 62.09
C ASP A 753 -1.20 -14.00 60.95
N ALA A 754 -0.49 -14.17 59.83
CA ALA A 754 -0.56 -13.16 58.78
C ALA A 754 -0.38 -13.83 57.42
N VAL A 755 -0.99 -13.23 56.40
CA VAL A 755 -0.95 -13.73 55.03
C VAL A 755 -0.71 -12.55 54.10
N ASP A 756 -0.38 -12.87 52.85
CA ASP A 756 -0.11 -11.89 51.81
C ASP A 756 -1.19 -11.94 50.74
N GLY A 757 -1.40 -10.80 50.07
CA GLY A 757 -2.42 -10.72 49.03
C GLY A 757 -2.16 -9.66 47.98
N ALA A 758 -2.37 -10.01 46.73
CA ALA A 758 -2.33 -9.09 45.59
C ALA A 758 -3.73 -8.73 45.13
N ALA A 759 -3.86 -7.52 44.61
CA ALA A 759 -5.14 -6.98 44.17
C ALA A 759 -5.66 -7.77 42.97
N ALA A 760 -7.00 -7.84 42.87
CA ALA A 760 -7.63 -8.77 41.94
C ALA A 760 -7.24 -8.55 40.47
N PRO A 761 -7.24 -7.33 39.92
CA PRO A 761 -6.82 -7.18 38.52
C PRO A 761 -5.37 -7.59 38.27
N LEU A 762 -4.52 -7.58 39.29
CA LEU A 762 -3.14 -8.05 39.12
C LEU A 762 -2.89 -9.25 40.03
N ALA A 763 -3.79 -10.25 39.96
CA ALA A 763 -3.64 -11.47 40.74
C ALA A 763 -3.84 -12.68 39.85
N GLY A 764 -3.56 -13.85 40.41
CA GLY A 764 -3.67 -15.09 39.66
C GLY A 764 -2.44 -15.35 38.81
N THR A 765 -2.51 -16.46 38.07
CA THR A 765 -1.43 -16.90 37.20
C THR A 765 -0.14 -17.08 37.99
N THR A 766 0.85 -16.23 37.76
CA THR A 766 2.13 -16.29 38.46
C THR A 766 2.21 -15.30 39.61
N SER A 767 1.11 -14.63 39.94
CA SER A 767 1.06 -13.64 41.00
C SER A 767 0.48 -14.27 42.27
N GLN A 768 0.22 -13.44 43.27
CA GLN A 768 -0.26 -13.87 44.58
C GLN A 768 -1.77 -13.92 44.61
N PRO A 769 -2.35 -14.69 45.54
CA PRO A 769 -3.81 -14.83 45.57
C PRO A 769 -4.53 -13.49 45.79
N ALA A 770 -5.76 -13.43 45.30
CA ALA A 770 -6.52 -12.19 45.30
C ALA A 770 -6.85 -11.74 46.73
N LEU A 771 -6.94 -10.43 46.90
CA LEU A 771 -7.20 -9.87 48.22
C LEU A 771 -8.67 -9.99 48.61
N SER A 772 -9.57 -9.84 47.64
CA SER A 772 -11.00 -9.94 47.90
C SER A 772 -11.37 -11.34 48.38
N SER A 773 -10.78 -12.37 47.77
CA SER A 773 -11.02 -13.74 48.23
C SER A 773 -10.55 -13.93 49.67
N ILE A 774 -9.40 -13.34 50.01
CA ILE A 774 -8.86 -13.51 51.35
C ILE A 774 -9.76 -12.82 52.37
N VAL A 775 -10.27 -11.64 52.03
CA VAL A 775 -11.14 -10.92 52.95
C VAL A 775 -12.49 -11.62 53.09
N ALA A 776 -13.01 -12.18 52.00
CA ALA A 776 -14.31 -12.84 52.04
C ALA A 776 -14.26 -14.22 52.68
N ALA A 777 -13.08 -14.85 52.73
CA ALA A 777 -12.98 -16.18 53.32
C ALA A 777 -13.00 -16.17 54.85
N ALA A 778 -12.82 -15.00 55.47
CA ALA A 778 -12.79 -14.88 56.92
C ALA A 778 -13.90 -13.98 57.47
N ALA A 779 -14.76 -13.44 56.61
CA ALA A 779 -15.84 -12.59 57.07
C ALA A 779 -16.85 -13.35 57.92
N HIS A 780 -17.33 -12.71 58.99
CA HIS A 780 -18.26 -13.32 59.94
C HIS A 780 -17.71 -14.63 60.49
N THR A 781 -16.42 -14.65 60.77
CA THR A 781 -15.77 -15.74 61.49
C THR A 781 -14.92 -15.16 62.62
N GLU A 782 -14.47 -16.04 63.50
CA GLU A 782 -13.59 -15.57 64.58
C GLU A 782 -12.23 -15.12 64.05
N TYR A 783 -11.92 -15.39 62.78
CA TYR A 783 -10.68 -14.96 62.16
C TYR A 783 -10.88 -13.72 61.29
N ASP A 784 -11.88 -12.90 61.58
CA ASP A 784 -12.21 -11.76 60.73
C ASP A 784 -11.05 -10.76 60.68
N THR A 785 -10.71 -10.33 59.47
CA THR A 785 -9.64 -9.36 59.29
C THR A 785 -10.07 -7.94 59.63
N GLY A 786 -11.36 -7.64 59.47
CA GLY A 786 -11.87 -6.30 59.71
C GLY A 786 -11.81 -5.36 58.53
N LEU A 787 -11.43 -5.84 57.35
CA LEU A 787 -11.35 -4.99 56.18
C LEU A 787 -12.68 -4.97 55.45
N SER A 788 -13.18 -3.76 55.19
CA SER A 788 -14.37 -3.58 54.36
C SER A 788 -14.17 -4.21 52.98
N LEU A 789 -15.17 -4.96 52.52
CA LEU A 789 -15.04 -5.57 51.20
C LEU A 789 -15.42 -4.62 50.08
N SER A 790 -16.39 -3.73 50.30
CA SER A 790 -16.72 -2.71 49.32
C SER A 790 -15.54 -1.77 49.08
N ALA A 791 -14.81 -1.42 50.14
CA ALA A 791 -13.67 -0.53 49.99
C ALA A 791 -12.58 -1.18 49.12
N VAL A 792 -12.31 -2.47 49.33
CA VAL A 792 -11.31 -3.15 48.52
C VAL A 792 -11.80 -3.30 47.08
N CYS A 793 -13.10 -3.51 46.89
CA CYS A 793 -13.62 -3.68 45.54
C CYS A 793 -13.65 -2.36 44.77
N ALA A 794 -13.73 -1.23 45.47
CA ALA A 794 -13.86 0.06 44.81
C ALA A 794 -12.62 0.50 44.06
N LEU A 795 -11.44 -0.08 44.34
CA LEU A 795 -10.20 0.33 43.72
C LEU A 795 -9.81 -0.51 42.51
N GLU A 796 -10.59 -1.54 42.18
CA GLU A 796 -10.24 -2.42 41.07
C GLU A 796 -10.21 -1.74 39.70
N PRO A 797 -11.16 -0.87 39.33
CA PRO A 797 -11.12 -0.29 37.98
C PRO A 797 -9.85 0.48 37.67
N TYR A 798 -9.27 1.16 38.66
CA TYR A 798 -8.01 1.86 38.44
C TYR A 798 -6.89 0.88 38.08
N TRP A 799 -6.83 -0.25 38.77
CA TRP A 799 -5.82 -1.26 38.48
C TRP A 799 -6.05 -1.86 37.10
N GLU A 800 -7.32 -2.08 36.73
CA GLU A 800 -7.65 -2.55 35.38
C GLU A 800 -7.17 -1.57 34.31
N ALA A 801 -7.44 -0.28 34.50
CA ALA A 801 -7.00 0.71 33.51
C ALA A 801 -5.49 0.79 33.45
N LEU A 802 -4.82 0.72 34.60
CA LEU A 802 -3.36 0.76 34.62
C LEU A 802 -2.77 -0.44 33.89
N ARG A 803 -3.35 -1.63 34.09
CA ARG A 803 -2.86 -2.80 33.37
C ARG A 803 -3.12 -2.68 31.87
N LYS A 804 -4.26 -2.09 31.49
CA LYS A 804 -4.52 -1.85 30.07
C LYS A 804 -3.51 -0.88 29.48
N VAL A 805 -3.03 0.08 30.26
CA VAL A 805 -2.02 1.01 29.76
C VAL A 805 -0.71 0.28 29.44
N TYR A 806 -0.30 -0.63 30.33
CA TYR A 806 0.95 -1.36 30.14
C TYR A 806 0.71 -2.61 29.27
N ALA A 807 0.33 -2.35 28.01
CA ALA A 807 0.06 -3.41 27.05
C ALA A 807 1.34 -3.97 26.40
N PRO A 808 2.28 -3.12 25.94
CA PRO A 808 3.46 -3.68 25.27
C PRO A 808 4.32 -4.55 26.17
N PHE A 809 4.23 -4.41 27.49
CA PHE A 809 5.06 -5.17 28.42
C PHE A 809 4.30 -6.30 29.09
N GLU A 810 3.30 -6.85 28.43
CA GLU A 810 2.51 -7.94 28.99
C GLU A 810 3.23 -9.26 28.82
N SER A 811 3.33 -10.02 29.93
CA SER A 811 4.03 -11.30 29.90
C SER A 811 3.32 -12.39 30.69
N GLY A 812 2.02 -12.24 30.95
CA GLY A 812 1.30 -13.23 31.71
C GLY A 812 1.03 -14.50 30.92
N LEU A 813 0.89 -15.60 31.64
CA LEU A 813 0.58 -16.88 31.02
C LEU A 813 -0.90 -16.95 30.66
N PRO A 814 -1.26 -17.86 29.74
CA PRO A 814 -2.69 -18.06 29.44
C PRO A 814 -3.56 -18.39 30.64
N GLY A 815 -3.07 -19.19 31.58
CA GLY A 815 -3.86 -19.57 32.73
C GLY A 815 -3.10 -20.43 33.73
N PRO A 816 -3.80 -21.35 34.37
CA PRO A 816 -3.13 -22.27 35.31
C PRO A 816 -2.53 -23.48 34.61
N THR A 817 -1.33 -23.84 35.06
CA THR A 817 -0.60 -24.98 34.51
C THR A 817 -0.39 -26.04 35.58
N GLY A 818 -0.67 -27.30 35.22
CA GLY A 818 -0.44 -28.40 36.14
C GLY A 818 1.00 -28.87 36.20
N ARG A 819 1.78 -28.59 35.15
CA ARG A 819 3.10 -29.17 34.98
C ARG A 819 4.11 -28.68 35.99
N VAL A 820 3.79 -27.62 36.75
CA VAL A 820 4.75 -27.03 37.68
C VAL A 820 5.19 -28.02 38.75
N TYR A 821 4.42 -29.08 38.98
CA TYR A 821 4.82 -30.11 39.95
C TYR A 821 6.04 -30.90 39.51
N HIS A 822 6.36 -30.91 38.22
CA HIS A 822 7.53 -31.63 37.73
C HIS A 822 8.72 -30.72 37.48
N HIS A 823 8.49 -29.50 37.00
CA HIS A 823 9.57 -28.61 36.61
C HIS A 823 9.53 -27.32 37.43
N GLU A 824 9.42 -27.48 38.75
CA GLU A 824 9.20 -26.39 39.69
C GLU A 824 10.10 -25.18 39.42
N ILE A 825 9.50 -24.07 39.02
CA ILE A 825 10.19 -22.84 38.65
C ILE A 825 9.47 -21.68 39.33
N PRO A 826 10.19 -20.71 39.89
CA PRO A 826 9.51 -19.56 40.50
C PRO A 826 8.65 -18.81 39.49
N GLY A 827 7.54 -18.27 39.99
CA GLY A 827 6.60 -17.59 39.12
C GLY A 827 7.16 -16.37 38.43
N GLY A 828 8.07 -15.66 39.10
CA GLY A 828 8.67 -14.47 38.52
C GLY A 828 9.59 -14.73 37.35
N GLN A 829 10.10 -15.96 37.23
CA GLN A 829 11.03 -16.30 36.16
C GLN A 829 10.33 -16.90 34.95
N LEU A 830 9.17 -17.53 35.15
CA LEU A 830 8.52 -18.29 34.09
C LEU A 830 8.13 -17.38 32.92
N SER A 831 7.71 -16.16 33.21
CA SER A 831 7.31 -15.24 32.14
C SER A 831 8.50 -14.90 31.25
N ASN A 832 9.62 -14.51 31.86
CA ASN A 832 10.82 -14.22 31.08
C ASN A 832 11.31 -15.47 30.35
N LEU A 833 11.07 -16.66 30.92
CA LEU A 833 11.47 -17.88 30.23
C LEU A 833 10.64 -18.07 28.97
N ARG A 834 9.34 -17.82 29.08
CA ARG A 834 8.46 -17.92 27.92
C ARG A 834 8.86 -16.92 26.85
N GLN A 835 9.17 -15.68 27.23
CA GLN A 835 9.62 -14.70 26.25
C GLN A 835 10.96 -15.09 25.62
N GLN A 836 11.91 -15.58 26.44
CA GLN A 836 13.20 -15.97 25.91
C GLN A 836 13.06 -17.12 24.91
N ALA A 837 12.22 -18.11 25.23
CA ALA A 837 12.01 -19.20 24.29
C ALA A 837 11.15 -18.79 23.10
N ILE A 838 10.37 -17.72 23.21
CA ILE A 838 9.75 -17.20 21.99
C ILE A 838 10.82 -16.59 21.08
N ALA A 839 11.74 -15.82 21.66
CA ALA A 839 12.56 -14.89 20.90
C ALA A 839 13.96 -15.41 20.58
N LEU A 840 14.34 -16.58 21.11
CA LEU A 840 15.69 -17.12 20.96
C LEU A 840 15.63 -18.55 20.41
N GLY A 841 14.84 -18.76 19.37
CA GLY A 841 14.82 -20.05 18.71
C GLY A 841 13.51 -20.82 18.86
N LEU A 842 13.59 -22.00 19.46
CA LEU A 842 12.44 -22.90 19.55
C LEU A 842 11.30 -22.29 20.37
N GLY A 843 10.21 -21.95 19.70
CA GLY A 843 9.08 -21.34 20.37
C GLY A 843 7.79 -22.11 20.18
N ASP A 844 7.67 -22.86 19.09
CA ASP A 844 6.49 -23.69 18.89
C ASP A 844 6.38 -24.81 19.93
N ARG A 845 7.51 -25.38 20.35
CA ARG A 845 7.51 -26.43 21.36
C ARG A 845 8.31 -25.96 22.55
N PHE A 846 7.68 -25.93 23.72
CA PHE A 846 8.30 -25.45 24.94
C PHE A 846 8.64 -26.56 25.92
N GLU A 847 8.32 -27.82 25.60
CA GLU A 847 8.61 -28.92 26.51
C GLU A 847 10.10 -29.04 26.78
N GLU A 848 10.92 -28.94 25.73
CA GLU A 848 12.34 -29.23 25.87
C GLU A 848 12.97 -28.42 26.99
N ILE A 849 12.54 -27.16 27.16
CA ILE A 849 13.04 -26.32 28.23
C ILE A 849 12.59 -26.85 29.59
N GLU A 850 11.37 -27.39 29.67
CA GLU A 850 10.87 -27.98 30.92
C GLU A 850 11.69 -29.19 31.33
N GLU A 851 11.76 -30.24 30.49
CA GLU A 851 12.60 -31.35 30.94
C GLU A 851 14.08 -31.02 30.99
N ALA A 852 14.54 -29.96 30.32
CA ALA A 852 15.94 -29.57 30.47
C ALA A 852 16.19 -28.89 31.82
N TYR A 853 15.25 -28.07 32.29
CA TYR A 853 15.32 -27.54 33.64
C TYR A 853 15.25 -28.66 34.67
N ALA A 854 14.39 -29.66 34.43
CA ALA A 854 14.33 -30.82 35.31
C ALA A 854 15.68 -31.56 35.36
N GLY A 855 16.28 -31.79 34.19
CA GLY A 855 17.56 -32.49 34.16
C GLY A 855 18.67 -31.70 34.82
N ALA A 856 18.71 -30.38 34.57
CA ALA A 856 19.72 -29.55 35.22
C ALA A 856 19.55 -29.52 36.73
N ASP A 857 18.31 -29.50 37.20
CA ASP A 857 18.07 -29.56 38.65
C ASP A 857 18.50 -30.90 39.23
N ARG A 858 18.25 -31.99 38.50
CA ARG A 858 18.62 -33.31 39.01
C ARG A 858 20.14 -33.52 38.98
N VAL A 859 20.84 -32.88 38.04
CA VAL A 859 22.28 -33.04 37.95
C VAL A 859 22.97 -32.47 39.17
N LEU A 860 22.57 -31.26 39.60
CA LEU A 860 23.17 -30.62 40.76
C LEU A 860 22.58 -31.11 42.07
N GLY A 861 21.59 -31.99 42.04
CA GLY A 861 21.11 -32.62 43.26
C GLY A 861 20.12 -31.81 44.07
N ARG A 862 18.98 -31.48 43.47
CA ARG A 862 17.83 -30.91 44.19
C ARG A 862 18.21 -29.60 44.89
N LEU A 863 18.52 -28.60 44.09
CA LEU A 863 18.90 -27.29 44.61
C LEU A 863 17.68 -26.49 45.02
N VAL A 864 17.87 -25.63 46.02
CA VAL A 864 16.83 -24.70 46.49
C VAL A 864 17.12 -23.34 45.86
N LYS A 865 16.32 -22.96 44.87
CA LYS A 865 16.56 -21.77 44.08
C LYS A 865 15.44 -20.76 44.31
N VAL A 866 15.79 -19.48 44.45
CA VAL A 866 14.79 -18.44 44.36
C VAL A 866 15.20 -17.36 43.36
N THR A 867 16.09 -16.44 43.78
CA THR A 867 16.73 -15.57 42.79
C THR A 867 18.09 -16.11 42.34
N PRO A 868 19.04 -16.39 43.27
CA PRO A 868 20.45 -16.58 42.87
C PRO A 868 20.67 -17.84 42.06
N THR A 869 20.22 -18.96 42.60
CA THR A 869 20.43 -20.27 41.98
C THR A 869 19.36 -20.61 40.95
N SER A 870 18.42 -19.70 40.70
CA SER A 870 17.47 -19.90 39.61
C SER A 870 18.09 -19.60 38.25
N LYS A 871 18.85 -18.51 38.15
CA LYS A 871 19.43 -18.11 36.88
C LYS A 871 20.52 -19.06 36.41
N VAL A 872 21.29 -19.64 37.35
CA VAL A 872 22.32 -20.61 36.95
C VAL A 872 21.68 -21.83 36.30
N VAL A 873 20.60 -22.34 36.90
CA VAL A 873 19.91 -23.50 36.33
C VAL A 873 19.23 -23.13 35.02
N GLY A 874 18.70 -21.91 34.91
CA GLY A 874 18.12 -21.47 33.66
C GLY A 874 19.14 -21.43 32.54
N ASP A 875 20.31 -20.84 32.80
CA ASP A 875 21.39 -20.83 31.82
C ASP A 875 21.87 -22.23 31.50
N LEU A 876 21.82 -23.14 32.47
CA LEU A 876 22.30 -24.49 32.21
C LEU A 876 21.32 -25.25 31.33
N ALA A 877 20.01 -25.10 31.58
CA ALA A 877 19.02 -25.66 30.65
C ALA A 877 19.15 -25.04 29.28
N LEU A 878 19.41 -23.74 29.21
CA LEU A 878 19.61 -23.07 27.92
C LEU A 878 20.78 -23.69 27.15
N ALA A 879 21.93 -23.82 27.80
CA ALA A 879 23.09 -24.43 27.13
C ALA A 879 22.81 -25.88 26.76
N LEU A 880 22.12 -26.62 27.64
CA LEU A 880 21.83 -28.03 27.40
C LEU A 880 20.96 -28.20 26.16
N VAL A 881 19.92 -27.38 26.05
CA VAL A 881 19.03 -27.47 24.89
C VAL A 881 19.74 -27.00 23.63
N GLY A 882 20.62 -26.00 23.76
CA GLY A 882 21.36 -25.53 22.60
C GLY A 882 22.51 -26.41 22.17
N ALA A 883 22.93 -27.37 22.98
CA ALA A 883 24.06 -28.22 22.67
C ALA A 883 23.67 -29.66 22.38
N GLY A 884 22.37 -29.99 22.39
CA GLY A 884 21.93 -31.33 22.08
C GLY A 884 22.09 -32.34 23.20
N VAL A 885 22.47 -31.92 24.39
CA VAL A 885 22.59 -32.84 25.52
C VAL A 885 21.18 -33.24 25.95
N SER A 886 20.84 -34.51 25.74
CA SER A 886 19.47 -34.96 25.99
C SER A 886 19.09 -34.83 27.47
N ALA A 887 19.67 -35.68 28.32
CA ALA A 887 19.43 -35.55 29.76
C ALA A 887 20.65 -35.80 30.64
N ASP A 888 21.63 -36.60 30.21
CA ASP A 888 22.64 -37.09 31.15
C ASP A 888 24.09 -37.03 30.65
N GLU A 889 24.34 -36.92 29.35
CA GLU A 889 25.72 -37.02 28.88
C GLU A 889 26.54 -35.77 29.20
N PHE A 890 25.91 -34.72 29.71
CA PHE A 890 26.68 -33.56 30.19
C PHE A 890 27.58 -33.96 31.35
N ALA A 891 27.10 -34.82 32.24
CA ALA A 891 27.89 -35.32 33.36
C ALA A 891 28.98 -36.27 32.92
N SER A 892 29.08 -36.59 31.63
CA SER A 892 30.12 -37.49 31.10
C SER A 892 31.32 -36.75 30.56
N ASP A 893 31.12 -35.62 29.87
CA ASP A 893 32.20 -34.84 29.28
C ASP A 893 31.96 -33.37 29.58
N PRO A 894 32.09 -32.96 30.84
CA PRO A 894 31.89 -31.54 31.18
C PRO A 894 32.92 -30.62 30.55
N ALA A 895 34.16 -31.08 30.36
CA ALA A 895 35.24 -30.22 29.88
C ALA A 895 35.10 -29.86 28.42
N ARG A 896 34.18 -30.49 27.68
CA ARG A 896 34.01 -30.25 26.25
C ARG A 896 32.80 -29.38 25.95
N PHE A 897 32.52 -28.38 26.79
CA PHE A 897 31.36 -27.53 26.62
C PHE A 897 31.71 -26.10 26.99
N GLY A 898 30.76 -25.19 26.73
CA GLY A 898 30.92 -23.78 26.99
C GLY A 898 30.14 -23.31 28.21
N ILE A 899 30.23 -24.09 29.29
CA ILE A 899 29.47 -23.89 30.53
C ILE A 899 29.43 -22.42 30.92
N PRO A 900 28.25 -21.85 31.20
CA PRO A 900 28.16 -20.43 31.55
C PRO A 900 28.92 -20.13 32.84
N GLU A 901 29.50 -18.93 32.90
CA GLU A 901 30.35 -18.57 34.03
C GLU A 901 29.60 -18.56 35.36
N SER A 902 28.29 -18.32 35.35
CA SER A 902 27.54 -18.40 36.60
C SER A 902 27.62 -19.80 37.19
N VAL A 903 27.68 -20.82 36.34
CA VAL A 903 27.72 -22.21 36.79
C VAL A 903 29.07 -22.52 37.42
N LEU A 904 30.15 -22.05 36.79
CA LEU A 904 31.47 -22.21 37.39
C LEU A 904 31.57 -21.46 38.72
N GLY A 905 30.92 -20.30 38.81
CA GLY A 905 30.94 -19.56 40.06
C GLY A 905 30.13 -20.24 41.14
N PHE A 906 29.06 -20.94 40.77
CA PHE A 906 28.36 -21.80 41.71
C PHE A 906 29.26 -22.93 42.20
N LEU A 907 29.90 -23.63 41.26
CA LEU A 907 30.80 -24.73 41.61
C LEU A 907 31.97 -24.27 42.44
N ARG A 908 32.37 -22.99 42.33
CA ARG A 908 33.49 -22.50 43.11
C ARG A 908 33.15 -22.40 44.59
N GLY A 909 31.92 -22.05 44.92
CA GLY A 909 31.45 -22.06 46.29
C GLY A 909 31.39 -20.71 46.97
N GLU A 910 30.96 -19.67 46.26
CA GLU A 910 30.74 -18.37 46.88
C GLU A 910 29.29 -18.13 47.28
N LEU A 911 28.37 -19.00 46.87
CA LEU A 911 26.98 -18.91 47.30
C LEU A 911 26.68 -19.76 48.52
N GLY A 912 27.68 -20.45 49.08
CA GLY A 912 27.47 -21.30 50.23
C GLY A 912 27.61 -22.78 49.88
N ASP A 913 26.91 -23.64 50.61
CA ASP A 913 26.93 -25.05 50.32
C ASP A 913 25.52 -25.57 50.08
N PRO A 914 25.36 -26.56 49.19
CA PRO A 914 24.02 -27.09 48.92
C PRO A 914 23.46 -27.80 50.13
N PRO A 915 22.13 -27.84 50.28
CA PRO A 915 21.54 -28.49 51.46
C PRO A 915 21.78 -29.98 51.48
N GLY A 916 21.44 -30.64 50.37
CA GLY A 916 21.64 -32.08 50.28
C GLY A 916 23.10 -32.48 50.28
N GLY A 917 23.92 -31.75 49.55
CA GLY A 917 25.34 -32.05 49.49
C GLY A 917 25.90 -31.76 48.12
N TRP A 918 27.23 -31.84 48.03
CA TRP A 918 27.91 -31.56 46.78
C TRP A 918 27.60 -32.66 45.76
N PRO A 919 27.14 -32.31 44.57
CA PRO A 919 26.73 -33.33 43.59
C PRO A 919 27.89 -33.81 42.73
N GLU A 920 29.12 -33.57 43.17
CA GLU A 920 30.31 -33.81 42.35
C GLU A 920 31.24 -34.83 43.02
N PRO A 921 30.86 -36.12 43.02
CA PRO A 921 31.85 -37.16 43.32
C PRO A 921 32.58 -37.58 42.05
N LEU A 922 31.93 -37.37 40.90
CA LEU A 922 32.54 -37.60 39.59
C LEU A 922 32.37 -36.44 38.62
N ARG A 923 31.58 -35.43 38.97
CA ARG A 923 31.31 -34.31 38.06
C ARG A 923 32.59 -33.55 37.73
N THR A 924 33.18 -32.92 38.74
CA THR A 924 34.47 -32.25 38.62
C THR A 924 35.31 -32.60 39.84
N ALA A 925 36.63 -32.68 39.62
CA ALA A 925 37.54 -32.96 40.72
C ALA A 925 37.57 -31.80 41.71
N ALA A 926 38.01 -30.63 41.26
CA ALA A 926 37.83 -29.37 41.97
C ALA A 926 37.03 -28.36 41.15
N LEU A 927 37.48 -28.09 39.93
CA LEU A 927 36.77 -27.19 39.03
C LEU A 927 36.81 -27.67 37.59
N ALA A 928 37.37 -28.86 37.32
CA ALA A 928 37.61 -29.40 35.98
C ALA A 928 38.77 -28.69 35.28
N GLY A 929 39.73 -28.19 36.06
CA GLY A 929 40.94 -27.59 35.54
C GLY A 929 40.70 -26.38 34.66
N ARG A 930 39.87 -25.45 35.15
CA ARG A 930 39.58 -24.24 34.40
C ARG A 930 40.65 -23.18 34.67
N GLY A 931 40.84 -22.83 35.93
CA GLY A 931 41.73 -21.77 36.35
C GLY A 931 41.66 -21.41 37.82
N ALA A 932 41.62 -20.12 38.12
CA ALA A 932 41.55 -19.64 39.49
C ALA A 932 40.37 -18.69 39.66
N ALA A 933 40.30 -18.02 40.81
CA ALA A 933 39.21 -17.11 41.12
C ALA A 933 39.70 -15.67 41.18
N ARG A 934 38.87 -14.75 40.71
CA ARG A 934 39.34 -13.38 40.57
C ARG A 934 39.39 -12.66 41.91
N PRO A 935 40.36 -11.76 42.08
CA PRO A 935 40.51 -11.03 43.34
C PRO A 935 39.40 -9.99 43.51
N THR A 936 39.34 -9.44 44.71
CA THR A 936 38.39 -8.38 45.05
C THR A 936 39.17 -7.20 45.62
N ALA A 937 38.87 -5.99 45.13
CA ALA A 937 39.60 -4.82 45.55
C ALA A 937 38.97 -4.19 46.79
N GLN A 938 39.81 -3.72 47.71
CA GLN A 938 39.33 -3.08 48.92
C GLN A 938 38.72 -1.71 48.62
N LEU A 939 37.70 -1.36 49.39
CA LEU A 939 37.02 -0.08 49.22
C LEU A 939 37.98 1.07 49.48
N ALA A 940 37.79 2.16 48.74
CA ALA A 940 38.64 3.35 48.90
C ALA A 940 38.18 4.17 50.09
N ALA A 941 39.16 4.75 50.79
CA ALA A 941 38.90 5.39 52.09
C ALA A 941 37.81 6.45 52.03
N ASP A 942 37.72 7.19 50.91
CA ASP A 942 36.68 8.21 50.80
C ASP A 942 35.28 7.62 50.83
N ASP A 943 35.12 6.41 50.31
CA ASP A 943 33.80 5.79 50.33
C ASP A 943 33.41 5.40 51.75
N GLU A 944 34.37 4.87 52.52
CA GLU A 944 34.11 4.56 53.92
C GLU A 944 33.79 5.84 54.69
N ILE A 945 34.48 6.93 54.35
CA ILE A 945 34.20 8.23 54.97
C ILE A 945 32.76 8.66 54.65
N ALA A 946 32.36 8.57 53.38
CA ALA A 946 31.04 9.07 53.02
C ALA A 946 29.92 8.14 53.49
N LEU A 947 30.23 6.88 53.79
CA LEU A 947 29.21 5.91 54.21
C LEU A 947 28.78 6.10 55.65
N SER A 948 29.48 6.93 56.42
CA SER A 948 29.22 7.07 57.85
C SER A 948 28.20 8.16 58.16
N SER A 949 28.02 9.11 57.24
CA SER A 949 27.07 10.21 57.37
C SER A 949 25.80 9.92 56.57
N VAL A 950 24.70 10.47 57.05
CA VAL A 950 23.37 10.26 56.47
C VAL A 950 23.04 11.45 55.59
N GLY A 951 22.60 11.18 54.37
CA GLY A 951 22.24 12.23 53.45
C GLY A 951 22.20 11.71 52.02
N ALA A 952 21.98 12.63 51.09
CA ALA A 952 21.94 12.26 49.68
C ALA A 952 23.28 11.78 49.18
N LYS A 953 24.37 12.20 49.83
CA LYS A 953 25.70 11.73 49.44
C LYS A 953 25.83 10.22 49.64
N ARG A 954 25.34 9.71 50.78
CA ARG A 954 25.38 8.28 51.03
C ARG A 954 24.56 7.52 50.01
N GLN A 955 23.39 8.07 49.65
CA GLN A 955 22.53 7.42 48.67
C GLN A 955 23.20 7.37 47.30
N ALA A 956 23.83 8.46 46.88
CA ALA A 956 24.55 8.46 45.60
C ALA A 956 25.71 7.47 45.65
N THR A 957 26.41 7.39 46.79
CA THR A 957 27.55 6.51 46.88
C THR A 957 27.13 5.05 46.85
N LEU A 958 25.97 4.74 47.45
CA LEU A 958 25.41 3.39 47.33
C LEU A 958 24.98 3.10 45.90
N ASN A 959 24.35 4.06 45.23
CA ASN A 959 23.92 3.83 43.86
C ASN A 959 25.11 3.55 42.95
N ARG A 960 26.18 4.32 43.10
CA ARG A 960 27.37 4.11 42.27
C ARG A 960 28.12 2.82 42.66
N LEU A 961 28.13 2.47 43.94
CA LEU A 961 28.84 1.27 44.37
C LEU A 961 28.09 -0.01 44.03
N LEU A 962 26.77 0.05 43.83
CA LEU A 962 26.00 -1.15 43.55
C LEU A 962 25.87 -1.42 42.05
N PHE A 963 25.40 -0.44 41.28
CA PHE A 963 25.20 -0.57 39.84
C PHE A 963 25.87 0.59 39.14
N PRO A 964 27.16 0.49 38.84
CA PRO A 964 27.88 1.66 38.25
C PRO A 964 27.37 2.10 36.89
N SER A 965 27.28 1.18 35.93
CA SER A 965 26.97 1.58 34.55
C SER A 965 25.58 2.19 34.42
N PRO A 966 24.53 1.61 34.98
CA PRO A 966 23.19 2.18 34.81
C PRO A 966 23.00 3.46 35.61
N THR A 967 23.65 3.60 36.77
CA THR A 967 23.55 4.87 37.49
C THR A 967 24.32 5.97 36.76
N LYS A 968 25.39 5.62 36.03
CA LYS A 968 26.09 6.62 35.24
C LYS A 968 25.25 7.04 34.03
N GLU A 969 24.60 6.07 33.39
CA GLU A 969 23.64 6.41 32.35
C GLU A 969 22.50 7.27 32.88
N PHE A 970 21.99 6.96 34.08
CA PHE A 970 20.92 7.74 34.68
C PHE A 970 21.39 9.16 34.98
N ASN A 971 22.63 9.31 35.46
CA ASN A 971 23.15 10.65 35.73
C ASN A 971 23.30 11.45 34.45
N GLU A 972 23.79 10.82 33.37
CA GLU A 972 23.88 11.51 32.09
C GLU A 972 22.50 11.92 31.59
N HIS A 973 21.52 11.02 31.70
CA HIS A 973 20.17 11.33 31.24
C HIS A 973 19.56 12.47 32.02
N ARG A 974 19.78 12.48 33.35
CA ARG A 974 19.24 13.54 34.20
C ARG A 974 19.91 14.88 33.93
N GLU A 975 21.21 14.87 33.65
CA GLU A 975 21.87 16.09 33.20
C GLU A 975 21.30 16.57 31.88
N ALA A 976 21.02 15.66 30.94
CA ALA A 976 20.60 16.06 29.61
C ALA A 976 19.17 16.60 29.62
N TYR A 977 18.26 15.92 30.29
CA TYR A 977 16.83 16.14 30.15
C TYR A 977 16.15 16.50 31.46
N GLY A 978 16.90 17.03 32.42
CA GLY A 978 16.32 17.43 33.70
C GLY A 978 15.66 16.27 34.42
N ASP A 979 14.54 16.57 35.07
CA ASP A 979 13.79 15.60 35.85
C ASP A 979 12.51 15.24 35.12
N THR A 980 12.39 13.96 34.72
CA THR A 980 11.25 13.46 33.98
C THR A 980 10.45 12.43 34.76
N SER A 981 10.72 12.27 36.06
CA SER A 981 10.00 11.29 36.85
C SER A 981 8.58 11.71 37.17
N GLN A 982 8.20 12.95 36.86
CA GLN A 982 6.86 13.45 37.11
C GLN A 982 5.92 13.22 35.94
N LEU A 983 6.42 12.68 34.83
CA LEU A 983 5.58 12.42 33.66
C LEU A 983 4.75 11.16 33.87
N SER A 984 3.71 11.03 33.05
CA SER A 984 2.85 9.86 33.10
C SER A 984 3.40 8.77 32.19
N ALA A 985 2.78 7.59 32.26
CA ALA A 985 3.22 6.48 31.40
C ALA A 985 3.01 6.81 29.93
N ASN A 986 1.90 7.51 29.62
CA ASN A 986 1.56 7.78 28.23
C ASN A 986 2.56 8.74 27.58
N GLN A 987 2.86 9.86 28.24
CA GLN A 987 3.86 10.79 27.73
C GLN A 987 5.24 10.16 27.71
N PHE A 988 5.60 9.40 28.76
CA PHE A 988 6.96 8.86 28.84
C PHE A 988 7.21 7.82 27.76
N PHE A 989 6.24 6.96 27.48
CA PHE A 989 6.46 5.85 26.56
C PHE A 989 6.03 6.14 25.13
N TYR A 990 5.04 6.99 24.93
CA TYR A 990 4.49 7.20 23.59
C TYR A 990 4.82 8.58 23.02
N GLY A 991 4.42 9.64 23.69
CA GLY A 991 4.77 10.98 23.25
C GLY A 991 3.62 11.98 23.30
N LEU A 992 3.53 12.83 22.28
CA LEU A 992 2.52 13.87 22.21
C LEU A 992 1.63 13.66 21.00
N ARG A 993 0.32 13.85 21.16
CA ARG A 993 -0.63 13.72 20.03
C ARG A 993 -1.35 15.06 19.83
N GLN A 994 -2.04 15.24 18.70
CA GLN A 994 -2.65 16.55 18.37
C GLN A 994 -4.11 16.66 18.85
N GLY A 995 -4.43 17.71 19.59
CA GLY A 995 -5.80 17.89 20.11
C GLY A 995 -5.91 17.67 21.60
N GLU A 996 -4.87 17.15 22.23
CA GLU A 996 -4.86 16.88 23.66
C GLU A 996 -3.88 17.80 24.37
N GLU A 997 -4.21 18.14 25.60
CA GLU A 997 -3.42 19.03 26.45
C GLU A 997 -3.01 18.30 27.72
N HIS A 998 -1.72 18.37 28.05
CA HIS A 998 -1.14 17.65 29.17
C HIS A 998 -0.72 18.62 30.27
N ARG A 999 -0.93 18.22 31.52
CA ARG A 999 -0.51 19.00 32.68
C ARG A 999 0.61 18.26 33.40
N VAL A 1000 1.74 18.93 33.58
CA VAL A 1000 2.91 18.35 34.23
C VAL A 1000 3.26 19.23 35.43
N LYS A 1001 3.33 18.61 36.61
CA LYS A 1001 3.56 19.36 37.85
C LYS A 1001 5.05 19.44 38.13
N LEU A 1002 5.57 20.66 38.17
CA LEU A 1002 6.98 20.91 38.52
C LEU A 1002 7.16 21.17 40.00
N GLU A 1003 6.44 22.16 40.55
CA GLU A 1003 6.50 22.48 41.97
C GLU A 1003 5.10 22.82 42.46
N ARG A 1004 5.00 23.12 43.75
CA ARG A 1004 3.71 23.51 44.34
C ARG A 1004 3.28 24.84 43.77
N GLY A 1005 2.25 24.83 42.93
CA GLY A 1005 1.82 26.02 42.22
C GLY A 1005 2.55 26.27 40.92
N VAL A 1006 3.51 25.42 40.55
CA VAL A 1006 4.28 25.57 39.32
C VAL A 1006 3.93 24.37 38.43
N GLU A 1007 3.06 24.61 37.46
CA GLU A 1007 2.59 23.57 36.54
C GLU A 1007 2.79 24.03 35.10
N LEU A 1008 2.99 23.05 34.21
CA LEU A 1008 3.27 23.31 32.80
C LEU A 1008 2.21 22.62 31.94
N LEU A 1009 1.72 23.35 30.93
CA LEU A 1009 0.66 22.88 30.05
C LEU A 1009 1.23 22.71 28.64
N ILE A 1010 1.31 21.46 28.18
CA ILE A 1010 2.03 21.10 26.97
C ILE A 1010 1.06 20.52 25.95
N GLY A 1011 1.25 20.90 24.68
CA GLY A 1011 0.45 20.38 23.60
C GLY A 1011 1.25 20.36 22.31
N LEU A 1012 0.63 19.82 21.26
CA LEU A 1012 1.26 19.68 19.95
C LEU A 1012 0.47 20.45 18.91
N GLU A 1013 1.16 20.95 17.89
CA GLU A 1013 0.53 21.67 16.80
C GLU A 1013 0.75 20.99 15.46
N ALA A 1014 2.01 20.75 15.05
CA ALA A 1014 2.20 20.13 13.74
C ALA A 1014 3.63 19.63 13.60
N ILE A 1015 3.86 18.82 12.56
CA ILE A 1015 5.18 18.23 12.34
C ILE A 1015 5.47 18.32 10.85
N SER A 1016 6.70 18.72 10.50
CA SER A 1016 7.10 18.83 9.10
C SER A 1016 7.87 17.59 8.67
N GLU A 1017 7.80 17.28 7.38
CA GLU A 1017 8.53 16.14 6.85
C GLU A 1017 10.03 16.48 6.76
N PRO A 1018 10.89 15.47 6.85
CA PRO A 1018 12.33 15.74 6.92
C PRO A 1018 12.89 16.36 5.65
N ASP A 1019 13.88 17.22 5.84
CA ASP A 1019 14.58 17.90 4.76
C ASP A 1019 15.60 16.94 4.15
N GLU A 1020 16.56 17.48 3.39
CA GLU A 1020 17.59 16.63 2.81
C GLU A 1020 18.40 15.93 3.88
N ARG A 1021 18.48 16.51 5.08
CA ARG A 1021 19.07 15.83 6.22
C ARG A 1021 18.06 14.90 6.88
N GLY A 1022 18.36 14.41 8.08
CA GLY A 1022 17.39 13.63 8.83
C GLY A 1022 16.64 14.47 9.84
N MET A 1023 16.66 15.79 9.67
CA MET A 1023 16.16 16.71 10.67
C MET A 1023 14.73 17.12 10.34
N ARG A 1024 13.87 17.12 11.35
CA ARG A 1024 12.49 17.58 11.25
C ARG A 1024 12.26 18.69 12.26
N THR A 1025 11.22 19.51 11.99
CA THR A 1025 10.81 20.57 12.91
C THR A 1025 9.42 20.26 13.43
N VAL A 1026 9.28 20.28 14.75
CA VAL A 1026 8.01 19.98 15.42
C VAL A 1026 7.56 21.28 16.07
N MET A 1027 6.34 21.71 15.75
CA MET A 1027 5.74 22.89 16.37
C MET A 1027 4.85 22.44 17.52
N CYS A 1028 5.18 22.87 18.73
CA CYS A 1028 4.45 22.51 19.94
C CYS A 1028 3.93 23.76 20.62
N ILE A 1029 3.12 23.56 21.66
CA ILE A 1029 2.55 24.63 22.45
C ILE A 1029 2.96 24.44 23.89
N LEU A 1030 3.54 25.49 24.49
CA LEU A 1030 3.92 25.50 25.90
C LEU A 1030 3.35 26.76 26.54
N ASN A 1031 2.47 26.56 27.52
CA ASN A 1031 1.80 27.66 28.23
C ASN A 1031 1.09 28.59 27.25
N GLY A 1032 0.51 28.01 26.20
CA GLY A 1032 -0.19 28.80 25.20
C GLY A 1032 0.70 29.55 24.25
N GLN A 1033 1.97 29.17 24.12
CA GLN A 1033 2.91 29.85 23.23
C GLN A 1033 3.52 28.84 22.28
N LEU A 1034 3.71 29.25 21.02
CA LEU A 1034 4.24 28.37 19.99
C LEU A 1034 5.76 28.22 20.16
N ARG A 1035 6.23 26.98 19.98
CA ARG A 1035 7.65 26.66 20.11
C ARG A 1035 8.09 25.69 19.01
N PRO A 1036 9.04 26.08 18.16
CA PRO A 1036 9.63 25.12 17.21
C PRO A 1036 10.81 24.37 17.81
N VAL A 1037 10.84 23.05 17.62
CA VAL A 1037 11.93 22.21 18.12
C VAL A 1037 12.50 21.41 16.95
N LEU A 1038 13.82 21.39 16.84
CA LEU A 1038 14.52 20.66 15.78
C LEU A 1038 14.94 19.31 16.32
N VAL A 1039 14.51 18.23 15.65
CA VAL A 1039 14.74 16.87 16.12
C VAL A 1039 15.31 16.04 14.98
N ARG A 1040 15.93 14.93 15.35
CA ARG A 1040 16.56 14.02 14.39
C ARG A 1040 15.71 12.75 14.28
N ASP A 1041 15.34 12.40 13.05
CA ASP A 1041 14.56 11.21 12.75
C ASP A 1041 15.53 10.09 12.36
N ARG A 1042 15.75 9.15 13.28
CA ARG A 1042 16.70 8.07 13.05
C ARG A 1042 16.17 7.00 12.10
N SER A 1043 14.90 7.08 11.70
CA SER A 1043 14.34 6.07 10.81
C SER A 1043 14.90 6.18 9.41
N ILE A 1044 15.00 7.41 8.87
CA ILE A 1044 15.46 7.60 7.50
C ILE A 1044 16.98 7.70 7.40
N ALA A 1045 17.68 7.85 8.52
CA ALA A 1045 19.14 7.95 8.56
C ALA A 1045 19.65 9.06 7.64
N MET B 1 -0.49 -46.59 -54.38
CA MET B 1 -1.75 -46.16 -53.80
C MET B 1 -1.91 -44.64 -53.88
N PHE B 2 -2.90 -44.11 -53.17
CA PHE B 2 -3.12 -42.68 -53.15
C PHE B 2 -1.99 -41.96 -52.43
N SER B 3 -1.57 -40.82 -52.98
CA SER B 3 -0.54 -40.02 -52.32
C SER B 3 -1.10 -39.26 -51.13
N LYS B 4 -2.32 -38.73 -51.26
CA LYS B 4 -2.93 -37.95 -50.19
C LYS B 4 -4.44 -38.14 -50.23
N VAL B 5 -5.07 -38.03 -49.06
CA VAL B 5 -6.51 -38.20 -48.92
C VAL B 5 -7.03 -37.13 -47.98
N LEU B 6 -8.21 -36.57 -48.31
CA LEU B 6 -8.87 -35.58 -47.49
C LEU B 6 -10.11 -36.21 -46.86
N VAL B 7 -10.28 -35.98 -45.56
CA VAL B 7 -11.42 -36.52 -44.81
C VAL B 7 -12.35 -35.38 -44.49
N ALA B 8 -13.54 -35.40 -45.08
CA ALA B 8 -14.56 -34.37 -44.85
C ALA B 8 -15.58 -34.84 -43.80
N ASN B 9 -15.09 -35.05 -42.59
CA ASN B 9 -15.92 -35.51 -41.49
C ASN B 9 -15.32 -35.03 -40.18
N ARG B 10 -15.98 -35.39 -39.08
CA ARG B 10 -15.60 -34.92 -37.76
C ARG B 10 -15.79 -36.06 -36.75
N GLY B 11 -14.94 -36.06 -35.72
CA GLY B 11 -15.10 -37.00 -34.63
C GLY B 11 -14.20 -38.21 -34.66
N GLU B 12 -14.67 -39.32 -34.12
CA GLU B 12 -13.85 -40.53 -34.02
C GLU B 12 -13.69 -41.22 -35.37
N ILE B 13 -14.64 -41.04 -36.28
CA ILE B 13 -14.51 -41.65 -37.61
C ILE B 13 -13.35 -41.04 -38.36
N ALA B 14 -13.11 -39.73 -38.19
CA ALA B 14 -11.96 -39.09 -38.82
C ALA B 14 -10.66 -39.66 -38.27
N ILE B 15 -10.59 -39.89 -36.97
CA ILE B 15 -9.38 -40.46 -36.37
C ILE B 15 -9.16 -41.90 -36.85
N ARG B 16 -10.26 -42.67 -36.98
CA ARG B 16 -10.15 -44.01 -37.52
C ARG B 16 -9.62 -44.00 -38.94
N ALA B 17 -10.13 -43.08 -39.77
CA ALA B 17 -9.65 -42.96 -41.14
C ALA B 17 -8.18 -42.55 -41.17
N PHE B 18 -7.78 -41.64 -40.28
CA PHE B 18 -6.38 -41.22 -40.21
C PHE B 18 -5.47 -42.40 -39.84
N ARG B 19 -5.90 -43.21 -38.87
CA ARG B 19 -5.11 -44.37 -38.48
C ARG B 19 -4.99 -45.36 -39.63
N ALA B 20 -6.11 -45.62 -40.32
CA ALA B 20 -6.07 -46.54 -41.45
C ALA B 20 -5.16 -46.03 -42.55
N ALA B 21 -5.21 -44.72 -42.83
CA ALA B 21 -4.34 -44.14 -43.85
C ALA B 21 -2.88 -44.23 -43.46
N TYR B 22 -2.57 -43.96 -42.18
CA TYR B 22 -1.18 -44.06 -41.74
C TYR B 22 -0.68 -45.50 -41.82
N GLU B 23 -1.55 -46.47 -41.55
CA GLU B 23 -1.15 -47.86 -41.72
C GLU B 23 -0.82 -48.18 -43.17
N LEU B 24 -1.43 -47.48 -44.11
CA LEU B 24 -1.19 -47.69 -45.54
C LEU B 24 -0.16 -46.72 -46.11
N GLY B 25 0.44 -45.87 -45.29
CA GLY B 25 1.41 -44.90 -45.78
C GLY B 25 0.84 -43.83 -46.68
N VAL B 26 -0.30 -43.25 -46.31
CA VAL B 26 -0.97 -42.23 -47.11
C VAL B 26 -1.09 -40.97 -46.25
N GLY B 27 -0.78 -39.82 -46.85
CA GLY B 27 -0.94 -38.56 -46.14
C GLY B 27 -2.39 -38.20 -45.91
N THR B 28 -2.61 -37.32 -44.95
CA THR B 28 -3.96 -36.96 -44.51
C THR B 28 -4.11 -35.45 -44.43
N VAL B 29 -5.32 -34.98 -44.75
CA VAL B 29 -5.67 -33.57 -44.70
C VAL B 29 -7.01 -33.43 -43.98
N ALA B 30 -7.11 -32.42 -43.11
CA ALA B 30 -8.31 -32.20 -42.32
C ALA B 30 -8.84 -30.79 -42.53
N VAL B 31 -10.16 -30.65 -42.38
CA VAL B 31 -10.84 -29.36 -42.51
C VAL B 31 -11.72 -29.15 -41.28
N TYR B 32 -11.69 -27.94 -40.74
CA TYR B 32 -12.42 -27.63 -39.53
C TYR B 32 -13.04 -26.24 -39.61
N PRO B 33 -14.19 -26.03 -38.98
CA PRO B 33 -14.74 -24.69 -38.83
C PRO B 33 -14.07 -23.95 -37.68
N TYR B 34 -14.35 -22.65 -37.60
CA TYR B 34 -13.78 -21.84 -36.53
C TYR B 34 -14.29 -22.27 -35.16
N GLU B 35 -15.58 -22.58 -35.06
CA GLU B 35 -16.17 -22.96 -33.78
C GLU B 35 -15.70 -24.32 -33.29
N ASP B 36 -15.05 -25.12 -34.12
CA ASP B 36 -14.58 -26.45 -33.76
C ASP B 36 -13.06 -26.53 -33.86
N ARG B 37 -12.39 -25.44 -33.52
CA ARG B 37 -10.93 -25.40 -33.61
C ARG B 37 -10.26 -26.22 -32.52
N ASN B 38 -10.98 -26.57 -31.46
CA ASN B 38 -10.42 -27.27 -30.32
C ASN B 38 -10.66 -28.78 -30.39
N SER B 39 -11.14 -29.30 -31.52
CA SER B 39 -11.35 -30.72 -31.65
C SER B 39 -10.02 -31.45 -31.77
N GLN B 40 -10.03 -32.73 -31.39
CA GLN B 40 -8.79 -33.52 -31.40
C GLN B 40 -8.35 -33.85 -32.81
N HIS B 41 -9.30 -34.14 -33.71
CA HIS B 41 -8.96 -34.57 -35.06
C HIS B 41 -8.16 -33.52 -35.82
N ARG B 42 -8.21 -32.26 -35.39
CA ARG B 42 -7.39 -31.23 -36.02
C ARG B 42 -5.91 -31.48 -35.81
N LEU B 43 -5.52 -31.92 -34.61
CA LEU B 43 -4.11 -32.12 -34.30
C LEU B 43 -3.63 -33.54 -34.59
N LYS B 44 -4.51 -34.41 -35.09
CA LYS B 44 -4.13 -35.77 -35.43
C LYS B 44 -3.77 -35.94 -36.90
N ALA B 45 -3.89 -34.89 -37.70
CA ALA B 45 -3.63 -34.95 -39.13
C ALA B 45 -2.34 -34.21 -39.47
N ASP B 46 -1.80 -34.52 -40.65
CA ASP B 46 -0.57 -33.88 -41.09
C ASP B 46 -0.79 -32.40 -41.39
N GLU B 47 -1.90 -32.07 -42.06
CA GLU B 47 -2.22 -30.69 -42.39
C GLU B 47 -3.69 -30.43 -42.09
N SER B 48 -4.00 -29.21 -41.65
CA SER B 48 -5.36 -28.80 -41.32
C SER B 48 -5.65 -27.45 -41.94
N TYR B 49 -6.90 -27.26 -42.34
CA TYR B 49 -7.34 -26.02 -42.96
C TYR B 49 -8.71 -25.62 -42.43
N GLN B 50 -8.98 -24.32 -42.45
CA GLN B 50 -10.22 -23.76 -41.94
C GLN B 50 -11.17 -23.48 -43.10
N ILE B 51 -12.44 -23.86 -42.93
CA ILE B 51 -13.45 -23.69 -43.96
C ILE B 51 -14.66 -22.98 -43.36
N GLY B 52 -15.47 -22.39 -44.23
CA GLY B 52 -16.71 -21.76 -43.84
C GLY B 52 -16.52 -20.33 -43.36
N ASP B 53 -17.65 -19.69 -43.08
CA ASP B 53 -17.66 -18.31 -42.60
C ASP B 53 -17.66 -18.31 -41.07
N ILE B 54 -17.88 -17.14 -40.47
CA ILE B 54 -17.81 -17.00 -39.01
C ILE B 54 -19.03 -17.55 -38.31
N GLY B 55 -20.08 -17.90 -39.04
CA GLY B 55 -21.28 -18.48 -38.44
C GLY B 55 -21.65 -19.78 -39.12
N HIS B 56 -22.71 -20.40 -38.58
CA HIS B 56 -23.28 -21.65 -39.09
C HIS B 56 -22.22 -22.74 -39.19
N PRO B 57 -21.73 -23.26 -38.06
CA PRO B 57 -20.73 -24.33 -38.12
C PRO B 57 -21.21 -25.59 -38.81
N VAL B 58 -22.50 -25.93 -38.67
CA VAL B 58 -23.01 -27.14 -39.29
C VAL B 58 -23.04 -27.01 -40.80
N HIS B 59 -23.43 -25.83 -41.31
CA HIS B 59 -23.51 -25.62 -42.75
C HIS B 59 -22.13 -25.62 -43.41
N ALA B 60 -21.06 -25.42 -42.63
CA ALA B 60 -19.72 -25.41 -43.19
C ALA B 60 -19.35 -26.76 -43.79
N TYR B 61 -19.72 -27.84 -43.09
CA TYR B 61 -19.41 -29.18 -43.59
C TYR B 61 -20.26 -29.56 -44.79
N LEU B 62 -21.41 -28.91 -44.98
CA LEU B 62 -22.28 -29.18 -46.12
C LEU B 62 -22.05 -28.14 -47.22
N SER B 63 -20.84 -28.15 -47.78
CA SER B 63 -20.44 -27.21 -48.83
C SER B 63 -19.50 -27.95 -49.78
N VAL B 64 -20.06 -28.50 -50.86
CA VAL B 64 -19.28 -29.35 -51.76
C VAL B 64 -18.17 -28.56 -52.44
N ASP B 65 -18.49 -27.37 -52.94
CA ASP B 65 -17.54 -26.60 -53.72
C ASP B 65 -16.32 -26.21 -52.90
N GLU B 66 -16.54 -25.76 -51.66
CA GLU B 66 -15.42 -25.35 -50.82
C GLU B 66 -14.49 -26.52 -50.51
N ILE B 67 -15.07 -27.69 -50.19
CA ILE B 67 -14.25 -28.86 -49.90
C ILE B 67 -13.47 -29.30 -51.14
N VAL B 68 -14.11 -29.28 -52.31
CA VAL B 68 -13.41 -29.65 -53.54
C VAL B 68 -12.27 -28.69 -53.82
N ALA B 69 -12.51 -27.39 -53.63
CA ALA B 69 -11.45 -26.41 -53.86
C ALA B 69 -10.30 -26.59 -52.88
N THR B 70 -10.61 -26.87 -51.61
CA THR B 70 -9.56 -27.10 -50.62
C THR B 70 -8.75 -28.34 -50.96
N ALA B 71 -9.42 -29.41 -51.39
CA ALA B 71 -8.71 -30.63 -51.77
C ALA B 71 -7.82 -30.38 -52.98
N ARG B 72 -8.31 -29.61 -53.96
CA ARG B 72 -7.50 -29.28 -55.13
C ARG B 72 -6.28 -28.45 -54.73
N ARG B 73 -6.47 -27.49 -53.82
CA ARG B 73 -5.36 -26.66 -53.39
C ARG B 73 -4.32 -27.45 -52.62
N ALA B 74 -4.76 -28.44 -51.84
CA ALA B 74 -3.85 -29.25 -51.04
C ALA B 74 -3.26 -30.42 -51.82
N GLY B 75 -3.62 -30.59 -53.09
CA GLY B 75 -3.10 -31.69 -53.87
C GLY B 75 -3.54 -33.07 -53.41
N ALA B 76 -4.81 -33.22 -53.07
CA ALA B 76 -5.35 -34.51 -52.65
C ALA B 76 -5.84 -35.31 -53.84
N ASP B 77 -5.88 -36.64 -53.67
CA ASP B 77 -6.31 -37.54 -54.71
C ASP B 77 -7.62 -38.25 -54.40
N ALA B 78 -8.10 -38.20 -53.14
CA ALA B 78 -9.32 -38.89 -52.77
C ALA B 78 -9.99 -38.14 -51.63
N ILE B 79 -11.29 -38.37 -51.48
CA ILE B 79 -12.10 -37.78 -50.42
C ILE B 79 -12.87 -38.89 -49.72
N TYR B 80 -12.74 -38.95 -48.40
CA TYR B 80 -13.42 -39.97 -47.60
C TYR B 80 -14.61 -39.35 -46.87
N PRO B 81 -15.84 -39.75 -47.19
CA PRO B 81 -17.00 -39.15 -46.52
C PRO B 81 -17.13 -39.54 -45.06
N GLY B 82 -17.05 -40.84 -44.78
CA GLY B 82 -17.31 -41.35 -43.44
C GLY B 82 -18.75 -41.80 -43.28
N TYR B 83 -19.41 -41.33 -42.22
CA TYR B 83 -20.84 -41.52 -42.05
C TYR B 83 -21.47 -40.20 -41.62
N GLY B 84 -22.65 -39.92 -42.16
CA GLY B 84 -23.29 -38.64 -41.92
C GLY B 84 -22.75 -37.55 -42.84
N PHE B 85 -23.31 -36.37 -42.69
CA PHE B 85 -22.95 -35.19 -43.49
C PHE B 85 -23.18 -35.53 -44.96
N LEU B 86 -22.22 -35.30 -45.85
CA LEU B 86 -22.40 -35.61 -47.27
C LEU B 86 -21.88 -37.00 -47.61
N SER B 87 -22.32 -38.01 -46.87
CA SER B 87 -21.94 -39.39 -47.13
C SER B 87 -22.83 -40.07 -48.16
N GLU B 88 -24.01 -39.50 -48.45
CA GLU B 88 -24.93 -40.08 -49.42
C GLU B 88 -25.52 -39.01 -50.33
N ASN B 89 -24.79 -37.92 -50.54
CA ASN B 89 -25.25 -36.84 -51.40
C ASN B 89 -24.61 -37.00 -52.78
N PRO B 90 -25.40 -37.21 -53.83
CA PRO B 90 -24.80 -37.47 -55.16
C PRO B 90 -24.02 -36.30 -55.72
N ASP B 91 -24.24 -35.07 -55.23
CA ASP B 91 -23.50 -33.93 -55.75
C ASP B 91 -22.01 -34.06 -55.49
N LEU B 92 -21.64 -34.63 -54.33
CA LEU B 92 -20.23 -34.84 -54.04
C LEU B 92 -19.60 -35.81 -55.03
N ALA B 93 -20.30 -36.90 -55.35
CA ALA B 93 -19.78 -37.86 -56.33
C ALA B 93 -19.67 -37.22 -57.70
N ALA B 94 -20.67 -36.43 -58.10
CA ALA B 94 -20.61 -35.76 -59.39
C ALA B 94 -19.45 -34.77 -59.47
N ALA B 95 -19.23 -34.00 -58.40
CA ALA B 95 -18.14 -33.05 -58.38
C ALA B 95 -16.78 -33.76 -58.40
N CYS B 96 -16.68 -34.88 -57.68
CA CYS B 96 -15.43 -35.65 -57.71
C CYS B 96 -15.15 -36.18 -59.11
N ALA B 97 -16.18 -36.67 -59.80
CA ALA B 97 -16.01 -37.13 -61.18
C ALA B 97 -15.66 -35.98 -62.12
N ALA B 98 -16.16 -34.78 -61.83
CA ALA B 98 -15.88 -33.61 -62.65
C ALA B 98 -14.43 -33.14 -62.53
N ALA B 99 -13.70 -33.63 -61.54
CA ALA B 99 -12.30 -33.28 -61.36
C ALA B 99 -11.47 -34.57 -61.34
N GLY B 100 -10.19 -34.43 -61.05
CA GLY B 100 -9.29 -35.56 -61.00
C GLY B 100 -9.24 -36.28 -59.67
N ILE B 101 -10.18 -35.98 -58.78
CA ILE B 101 -10.20 -36.55 -57.44
C ILE B 101 -11.19 -37.72 -57.42
N SER B 102 -10.76 -38.84 -56.86
CA SER B 102 -11.59 -40.03 -56.74
C SER B 102 -12.45 -39.97 -55.48
N PHE B 103 -13.61 -40.62 -55.54
CA PHE B 103 -14.56 -40.65 -54.43
C PHE B 103 -14.60 -42.06 -53.84
N VAL B 104 -14.44 -42.16 -52.53
CA VAL B 104 -14.47 -43.44 -51.83
C VAL B 104 -15.94 -43.77 -51.58
N GLY B 105 -16.53 -44.57 -52.46
CA GLY B 105 -17.92 -44.94 -52.35
C GLY B 105 -18.30 -45.95 -53.42
N PRO B 106 -19.53 -46.48 -53.33
CA PRO B 106 -19.95 -47.52 -54.28
C PRO B 106 -19.90 -47.06 -55.74
N SER B 107 -20.70 -46.04 -56.05
CA SER B 107 -20.77 -45.45 -57.39
C SER B 107 -21.75 -44.28 -57.35
N ALA B 108 -21.73 -43.46 -58.39
CA ALA B 108 -22.67 -42.36 -58.49
C ALA B 108 -24.09 -42.85 -58.76
N GLU B 109 -24.24 -43.89 -59.57
CA GLU B 109 -25.56 -44.39 -59.92
C GLU B 109 -26.23 -45.09 -58.74
N VAL B 110 -25.45 -45.81 -57.94
CA VAL B 110 -26.03 -46.55 -56.82
C VAL B 110 -26.58 -45.60 -55.77
N LEU B 111 -25.97 -44.42 -55.63
CA LEU B 111 -26.45 -43.46 -54.64
C LEU B 111 -27.83 -42.91 -54.99
N GLU B 112 -28.17 -42.85 -56.28
CA GLU B 112 -29.46 -42.33 -56.67
C GLU B 112 -30.57 -43.33 -56.41
N LEU B 113 -30.24 -44.62 -56.40
CA LEU B 113 -31.28 -45.63 -56.21
C LEU B 113 -31.72 -45.74 -54.76
N ALA B 114 -30.92 -45.22 -53.82
CA ALA B 114 -31.23 -45.59 -52.45
C ALA B 114 -31.94 -44.47 -51.70
N GLY B 115 -32.16 -43.33 -52.37
CA GLY B 115 -32.65 -42.14 -51.68
C GLY B 115 -34.16 -42.07 -51.57
N ASN B 116 -34.86 -42.24 -52.69
CA ASN B 116 -36.32 -42.04 -52.69
C ASN B 116 -37.07 -43.18 -52.04
N LYS B 117 -36.39 -44.32 -51.79
CA LYS B 117 -37.06 -45.50 -51.25
C LYS B 117 -38.05 -46.14 -52.20
N SER B 118 -38.29 -47.45 -51.99
CA SER B 118 -39.29 -48.28 -52.66
C SER B 118 -38.93 -48.57 -54.11
N ARG B 119 -37.95 -47.87 -54.68
CA ARG B 119 -37.36 -48.40 -55.90
C ARG B 119 -36.25 -49.36 -55.57
N ALA B 120 -35.67 -49.22 -54.37
CA ALA B 120 -35.02 -50.37 -53.74
C ALA B 120 -35.96 -51.56 -53.73
N ILE B 121 -37.23 -51.33 -53.38
CA ILE B 121 -38.21 -52.41 -53.30
C ILE B 121 -38.50 -52.96 -54.69
N ALA B 122 -38.57 -52.08 -55.68
CA ALA B 122 -38.69 -52.51 -57.07
C ALA B 122 -37.51 -53.39 -57.47
N ALA B 123 -36.30 -53.03 -56.99
CA ALA B 123 -35.13 -53.84 -57.27
C ALA B 123 -35.14 -55.14 -56.48
N ALA B 124 -35.87 -55.19 -55.37
CA ALA B 124 -35.91 -56.41 -54.55
C ALA B 124 -36.92 -57.42 -55.05
N ARG B 125 -38.04 -56.96 -55.61
CA ARG B 125 -38.94 -57.86 -56.31
C ARG B 125 -38.28 -58.46 -57.55
N GLU B 126 -37.50 -57.66 -58.28
CA GLU B 126 -36.80 -58.15 -59.46
C GLU B 126 -35.72 -59.15 -59.08
N ALA B 127 -34.91 -58.81 -58.07
CA ALA B 127 -33.84 -59.70 -57.63
C ALA B 127 -34.41 -60.96 -56.98
N GLY B 128 -35.70 -60.93 -56.66
CA GLY B 128 -36.39 -62.07 -56.09
C GLY B 128 -36.06 -62.31 -54.62
N LEU B 129 -36.45 -61.39 -53.76
CA LEU B 129 -36.31 -61.51 -52.32
C LEU B 129 -37.69 -61.48 -51.68
N PRO B 130 -37.80 -61.91 -50.42
CA PRO B 130 -39.07 -61.71 -49.71
C PRO B 130 -39.26 -60.23 -49.38
N VAL B 131 -40.31 -59.64 -49.94
CA VAL B 131 -40.58 -58.22 -49.83
C VAL B 131 -41.98 -58.03 -49.26
N LEU B 132 -42.16 -56.93 -48.53
CA LEU B 132 -43.44 -56.63 -47.92
C LEU B 132 -44.28 -55.71 -48.82
N MET B 133 -45.56 -55.61 -48.47
CA MET B 133 -46.48 -54.68 -49.11
C MET B 133 -45.93 -53.26 -49.04
N SER B 134 -45.95 -52.58 -50.18
CA SER B 134 -45.52 -51.19 -50.28
C SER B 134 -46.69 -50.31 -50.71
N SER B 135 -46.85 -49.18 -50.03
CA SER B 135 -47.93 -48.25 -50.30
C SER B 135 -47.47 -47.12 -51.20
N ALA B 136 -48.41 -46.54 -51.92
CA ALA B 136 -48.11 -45.44 -52.84
C ALA B 136 -47.84 -44.17 -52.04
N PRO B 137 -46.68 -43.53 -52.20
CA PRO B 137 -46.40 -42.30 -51.45
C PRO B 137 -47.33 -41.17 -51.87
N SER B 138 -48.12 -40.69 -50.92
CA SER B 138 -49.07 -39.62 -51.18
C SER B 138 -49.31 -38.82 -49.90
N ALA B 139 -49.40 -37.50 -50.05
CA ALA B 139 -49.70 -36.62 -48.93
C ALA B 139 -51.20 -36.41 -48.74
N SER B 140 -52.03 -36.98 -49.60
CA SER B 140 -53.47 -36.82 -49.50
C SER B 140 -54.07 -37.92 -48.62
N VAL B 141 -55.13 -37.56 -47.90
CA VAL B 141 -55.70 -38.46 -46.90
C VAL B 141 -56.78 -39.34 -47.49
N ASP B 142 -57.59 -38.78 -48.40
CA ASP B 142 -58.60 -39.59 -49.08
C ASP B 142 -57.94 -40.66 -49.96
N GLU B 143 -56.88 -40.31 -50.67
CA GLU B 143 -56.17 -41.30 -51.48
C GLU B 143 -55.54 -42.38 -50.61
N LEU B 144 -54.93 -41.97 -49.49
CA LEU B 144 -54.34 -42.95 -48.59
C LEU B 144 -55.39 -43.88 -48.01
N LEU B 145 -56.58 -43.37 -47.71
CA LEU B 145 -57.65 -44.23 -47.21
C LEU B 145 -58.19 -45.15 -48.31
N SER B 146 -58.28 -44.64 -49.54
CA SER B 146 -58.71 -45.48 -50.66
C SER B 146 -57.72 -46.61 -50.92
N VAL B 147 -56.45 -46.39 -50.62
CA VAL B 147 -55.49 -47.49 -50.71
C VAL B 147 -55.53 -48.36 -49.45
N ALA B 148 -55.86 -47.76 -48.30
CA ALA B 148 -55.88 -48.46 -47.02
C ALA B 148 -57.13 -49.30 -46.81
N ALA B 149 -58.12 -49.20 -47.69
CA ALA B 149 -59.34 -49.98 -47.50
C ALA B 149 -59.13 -51.48 -47.70
N GLY B 150 -57.98 -51.89 -48.25
CA GLY B 150 -57.69 -53.30 -48.45
C GLY B 150 -56.45 -53.78 -47.74
N MET B 151 -56.26 -53.37 -46.48
CA MET B 151 -54.98 -53.63 -45.82
C MET B 151 -55.15 -54.63 -44.67
N PRO B 152 -54.10 -55.41 -44.38
CA PRO B 152 -54.06 -56.17 -43.11
C PRO B 152 -53.63 -55.25 -41.97
N PHE B 153 -54.56 -54.93 -41.10
CA PHE B 153 -54.29 -54.02 -39.99
C PHE B 153 -53.73 -54.80 -38.81
N PRO B 154 -52.97 -54.14 -37.91
CA PRO B 154 -52.67 -52.69 -37.82
C PRO B 154 -51.69 -52.19 -38.87
N LEU B 155 -51.48 -50.88 -38.95
CA LEU B 155 -50.68 -50.27 -40.00
C LEU B 155 -49.71 -49.25 -39.40
N PHE B 156 -48.48 -49.27 -39.89
CA PHE B 156 -47.50 -48.25 -39.56
C PHE B 156 -47.52 -47.17 -40.64
N VAL B 157 -47.88 -45.95 -40.25
CA VAL B 157 -47.78 -44.79 -41.13
C VAL B 157 -46.43 -44.15 -40.89
N LYS B 158 -45.60 -44.13 -41.93
CA LYS B 158 -44.20 -43.72 -41.85
C LYS B 158 -43.96 -42.53 -42.75
N ALA B 159 -43.15 -41.59 -42.27
CA ALA B 159 -42.70 -40.49 -43.11
C ALA B 159 -41.87 -41.03 -44.27
N VAL B 160 -42.03 -40.41 -45.44
CA VAL B 160 -41.33 -40.89 -46.62
C VAL B 160 -39.83 -40.61 -46.52
N ALA B 161 -39.46 -39.40 -46.11
CA ALA B 161 -38.06 -39.06 -45.89
C ALA B 161 -37.56 -39.46 -44.51
N GLY B 162 -38.42 -40.02 -43.66
CA GLY B 162 -38.00 -40.38 -42.33
C GLY B 162 -37.02 -41.56 -42.34
N GLY B 163 -35.96 -41.42 -41.55
CA GLY B 163 -34.95 -42.46 -41.45
C GLY B 163 -34.31 -42.52 -40.08
N GLY B 164 -34.30 -43.70 -39.47
CA GLY B 164 -33.79 -43.89 -38.14
C GLY B 164 -34.84 -44.27 -37.11
N GLY B 165 -36.10 -43.96 -37.38
CA GLY B 165 -37.14 -44.08 -36.38
C GLY B 165 -37.71 -42.75 -35.95
N ARG B 166 -37.81 -41.81 -36.89
CA ARG B 166 -38.31 -40.46 -36.63
C ARG B 166 -39.54 -40.23 -37.50
N GLY B 167 -40.73 -40.31 -36.91
CA GLY B 167 -41.94 -39.93 -37.62
C GLY B 167 -42.82 -41.04 -38.14
N MET B 168 -43.06 -42.07 -37.32
CA MET B 168 -44.00 -43.14 -37.66
C MET B 168 -44.96 -43.38 -36.51
N ARG B 169 -46.17 -43.79 -36.87
CA ARG B 169 -47.24 -44.06 -35.91
C ARG B 169 -47.90 -45.40 -36.22
N ARG B 170 -48.23 -46.15 -35.17
CA ARG B 170 -48.94 -47.41 -35.32
C ARG B 170 -50.42 -47.17 -35.05
N VAL B 171 -51.27 -47.52 -36.02
CA VAL B 171 -52.71 -47.38 -35.85
C VAL B 171 -53.32 -48.77 -36.00
N GLY B 172 -54.08 -49.19 -35.00
CA GLY B 172 -54.74 -50.48 -34.99
C GLY B 172 -56.00 -50.61 -35.82
N ASP B 173 -56.47 -49.52 -36.43
CA ASP B 173 -57.70 -49.57 -37.20
C ASP B 173 -57.68 -48.47 -38.24
N ILE B 174 -58.79 -48.36 -38.99
CA ILE B 174 -58.93 -47.34 -40.03
C ILE B 174 -59.79 -46.18 -39.59
N ALA B 175 -60.50 -46.29 -38.47
CA ALA B 175 -61.30 -45.17 -37.98
C ALA B 175 -60.41 -44.02 -37.53
N ALA B 176 -59.30 -44.32 -36.87
CA ALA B 176 -58.34 -43.32 -36.45
C ALA B 176 -57.22 -43.12 -37.46
N LEU B 177 -57.33 -43.73 -38.64
CA LEU B 177 -56.33 -43.61 -39.69
C LEU B 177 -56.24 -42.17 -40.22
N PRO B 178 -57.37 -41.46 -40.47
CA PRO B 178 -57.24 -40.12 -41.07
C PRO B 178 -56.57 -39.08 -40.18
N GLU B 179 -56.97 -38.97 -38.91
CA GLU B 179 -56.27 -38.07 -37.99
C GLU B 179 -54.80 -38.46 -37.85
N ALA B 180 -54.51 -39.76 -37.73
CA ALA B 180 -53.13 -40.21 -37.62
C ALA B 180 -52.32 -39.80 -38.84
N ILE B 181 -52.91 -39.96 -40.03
CA ILE B 181 -52.22 -39.67 -41.29
C ILE B 181 -52.00 -38.17 -41.43
N GLU B 182 -52.97 -37.37 -41.01
CA GLU B 182 -52.80 -35.91 -41.00
C GLU B 182 -51.68 -35.50 -40.05
N ALA B 183 -51.62 -36.09 -38.86
CA ALA B 183 -50.54 -35.76 -37.93
C ALA B 183 -49.19 -36.16 -38.51
N ALA B 184 -49.12 -37.34 -39.14
CA ALA B 184 -47.86 -37.80 -39.73
C ALA B 184 -47.45 -36.90 -40.89
N SER B 185 -48.40 -36.47 -41.72
CA SER B 185 -48.09 -35.57 -42.81
C SER B 185 -47.58 -34.23 -42.31
N ARG B 186 -48.22 -33.68 -41.27
CA ARG B 186 -47.78 -32.41 -40.71
C ARG B 186 -46.38 -32.54 -40.13
N GLU B 187 -46.12 -33.63 -39.39
CA GLU B 187 -44.80 -33.83 -38.81
C GLU B 187 -43.73 -34.00 -39.89
N ALA B 188 -44.04 -34.75 -40.95
CA ALA B 188 -43.07 -34.94 -42.02
C ALA B 188 -42.80 -33.64 -42.76
N GLU B 189 -43.83 -32.82 -42.97
CA GLU B 189 -43.65 -31.53 -43.62
C GLU B 189 -42.79 -30.60 -42.77
N SER B 190 -43.01 -30.59 -41.44
CA SER B 190 -42.21 -29.75 -40.56
C SER B 190 -40.79 -30.26 -40.43
N ALA B 191 -40.60 -31.58 -40.51
CA ALA B 191 -39.29 -32.19 -40.32
C ALA B 191 -38.43 -32.12 -41.58
N PHE B 192 -38.86 -32.79 -42.64
CA PHE B 192 -38.03 -32.97 -43.83
C PHE B 192 -38.55 -32.22 -45.04
N GLY B 193 -39.71 -31.56 -44.94
CA GLY B 193 -40.25 -30.80 -46.04
C GLY B 193 -41.10 -31.61 -47.01
N ASP B 194 -41.14 -32.94 -46.87
CA ASP B 194 -42.00 -33.72 -47.75
C ASP B 194 -43.23 -34.12 -46.95
N PRO B 195 -44.42 -33.63 -47.28
CA PRO B 195 -45.63 -33.98 -46.52
C PRO B 195 -46.20 -35.36 -46.85
N THR B 196 -45.49 -36.18 -47.61
CA THR B 196 -45.99 -37.49 -48.00
C THR B 196 -45.64 -38.53 -46.94
N VAL B 197 -46.63 -39.35 -46.60
CA VAL B 197 -46.45 -40.47 -45.68
C VAL B 197 -47.01 -41.73 -46.32
N TYR B 198 -46.35 -42.85 -46.07
CA TYR B 198 -46.72 -44.12 -46.67
C TYR B 198 -47.06 -45.13 -45.58
N LEU B 199 -48.03 -45.99 -45.87
CA LEU B 199 -48.44 -46.99 -44.89
C LEU B 199 -47.58 -48.24 -45.10
N GLU B 200 -47.64 -49.15 -44.13
CA GLU B 200 -47.05 -50.46 -44.28
C GLU B 200 -47.66 -51.42 -43.26
N GLN B 201 -47.77 -52.68 -43.65
CA GLN B 201 -48.24 -53.72 -42.74
C GLN B 201 -47.32 -53.82 -41.52
N ALA B 202 -47.91 -53.91 -40.33
CA ALA B 202 -47.15 -53.84 -39.09
C ALA B 202 -46.91 -55.24 -38.57
N VAL B 203 -45.68 -55.73 -38.77
CA VAL B 203 -45.28 -57.07 -38.37
C VAL B 203 -45.07 -57.10 -36.86
N ILE B 204 -45.57 -58.15 -36.23
CA ILE B 204 -45.55 -58.28 -34.77
C ILE B 204 -44.19 -58.77 -34.30
N ASN B 205 -43.78 -58.27 -33.12
CA ASN B 205 -42.61 -58.62 -32.32
C ASN B 205 -41.40 -58.91 -33.23
N PRO B 206 -40.83 -57.89 -33.87
CA PRO B 206 -39.76 -58.13 -34.83
C PRO B 206 -38.38 -58.14 -34.17
N ARG B 207 -37.42 -58.70 -34.92
CA ARG B 207 -36.01 -58.67 -34.57
C ARG B 207 -35.25 -58.12 -35.77
N HIS B 208 -34.30 -57.23 -35.51
CA HIS B 208 -33.60 -56.51 -36.57
C HIS B 208 -32.26 -57.17 -36.84
N ILE B 209 -32.02 -57.53 -38.10
CA ILE B 209 -30.85 -58.29 -38.53
C ILE B 209 -30.10 -57.52 -39.62
N GLU B 210 -28.79 -57.34 -39.42
CA GLU B 210 -27.96 -56.61 -40.36
C GLU B 210 -27.00 -57.58 -41.05
N VAL B 211 -26.84 -57.43 -42.36
CA VAL B 211 -25.90 -58.23 -43.14
C VAL B 211 -24.92 -57.30 -43.83
N GLN B 212 -23.62 -57.56 -43.64
CA GLN B 212 -22.56 -56.71 -44.17
C GLN B 212 -22.05 -57.28 -45.49
N ILE B 213 -21.91 -56.41 -46.49
CA ILE B 213 -21.50 -56.80 -47.84
C ILE B 213 -20.26 -56.01 -48.22
N LEU B 214 -19.27 -56.71 -48.78
CA LEU B 214 -18.05 -56.11 -49.29
C LEU B 214 -17.86 -56.52 -50.74
N ALA B 215 -17.55 -55.55 -51.60
CA ALA B 215 -17.46 -55.83 -53.03
C ALA B 215 -16.45 -54.89 -53.67
N ASP B 216 -15.80 -55.39 -54.72
CA ASP B 216 -14.74 -54.69 -55.44
C ASP B 216 -15.26 -54.13 -56.76
N ASN B 217 -14.34 -53.62 -57.59
CA ASN B 217 -14.74 -52.88 -58.78
C ASN B 217 -15.25 -53.80 -59.88
N LEU B 218 -14.42 -54.77 -60.30
CA LEU B 218 -14.80 -55.64 -61.41
C LEU B 218 -15.98 -56.54 -61.11
N GLY B 219 -16.35 -56.70 -59.84
CA GLY B 219 -17.52 -57.47 -59.48
C GLY B 219 -17.19 -58.76 -58.75
N ASP B 220 -17.27 -58.72 -57.43
CA ASP B 220 -17.14 -59.88 -56.57
C ASP B 220 -17.65 -59.50 -55.19
N VAL B 221 -18.63 -60.24 -54.67
CA VAL B 221 -19.34 -59.84 -53.45
C VAL B 221 -19.16 -60.93 -52.40
N ILE B 222 -18.82 -60.50 -51.18
CA ILE B 222 -18.67 -61.38 -50.03
C ILE B 222 -19.45 -60.79 -48.86
N HIS B 223 -19.84 -61.65 -47.93
CA HIS B 223 -20.61 -61.23 -46.76
C HIS B 223 -19.83 -61.56 -45.50
N LEU B 224 -20.02 -60.74 -44.47
CA LEU B 224 -19.34 -60.88 -43.19
C LEU B 224 -20.33 -61.22 -42.08
N TYR B 225 -21.29 -62.09 -42.39
CA TYR B 225 -22.25 -62.62 -41.42
C TYR B 225 -23.16 -61.54 -40.86
N GLU B 226 -23.99 -61.89 -39.88
CA GLU B 226 -25.06 -61.01 -39.44
C GLU B 226 -24.71 -60.31 -38.13
N ARG B 227 -25.55 -59.34 -37.77
CA ARG B 227 -25.51 -58.67 -36.47
C ARG B 227 -26.90 -58.67 -35.85
N ASP B 228 -27.07 -57.97 -34.72
CA ASP B 228 -28.36 -57.89 -34.05
C ASP B 228 -28.49 -56.56 -33.35
N CYS B 229 -29.57 -55.84 -33.64
CA CYS B 229 -29.84 -54.52 -33.05
C CYS B 229 -31.27 -54.44 -32.57
N SER B 230 -31.71 -55.45 -31.82
CA SER B 230 -33.10 -55.48 -31.36
C SER B 230 -33.35 -54.50 -30.22
N VAL B 231 -32.34 -54.22 -29.40
CA VAL B 231 -32.50 -53.35 -28.24
C VAL B 231 -32.52 -51.91 -28.74
N GLN B 232 -33.71 -51.29 -28.76
CA GLN B 232 -33.83 -49.91 -29.19
C GLN B 232 -34.67 -49.13 -28.19
N ARG B 233 -34.39 -47.83 -28.09
CA ARG B 233 -35.16 -46.90 -27.27
C ARG B 233 -35.68 -45.79 -28.16
N ARG B 234 -37.01 -45.68 -28.24
CA ARG B 234 -37.67 -44.76 -29.18
C ARG B 234 -37.13 -44.97 -30.60
N HIS B 235 -37.00 -46.23 -31.00
CA HIS B 235 -36.56 -46.66 -32.32
C HIS B 235 -35.11 -46.28 -32.62
N GLN B 236 -34.36 -45.83 -31.62
CA GLN B 236 -32.95 -45.49 -31.78
C GLN B 236 -32.08 -46.63 -31.26
N LYS B 237 -31.02 -46.94 -32.00
CA LYS B 237 -30.14 -48.03 -31.63
C LYS B 237 -29.43 -47.72 -30.32
N VAL B 238 -29.34 -48.72 -29.45
CA VAL B 238 -28.77 -48.53 -28.12
C VAL B 238 -27.59 -49.47 -27.90
N ILE B 239 -27.84 -50.78 -27.95
CA ILE B 239 -26.83 -51.78 -27.63
C ILE B 239 -26.71 -52.75 -28.80
N GLU B 240 -25.48 -52.98 -29.25
CA GLU B 240 -25.20 -53.91 -30.34
C GLU B 240 -24.99 -55.31 -29.80
N LEU B 241 -25.11 -56.29 -30.69
CA LEU B 241 -25.05 -57.70 -30.30
C LEU B 241 -24.22 -58.50 -31.29
N ALA B 242 -23.57 -59.53 -30.76
CA ALA B 242 -22.82 -60.54 -31.50
C ALA B 242 -23.75 -61.27 -32.47
N PRO B 243 -23.22 -62.18 -33.33
CA PRO B 243 -24.12 -63.02 -34.15
C PRO B 243 -25.34 -63.50 -33.38
N ALA B 244 -26.49 -63.53 -34.04
CA ALA B 244 -27.76 -63.50 -33.34
C ALA B 244 -28.04 -64.85 -32.69
N PRO B 245 -28.19 -64.91 -31.37
CA PRO B 245 -28.43 -66.20 -30.71
C PRO B 245 -29.82 -66.74 -31.02
N HIS B 246 -29.96 -68.05 -30.79
CA HIS B 246 -31.19 -68.77 -31.10
C HIS B 246 -31.55 -68.65 -32.58
N LEU B 247 -30.54 -68.70 -33.44
CA LEU B 247 -30.72 -68.68 -34.88
C LEU B 247 -30.12 -69.95 -35.48
N ASP B 248 -30.92 -70.66 -36.26
CA ASP B 248 -30.47 -71.90 -36.89
C ASP B 248 -29.54 -71.57 -38.06
N ALA B 249 -28.77 -72.58 -38.49
CA ALA B 249 -27.76 -72.33 -39.50
C ALA B 249 -28.34 -72.16 -40.89
N GLU B 250 -29.43 -72.88 -41.20
CA GLU B 250 -30.10 -72.69 -42.49
C GLU B 250 -30.58 -71.25 -42.64
N LEU B 251 -31.12 -70.68 -41.56
CA LEU B 251 -31.64 -69.32 -41.62
C LEU B 251 -30.53 -68.35 -41.99
N ARG B 252 -29.39 -68.41 -41.28
CA ARG B 252 -28.27 -67.52 -41.54
C ARG B 252 -27.71 -67.74 -42.94
N TYR B 253 -27.65 -69.00 -43.37
CA TYR B 253 -27.11 -69.29 -44.69
C TYR B 253 -27.95 -68.66 -45.78
N LYS B 254 -29.27 -68.79 -45.69
CA LYS B 254 -30.10 -68.21 -46.74
C LYS B 254 -30.21 -66.69 -46.64
N MET B 255 -30.13 -66.11 -45.43
CA MET B 255 -29.99 -64.66 -45.33
C MET B 255 -28.73 -64.19 -46.04
N CYS B 256 -27.59 -64.80 -45.74
CA CYS B 256 -26.35 -64.39 -46.38
C CYS B 256 -26.43 -64.57 -47.89
N VAL B 257 -27.08 -65.65 -48.34
CA VAL B 257 -27.09 -65.97 -49.76
C VAL B 257 -27.94 -64.97 -50.54
N ASP B 258 -29.16 -64.67 -50.08
CA ASP B 258 -29.97 -63.72 -50.85
C ASP B 258 -29.45 -62.29 -50.66
N ALA B 259 -28.84 -61.96 -49.50
CA ALA B 259 -28.21 -60.66 -49.39
C ALA B 259 -27.11 -60.49 -50.43
N VAL B 260 -26.27 -61.53 -50.59
CA VAL B 260 -25.18 -61.44 -51.56
C VAL B 260 -25.72 -61.42 -52.99
N ALA B 261 -26.81 -62.14 -53.24
CA ALA B 261 -27.41 -62.10 -54.58
C ALA B 261 -27.95 -60.72 -54.91
N PHE B 262 -28.62 -60.07 -53.96
CA PHE B 262 -29.07 -58.69 -54.17
C PHE B 262 -27.89 -57.75 -54.39
N ALA B 263 -26.83 -57.89 -53.59
CA ALA B 263 -25.68 -57.00 -53.73
C ALA B 263 -25.01 -57.18 -55.09
N ARG B 264 -24.90 -58.42 -55.56
CA ARG B 264 -24.30 -58.67 -56.88
C ARG B 264 -25.19 -58.13 -57.99
N HIS B 265 -26.51 -58.31 -57.86
CA HIS B 265 -27.42 -57.79 -58.88
C HIS B 265 -27.38 -56.27 -58.95
N ILE B 266 -27.18 -55.61 -57.80
CA ILE B 266 -27.32 -54.17 -57.76
C ILE B 266 -26.11 -53.44 -58.31
N GLY B 267 -25.02 -54.15 -58.60
CA GLY B 267 -23.83 -53.53 -59.13
C GLY B 267 -23.08 -52.71 -58.11
N TYR B 268 -22.71 -53.32 -57.00
CA TYR B 268 -22.03 -52.61 -55.93
C TYR B 268 -20.51 -52.72 -56.08
N SER B 269 -19.80 -51.76 -55.49
CA SER B 269 -18.34 -51.73 -55.58
C SER B 269 -17.67 -51.37 -54.26
N CYS B 270 -18.40 -51.33 -53.15
CA CYS B 270 -17.80 -50.93 -51.89
C CYS B 270 -18.48 -51.68 -50.74
N ALA B 271 -18.28 -51.20 -49.52
CA ALA B 271 -18.86 -51.78 -48.33
C ALA B 271 -20.28 -51.26 -48.10
N GLY B 272 -21.09 -52.05 -47.40
CA GLY B 272 -22.43 -51.58 -47.07
C GLY B 272 -23.19 -52.65 -46.31
N THR B 273 -24.49 -52.41 -46.12
CA THR B 273 -25.27 -53.34 -45.31
C THR B 273 -26.71 -53.41 -45.81
N VAL B 274 -27.34 -54.54 -45.49
CA VAL B 274 -28.75 -54.81 -45.80
C VAL B 274 -29.46 -55.12 -44.50
N GLU B 275 -30.71 -54.66 -44.38
CA GLU B 275 -31.47 -54.80 -43.14
C GLU B 275 -32.67 -55.72 -43.33
N PHE B 276 -32.95 -56.54 -42.32
CA PHE B 276 -34.09 -57.45 -42.36
C PHE B 276 -34.79 -57.43 -41.00
N LEU B 277 -36.08 -57.76 -41.02
CA LEU B 277 -36.88 -57.95 -39.81
C LEU B 277 -37.43 -59.36 -39.78
N LEU B 278 -37.28 -60.02 -38.63
CA LEU B 278 -37.63 -61.42 -38.46
C LEU B 278 -38.70 -61.52 -37.39
N ASP B 279 -39.77 -62.27 -37.67
CA ASP B 279 -40.92 -62.32 -36.77
C ASP B 279 -41.03 -63.69 -36.12
N GLU B 280 -42.01 -63.83 -35.23
CA GLU B 280 -42.15 -65.04 -34.43
C GLU B 280 -42.21 -66.30 -35.30
N ARG B 281 -42.91 -66.23 -36.44
CA ARG B 281 -42.94 -67.37 -37.35
C ARG B 281 -41.72 -67.39 -38.27
N GLY B 282 -41.09 -66.23 -38.47
CA GLY B 282 -39.88 -66.15 -39.25
C GLY B 282 -40.12 -65.81 -40.71
N GLU B 283 -39.73 -64.61 -41.11
CA GLU B 283 -39.84 -64.17 -42.49
C GLU B 283 -38.88 -63.00 -42.68
N TYR B 284 -38.53 -62.75 -43.94
CA TYR B 284 -37.61 -61.68 -44.32
C TYR B 284 -38.40 -60.57 -45.00
N VAL B 285 -38.09 -59.32 -44.65
CA VAL B 285 -38.89 -58.19 -45.09
C VAL B 285 -38.09 -57.18 -45.90
N PHE B 286 -36.78 -57.12 -45.75
CA PHE B 286 -35.90 -56.27 -46.56
C PHE B 286 -36.31 -54.80 -46.41
N ILE B 287 -36.07 -54.27 -45.21
CA ILE B 287 -36.49 -52.92 -44.91
C ILE B 287 -35.77 -51.92 -45.81
N GLU B 288 -34.44 -52.00 -45.87
CA GLU B 288 -33.67 -51.18 -46.81
C GLU B 288 -32.22 -51.66 -46.85
N MET B 289 -31.38 -50.89 -47.53
CA MET B 289 -29.97 -51.18 -47.74
C MET B 289 -29.18 -49.89 -47.56
N ASN B 290 -28.35 -49.84 -46.52
CA ASN B 290 -27.52 -48.67 -46.25
C ASN B 290 -26.23 -48.76 -47.05
N PRO B 291 -25.97 -47.82 -47.98
CA PRO B 291 -24.75 -47.85 -48.80
C PRO B 291 -23.58 -47.07 -48.19
N ARG B 292 -23.23 -47.40 -46.95
CA ARG B 292 -22.13 -46.75 -46.27
C ARG B 292 -21.69 -47.64 -45.10
N VAL B 293 -20.84 -47.10 -44.24
CA VAL B 293 -20.37 -47.81 -43.06
C VAL B 293 -20.98 -47.15 -41.82
N GLN B 294 -21.41 -47.98 -40.88
CA GLN B 294 -22.08 -47.49 -39.69
C GLN B 294 -21.08 -47.37 -38.54
N VAL B 295 -21.60 -47.09 -37.34
CA VAL B 295 -20.76 -47.01 -36.15
C VAL B 295 -20.64 -48.36 -35.45
N GLU B 296 -21.26 -49.41 -35.98
CA GLU B 296 -21.25 -50.72 -35.35
C GLU B 296 -20.35 -51.73 -36.05
N HIS B 297 -19.67 -51.32 -37.13
CA HIS B 297 -18.84 -52.26 -37.89
C HIS B 297 -17.79 -52.92 -37.01
N THR B 298 -17.30 -52.20 -35.99
CA THR B 298 -16.30 -52.76 -35.09
C THR B 298 -16.74 -54.10 -34.53
N VAL B 299 -18.04 -54.28 -34.28
CA VAL B 299 -18.55 -55.53 -33.75
C VAL B 299 -18.15 -56.68 -34.66
N THR B 300 -18.45 -56.57 -35.96
CA THR B 300 -18.04 -57.62 -36.87
C THR B 300 -16.52 -57.70 -36.97
N GLU B 301 -15.84 -56.56 -36.87
CA GLU B 301 -14.39 -56.56 -36.87
C GLU B 301 -13.82 -57.40 -35.72
N GLU B 302 -14.59 -57.62 -34.66
CA GLU B 302 -14.13 -58.42 -33.54
C GLU B 302 -14.38 -59.91 -33.71
N ILE B 303 -15.22 -60.32 -34.67
CA ILE B 303 -15.50 -61.73 -34.91
C ILE B 303 -14.82 -62.24 -36.18
N THR B 304 -14.78 -61.43 -37.24
CA THR B 304 -14.18 -61.85 -38.50
C THR B 304 -12.75 -61.35 -38.67
N ASP B 305 -12.24 -60.57 -37.69
CA ASP B 305 -10.93 -59.92 -37.63
C ASP B 305 -10.45 -59.46 -39.01
N VAL B 306 -11.33 -58.76 -39.73
CA VAL B 306 -11.05 -58.22 -41.05
C VAL B 306 -11.16 -56.70 -40.97
N ASP B 307 -10.14 -56.00 -41.46
CA ASP B 307 -10.17 -54.55 -41.46
C ASP B 307 -11.12 -54.04 -42.54
N LEU B 308 -11.96 -53.07 -42.16
CA LEU B 308 -12.98 -52.54 -43.06
C LEU B 308 -12.55 -51.26 -43.76
N VAL B 309 -12.03 -50.29 -43.02
CA VAL B 309 -11.71 -48.98 -43.59
C VAL B 309 -10.48 -49.09 -44.50
N ALA B 310 -9.44 -49.80 -44.07
CA ALA B 310 -8.27 -49.98 -44.91
C ALA B 310 -8.61 -50.77 -46.17
N SER B 311 -9.42 -51.81 -46.04
CA SER B 311 -9.87 -52.57 -47.21
C SER B 311 -10.69 -51.68 -48.13
N GLN B 312 -11.54 -50.83 -47.56
CA GLN B 312 -12.31 -49.90 -48.39
C GLN B 312 -11.39 -48.98 -49.18
N LEU B 313 -10.35 -48.45 -48.53
CA LEU B 313 -9.43 -47.54 -49.20
C LEU B 313 -8.65 -48.25 -50.29
N ARG B 314 -8.22 -49.48 -50.03
CA ARG B 314 -7.51 -50.25 -51.06
C ARG B 314 -8.43 -50.63 -52.21
N ILE B 315 -9.71 -50.87 -51.94
CA ILE B 315 -10.68 -51.15 -52.99
C ILE B 315 -10.89 -49.92 -53.86
N ALA B 316 -10.94 -48.73 -53.25
CA ALA B 316 -11.08 -47.50 -54.01
C ALA B 316 -9.87 -47.23 -54.90
N ALA B 317 -8.73 -47.84 -54.60
CA ALA B 317 -7.51 -47.69 -55.40
C ALA B 317 -7.45 -48.64 -56.58
N GLY B 318 -8.43 -49.53 -56.71
CA GLY B 318 -8.47 -50.44 -57.84
C GLY B 318 -7.90 -51.82 -57.57
N GLU B 319 -8.18 -52.38 -56.39
CA GLU B 319 -7.76 -53.73 -56.03
C GLU B 319 -8.99 -54.62 -55.90
N THR B 320 -8.85 -55.87 -56.32
CA THR B 320 -9.90 -56.85 -56.20
C THR B 320 -9.75 -57.62 -54.88
N LEU B 321 -10.73 -58.47 -54.59
CA LEU B 321 -10.68 -59.26 -53.36
C LEU B 321 -9.93 -60.57 -53.59
N GLU B 322 -8.77 -60.49 -54.22
CA GLU B 322 -7.93 -61.66 -54.45
C GLU B 322 -6.52 -61.47 -53.87
N GLN B 323 -5.88 -60.34 -54.16
CA GLN B 323 -4.63 -60.00 -53.49
C GLN B 323 -4.84 -59.62 -52.05
N LEU B 324 -6.04 -59.17 -51.68
CA LEU B 324 -6.36 -58.84 -50.30
C LEU B 324 -6.57 -60.07 -49.43
N GLY B 325 -6.76 -61.24 -50.02
CA GLY B 325 -6.99 -62.45 -49.26
C GLY B 325 -8.39 -62.62 -48.71
N LEU B 326 -9.34 -61.77 -49.12
CA LEU B 326 -10.71 -61.84 -48.63
C LEU B 326 -11.52 -62.71 -49.59
N ARG B 327 -11.34 -64.03 -49.43
CA ARG B 327 -12.11 -65.05 -50.14
C ARG B 327 -12.85 -65.93 -49.14
N GLN B 328 -13.97 -66.51 -49.58
CA GLN B 328 -14.95 -67.07 -48.65
C GLN B 328 -14.75 -68.57 -48.43
N GLU B 329 -13.59 -68.93 -47.89
CA GLU B 329 -13.46 -70.26 -47.30
C GLU B 329 -12.60 -70.26 -46.04
N ASP B 330 -12.14 -69.09 -45.58
CA ASP B 330 -11.41 -68.95 -44.33
C ASP B 330 -12.04 -67.92 -43.42
N ILE B 331 -13.22 -67.43 -43.74
CA ILE B 331 -13.95 -66.46 -42.93
C ILE B 331 -14.92 -67.24 -42.05
N ALA B 332 -14.64 -67.25 -40.74
CA ALA B 332 -15.45 -67.92 -39.74
C ALA B 332 -15.44 -67.15 -38.43
N PRO B 333 -16.60 -66.76 -37.92
CA PRO B 333 -16.64 -66.07 -36.62
C PRO B 333 -16.22 -66.99 -35.48
N HIS B 334 -15.64 -66.39 -34.45
CA HIS B 334 -15.25 -67.14 -33.26
C HIS B 334 -15.31 -66.19 -32.08
N GLY B 335 -16.10 -66.55 -31.06
CA GLY B 335 -16.38 -65.63 -29.98
C GLY B 335 -17.63 -64.79 -30.22
N ALA B 336 -17.97 -64.02 -29.18
CA ALA B 336 -19.07 -63.06 -29.22
C ALA B 336 -18.52 -61.69 -28.85
N ALA B 337 -19.29 -60.66 -29.20
CA ALA B 337 -18.88 -59.29 -28.94
C ALA B 337 -20.11 -58.39 -28.85
N LEU B 338 -19.92 -57.22 -28.27
CA LEU B 338 -20.98 -56.22 -28.16
C LEU B 338 -20.37 -54.84 -28.02
N GLN B 339 -21.16 -53.82 -28.35
CA GLN B 339 -20.71 -52.45 -28.34
C GLN B 339 -21.75 -51.55 -27.69
N CYS B 340 -21.27 -50.53 -26.98
CA CYS B 340 -22.12 -49.53 -26.36
C CYS B 340 -21.50 -48.15 -26.55
N ARG B 341 -22.34 -47.13 -26.48
CA ARG B 341 -21.92 -45.74 -26.68
C ARG B 341 -22.25 -44.93 -25.44
N ILE B 342 -21.34 -44.05 -25.04
CA ILE B 342 -21.52 -43.22 -23.85
C ILE B 342 -21.80 -41.80 -24.31
N THR B 343 -22.91 -41.24 -23.84
CA THR B 343 -23.33 -39.90 -24.20
C THR B 343 -23.55 -39.06 -22.93
N THR B 344 -23.79 -37.77 -23.14
CA THR B 344 -24.05 -36.83 -22.05
C THR B 344 -25.53 -36.72 -21.72
N GLU B 345 -26.38 -37.56 -22.29
CA GLU B 345 -27.81 -37.48 -22.02
C GLU B 345 -28.12 -37.86 -20.58
N ASP B 346 -29.00 -37.09 -19.95
CA ASP B 346 -29.40 -37.31 -18.57
C ASP B 346 -30.64 -38.17 -18.54
N PRO B 347 -30.60 -39.36 -17.95
CA PRO B 347 -31.79 -40.22 -17.89
C PRO B 347 -32.80 -39.74 -16.85
N ALA B 348 -32.53 -38.60 -16.20
CA ALA B 348 -33.40 -38.08 -15.15
C ALA B 348 -34.36 -37.02 -15.69
N ASN B 349 -33.80 -35.93 -16.23
CA ASN B 349 -34.59 -34.92 -16.94
C ASN B 349 -34.63 -35.25 -18.43
N GLY B 350 -35.71 -35.90 -18.83
CA GLY B 350 -35.90 -36.27 -20.23
C GLY B 350 -34.75 -37.12 -20.71
N PHE B 351 -34.24 -36.78 -21.91
CA PHE B 351 -32.98 -37.35 -22.38
C PHE B 351 -32.16 -36.31 -23.13
N ARG B 352 -32.32 -35.03 -22.76
CA ARG B 352 -31.65 -33.96 -23.48
C ARG B 352 -30.16 -33.90 -23.11
N PRO B 353 -29.31 -33.50 -24.04
CA PRO B 353 -27.88 -33.40 -23.75
C PRO B 353 -27.59 -32.29 -22.74
N ASP B 354 -26.51 -32.48 -21.99
CA ASP B 354 -26.04 -31.50 -21.01
C ASP B 354 -24.66 -31.03 -21.41
N THR B 355 -24.45 -29.72 -21.34
CA THR B 355 -23.18 -29.10 -21.71
C THR B 355 -22.44 -28.64 -20.45
N GLY B 356 -21.11 -28.73 -20.51
CA GLY B 356 -20.30 -28.32 -19.38
C GLY B 356 -18.84 -28.61 -19.66
N ARG B 357 -18.02 -28.36 -18.65
CA ARG B 357 -16.58 -28.62 -18.70
C ARG B 357 -16.27 -29.88 -17.90
N ILE B 358 -15.47 -30.76 -18.49
CA ILE B 358 -15.12 -32.04 -17.87
C ILE B 358 -14.06 -31.80 -16.80
N SER B 359 -14.36 -32.22 -15.57
CA SER B 359 -13.49 -32.00 -14.43
C SER B 359 -12.79 -33.25 -13.94
N ALA B 360 -13.09 -34.41 -14.53
CA ALA B 360 -12.40 -35.65 -14.16
C ALA B 360 -12.68 -36.75 -15.17
N LEU B 361 -11.62 -37.39 -15.66
CA LEU B 361 -11.74 -38.46 -16.64
C LEU B 361 -10.83 -39.62 -16.23
N ARG B 362 -11.42 -40.80 -16.03
CA ARG B 362 -10.66 -42.03 -15.80
C ARG B 362 -11.22 -43.10 -16.73
N THR B 363 -10.35 -43.64 -17.58
CA THR B 363 -10.74 -44.59 -18.61
C THR B 363 -10.62 -46.01 -18.07
N ALA B 364 -10.74 -47.01 -18.94
CA ALA B 364 -10.61 -48.39 -18.47
C ALA B 364 -9.98 -49.21 -19.58
N GLY B 365 -9.81 -50.50 -19.31
CA GLY B 365 -9.18 -51.38 -20.28
C GLY B 365 -8.80 -52.69 -19.64
N GLY B 366 -8.05 -53.49 -20.39
CA GLY B 366 -7.76 -54.84 -19.99
C GLY B 366 -8.00 -55.84 -21.09
N ALA B 367 -8.43 -57.05 -20.72
CA ALA B 367 -8.64 -58.12 -21.68
C ALA B 367 -10.01 -57.97 -22.34
N GLY B 368 -10.03 -58.01 -23.66
CA GLY B 368 -11.27 -57.91 -24.41
C GLY B 368 -11.99 -56.58 -24.28
N VAL B 369 -11.26 -55.47 -24.33
CA VAL B 369 -11.84 -54.13 -24.25
C VAL B 369 -11.22 -53.27 -25.33
N ARG B 370 -12.07 -52.57 -26.09
CA ARG B 370 -11.62 -51.66 -27.14
C ARG B 370 -12.37 -50.35 -26.98
N LEU B 371 -11.63 -49.24 -27.07
CA LEU B 371 -12.20 -47.90 -26.90
C LEU B 371 -11.98 -47.09 -28.17
N ASP B 372 -13.03 -46.41 -28.63
CA ASP B 372 -12.99 -45.54 -29.79
C ASP B 372 -13.46 -44.15 -29.41
N GLY B 373 -12.65 -43.14 -29.70
CA GLY B 373 -12.97 -41.78 -29.33
C GLY B 373 -12.57 -41.48 -27.90
N SER B 374 -11.86 -40.37 -27.68
CA SER B 374 -11.39 -40.03 -26.34
C SER B 374 -11.24 -38.52 -26.20
N THR B 375 -11.90 -37.96 -25.18
CA THR B 375 -11.77 -36.55 -24.88
C THR B 375 -10.61 -36.36 -23.89
N ASN B 376 -10.46 -35.14 -23.37
CA ASN B 376 -9.37 -34.83 -22.45
C ASN B 376 -9.90 -34.01 -21.29
N LEU B 377 -9.08 -33.92 -20.24
CA LEU B 377 -9.46 -33.16 -19.06
C LEU B 377 -9.59 -31.68 -19.37
N GLY B 378 -10.62 -31.04 -18.80
CA GLY B 378 -10.82 -29.64 -19.06
C GLY B 378 -11.48 -29.31 -20.38
N ALA B 379 -11.95 -30.31 -21.13
CA ALA B 379 -12.62 -30.06 -22.39
C ALA B 379 -14.00 -29.46 -22.17
N GLU B 380 -14.50 -28.78 -23.20
CA GLU B 380 -15.82 -28.16 -23.18
C GLU B 380 -16.72 -28.84 -24.20
N ILE B 381 -17.93 -29.20 -23.76
CA ILE B 381 -18.92 -29.78 -24.66
C ILE B 381 -19.47 -28.71 -25.58
N SER B 382 -19.55 -29.03 -26.87
CA SER B 382 -19.95 -28.06 -27.87
C SER B 382 -21.42 -28.24 -28.22
N PRO B 383 -22.28 -27.22 -28.02
CA PRO B 383 -23.72 -27.35 -28.24
C PRO B 383 -24.14 -27.16 -29.70
N TYR B 384 -23.43 -27.83 -30.61
CA TYR B 384 -23.69 -27.71 -32.04
C TYR B 384 -23.84 -29.08 -32.69
N PHE B 385 -23.14 -30.07 -32.16
CA PHE B 385 -23.07 -31.40 -32.74
C PHE B 385 -23.64 -32.42 -31.77
N ASP B 386 -23.50 -33.71 -32.12
CA ASP B 386 -24.00 -34.79 -31.30
C ASP B 386 -23.23 -34.89 -29.98
N SER B 387 -23.76 -35.72 -29.09
CA SER B 387 -23.25 -35.87 -27.73
C SER B 387 -22.44 -37.15 -27.54
N MET B 388 -21.63 -37.52 -28.53
CA MET B 388 -20.90 -38.78 -28.49
C MET B 388 -19.58 -38.60 -27.77
N LEU B 389 -19.34 -39.43 -26.76
CA LEU B 389 -18.14 -39.34 -25.94
C LEU B 389 -17.15 -40.47 -26.19
N VAL B 390 -17.60 -41.73 -26.10
CA VAL B 390 -16.70 -42.86 -26.27
C VAL B 390 -17.51 -44.10 -26.64
N LYS B 391 -16.95 -44.91 -27.53
CA LYS B 391 -17.52 -46.19 -27.92
C LYS B 391 -16.72 -47.30 -27.25
N LEU B 392 -17.40 -48.20 -26.54
CA LEU B 392 -16.76 -49.29 -25.84
C LEU B 392 -17.22 -50.61 -26.44
N THR B 393 -16.28 -51.44 -26.87
CA THR B 393 -16.55 -52.74 -27.45
C THR B 393 -15.90 -53.82 -26.59
N CYS B 394 -16.67 -54.85 -26.24
CA CYS B 394 -16.19 -55.94 -25.40
C CYS B 394 -16.46 -57.27 -26.07
N ARG B 395 -15.47 -58.16 -26.00
CA ARG B 395 -15.53 -59.45 -26.69
C ARG B 395 -15.19 -60.58 -25.72
N GLY B 396 -15.56 -61.79 -26.09
CA GLY B 396 -15.42 -62.91 -25.19
C GLY B 396 -15.62 -64.22 -25.93
N ARG B 397 -15.33 -65.31 -25.21
CA ARG B 397 -15.57 -66.64 -25.77
C ARG B 397 -17.05 -66.87 -26.00
N ASP B 398 -17.89 -66.44 -25.07
CA ASP B 398 -19.34 -66.55 -25.18
C ASP B 398 -19.98 -65.25 -24.74
N LEU B 399 -21.30 -65.17 -24.91
CA LEU B 399 -22.04 -63.97 -24.55
C LEU B 399 -21.96 -63.63 -23.07
N PRO B 400 -22.13 -64.57 -22.12
CA PRO B 400 -22.04 -64.17 -20.70
C PRO B 400 -20.70 -63.57 -20.32
N THR B 401 -19.59 -64.09 -20.87
CA THR B 401 -18.28 -63.52 -20.58
C THR B 401 -18.16 -62.09 -21.11
N ALA B 402 -18.65 -61.84 -22.33
CA ALA B 402 -18.64 -60.50 -22.89
C ALA B 402 -19.50 -59.56 -22.05
N VAL B 403 -20.63 -60.04 -21.53
CA VAL B 403 -21.50 -59.19 -20.74
C VAL B 403 -20.87 -58.85 -19.38
N SER B 404 -20.23 -59.84 -18.74
CA SER B 404 -19.50 -59.55 -17.51
C SER B 404 -18.37 -58.55 -17.76
N ARG B 405 -17.65 -58.73 -18.86
CA ARG B 405 -16.55 -57.80 -19.15
C ARG B 405 -17.06 -56.40 -19.42
N ALA B 406 -18.18 -56.27 -20.13
CA ALA B 406 -18.76 -54.96 -20.35
C ALA B 406 -19.23 -54.32 -19.04
N ARG B 407 -19.81 -55.13 -18.15
CA ARG B 407 -20.22 -54.61 -16.84
C ARG B 407 -19.02 -54.06 -16.09
N ARG B 408 -17.92 -54.82 -16.05
CA ARG B 408 -16.72 -54.36 -15.37
C ARG B 408 -16.17 -53.08 -16.01
N ALA B 409 -16.15 -53.04 -17.34
CA ALA B 409 -15.65 -51.87 -18.05
C ALA B 409 -16.46 -50.62 -17.69
N ILE B 410 -17.79 -50.74 -17.73
CA ILE B 410 -18.65 -49.61 -17.47
C ILE B 410 -18.67 -49.22 -16.00
N ALA B 411 -18.33 -50.14 -15.10
CA ALA B 411 -18.18 -49.76 -13.71
C ALA B 411 -16.89 -49.00 -13.47
N GLU B 412 -15.78 -49.48 -14.06
CA GLU B 412 -14.49 -48.82 -13.85
C GLU B 412 -14.44 -47.41 -14.43
N PHE B 413 -15.16 -47.15 -15.51
CA PHE B 413 -15.10 -45.85 -16.17
C PHE B 413 -15.62 -44.75 -15.25
N ARG B 414 -14.98 -43.59 -15.28
CA ARG B 414 -15.34 -42.48 -14.41
C ARG B 414 -15.32 -41.18 -15.20
N ILE B 415 -16.46 -40.50 -15.23
CA ILE B 415 -16.61 -39.19 -15.88
C ILE B 415 -17.28 -38.24 -14.90
N ARG B 416 -16.59 -37.14 -14.58
CA ARG B 416 -17.09 -36.14 -13.65
C ARG B 416 -17.04 -34.77 -14.29
N GLY B 417 -18.14 -34.03 -14.19
CA GLY B 417 -18.22 -32.70 -14.76
C GLY B 417 -19.52 -32.48 -15.52
N VAL B 418 -20.04 -33.56 -16.11
CA VAL B 418 -21.29 -33.52 -16.87
C VAL B 418 -22.12 -34.74 -16.50
N SER B 419 -23.41 -34.68 -16.81
CA SER B 419 -24.32 -35.77 -16.52
C SER B 419 -24.27 -36.83 -17.62
N THR B 420 -24.20 -38.10 -17.21
CA THR B 420 -23.96 -39.20 -18.12
C THR B 420 -25.09 -40.23 -18.01
N ASN B 421 -25.28 -41.00 -19.09
CA ASN B 421 -26.30 -42.04 -19.14
C ASN B 421 -25.76 -43.40 -18.71
N ILE B 422 -24.70 -43.43 -17.90
CA ILE B 422 -24.15 -44.69 -17.42
C ILE B 422 -25.17 -45.53 -16.64
N PRO B 423 -25.95 -44.96 -15.72
CA PRO B 423 -26.86 -45.81 -14.92
C PRO B 423 -27.93 -46.52 -15.74
N PHE B 424 -28.44 -45.90 -16.81
CA PHE B 424 -29.36 -46.60 -17.70
C PHE B 424 -28.70 -47.82 -18.33
N LEU B 425 -27.46 -47.67 -18.81
CA LEU B 425 -26.75 -48.80 -19.38
C LEU B 425 -26.48 -49.88 -18.34
N GLN B 426 -26.16 -49.47 -17.11
CA GLN B 426 -25.92 -50.47 -16.07
C GLN B 426 -27.20 -51.24 -15.75
N ALA B 427 -28.34 -50.54 -15.73
CA ALA B 427 -29.61 -51.21 -15.51
C ALA B 427 -29.94 -52.17 -16.66
N VAL B 428 -29.60 -51.79 -17.89
CA VAL B 428 -29.88 -52.66 -19.01
C VAL B 428 -28.98 -53.89 -19.00
N LEU B 429 -27.71 -53.73 -18.61
CA LEU B 429 -26.78 -54.86 -18.56
C LEU B 429 -27.10 -55.83 -17.41
N ASP B 430 -27.85 -55.40 -16.41
CA ASP B 430 -28.18 -56.22 -15.26
C ASP B 430 -29.58 -56.84 -15.35
N ASP B 431 -30.14 -56.96 -16.56
CA ASP B 431 -31.47 -57.53 -16.70
C ASP B 431 -31.34 -59.03 -16.96
N PRO B 432 -31.97 -59.88 -16.14
CA PRO B 432 -31.83 -61.33 -16.35
C PRO B 432 -32.29 -61.80 -17.72
N ASP B 433 -33.37 -61.20 -18.24
CA ASP B 433 -33.82 -61.52 -19.59
C ASP B 433 -32.78 -61.18 -20.64
N PHE B 434 -32.08 -60.05 -20.47
CA PHE B 434 -31.04 -59.67 -21.43
C PHE B 434 -29.88 -60.64 -21.38
N ARG B 435 -29.49 -61.08 -20.18
CA ARG B 435 -28.44 -62.09 -20.07
C ARG B 435 -28.88 -63.42 -20.67
N ALA B 436 -30.15 -63.77 -20.54
CA ALA B 436 -30.66 -65.01 -21.13
C ALA B 436 -30.74 -64.94 -22.65
N GLY B 437 -30.78 -63.74 -23.22
CA GLY B 437 -30.80 -63.60 -24.66
C GLY B 437 -32.15 -63.43 -25.31
N ARG B 438 -33.21 -63.21 -24.52
CA ARG B 438 -34.55 -62.99 -25.06
C ARG B 438 -34.71 -61.51 -25.45
N VAL B 439 -33.99 -61.14 -26.50
CA VAL B 439 -34.01 -59.77 -27.00
C VAL B 439 -35.10 -59.63 -28.04
N THR B 440 -35.75 -58.47 -28.06
CA THR B 440 -36.88 -58.20 -28.92
C THR B 440 -37.01 -56.68 -29.06
N THR B 441 -37.58 -56.24 -30.18
CA THR B 441 -37.76 -54.82 -30.42
C THR B 441 -38.48 -54.13 -29.26
N SER B 442 -39.41 -54.83 -28.62
CA SER B 442 -40.16 -54.29 -27.49
C SER B 442 -39.49 -54.58 -26.15
N PHE B 443 -38.16 -54.68 -26.12
CA PHE B 443 -37.46 -54.95 -24.87
C PHE B 443 -37.60 -53.84 -23.85
N ILE B 444 -37.97 -52.63 -24.30
CA ILE B 444 -38.01 -51.46 -23.42
C ILE B 444 -39.36 -51.32 -22.71
N ASP B 445 -40.33 -52.17 -23.04
CA ASP B 445 -41.65 -52.11 -22.41
C ASP B 445 -41.57 -52.07 -20.88
N GLU B 446 -40.57 -52.69 -20.29
CA GLU B 446 -40.41 -52.70 -18.84
C GLU B 446 -40.02 -51.30 -18.37
N ARG B 447 -40.77 -50.77 -17.40
CA ARG B 447 -40.71 -49.36 -17.04
C ARG B 447 -39.52 -49.01 -16.14
N PRO B 448 -39.27 -49.72 -15.04
CA PRO B 448 -38.27 -49.24 -14.07
C PRO B 448 -36.83 -49.35 -14.55
N GLN B 449 -36.60 -49.76 -15.79
CA GLN B 449 -35.25 -49.66 -16.34
C GLN B 449 -34.83 -48.20 -16.55
N LEU B 450 -35.79 -47.32 -16.86
CA LEU B 450 -35.45 -45.93 -17.17
C LEU B 450 -35.05 -45.17 -15.91
N LEU B 451 -35.98 -45.06 -14.95
CA LEU B 451 -35.76 -44.25 -13.75
C LEU B 451 -35.18 -45.13 -12.63
N THR B 452 -33.96 -45.59 -12.87
CA THR B 452 -33.22 -46.30 -11.82
C THR B 452 -32.56 -45.35 -10.85
N ALA B 453 -32.39 -44.08 -11.22
CA ALA B 453 -31.79 -43.06 -10.38
C ALA B 453 -30.48 -43.53 -9.76
N ARG B 454 -30.21 -43.08 -8.53
CA ARG B 454 -28.97 -43.39 -7.82
C ARG B 454 -27.76 -43.17 -8.72
N ALA B 455 -27.62 -41.93 -9.18
CA ALA B 455 -26.65 -41.60 -10.20
C ALA B 455 -25.23 -41.93 -9.77
N SER B 456 -24.71 -41.21 -8.79
CA SER B 456 -23.37 -41.51 -8.28
C SER B 456 -23.20 -41.38 -6.77
N ALA B 457 -23.99 -40.58 -6.07
CA ALA B 457 -23.79 -40.29 -4.65
C ALA B 457 -22.33 -39.89 -4.39
N ASP B 458 -21.86 -38.93 -5.18
CA ASP B 458 -20.45 -38.58 -5.23
C ASP B 458 -20.10 -37.70 -4.05
N ARG B 459 -19.24 -38.19 -3.17
CA ARG B 459 -18.89 -37.47 -1.94
C ARG B 459 -17.65 -36.62 -2.13
N GLY B 460 -16.69 -37.09 -2.95
CA GLY B 460 -15.47 -36.33 -3.15
C GLY B 460 -15.72 -34.98 -3.80
N THR B 461 -16.61 -34.94 -4.79
CA THR B 461 -16.90 -33.68 -5.49
C THR B 461 -17.58 -32.68 -4.57
N LYS B 462 -18.46 -33.15 -3.68
CA LYS B 462 -19.13 -32.23 -2.77
C LYS B 462 -18.18 -31.73 -1.69
N ILE B 463 -17.32 -32.61 -1.18
CA ILE B 463 -16.30 -32.18 -0.22
C ILE B 463 -15.38 -31.15 -0.86
N LEU B 464 -14.97 -31.38 -2.11
CA LEU B 464 -14.10 -30.43 -2.80
C LEU B 464 -14.80 -29.09 -3.03
N ASN B 465 -16.07 -29.12 -3.43
CA ASN B 465 -16.85 -27.90 -3.57
C ASN B 465 -16.89 -27.10 -2.28
N PHE B 466 -17.22 -27.75 -1.17
CA PHE B 466 -17.28 -27.05 0.11
C PHE B 466 -15.92 -26.50 0.51
N LEU B 467 -14.86 -27.28 0.33
CA LEU B 467 -13.52 -26.82 0.70
C LEU B 467 -13.09 -25.61 -0.13
N ALA B 468 -13.36 -25.64 -1.44
CA ALA B 468 -13.02 -24.51 -2.29
C ALA B 468 -13.83 -23.27 -1.90
N ASP B 469 -15.12 -23.46 -1.58
CA ASP B 469 -15.92 -22.33 -1.14
C ASP B 469 -15.37 -21.71 0.13
N VAL B 470 -14.96 -22.54 1.08
CA VAL B 470 -14.38 -22.03 2.32
C VAL B 470 -13.06 -21.31 2.04
N THR B 471 -12.22 -21.88 1.17
CA THR B 471 -10.92 -21.29 0.88
C THR B 471 -11.07 -19.92 0.24
N VAL B 472 -11.96 -19.79 -0.73
CA VAL B 472 -12.08 -18.54 -1.47
C VAL B 472 -12.76 -17.46 -0.61
N ASN B 473 -13.78 -17.84 0.14
CA ASN B 473 -14.64 -16.90 0.86
C ASN B 473 -14.46 -17.00 2.38
N ASN B 474 -13.21 -17.13 2.83
CA ASN B 474 -12.94 -17.25 4.25
C ASN B 474 -13.07 -15.89 4.93
N PRO B 475 -13.93 -15.75 5.94
CA PRO B 475 -14.07 -14.43 6.59
C PRO B 475 -12.85 -14.03 7.40
N TYR B 476 -12.16 -14.98 8.00
CA TYR B 476 -11.00 -14.66 8.82
C TYR B 476 -9.81 -14.32 7.94
N GLY B 477 -9.08 -13.28 8.33
CA GLY B 477 -7.96 -12.80 7.53
C GLY B 477 -6.74 -13.70 7.60
N SER B 478 -5.56 -13.11 7.52
CA SER B 478 -4.33 -13.89 7.50
C SER B 478 -4.10 -14.58 8.84
N ARG B 479 -3.17 -15.52 8.86
CA ARG B 479 -3.05 -16.47 9.96
C ARG B 479 -1.60 -16.88 10.10
N PRO B 480 -1.17 -17.29 11.29
CA PRO B 480 0.18 -17.86 11.44
C PRO B 480 0.27 -19.28 10.88
N SER B 481 1.40 -19.93 11.12
CA SER B 481 1.58 -21.30 10.64
C SER B 481 0.56 -22.23 11.29
N THR B 482 0.17 -23.26 10.54
CA THR B 482 -0.88 -24.16 10.99
C THR B 482 -0.40 -25.00 12.17
N ILE B 483 -1.26 -25.15 13.17
CA ILE B 483 -0.96 -25.91 14.37
C ILE B 483 -1.64 -27.27 14.27
N TYR B 484 -0.90 -28.34 14.56
CA TYR B 484 -1.42 -29.70 14.53
C TYR B 484 -1.41 -30.26 15.94
N PRO B 485 -2.55 -30.30 16.64
CA PRO B 485 -2.51 -30.77 18.03
C PRO B 485 -2.24 -32.25 18.15
N ASP B 486 -2.53 -33.02 17.10
CA ASP B 486 -2.41 -34.47 17.17
C ASP B 486 -0.97 -34.90 17.42
N ASP B 487 0.01 -34.06 17.05
CA ASP B 487 1.41 -34.37 17.30
C ASP B 487 1.78 -34.31 18.78
N LYS B 488 0.93 -33.73 19.62
CA LYS B 488 1.23 -33.58 21.04
C LYS B 488 0.69 -34.73 21.89
N LEU B 489 0.01 -35.69 21.29
CA LEU B 489 -0.55 -36.80 22.06
C LEU B 489 0.55 -37.76 22.48
N PRO B 490 0.56 -38.24 23.72
CA PRO B 490 1.61 -39.16 24.16
C PRO B 490 1.47 -40.53 23.52
N ASP B 491 2.58 -41.26 23.49
CA ASP B 491 2.60 -42.61 22.94
C ASP B 491 1.89 -43.57 23.88
N LEU B 492 1.02 -44.41 23.32
CA LEU B 492 0.27 -45.39 24.10
C LEU B 492 -0.23 -46.48 23.15
N ASP B 493 -0.29 -47.71 23.65
CA ASP B 493 -0.74 -48.85 22.85
C ASP B 493 -2.26 -48.84 22.79
N LEU B 494 -2.80 -48.40 21.65
CA LEU B 494 -4.25 -48.34 21.49
C LEU B 494 -4.78 -49.63 20.87
N ARG B 495 -4.38 -50.77 21.44
CA ARG B 495 -4.81 -52.06 20.93
C ARG B 495 -5.47 -52.88 22.04
N ALA B 496 -4.95 -52.76 23.25
CA ALA B 496 -5.48 -53.52 24.38
C ALA B 496 -6.80 -52.94 24.86
N ALA B 497 -7.66 -53.81 25.35
CA ALA B 497 -8.95 -53.40 25.88
C ALA B 497 -8.76 -52.63 27.19
N PRO B 498 -9.61 -51.64 27.46
CA PRO B 498 -9.39 -50.79 28.63
C PRO B 498 -9.93 -51.45 29.88
N PRO B 499 -9.32 -51.20 31.04
CA PRO B 499 -9.76 -51.88 32.27
C PRO B 499 -11.14 -51.42 32.71
N ALA B 500 -11.82 -52.31 33.42
CA ALA B 500 -13.18 -52.04 33.87
C ALA B 500 -13.22 -50.81 34.79
N GLY B 501 -14.30 -50.05 34.67
CA GLY B 501 -14.48 -48.82 35.41
C GLY B 501 -15.85 -48.74 36.07
N SER B 502 -16.45 -47.55 36.00
CA SER B 502 -17.71 -47.30 36.69
C SER B 502 -18.92 -47.89 35.98
N LYS B 503 -18.85 -48.09 34.66
CA LYS B 503 -19.98 -48.65 33.94
C LYS B 503 -20.20 -50.12 34.31
N GLN B 504 -19.11 -50.86 34.48
CA GLN B 504 -19.22 -52.24 34.93
C GLN B 504 -19.86 -52.31 36.32
N ARG B 505 -19.41 -51.44 37.23
CA ARG B 505 -19.97 -51.45 38.59
C ARG B 505 -21.44 -51.06 38.59
N LEU B 506 -21.81 -50.06 37.79
CA LEU B 506 -23.21 -49.65 37.70
C LEU B 506 -24.07 -50.77 37.13
N VAL B 507 -23.56 -51.49 36.12
CA VAL B 507 -24.30 -52.62 35.57
C VAL B 507 -24.45 -53.71 36.62
N LYS B 508 -23.39 -53.98 37.40
CA LYS B 508 -23.41 -55.10 38.32
C LYS B 508 -24.33 -54.84 39.52
N LEU B 509 -24.24 -53.66 40.12
CA LEU B 509 -24.99 -53.37 41.34
C LEU B 509 -26.29 -52.60 41.11
N GLY B 510 -26.39 -51.79 40.06
CA GLY B 510 -27.58 -51.02 39.83
C GLY B 510 -27.50 -49.65 40.48
N PRO B 511 -28.57 -48.86 40.37
CA PRO B 511 -28.55 -47.50 40.90
C PRO B 511 -28.44 -47.43 42.42
N GLU B 512 -29.29 -48.19 43.12
CA GLU B 512 -29.28 -48.14 44.58
C GLU B 512 -27.95 -48.64 45.14
N GLY B 513 -27.43 -49.75 44.59
CA GLY B 513 -26.15 -50.25 45.05
C GLY B 513 -25.02 -49.30 44.76
N PHE B 514 -25.05 -48.65 43.60
CA PHE B 514 -24.03 -47.66 43.27
C PHE B 514 -24.07 -46.49 44.24
N ALA B 515 -25.28 -46.02 44.57
CA ALA B 515 -25.40 -44.92 45.53
C ALA B 515 -24.88 -45.33 46.91
N ARG B 516 -25.22 -46.54 47.36
CA ARG B 516 -24.74 -47.02 48.65
C ARG B 516 -23.22 -47.13 48.68
N TRP B 517 -22.64 -47.67 47.60
CA TRP B 517 -21.19 -47.80 47.48
C TRP B 517 -20.51 -46.43 47.52
N LEU B 518 -21.09 -45.45 46.82
CA LEU B 518 -20.52 -44.11 46.82
C LEU B 518 -20.64 -43.45 48.19
N ARG B 519 -21.74 -43.69 48.91
CA ARG B 519 -21.85 -43.15 50.26
C ARG B 519 -20.84 -43.80 51.21
N GLU B 520 -20.60 -45.10 51.06
CA GLU B 520 -19.74 -45.84 51.97
C GLU B 520 -18.26 -45.83 51.56
N SER B 521 -17.89 -45.11 50.52
CA SER B 521 -16.52 -45.11 50.03
C SER B 521 -15.77 -43.88 50.51
N ALA B 522 -14.60 -44.09 51.11
CA ALA B 522 -13.84 -43.00 51.71
C ALA B 522 -13.20 -42.10 50.66
N ALA B 523 -13.01 -42.61 49.44
CA ALA B 523 -12.48 -41.80 48.36
C ALA B 523 -13.53 -40.84 47.83
N VAL B 524 -13.06 -39.79 47.16
CA VAL B 524 -13.90 -38.70 46.68
C VAL B 524 -13.89 -38.70 45.16
N GLY B 525 -15.04 -39.00 44.56
CA GLY B 525 -15.11 -39.23 43.13
C GLY B 525 -15.00 -37.93 42.34
N VAL B 526 -14.10 -37.92 41.38
CA VAL B 526 -13.86 -36.76 40.51
C VAL B 526 -14.65 -36.94 39.22
N THR B 527 -15.34 -35.88 38.81
CA THR B 527 -16.05 -35.84 37.53
C THR B 527 -15.35 -34.86 36.60
N ASP B 528 -15.26 -35.22 35.32
CA ASP B 528 -14.61 -34.38 34.32
C ASP B 528 -15.66 -33.58 33.55
N THR B 529 -15.45 -32.26 33.48
CA THR B 529 -16.36 -31.36 32.78
C THR B 529 -15.68 -30.63 31.63
N THR B 530 -14.54 -31.14 31.16
CA THR B 530 -13.85 -30.49 30.04
C THR B 530 -14.63 -30.59 28.74
N PHE B 531 -15.39 -31.68 28.57
CA PHE B 531 -16.05 -31.92 27.30
C PHE B 531 -17.28 -31.05 27.09
N ARG B 532 -17.96 -30.65 28.16
CA ARG B 532 -19.15 -29.81 28.03
C ARG B 532 -18.96 -28.42 28.62
N ASP B 533 -18.59 -28.31 29.89
CA ASP B 533 -18.67 -27.04 30.60
C ASP B 533 -17.39 -26.22 30.55
N ALA B 534 -16.34 -26.69 29.87
CA ALA B 534 -15.11 -25.92 29.77
C ALA B 534 -15.12 -24.96 28.58
N HIS B 535 -15.33 -25.50 27.38
CA HIS B 535 -15.35 -24.66 26.19
C HIS B 535 -16.65 -23.87 26.06
N GLN B 536 -17.66 -24.19 26.85
CA GLN B 536 -18.89 -23.39 26.84
C GLN B 536 -18.65 -22.00 27.42
N SER B 537 -17.82 -21.91 28.46
CA SER B 537 -17.55 -20.65 29.13
C SER B 537 -16.32 -19.92 28.59
N LEU B 538 -15.58 -20.53 27.66
CA LEU B 538 -14.34 -19.92 27.20
C LEU B 538 -14.30 -19.78 25.68
N LEU B 539 -14.92 -20.71 24.95
CA LEU B 539 -14.82 -20.74 23.50
C LEU B 539 -16.19 -20.72 22.83
N ALA B 540 -17.22 -20.22 23.52
CA ALA B 540 -18.57 -20.07 22.96
C ALA B 540 -19.16 -21.40 22.47
N THR B 541 -18.75 -22.50 23.10
CA THR B 541 -19.28 -23.83 22.80
C THR B 541 -19.13 -24.18 21.33
N ARG B 542 -17.93 -23.94 20.78
CA ARG B 542 -17.69 -24.14 19.36
C ARG B 542 -16.65 -25.23 19.08
N VAL B 543 -16.38 -26.11 20.03
CA VAL B 543 -15.45 -27.20 19.81
C VAL B 543 -16.21 -28.35 19.16
N ARG B 544 -15.67 -28.86 18.05
CA ARG B 544 -16.34 -29.89 17.26
C ARG B 544 -16.07 -31.26 17.87
N THR B 545 -16.47 -32.31 17.16
CA THR B 545 -16.38 -33.67 17.66
C THR B 545 -15.05 -34.36 17.35
N SER B 546 -14.29 -33.85 16.37
CA SER B 546 -13.05 -34.49 15.97
C SER B 546 -12.04 -34.57 17.12
N GLY B 547 -11.83 -33.45 17.82
CA GLY B 547 -10.86 -33.43 18.90
C GLY B 547 -11.29 -34.28 20.09
N LEU B 548 -12.56 -34.20 20.47
CA LEU B 548 -13.07 -35.00 21.56
C LEU B 548 -12.93 -36.49 21.26
N SER B 549 -13.30 -36.88 20.03
CA SER B 549 -13.18 -38.30 19.66
C SER B 549 -11.73 -38.73 19.56
N ARG B 550 -10.83 -37.83 19.15
CA ARG B 550 -9.41 -38.19 19.08
C ARG B 550 -8.81 -38.36 20.46
N VAL B 551 -9.28 -37.58 21.44
CA VAL B 551 -8.67 -37.60 22.77
C VAL B 551 -9.38 -38.53 23.76
N ALA B 552 -10.57 -39.03 23.41
CA ALA B 552 -11.29 -39.92 24.31
C ALA B 552 -10.58 -41.25 24.59
N PRO B 553 -10.05 -41.99 23.59
CA PRO B 553 -9.32 -43.24 23.92
C PRO B 553 -8.18 -43.06 24.93
N TYR B 554 -7.39 -42.00 24.80
CA TYR B 554 -6.30 -41.78 25.76
C TYR B 554 -6.85 -41.56 27.16
N LEU B 555 -7.96 -40.81 27.28
CA LEU B 555 -8.58 -40.60 28.57
C LEU B 555 -9.09 -41.91 29.15
N ALA B 556 -9.69 -42.75 28.32
CA ALA B 556 -10.22 -44.02 28.78
C ALA B 556 -9.13 -45.00 29.17
N ARG B 557 -7.92 -44.86 28.62
CA ARG B 557 -6.87 -45.84 28.86
C ARG B 557 -5.75 -45.38 29.79
N THR B 558 -5.66 -44.09 30.09
CA THR B 558 -4.77 -43.65 31.17
C THR B 558 -5.49 -43.31 32.47
N MET B 559 -6.80 -43.06 32.43
CA MET B 559 -7.55 -42.65 33.62
C MET B 559 -8.79 -43.53 33.74
N PRO B 560 -8.64 -44.74 34.25
CA PRO B 560 -9.80 -45.63 34.40
C PRO B 560 -10.51 -45.49 35.74
N GLN B 561 -10.29 -44.39 36.44
CA GLN B 561 -10.85 -44.21 37.79
C GLN B 561 -11.78 -43.01 37.88
N LEU B 562 -12.08 -42.34 36.77
CA LEU B 562 -12.97 -41.19 36.80
C LEU B 562 -14.41 -41.66 36.98
N LEU B 563 -15.13 -40.97 37.87
CA LEU B 563 -16.47 -41.39 38.24
C LEU B 563 -17.41 -41.32 37.04
N SER B 564 -17.39 -40.20 36.32
CA SER B 564 -18.23 -40.00 35.15
C SER B 564 -17.64 -38.85 34.33
N VAL B 565 -18.13 -38.71 33.11
CA VAL B 565 -17.71 -37.66 32.19
C VAL B 565 -18.95 -36.95 31.67
N GLU B 566 -18.94 -35.62 31.73
CA GLU B 566 -20.03 -34.79 31.23
C GLU B 566 -19.68 -34.32 29.82
N CYS B 567 -20.42 -34.80 28.82
CA CYS B 567 -20.10 -34.49 27.44
C CYS B 567 -21.32 -34.24 26.57
N TRP B 568 -22.49 -33.97 27.16
CA TRP B 568 -23.70 -33.85 26.37
C TRP B 568 -24.68 -32.92 27.09
N GLY B 569 -25.48 -32.21 26.30
CA GLY B 569 -26.53 -31.38 26.85
C GLY B 569 -26.14 -29.93 26.99
N GLY B 570 -26.95 -29.20 27.75
CA GLY B 570 -26.74 -27.78 27.89
C GLY B 570 -26.99 -27.08 26.56
N ALA B 571 -26.07 -26.21 26.16
CA ALA B 571 -26.20 -25.45 24.93
C ALA B 571 -25.53 -26.11 23.73
N THR B 572 -24.92 -27.29 23.92
CA THR B 572 -24.23 -27.94 22.81
C THR B 572 -25.20 -28.40 21.72
N TYR B 573 -26.43 -28.75 22.11
CA TYR B 573 -27.43 -29.22 21.14
C TYR B 573 -27.74 -28.13 20.12
N ASP B 574 -28.12 -26.95 20.59
CA ASP B 574 -28.53 -25.86 19.71
C ASP B 574 -27.35 -25.36 18.87
N VAL B 575 -26.17 -25.21 19.49
CA VAL B 575 -25.01 -24.72 18.75
C VAL B 575 -24.57 -25.75 17.71
N ALA B 576 -24.66 -27.04 18.04
CA ALA B 576 -24.29 -28.07 17.08
C ALA B 576 -25.24 -28.08 15.89
N LEU B 577 -26.54 -27.93 16.14
CA LEU B 577 -27.51 -27.89 15.04
C LEU B 577 -27.37 -26.63 14.20
N ARG B 578 -27.03 -25.50 14.84
CA ARG B 578 -27.09 -24.21 14.17
C ARG B 578 -25.76 -23.78 13.56
N PHE B 579 -24.70 -23.73 14.37
CA PHE B 579 -23.43 -23.16 13.92
C PHE B 579 -22.45 -24.19 13.37
N LEU B 580 -22.57 -25.46 13.77
CA LEU B 580 -21.58 -26.46 13.40
C LEU B 580 -22.12 -27.53 12.45
N LYS B 581 -23.42 -27.51 12.15
CA LYS B 581 -24.03 -28.41 11.17
C LYS B 581 -23.73 -29.87 11.47
N GLU B 582 -23.91 -30.25 12.73
CA GLU B 582 -23.66 -31.61 13.19
C GLU B 582 -24.89 -32.15 13.90
N ASP B 583 -24.93 -33.49 14.05
CA ASP B 583 -26.02 -34.14 14.74
C ASP B 583 -25.54 -34.57 16.13
N PRO B 584 -26.17 -34.09 17.21
CA PRO B 584 -25.68 -34.45 18.55
C PRO B 584 -25.73 -35.93 18.84
N TRP B 585 -26.69 -36.66 18.27
CA TRP B 585 -26.81 -38.08 18.55
C TRP B 585 -25.61 -38.87 18.01
N GLU B 586 -25.13 -38.49 16.82
CA GLU B 586 -23.92 -39.13 16.29
C GLU B 586 -22.73 -38.85 17.19
N ARG B 587 -22.65 -37.63 17.73
CA ARG B 587 -21.59 -37.31 18.68
C ARG B 587 -21.67 -38.18 19.93
N LEU B 588 -22.89 -38.35 20.47
CA LEU B 588 -23.06 -39.22 21.63
C LEU B 588 -22.66 -40.65 21.32
N ALA B 589 -23.04 -41.17 20.16
CA ALA B 589 -22.69 -42.54 19.79
C ALA B 589 -21.18 -42.69 19.65
N THR B 590 -20.53 -41.72 19.00
CA THR B 590 -19.08 -41.77 18.86
C THR B 590 -18.38 -41.74 20.21
N LEU B 591 -18.84 -40.87 21.11
CA LEU B 591 -18.23 -40.81 22.44
C LEU B 591 -18.49 -42.09 23.23
N ARG B 592 -19.67 -42.70 23.06
CA ARG B 592 -19.95 -43.95 23.76
C ARG B 592 -19.01 -45.04 23.29
N ALA B 593 -18.90 -45.22 21.97
CA ALA B 593 -17.98 -46.21 21.41
C ALA B 593 -16.54 -45.94 21.82
N ALA B 594 -16.14 -44.66 21.87
CA ALA B 594 -14.78 -44.31 22.26
C ALA B 594 -14.50 -44.71 23.70
N MET B 595 -15.42 -44.41 24.62
CA MET B 595 -15.16 -44.74 26.02
C MET B 595 -16.20 -45.74 26.51
N PRO B 596 -15.84 -47.02 26.67
CA PRO B 596 -16.80 -48.03 27.13
C PRO B 596 -16.76 -48.34 28.62
N ASN B 597 -15.87 -47.72 29.39
CA ASN B 597 -15.68 -48.06 30.79
C ASN B 597 -15.99 -46.91 31.74
N ILE B 598 -16.42 -45.76 31.25
CA ILE B 598 -16.71 -44.60 32.08
C ILE B 598 -18.13 -44.14 31.83
N CYS B 599 -18.84 -43.83 32.92
CA CYS B 599 -20.22 -43.39 32.82
C CYS B 599 -20.30 -42.02 32.16
N LEU B 600 -21.43 -41.76 31.50
CA LEU B 600 -21.68 -40.49 30.82
C LEU B 600 -22.80 -39.75 31.53
N GLN B 601 -22.66 -38.43 31.65
CA GLN B 601 -23.59 -37.60 32.40
C GLN B 601 -24.16 -36.50 31.51
N MET B 602 -25.45 -36.21 31.69
CA MET B 602 -26.13 -35.20 30.90
C MET B 602 -26.93 -34.28 31.82
N LEU B 603 -26.91 -32.98 31.49
CA LEU B 603 -27.55 -31.95 32.29
C LEU B 603 -28.94 -31.64 31.72
N LEU B 604 -29.97 -32.25 32.31
CA LEU B 604 -31.33 -31.94 31.93
C LEU B 604 -31.85 -30.78 32.77
N ARG B 605 -32.85 -30.07 32.22
CA ARG B 605 -33.35 -28.86 32.86
C ARG B 605 -34.85 -28.97 33.15
N GLY B 606 -35.29 -30.09 33.70
CA GLY B 606 -36.69 -30.22 34.07
C GLY B 606 -37.60 -30.31 32.86
N ARG B 607 -38.67 -29.51 32.87
CA ARG B 607 -39.66 -29.55 31.80
C ARG B 607 -39.04 -29.16 30.46
N ASN B 608 -38.26 -28.08 30.45
CA ASN B 608 -37.56 -27.65 29.24
C ASN B 608 -36.25 -28.43 29.18
N THR B 609 -36.24 -29.51 28.40
CA THR B 609 -35.09 -30.41 28.31
C THR B 609 -33.82 -29.70 27.88
N VAL B 610 -33.77 -29.20 26.65
CA VAL B 610 -32.58 -28.53 26.14
C VAL B 610 -32.98 -27.19 25.54
N GLY B 611 -34.29 -26.94 25.47
CA GLY B 611 -34.82 -25.70 24.94
C GLY B 611 -34.91 -24.62 25.98
N TYR B 612 -35.78 -23.65 25.71
CA TYR B 612 -35.99 -22.53 26.62
C TYR B 612 -37.45 -22.33 26.99
N THR B 613 -38.31 -23.29 26.65
CA THR B 613 -39.74 -23.19 26.91
C THR B 613 -40.24 -24.55 27.40
N PRO B 614 -41.27 -24.58 28.23
CA PRO B 614 -41.90 -25.85 28.60
C PRO B 614 -42.35 -26.66 27.39
N TYR B 615 -42.21 -27.97 27.51
CA TYR B 615 -42.56 -28.95 26.48
C TYR B 615 -43.50 -29.99 27.08
N PRO B 616 -44.32 -30.63 26.25
CA PRO B 616 -45.24 -31.65 26.78
C PRO B 616 -44.51 -32.85 27.35
N GLU B 617 -45.24 -33.60 28.19
CA GLU B 617 -44.64 -34.71 28.93
C GLU B 617 -44.15 -35.81 28.02
N ILE B 618 -44.89 -36.10 26.95
CA ILE B 618 -44.55 -37.21 26.06
C ILE B 618 -43.20 -36.95 25.39
N VAL B 619 -42.94 -35.70 25.00
CA VAL B 619 -41.66 -35.36 24.39
C VAL B 619 -40.52 -35.60 25.37
N THR B 620 -40.70 -35.19 26.62
CA THR B 620 -39.67 -35.38 27.63
C THR B 620 -39.40 -36.86 27.90
N SER B 621 -40.46 -37.66 28.00
CA SER B 621 -40.29 -39.09 28.21
C SER B 621 -39.57 -39.75 27.03
N ALA B 622 -39.97 -39.40 25.81
CA ALA B 622 -39.30 -39.94 24.63
C ALA B 622 -37.83 -39.54 24.62
N PHE B 623 -37.52 -38.30 25.03
CA PHE B 623 -36.15 -37.83 24.99
C PHE B 623 -35.30 -38.57 26.01
N VAL B 624 -35.85 -38.80 27.21
CA VAL B 624 -35.14 -39.57 28.23
C VAL B 624 -34.91 -41.00 27.74
N GLN B 625 -35.92 -41.61 27.13
CA GLN B 625 -35.77 -42.97 26.63
C GLN B 625 -34.71 -43.05 25.54
N GLU B 626 -34.73 -42.13 24.58
CA GLU B 626 -33.72 -42.15 23.53
C GLU B 626 -32.33 -41.92 24.10
N ALA B 627 -32.20 -41.00 25.07
CA ALA B 627 -30.88 -40.68 25.60
C ALA B 627 -30.30 -41.83 26.42
N THR B 628 -31.10 -42.44 27.31
CA THR B 628 -30.62 -43.64 27.99
C THR B 628 -30.35 -44.78 27.02
N ALA B 629 -31.06 -44.83 25.88
CA ALA B 629 -30.78 -45.90 24.92
C ALA B 629 -29.45 -45.68 24.21
N THR B 630 -29.11 -44.42 23.92
CA THR B 630 -27.84 -44.12 23.26
C THR B 630 -26.65 -44.24 24.20
N GLY B 631 -26.86 -44.20 25.50
CA GLY B 631 -25.75 -44.40 26.42
C GLY B 631 -25.57 -43.36 27.50
N ILE B 632 -26.62 -42.60 27.83
CA ILE B 632 -26.54 -41.61 28.92
C ILE B 632 -26.79 -42.32 30.24
N ASP B 633 -25.78 -42.34 31.12
CA ASP B 633 -25.86 -43.08 32.36
C ASP B 633 -26.45 -42.27 33.51
N ILE B 634 -26.08 -41.00 33.62
CA ILE B 634 -26.47 -40.15 34.75
C ILE B 634 -27.18 -38.91 34.22
N PHE B 635 -28.30 -38.56 34.86
CA PHE B 635 -29.07 -37.37 34.52
C PHE B 635 -29.01 -36.42 35.71
N ARG B 636 -28.47 -35.22 35.50
CA ARG B 636 -28.46 -34.17 36.50
C ARG B 636 -29.60 -33.20 36.22
N ILE B 637 -30.53 -33.11 37.17
CA ILE B 637 -31.78 -32.38 36.98
C ILE B 637 -31.81 -31.20 37.93
N PHE B 638 -32.04 -30.00 37.38
CA PHE B 638 -32.16 -28.78 38.16
C PHE B 638 -33.32 -27.96 37.60
N ASP B 639 -33.61 -26.84 38.28
CA ASP B 639 -34.63 -25.91 37.82
C ASP B 639 -34.19 -24.50 38.20
N ALA B 640 -34.63 -23.52 37.40
CA ALA B 640 -34.22 -22.13 37.63
C ALA B 640 -34.69 -21.64 38.99
N LEU B 641 -36.00 -21.56 39.19
CA LEU B 641 -36.58 -21.25 40.49
C LEU B 641 -36.87 -22.56 41.19
N ASN B 642 -36.12 -22.83 42.26
CA ASN B 642 -36.16 -24.15 42.90
C ASN B 642 -37.53 -24.47 43.47
N ASN B 643 -38.28 -25.33 42.79
CA ASN B 643 -39.59 -25.74 43.27
C ASN B 643 -39.94 -27.10 42.69
N ILE B 644 -40.68 -27.88 43.48
CA ILE B 644 -41.12 -29.20 43.04
C ILE B 644 -42.36 -28.97 42.17
N GLU B 645 -42.79 -30.02 41.49
CA GLU B 645 -43.83 -30.15 40.47
C GLU B 645 -43.34 -29.66 39.10
N SER B 646 -42.16 -29.05 39.02
CA SER B 646 -41.48 -28.74 37.76
C SER B 646 -40.42 -29.76 37.38
N MET B 647 -40.04 -30.66 38.27
CA MET B 647 -39.06 -31.69 37.95
C MET B 647 -39.54 -33.11 38.24
N ARG B 648 -40.76 -33.27 38.76
CA ARG B 648 -41.26 -34.62 39.06
C ARG B 648 -41.38 -35.51 37.83
N PRO B 649 -41.92 -35.07 36.69
CA PRO B 649 -42.01 -35.99 35.53
C PRO B 649 -40.67 -36.49 35.04
N ALA B 650 -39.65 -35.63 35.04
CA ALA B 650 -38.32 -36.07 34.61
C ALA B 650 -37.76 -37.11 35.58
N ILE B 651 -37.95 -36.90 36.89
CA ILE B 651 -37.48 -37.87 37.87
C ILE B 651 -38.19 -39.21 37.68
N ASP B 652 -39.50 -39.17 37.47
CA ASP B 652 -40.24 -40.41 37.24
C ASP B 652 -39.76 -41.12 35.98
N ALA B 653 -39.51 -40.35 34.91
CA ALA B 653 -39.05 -40.94 33.66
C ALA B 653 -37.67 -41.58 33.82
N VAL B 654 -36.77 -40.93 34.56
CA VAL B 654 -35.47 -41.53 34.83
C VAL B 654 -35.64 -42.80 35.64
N ARG B 655 -36.52 -42.78 36.65
CA ARG B 655 -36.64 -43.95 37.52
C ARG B 655 -37.30 -45.12 36.82
N GLU B 656 -38.13 -44.84 35.82
CA GLU B 656 -38.80 -45.89 35.07
C GLU B 656 -37.81 -46.74 34.27
N THR B 657 -36.66 -46.17 33.92
CA THR B 657 -35.71 -46.89 33.07
C THR B 657 -35.13 -48.10 33.80
N GLY B 658 -34.66 -47.92 35.03
CA GLY B 658 -34.13 -49.01 35.81
C GLY B 658 -32.64 -49.25 35.63
N SER B 659 -31.97 -48.43 34.82
CA SER B 659 -30.53 -48.56 34.63
C SER B 659 -29.81 -47.22 34.66
N ALA B 660 -30.49 -46.14 35.03
CA ALA B 660 -29.91 -44.81 35.06
C ALA B 660 -29.89 -44.27 36.48
N ILE B 661 -29.11 -43.21 36.67
CA ILE B 661 -28.98 -42.53 37.96
C ILE B 661 -29.56 -41.13 37.82
N ALA B 662 -30.32 -40.70 38.82
CA ALA B 662 -30.91 -39.37 38.86
C ALA B 662 -30.24 -38.57 39.97
N GLU B 663 -29.69 -37.41 39.62
CA GLU B 663 -29.02 -36.53 40.56
C GLU B 663 -29.73 -35.19 40.55
N VAL B 664 -30.46 -34.89 41.62
CA VAL B 664 -31.25 -33.68 41.72
C VAL B 664 -30.41 -32.59 42.38
N ALA B 665 -30.37 -31.41 41.78
CA ALA B 665 -29.49 -30.34 42.22
C ALA B 665 -30.30 -29.17 42.77
N MET B 666 -29.81 -28.58 43.85
CA MET B 666 -30.39 -27.38 44.44
C MET B 666 -29.49 -26.19 44.13
N CYS B 667 -30.10 -25.11 43.64
CA CYS B 667 -29.34 -23.92 43.24
C CYS B 667 -29.01 -23.06 44.46
N TYR B 668 -27.76 -22.61 44.52
CA TYR B 668 -27.25 -21.84 45.65
C TYR B 668 -27.10 -20.38 45.26
N THR B 669 -27.59 -19.48 46.10
CA THR B 669 -27.45 -18.04 45.89
C THR B 669 -27.39 -17.36 47.25
N GLY B 670 -26.75 -16.19 47.27
CA GLY B 670 -26.61 -15.44 48.50
C GLY B 670 -25.54 -15.99 49.41
N ASP B 671 -25.55 -15.51 50.65
CA ASP B 671 -24.58 -15.92 51.67
C ASP B 671 -25.35 -16.17 52.96
N LEU B 672 -25.60 -17.44 53.28
CA LEU B 672 -26.40 -17.78 54.46
C LEU B 672 -25.65 -17.54 55.76
N THR B 673 -24.32 -17.54 55.76
CA THR B 673 -23.57 -17.31 56.99
C THR B 673 -23.69 -15.86 57.47
N ASP B 674 -24.27 -14.98 56.66
CA ASP B 674 -24.41 -13.57 57.04
C ASP B 674 -25.56 -13.40 58.03
N PRO B 675 -25.36 -12.60 59.08
CA PRO B 675 -26.45 -12.39 60.06
C PRO B 675 -27.73 -11.85 59.45
N GLY B 676 -27.63 -10.99 58.44
CA GLY B 676 -28.77 -10.35 57.81
C GLY B 676 -29.37 -11.08 56.63
N GLU B 677 -29.05 -12.36 56.42
CA GLU B 677 -29.64 -13.13 55.33
C GLU B 677 -30.94 -13.74 55.84
N GLN B 678 -32.06 -13.12 55.49
CA GLN B 678 -33.37 -13.52 56.00
C GLN B 678 -34.20 -14.30 54.97
N LEU B 679 -33.67 -14.57 53.79
CA LEU B 679 -34.42 -15.28 52.76
C LEU B 679 -33.79 -16.62 52.41
N TYR B 680 -32.51 -16.63 52.03
CA TYR B 680 -31.82 -17.86 51.66
C TYR B 680 -31.04 -18.35 52.88
N THR B 681 -31.76 -18.97 53.80
CA THR B 681 -31.21 -19.44 55.06
C THR B 681 -31.08 -20.97 55.03
N LEU B 682 -30.49 -21.52 56.08
CA LEU B 682 -30.25 -22.96 56.13
C LEU B 682 -31.55 -23.74 56.11
N ASP B 683 -32.59 -23.22 56.77
CA ASP B 683 -33.85 -23.97 56.84
C ASP B 683 -34.49 -24.10 55.46
N TYR B 684 -34.37 -23.06 54.63
CA TYR B 684 -34.91 -23.11 53.28
C TYR B 684 -34.29 -24.25 52.49
N TYR B 685 -32.95 -24.34 52.51
CA TYR B 685 -32.28 -25.43 51.81
C TYR B 685 -32.63 -26.77 52.41
N LEU B 686 -32.79 -26.84 53.73
CA LEU B 686 -33.09 -28.10 54.38
C LEU B 686 -34.46 -28.64 53.98
N LYS B 687 -35.49 -27.77 53.94
CA LYS B 687 -36.79 -28.22 53.46
C LYS B 687 -36.77 -28.52 51.96
N LEU B 688 -35.97 -27.79 51.18
CA LEU B 688 -35.83 -28.11 49.76
C LEU B 688 -35.31 -29.53 49.59
N ALA B 689 -34.28 -29.88 50.35
CA ALA B 689 -33.64 -31.19 50.29
C ALA B 689 -34.59 -32.27 50.81
N GLU B 690 -35.38 -31.94 51.83
CA GLU B 690 -36.37 -32.90 52.33
C GLU B 690 -37.41 -33.21 51.27
N GLN B 691 -37.88 -32.18 50.55
CA GLN B 691 -38.81 -32.41 49.45
C GLN B 691 -38.16 -33.23 48.34
N ILE B 692 -36.91 -32.93 48.01
CA ILE B 692 -36.20 -33.67 46.96
C ILE B 692 -36.08 -35.14 47.34
N VAL B 693 -35.83 -35.42 48.61
CA VAL B 693 -35.69 -36.80 49.08
C VAL B 693 -37.03 -37.50 49.07
N ASP B 694 -38.08 -36.80 49.50
CA ASP B 694 -39.45 -37.31 49.36
C ASP B 694 -39.81 -37.61 47.91
N ALA B 695 -39.19 -36.91 46.96
CA ALA B 695 -39.51 -37.07 45.54
C ALA B 695 -38.80 -38.25 44.90
N GLY B 696 -37.92 -38.94 45.64
CA GLY B 696 -37.25 -40.11 45.09
C GLY B 696 -35.97 -39.78 44.34
N ALA B 697 -35.05 -39.10 45.02
CA ALA B 697 -33.77 -38.72 44.43
C ALA B 697 -32.71 -39.76 44.76
N HIS B 698 -31.91 -40.12 43.76
CA HIS B 698 -30.82 -41.06 43.98
C HIS B 698 -29.54 -40.35 44.43
N VAL B 699 -29.20 -39.21 43.83
CA VAL B 699 -28.08 -38.40 44.31
C VAL B 699 -28.57 -36.97 44.54
N LEU B 700 -28.04 -36.33 45.58
CA LEU B 700 -28.34 -34.94 45.91
C LEU B 700 -27.11 -34.09 45.64
N ALA B 701 -27.31 -32.97 44.94
CA ALA B 701 -26.22 -32.13 44.48
C ALA B 701 -26.53 -30.66 44.77
N ILE B 702 -25.47 -29.87 44.87
CA ILE B 702 -25.56 -28.43 45.06
C ILE B 702 -24.92 -27.75 43.86
N LYS B 703 -25.65 -26.82 43.25
CA LYS B 703 -25.20 -26.15 42.03
C LYS B 703 -24.84 -24.71 42.34
N ASP B 704 -23.56 -24.37 42.20
CA ASP B 704 -23.06 -23.02 42.34
C ASP B 704 -22.58 -22.58 40.96
N MET B 705 -23.27 -21.60 40.37
CA MET B 705 -23.02 -21.13 39.01
C MET B 705 -22.28 -19.80 38.96
N ALA B 706 -22.21 -19.06 40.06
CA ALA B 706 -21.50 -17.80 40.08
C ALA B 706 -20.27 -17.80 40.98
N GLY B 707 -20.11 -18.81 41.83
CA GLY B 707 -18.98 -18.87 42.73
C GLY B 707 -19.19 -18.09 44.01
N LEU B 708 -20.36 -18.28 44.63
CA LEU B 708 -20.74 -17.54 45.83
C LEU B 708 -20.72 -18.41 47.08
N LEU B 709 -20.13 -19.59 47.02
CA LEU B 709 -20.07 -20.50 48.16
C LEU B 709 -18.71 -20.39 48.83
N ARG B 710 -18.71 -20.02 50.11
CA ARG B 710 -17.54 -19.85 50.95
C ARG B 710 -17.26 -21.09 51.77
N PRO B 711 -16.02 -21.24 52.26
CA PRO B 711 -15.64 -22.44 53.02
C PRO B 711 -16.56 -22.70 54.19
N PRO B 712 -16.91 -21.68 55.01
CA PRO B 712 -17.72 -21.99 56.20
C PRO B 712 -19.17 -22.33 55.89
N ALA B 713 -19.79 -21.59 54.97
CA ALA B 713 -21.12 -21.93 54.46
C ALA B 713 -21.17 -23.37 53.97
N ALA B 714 -20.17 -23.75 53.20
CA ALA B 714 -20.10 -25.09 52.60
C ALA B 714 -19.95 -26.14 53.69
N GLN B 715 -19.09 -25.87 54.68
CA GLN B 715 -18.92 -26.79 55.79
C GLN B 715 -20.23 -27.03 56.52
N ARG B 716 -20.90 -25.95 56.93
CA ARG B 716 -22.13 -26.11 57.70
C ARG B 716 -23.23 -26.78 56.88
N LEU B 717 -23.38 -26.39 55.61
CA LEU B 717 -24.43 -26.97 54.77
C LEU B 717 -24.19 -28.45 54.55
N VAL B 718 -22.95 -28.83 54.20
CA VAL B 718 -22.64 -30.24 53.96
C VAL B 718 -22.83 -31.05 55.23
N SER B 719 -22.41 -30.53 56.37
CA SER B 719 -22.60 -31.25 57.64
C SER B 719 -24.08 -31.47 57.92
N ALA B 720 -24.90 -30.42 57.78
CA ALA B 720 -26.32 -30.55 58.06
C ALA B 720 -26.98 -31.54 57.11
N LEU B 721 -26.66 -31.46 55.81
CA LEU B 721 -27.24 -32.37 54.84
C LEU B 721 -26.83 -33.82 55.11
N ARG B 722 -25.57 -34.05 55.44
CA ARG B 722 -25.11 -35.41 55.69
C ARG B 722 -25.69 -35.98 56.97
N SER B 723 -25.92 -35.14 57.97
CA SER B 723 -26.44 -35.63 59.24
C SER B 723 -27.95 -35.82 59.25
N ARG B 724 -28.70 -34.99 58.50
CA ARG B 724 -30.15 -35.15 58.44
C ARG B 724 -30.55 -36.33 57.57
N PHE B 725 -29.90 -36.51 56.43
CA PHE B 725 -30.32 -37.49 55.44
C PHE B 725 -29.25 -38.56 55.25
N ASP B 726 -29.51 -39.47 54.31
CA ASP B 726 -28.67 -40.62 54.02
C ASP B 726 -28.46 -40.78 52.52
N LEU B 727 -28.05 -39.68 51.88
CA LEU B 727 -27.81 -39.63 50.44
C LEU B 727 -26.40 -39.10 50.17
N PRO B 728 -25.76 -39.56 49.11
CA PRO B 728 -24.47 -38.96 48.72
C PRO B 728 -24.66 -37.54 48.22
N VAL B 729 -23.62 -36.73 48.38
CA VAL B 729 -23.66 -35.31 48.07
C VAL B 729 -22.65 -35.02 46.96
N HIS B 730 -23.10 -34.29 45.94
CA HIS B 730 -22.28 -33.89 44.81
C HIS B 730 -22.14 -32.37 44.82
N LEU B 731 -20.92 -31.88 44.65
CA LEU B 731 -20.65 -30.45 44.72
C LEU B 731 -20.14 -29.95 43.38
N HIS B 732 -20.70 -28.84 42.91
CA HIS B 732 -20.35 -28.23 41.62
C HIS B 732 -20.25 -26.72 41.81
N THR B 733 -19.15 -26.13 41.33
CA THR B 733 -18.93 -24.71 41.52
C THR B 733 -18.04 -24.17 40.40
N HIS B 734 -18.05 -22.85 40.27
CA HIS B 734 -17.23 -22.12 39.30
C HIS B 734 -16.20 -21.27 40.03
N ASP B 735 -15.14 -20.93 39.29
CA ASP B 735 -13.96 -20.27 39.86
C ASP B 735 -13.86 -18.80 39.46
N THR B 736 -15.01 -18.10 39.41
CA THR B 736 -14.98 -16.70 39.04
C THR B 736 -14.24 -15.81 40.03
N PRO B 737 -14.49 -15.88 41.34
CA PRO B 737 -13.73 -15.02 42.27
C PRO B 737 -12.28 -15.45 42.45
N GLY B 738 -11.94 -16.68 42.07
CA GLY B 738 -10.62 -17.22 42.30
C GLY B 738 -10.60 -18.14 43.52
N GLY B 739 -9.70 -19.12 43.48
CA GLY B 739 -9.41 -19.92 44.66
C GLY B 739 -10.61 -20.60 45.28
N GLN B 740 -11.47 -21.19 44.46
CA GLN B 740 -12.64 -21.88 44.98
C GLN B 740 -12.34 -23.30 45.45
N LEU B 741 -11.13 -23.80 45.18
CA LEU B 741 -10.76 -25.15 45.63
C LEU B 741 -10.86 -25.28 47.14
N ALA B 742 -10.64 -24.18 47.86
CA ALA B 742 -10.80 -24.19 49.31
C ALA B 742 -12.17 -24.70 49.71
N SER B 743 -13.22 -24.24 49.00
CA SER B 743 -14.57 -24.73 49.28
C SER B 743 -14.62 -26.25 49.17
N TYR B 744 -14.06 -26.80 48.09
CA TYR B 744 -14.00 -28.25 47.95
C TYR B 744 -13.32 -28.90 49.15
N VAL B 745 -12.20 -28.31 49.59
CA VAL B 745 -11.44 -28.89 50.69
C VAL B 745 -12.25 -28.83 51.99
N ALA B 746 -13.10 -27.82 52.14
CA ALA B 746 -13.96 -27.74 53.31
C ALA B 746 -15.16 -28.67 53.20
N ALA B 747 -15.52 -29.08 51.98
CA ALA B 747 -16.68 -29.93 51.79
C ALA B 747 -16.34 -31.39 51.98
N TRP B 748 -15.25 -31.87 51.39
CA TRP B 748 -14.90 -33.29 51.52
C TRP B 748 -14.38 -33.62 52.92
N HIS B 749 -13.99 -32.60 53.70
CA HIS B 749 -13.63 -32.79 55.10
C HIS B 749 -14.84 -32.94 56.01
N ALA B 750 -16.06 -32.79 55.47
CA ALA B 750 -17.28 -32.83 56.26
C ALA B 750 -18.28 -33.87 55.77
N GLY B 751 -18.05 -34.50 54.63
CA GLY B 751 -18.97 -35.52 54.15
C GLY B 751 -19.17 -35.57 52.64
N ALA B 752 -18.71 -34.56 51.91
CA ALA B 752 -18.91 -34.52 50.47
C ALA B 752 -18.26 -35.72 49.80
N ASP B 753 -18.98 -36.32 48.86
CA ASP B 753 -18.55 -37.56 48.22
C ASP B 753 -17.93 -37.36 46.84
N ALA B 754 -18.30 -36.33 46.10
CA ALA B 754 -17.81 -36.16 44.74
C ALA B 754 -17.69 -34.69 44.40
N VAL B 755 -16.75 -34.39 43.51
CA VAL B 755 -16.47 -33.01 43.08
C VAL B 755 -16.29 -33.03 41.57
N ASP B 756 -16.29 -31.84 40.97
CA ASP B 756 -16.12 -31.64 39.55
C ASP B 756 -14.80 -30.94 39.25
N GLY B 757 -14.26 -31.19 38.06
CA GLY B 757 -13.00 -30.58 37.67
C GLY B 757 -12.80 -30.43 36.18
N ALA B 758 -12.30 -29.28 35.75
CA ALA B 758 -11.90 -29.00 34.39
C ALA B 758 -10.39 -29.07 34.23
N ALA B 759 -9.96 -29.47 33.04
CA ALA B 759 -8.55 -29.64 32.73
C ALA B 759 -7.82 -28.30 32.78
N ALA B 760 -6.54 -28.35 33.12
CA ALA B 760 -5.79 -27.14 33.47
C ALA B 760 -5.73 -26.11 32.34
N PRO B 761 -5.41 -26.48 31.09
CA PRO B 761 -5.40 -25.46 30.03
C PRO B 761 -6.75 -24.81 29.78
N LEU B 762 -7.86 -25.48 30.14
CA LEU B 762 -9.18 -24.87 30.01
C LEU B 762 -9.82 -24.75 31.38
N ALA B 763 -9.10 -24.19 32.34
CA ALA B 763 -9.61 -23.99 33.70
C ALA B 763 -9.35 -22.55 34.14
N GLY B 764 -9.92 -22.19 35.28
CA GLY B 764 -9.78 -20.85 35.81
C GLY B 764 -10.74 -19.88 35.16
N THR B 765 -10.62 -18.62 35.58
CA THR B 765 -11.47 -17.54 35.09
C THR B 765 -12.94 -17.85 35.35
N THR B 766 -13.70 -18.09 34.28
CA THR B 766 -15.12 -18.41 34.38
C THR B 766 -15.38 -19.91 34.28
N SER B 767 -14.34 -20.73 34.30
CA SER B 767 -14.46 -22.17 34.18
C SER B 767 -14.34 -22.81 35.56
N GLN B 768 -14.27 -24.13 35.59
CA GLN B 768 -14.24 -24.91 36.82
C GLN B 768 -12.80 -25.10 37.30
N PRO B 769 -12.62 -25.39 38.59
CA PRO B 769 -11.26 -25.52 39.13
C PRO B 769 -10.46 -26.63 38.46
N ALA B 770 -9.14 -26.46 38.46
CA ALA B 770 -8.25 -27.35 37.74
C ALA B 770 -8.27 -28.77 38.33
N LEU B 771 -8.05 -29.75 37.46
CA LEU B 771 -8.10 -31.15 37.89
C LEU B 771 -6.83 -31.56 38.62
N SER B 772 -5.69 -31.03 38.18
CA SER B 772 -4.41 -31.35 38.83
C SER B 772 -4.39 -30.88 40.27
N SER B 773 -4.91 -29.68 40.54
CA SER B 773 -5.00 -29.18 41.90
C SER B 773 -5.87 -30.10 42.76
N ILE B 774 -6.98 -30.57 42.20
CA ILE B 774 -7.89 -31.41 42.96
C ILE B 774 -7.23 -32.74 43.29
N VAL B 775 -6.49 -33.30 42.34
CA VAL B 775 -5.82 -34.58 42.57
C VAL B 775 -4.68 -34.42 43.57
N ALA B 776 -3.94 -33.30 43.49
CA ALA B 776 -2.81 -33.08 44.39
C ALA B 776 -3.22 -32.67 45.80
N ALA B 777 -4.45 -32.16 45.98
CA ALA B 777 -4.89 -31.74 47.30
C ALA B 777 -5.30 -32.90 48.20
N ALA B 778 -5.48 -34.10 47.63
CA ALA B 778 -5.89 -35.27 48.39
C ALA B 778 -4.88 -36.40 48.34
N ALA B 779 -3.74 -36.21 47.66
CA ALA B 779 -2.72 -37.26 47.59
C ALA B 779 -2.11 -37.54 48.95
N HIS B 780 -1.87 -38.82 49.23
CA HIS B 780 -1.33 -39.27 50.51
C HIS B 780 -2.18 -38.78 51.68
N THR B 781 -3.49 -38.82 51.50
CA THR B 781 -4.46 -38.58 52.56
C THR B 781 -5.50 -39.69 52.54
N GLU B 782 -6.30 -39.74 53.61
CA GLU B 782 -7.36 -40.74 53.64
C GLU B 782 -8.45 -40.46 52.61
N TYR B 783 -8.42 -39.28 51.99
CA TYR B 783 -9.37 -38.91 50.94
C TYR B 783 -8.78 -39.07 49.54
N ASP B 784 -7.79 -39.95 49.37
CA ASP B 784 -7.09 -40.08 48.10
C ASP B 784 -8.04 -40.52 46.99
N THR B 785 -7.97 -39.83 45.85
CA THR B 785 -8.81 -40.18 44.71
C THR B 785 -8.29 -41.40 43.97
N GLY B 786 -6.98 -41.64 43.99
CA GLY B 786 -6.39 -42.74 43.27
C GLY B 786 -5.98 -42.45 41.85
N LEU B 787 -6.09 -41.20 41.41
CA LEU B 787 -5.72 -40.83 40.04
C LEU B 787 -4.25 -40.47 39.97
N SER B 788 -3.53 -41.12 39.05
CA SER B 788 -2.16 -40.76 38.76
C SER B 788 -2.05 -39.29 38.37
N LEU B 789 -1.07 -38.59 38.94
CA LEU B 789 -0.90 -37.18 38.59
C LEU B 789 -0.11 -36.98 37.31
N SER B 790 0.88 -37.85 37.05
CA SER B 790 1.60 -37.79 35.79
C SER B 790 0.68 -38.06 34.60
N ALA B 791 -0.27 -38.99 34.75
CA ALA B 791 -1.19 -39.29 33.67
C ALA B 791 -2.07 -38.09 33.35
N VAL B 792 -2.55 -37.38 34.38
CA VAL B 792 -3.38 -36.20 34.13
C VAL B 792 -2.52 -35.07 33.54
N CYS B 793 -1.26 -34.97 33.95
CA CYS B 793 -0.41 -33.91 33.42
C CYS B 793 0.00 -34.17 31.98
N ALA B 794 0.04 -35.44 31.56
CA ALA B 794 0.52 -35.77 30.23
C ALA B 794 -0.40 -35.32 29.10
N LEU B 795 -1.66 -35.01 29.38
CA LEU B 795 -2.62 -34.64 28.35
C LEU B 795 -2.77 -33.14 28.17
N GLU B 796 -2.08 -32.33 28.97
CA GLU B 796 -2.22 -30.88 28.88
C GLU B 796 -1.77 -30.27 27.56
N PRO B 797 -0.64 -30.68 26.95
CA PRO B 797 -0.22 -30.01 25.70
C PRO B 797 -1.24 -30.10 24.58
N TYR B 798 -1.98 -31.21 24.49
CA TYR B 798 -3.01 -31.33 23.47
C TYR B 798 -4.10 -30.28 23.68
N TRP B 799 -4.53 -30.08 24.94
CA TRP B 799 -5.53 -29.07 25.24
C TRP B 799 -5.01 -27.66 24.95
N GLU B 800 -3.73 -27.42 25.25
CA GLU B 800 -3.11 -26.15 24.90
C GLU B 800 -3.13 -25.89 23.39
N ALA B 801 -2.74 -26.89 22.60
CA ALA B 801 -2.75 -26.72 21.16
C ALA B 801 -4.17 -26.52 20.63
N LEU B 802 -5.13 -27.27 21.16
CA LEU B 802 -6.52 -27.12 20.74
C LEU B 802 -7.05 -25.72 21.06
N ARG B 803 -6.70 -25.18 22.23
CA ARG B 803 -7.13 -23.83 22.57
C ARG B 803 -6.44 -22.81 21.66
N LYS B 804 -5.18 -23.04 21.31
CA LYS B 804 -4.51 -22.15 20.37
C LYS B 804 -5.17 -22.18 19.00
N VAL B 805 -5.72 -23.33 18.60
CA VAL B 805 -6.41 -23.41 17.30
C VAL B 805 -7.66 -22.53 17.32
N TYR B 806 -8.42 -22.57 18.41
CA TYR B 806 -9.66 -21.80 18.51
C TYR B 806 -9.35 -20.38 19.00
N ALA B 807 -8.61 -19.63 18.18
CA ALA B 807 -8.24 -18.26 18.48
C ALA B 807 -9.33 -17.25 18.15
N PRO B 808 -9.98 -17.31 16.99
CA PRO B 808 -11.00 -16.29 16.68
C PRO B 808 -12.19 -16.30 17.62
N PHE B 809 -12.44 -17.41 18.32
CA PHE B 809 -13.61 -17.53 19.21
C PHE B 809 -13.22 -17.41 20.68
N GLU B 810 -12.16 -16.67 20.99
CA GLU B 810 -11.71 -16.52 22.36
C GLU B 810 -12.53 -15.45 23.08
N SER B 811 -13.03 -15.78 24.26
CA SER B 811 -13.87 -14.86 25.02
C SER B 811 -13.55 -14.86 26.51
N GLY B 812 -12.37 -15.32 26.91
CA GLY B 812 -12.04 -15.36 28.32
C GLY B 812 -11.72 -13.99 28.89
N LEU B 813 -11.96 -13.85 30.18
CA LEU B 813 -11.66 -12.61 30.88
C LEU B 813 -10.15 -12.47 31.14
N PRO B 814 -9.67 -11.25 31.38
CA PRO B 814 -8.26 -11.07 31.76
C PRO B 814 -7.82 -11.89 32.96
N GLY B 815 -8.66 -12.03 33.98
CA GLY B 815 -8.28 -12.77 35.17
C GLY B 815 -9.40 -12.87 36.19
N PRO B 816 -9.03 -12.86 37.47
CA PRO B 816 -10.05 -12.90 38.53
C PRO B 816 -10.59 -11.52 38.87
N THR B 817 -11.91 -11.46 39.07
CA THR B 817 -12.60 -10.23 39.40
C THR B 817 -13.24 -10.33 40.78
N GLY B 818 -13.05 -9.29 41.60
CA GLY B 818 -13.67 -9.26 42.91
C GLY B 818 -15.12 -8.82 42.90
N ARG B 819 -15.52 -8.10 41.85
CA ARG B 819 -16.82 -7.42 41.81
C ARG B 819 -18.00 -8.36 41.76
N VAL B 820 -17.76 -9.66 41.49
CA VAL B 820 -18.84 -10.62 41.33
C VAL B 820 -19.71 -10.74 42.57
N TYR B 821 -19.19 -10.33 43.74
CA TYR B 821 -19.96 -10.37 44.98
C TYR B 821 -21.10 -9.37 44.98
N HIS B 822 -21.05 -8.33 44.12
CA HIS B 822 -22.12 -7.35 44.05
C HIS B 822 -23.06 -7.59 42.89
N HIS B 823 -22.54 -8.03 41.75
CA HIS B 823 -23.35 -8.17 40.53
C HIS B 823 -23.37 -9.61 40.06
N GLU B 824 -23.66 -10.53 40.98
CA GLU B 824 -23.55 -11.97 40.76
C GLU B 824 -24.17 -12.41 39.45
N ILE B 825 -23.33 -12.90 38.54
CA ILE B 825 -23.72 -13.31 37.20
C ILE B 825 -23.07 -14.67 36.93
N PRO B 826 -23.78 -15.61 36.30
CA PRO B 826 -23.16 -16.90 35.99
C PRO B 826 -21.95 -16.73 35.07
N GLY B 827 -20.96 -17.60 35.26
CA GLY B 827 -19.72 -17.49 34.50
C GLY B 827 -19.92 -17.68 33.01
N GLY B 828 -20.87 -18.52 32.62
CA GLY B 828 -21.11 -18.76 31.20
C GLY B 828 -21.69 -17.58 30.45
N GLN B 829 -22.31 -16.64 31.17
CA GLN B 829 -22.94 -15.49 30.53
C GLN B 829 -22.02 -14.27 30.47
N LEU B 830 -21.06 -14.18 31.39
CA LEU B 830 -20.24 -12.98 31.52
C LEU B 830 -19.43 -12.72 30.25
N SER B 831 -18.94 -13.79 29.62
CA SER B 831 -18.14 -13.61 28.41
C SER B 831 -18.98 -13.00 27.28
N ASN B 832 -20.16 -13.56 27.03
CA ASN B 832 -21.05 -13.00 26.03
C ASN B 832 -21.48 -11.58 26.40
N LEU B 833 -21.57 -11.28 27.70
CA LEU B 833 -21.92 -9.93 28.10
C LEU B 833 -20.81 -8.97 27.75
N ARG B 834 -19.56 -9.38 27.98
CA ARG B 834 -18.42 -8.55 27.62
C ARG B 834 -18.37 -8.32 26.12
N GLN B 835 -18.60 -9.37 25.33
CA GLN B 835 -18.62 -9.18 23.87
C GLN B 835 -19.77 -8.29 23.43
N GLN B 836 -20.96 -8.47 24.01
CA GLN B 836 -22.10 -7.65 23.64
C GLN B 836 -21.85 -6.17 23.96
N ALA B 837 -21.27 -5.89 25.13
CA ALA B 837 -20.96 -4.51 25.45
C ALA B 837 -19.75 -3.98 24.69
N ILE B 838 -18.88 -4.86 24.16
CA ILE B 838 -17.89 -4.33 23.22
C ILE B 838 -18.57 -3.90 21.92
N ALA B 839 -19.51 -4.71 21.43
CA ALA B 839 -19.94 -4.61 20.04
C ALA B 839 -21.25 -3.87 19.86
N LEU B 840 -21.92 -3.48 20.95
CA LEU B 840 -23.23 -2.83 20.89
C LEU B 840 -23.22 -1.52 21.67
N GLY B 841 -22.21 -0.69 21.43
CA GLY B 841 -22.18 0.63 22.03
C GLY B 841 -21.09 0.84 23.05
N LEU B 842 -21.48 1.14 24.29
CA LEU B 842 -20.55 1.50 25.35
C LEU B 842 -19.61 0.34 25.69
N GLY B 843 -18.33 0.49 25.35
CA GLY B 843 -17.36 -0.55 25.59
C GLY B 843 -16.19 -0.11 26.43
N ASP B 844 -15.88 1.20 26.40
CA ASP B 844 -14.80 1.72 27.23
C ASP B 844 -15.15 1.63 28.72
N ARG B 845 -16.41 1.83 29.08
CA ARG B 845 -16.84 1.74 30.47
C ARG B 845 -17.88 0.63 30.59
N PHE B 846 -17.59 -0.35 31.44
CA PHE B 846 -18.46 -1.50 31.62
C PHE B 846 -19.21 -1.49 32.95
N GLU B 847 -18.97 -0.49 33.79
CA GLU B 847 -19.65 -0.43 35.08
C GLU B 847 -21.17 -0.37 34.91
N GLU B 848 -21.64 0.48 33.99
CA GLU B 848 -23.07 0.74 33.89
C GLU B 848 -23.87 -0.55 33.77
N ILE B 849 -23.33 -1.52 33.03
CA ILE B 849 -24.00 -2.82 32.89
C ILE B 849 -24.02 -3.58 34.22
N GLU B 850 -22.96 -3.44 35.01
CA GLU B 850 -22.91 -4.08 36.33
C GLU B 850 -23.97 -3.51 37.28
N GLU B 851 -23.95 -2.20 37.54
CA GLU B 851 -25.02 -1.71 38.42
C GLU B 851 -26.40 -1.77 37.77
N ALA B 852 -26.50 -1.88 36.45
CA ALA B 852 -27.82 -2.07 35.85
C ALA B 852 -28.34 -3.48 36.06
N TYR B 853 -27.46 -4.48 35.98
CA TYR B 853 -27.85 -5.84 36.35
C TYR B 853 -28.22 -5.91 37.83
N ALA B 854 -27.46 -5.21 38.68
CA ALA B 854 -27.82 -5.14 40.10
C ALA B 854 -29.20 -4.53 40.31
N GLY B 855 -29.47 -3.41 39.63
CA GLY B 855 -30.77 -2.78 39.78
C GLY B 855 -31.91 -3.64 39.27
N ALA B 856 -31.72 -4.29 38.11
CA ALA B 856 -32.75 -5.17 37.57
C ALA B 856 -32.99 -6.35 38.49
N ASP B 857 -31.94 -6.90 39.11
CA ASP B 857 -32.12 -7.98 40.07
C ASP B 857 -32.88 -7.52 41.30
N ARG B 858 -32.58 -6.29 41.77
CA ARG B 858 -33.26 -5.80 42.96
C ARG B 858 -34.72 -5.43 42.68
N VAL B 859 -35.03 -5.04 41.44
CA VAL B 859 -36.40 -4.67 41.11
C VAL B 859 -37.32 -5.89 41.20
N LEU B 860 -36.90 -7.02 40.65
CA LEU B 860 -37.70 -8.24 40.68
C LEU B 860 -37.58 -9.00 42.00
N GLY B 861 -36.74 -8.54 42.92
CA GLY B 861 -36.71 -9.12 44.25
C GLY B 861 -35.89 -10.39 44.40
N ARG B 862 -34.59 -10.30 44.11
CA ARG B 862 -33.63 -11.36 44.41
C ARG B 862 -34.01 -12.68 43.74
N LEU B 863 -33.94 -12.66 42.41
CA LEU B 863 -34.27 -13.85 41.63
C LEU B 863 -33.11 -14.83 41.60
N VAL B 864 -33.46 -16.11 41.48
CA VAL B 864 -32.48 -17.19 41.35
C VAL B 864 -32.40 -17.54 39.87
N LYS B 865 -31.30 -17.15 39.23
CA LYS B 865 -31.15 -17.28 37.79
C LYS B 865 -30.01 -18.24 37.48
N VAL B 866 -30.21 -19.12 36.50
CA VAL B 866 -29.09 -19.85 35.93
C VAL B 866 -29.06 -19.72 34.41
N THR B 867 -29.89 -20.52 33.71
CA THR B 867 -30.12 -20.24 32.29
C THR B 867 -31.36 -19.37 32.04
N PRO B 868 -32.56 -19.77 32.54
CA PRO B 868 -33.80 -19.16 32.05
C PRO B 868 -33.96 -17.71 32.47
N THR B 869 -33.84 -17.47 33.77
CA THR B 869 -34.03 -16.13 34.33
C THR B 869 -32.78 -15.28 34.28
N SER B 870 -31.69 -15.78 33.70
CA SER B 870 -30.51 -14.96 33.49
C SER B 870 -30.69 -14.05 32.29
N LYS B 871 -31.24 -14.57 31.19
CA LYS B 871 -31.37 -13.77 29.97
C LYS B 871 -32.42 -12.67 30.11
N VAL B 872 -33.48 -12.91 30.88
CA VAL B 872 -34.48 -11.87 31.09
C VAL B 872 -33.85 -10.68 31.82
N VAL B 873 -33.06 -10.94 32.85
CA VAL B 873 -32.41 -9.86 33.59
C VAL B 873 -31.35 -9.19 32.74
N GLY B 874 -30.65 -9.95 31.89
CA GLY B 874 -29.69 -9.35 30.99
C GLY B 874 -30.34 -8.40 30.00
N ASP B 875 -31.43 -8.83 29.38
CA ASP B 875 -32.19 -7.95 28.49
C ASP B 875 -32.75 -6.75 29.23
N LEU B 876 -33.10 -6.91 30.51
CA LEU B 876 -33.66 -5.79 31.24
C LEU B 876 -32.59 -4.75 31.57
N ALA B 877 -31.39 -5.21 31.98
CA ALA B 877 -30.27 -4.29 32.14
C ALA B 877 -29.92 -3.62 30.81
N LEU B 878 -29.97 -4.37 29.72
CA LEU B 878 -29.72 -3.79 28.40
C LEU B 878 -30.70 -2.65 28.08
N ALA B 879 -32.00 -2.91 28.23
CA ALA B 879 -32.99 -1.87 27.98
C ALA B 879 -32.82 -0.69 28.94
N LEU B 880 -32.51 -0.98 30.21
CA LEU B 880 -32.36 0.07 31.22
C LEU B 880 -31.20 1.00 30.87
N VAL B 881 -30.07 0.43 30.46
CA VAL B 881 -28.91 1.24 30.11
C VAL B 881 -29.17 1.98 28.80
N GLY B 882 -29.92 1.37 27.88
CA GLY B 882 -30.22 2.04 26.64
C GLY B 882 -31.32 3.09 26.71
N ALA B 883 -32.07 3.12 27.81
CA ALA B 883 -33.18 4.06 27.96
C ALA B 883 -32.92 5.16 28.98
N GLY B 884 -31.74 5.18 29.60
CA GLY B 884 -31.42 6.22 30.56
C GLY B 884 -32.00 6.04 31.94
N VAL B 885 -32.65 4.91 32.22
CA VAL B 885 -33.21 4.65 33.54
C VAL B 885 -32.04 4.40 34.50
N SER B 886 -31.82 5.33 35.43
CA SER B 886 -30.65 5.24 36.30
C SER B 886 -30.70 4.00 37.18
N ALA B 887 -31.60 3.97 38.16
CA ALA B 887 -31.76 2.76 38.98
C ALA B 887 -33.19 2.42 39.35
N ASP B 888 -34.12 3.38 39.43
CA ASP B 888 -35.40 3.12 40.06
C ASP B 888 -36.62 3.64 39.32
N GLU B 889 -36.49 4.60 38.40
CA GLU B 889 -37.68 5.19 37.81
C GLU B 889 -38.38 4.26 36.83
N PHE B 890 -37.79 3.11 36.51
CA PHE B 890 -38.49 2.12 35.70
C PHE B 890 -39.72 1.61 36.42
N ALA B 891 -39.63 1.42 37.74
CA ALA B 891 -40.76 1.00 38.55
C ALA B 891 -41.82 2.09 38.71
N SER B 892 -41.58 3.28 38.16
CA SER B 892 -42.54 4.38 38.24
C SER B 892 -43.44 4.48 37.02
N ASP B 893 -42.89 4.26 35.82
CA ASP B 893 -43.66 4.34 34.58
C ASP B 893 -43.32 3.15 33.70
N PRO B 894 -43.75 1.95 34.11
CA PRO B 894 -43.45 0.76 33.29
C PRO B 894 -44.13 0.79 31.92
N ALA B 895 -45.32 1.39 31.82
CA ALA B 895 -46.08 1.34 30.58
C ALA B 895 -45.50 2.21 29.48
N ARG B 896 -44.51 3.04 29.78
CA ARG B 896 -43.92 3.95 28.80
C ARG B 896 -42.56 3.47 28.32
N PHE B 897 -42.40 2.16 28.13
CA PHE B 897 -41.13 1.59 27.71
C PHE B 897 -41.37 0.44 26.74
N GLY B 898 -40.27 -0.06 26.18
CA GLY B 898 -40.30 -1.15 25.22
C GLY B 898 -39.84 -2.46 25.79
N ILE B 899 -40.33 -2.79 26.99
CA ILE B 899 -39.93 -3.95 27.78
C ILE B 899 -39.81 -5.20 26.91
N PRO B 900 -38.69 -5.91 26.98
CA PRO B 900 -38.51 -7.10 26.14
C PRO B 900 -39.54 -8.18 26.45
N GLU B 901 -39.94 -8.92 25.42
CA GLU B 901 -41.04 -9.88 25.58
C GLU B 901 -40.68 -10.99 26.56
N SER B 902 -39.40 -11.31 26.73
CA SER B 902 -39.06 -12.31 27.74
C SER B 902 -39.47 -11.85 29.14
N VAL B 903 -39.43 -10.54 29.38
CA VAL B 903 -39.78 -10.01 30.69
C VAL B 903 -41.30 -10.11 30.92
N LEU B 904 -42.08 -9.78 29.89
CA LEU B 904 -43.53 -9.96 29.99
C LEU B 904 -43.88 -11.43 30.18
N GLY B 905 -43.14 -12.32 29.54
CA GLY B 905 -43.40 -13.74 29.71
C GLY B 905 -43.02 -14.25 31.09
N PHE B 906 -42.00 -13.65 31.70
CA PHE B 906 -41.72 -13.91 33.10
C PHE B 906 -42.85 -13.43 34.00
N LEU B 907 -43.30 -12.19 33.79
CA LEU B 907 -44.39 -11.65 34.58
C LEU B 907 -45.69 -12.41 34.39
N ARG B 908 -45.86 -13.09 33.24
CA ARG B 908 -47.07 -13.84 33.01
C ARG B 908 -47.16 -15.08 33.91
N GLY B 909 -46.02 -15.72 34.18
CA GLY B 909 -45.96 -16.80 35.13
C GLY B 909 -45.92 -18.19 34.53
N GLU B 910 -45.16 -18.38 33.43
CA GLU B 910 -44.95 -19.70 32.88
C GLU B 910 -43.65 -20.35 33.34
N LEU B 911 -42.79 -19.61 34.02
CA LEU B 911 -41.57 -20.16 34.60
C LEU B 911 -41.74 -20.60 36.05
N GLY B 912 -42.94 -20.45 36.61
CA GLY B 912 -43.18 -20.79 38.00
C GLY B 912 -43.42 -19.58 38.86
N ASP B 913 -43.06 -19.67 40.14
CA ASP B 913 -43.20 -18.54 41.05
C ASP B 913 -41.85 -18.22 41.70
N PRO B 914 -41.59 -16.94 41.97
CA PRO B 914 -40.33 -16.57 42.58
C PRO B 914 -40.22 -17.10 43.99
N PRO B 915 -39.01 -17.36 44.49
CA PRO B 915 -38.85 -17.93 45.84
C PRO B 915 -39.28 -16.96 46.91
N GLY B 916 -38.75 -15.73 46.85
CA GLY B 916 -39.11 -14.72 47.83
C GLY B 916 -40.54 -14.28 47.72
N GLY B 917 -41.02 -14.07 46.51
CA GLY B 917 -42.40 -13.66 46.30
C GLY B 917 -42.51 -12.73 45.11
N TRP B 918 -43.76 -12.44 44.76
CA TRP B 918 -44.02 -11.57 43.61
C TRP B 918 -43.59 -10.14 43.93
N PRO B 919 -42.77 -9.52 43.09
CA PRO B 919 -42.26 -8.19 43.41
C PRO B 919 -43.17 -7.07 42.93
N GLU B 920 -44.44 -7.40 42.66
CA GLU B 920 -45.38 -6.46 42.03
C GLU B 920 -46.58 -6.19 42.94
N PRO B 921 -46.40 -5.43 44.02
CA PRO B 921 -47.56 -4.86 44.70
C PRO B 921 -47.96 -3.53 44.07
N LEU B 922 -46.99 -2.88 43.41
CA LEU B 922 -47.23 -1.66 42.66
C LEU B 922 -46.64 -1.69 41.26
N ARG B 923 -45.84 -2.70 40.91
CA ARG B 923 -45.19 -2.76 39.60
C ARG B 923 -46.22 -2.84 38.47
N THR B 924 -46.97 -3.92 38.42
CA THR B 924 -48.08 -4.08 37.48
C THR B 924 -49.26 -4.67 38.22
N ALA B 925 -50.47 -4.29 37.79
CA ALA B 925 -51.67 -4.82 38.40
C ALA B 925 -51.82 -6.31 38.10
N ALA B 926 -51.95 -6.65 36.81
CA ALA B 926 -51.81 -8.02 36.34
C ALA B 926 -50.70 -8.15 35.31
N LEU B 927 -50.74 -7.34 34.25
CA LEU B 927 -49.69 -7.32 33.25
C LEU B 927 -49.39 -5.92 32.75
N ALA B 928 -50.00 -4.88 33.33
CA ALA B 928 -49.95 -3.49 32.88
C ALA B 928 -50.75 -3.26 31.61
N GLY B 929 -51.81 -4.05 31.42
CA GLY B 929 -52.73 -3.87 30.32
C GLY B 929 -52.10 -4.02 28.95
N ARG B 930 -51.31 -5.08 28.77
CA ARG B 930 -50.67 -5.33 27.49
C ARG B 930 -51.62 -6.07 26.54
N GLY B 931 -52.11 -7.22 26.98
CA GLY B 931 -52.93 -8.11 26.16
C GLY B 931 -53.21 -9.45 26.78
N ALA B 932 -53.09 -10.51 25.98
CA ALA B 932 -53.34 -11.87 26.46
C ALA B 932 -52.14 -12.75 26.17
N ALA B 933 -52.30 -14.07 26.35
CA ALA B 933 -51.23 -15.03 26.16
C ALA B 933 -51.52 -15.92 24.97
N ARG B 934 -50.46 -16.27 24.22
CA ARG B 934 -50.69 -16.97 22.97
C ARG B 934 -51.02 -18.45 23.20
N PRO B 935 -51.87 -19.02 22.35
CA PRO B 935 -52.26 -20.43 22.50
C PRO B 935 -51.11 -21.36 22.12
N THR B 936 -51.32 -22.64 22.43
CA THR B 936 -50.37 -23.69 22.09
C THR B 936 -51.10 -24.78 21.31
N ALA B 937 -50.52 -25.21 20.20
CA ALA B 937 -51.18 -26.19 19.34
C ALA B 937 -50.83 -27.61 19.78
N GLN B 938 -51.83 -28.49 19.72
CA GLN B 938 -51.62 -29.88 20.09
C GLN B 938 -50.77 -30.61 19.05
N LEU B 939 -49.96 -31.56 19.52
CA LEU B 939 -49.11 -32.33 18.64
C LEU B 939 -49.93 -33.14 17.65
N ALA B 940 -49.40 -33.30 16.45
CA ALA B 940 -50.08 -34.07 15.41
C ALA B 940 -49.87 -35.56 15.61
N ALA B 941 -50.92 -36.33 15.31
CA ALA B 941 -50.95 -37.76 15.66
C ALA B 941 -49.74 -38.52 15.13
N ASP B 942 -49.25 -38.17 13.94
CA ASP B 942 -48.10 -38.88 13.39
C ASP B 942 -46.86 -38.70 14.25
N ASP B 943 -46.72 -37.55 14.91
CA ASP B 943 -45.56 -37.35 15.76
C ASP B 943 -45.63 -38.22 17.00
N GLU B 944 -46.83 -38.34 17.58
CA GLU B 944 -47.02 -39.25 18.71
C GLU B 944 -46.75 -40.69 18.29
N ILE B 945 -47.17 -41.04 17.07
CA ILE B 945 -46.90 -42.37 16.54
C ILE B 945 -45.38 -42.59 16.42
N ALA B 946 -44.67 -41.62 15.85
CA ALA B 946 -43.24 -41.85 15.64
C ALA B 946 -42.42 -41.76 16.93
N LEU B 947 -42.97 -41.13 17.97
CA LEU B 947 -42.25 -40.97 19.23
C LEU B 947 -42.23 -42.24 20.07
N SER B 948 -42.99 -43.26 19.69
CA SER B 948 -43.12 -44.47 20.51
C SER B 948 -42.09 -45.53 20.14
N SER B 949 -41.54 -45.47 18.94
CA SER B 949 -40.52 -46.39 18.46
C SER B 949 -39.14 -45.77 18.55
N VAL B 950 -38.14 -46.63 18.73
CA VAL B 950 -36.75 -46.24 18.92
C VAL B 950 -36.02 -46.36 17.59
N GLY B 951 -35.30 -45.32 17.20
CA GLY B 951 -34.56 -45.34 15.97
C GLY B 951 -34.20 -43.94 15.54
N ALA B 952 -33.60 -43.85 14.35
CA ALA B 952 -33.21 -42.55 13.80
C ALA B 952 -34.43 -41.68 13.50
N LYS B 953 -35.58 -42.30 13.25
CA LYS B 953 -36.80 -41.52 13.00
C LYS B 953 -37.18 -40.71 14.23
N ARG B 954 -37.11 -41.30 15.42
CA ARG B 954 -37.42 -40.57 16.65
C ARG B 954 -36.44 -39.43 16.86
N GLN B 955 -35.16 -39.66 16.56
CA GLN B 955 -34.16 -38.61 16.71
C GLN B 955 -34.42 -37.44 15.76
N ALA B 956 -34.74 -37.75 14.50
CA ALA B 956 -35.08 -36.69 13.55
C ALA B 956 -36.33 -35.94 13.99
N THR B 957 -37.32 -36.66 14.53
CA THR B 957 -38.56 -36.02 14.94
C THR B 957 -38.34 -35.12 16.15
N LEU B 958 -37.45 -35.52 17.05
CA LEU B 958 -37.07 -34.64 18.16
C LEU B 958 -36.30 -33.42 17.66
N ASN B 959 -35.38 -33.62 16.71
CA ASN B 959 -34.62 -32.48 16.20
C ASN B 959 -35.54 -31.47 15.55
N ARG B 960 -36.50 -31.93 14.75
CA ARG B 960 -37.41 -31.01 14.10
C ARG B 960 -38.41 -30.39 15.07
N LEU B 961 -38.84 -31.12 16.10
CA LEU B 961 -39.79 -30.59 17.06
C LEU B 961 -39.15 -29.62 18.05
N LEU B 962 -37.84 -29.68 18.24
CA LEU B 962 -37.18 -28.80 19.21
C LEU B 962 -36.68 -27.51 18.56
N PHE B 963 -35.89 -27.62 17.50
CA PHE B 963 -35.31 -26.45 16.81
C PHE B 963 -35.59 -26.58 15.32
N PRO B 964 -36.76 -26.12 14.85
CA PRO B 964 -37.11 -26.33 13.44
C PRO B 964 -36.19 -25.65 12.44
N SER B 965 -35.96 -24.34 12.59
CA SER B 965 -35.23 -23.60 11.56
C SER B 965 -33.79 -24.07 11.41
N PRO B 966 -33.01 -24.26 12.49
CA PRO B 966 -31.62 -24.67 12.31
C PRO B 966 -31.49 -26.11 11.88
N THR B 967 -32.41 -26.99 12.27
CA THR B 967 -32.35 -28.36 11.76
C THR B 967 -32.74 -28.42 10.29
N LYS B 968 -33.59 -27.50 9.83
CA LYS B 968 -33.90 -27.45 8.41
C LYS B 968 -32.71 -26.91 7.61
N GLU B 969 -32.04 -25.89 8.13
CA GLU B 969 -30.79 -25.45 7.55
C GLU B 969 -29.74 -26.56 7.52
N PHE B 970 -29.63 -27.32 8.61
CA PHE B 970 -28.67 -28.42 8.67
C PHE B 970 -29.01 -29.50 7.64
N ASN B 971 -30.30 -29.80 7.47
CA ASN B 971 -30.70 -30.78 6.46
C ASN B 971 -30.37 -30.30 5.05
N GLU B 972 -30.63 -29.02 4.76
CA GLU B 972 -30.26 -28.48 3.46
C GLU B 972 -28.75 -28.53 3.24
N HIS B 973 -27.97 -28.18 4.26
CA HIS B 973 -26.52 -28.20 4.14
C HIS B 973 -26.00 -29.61 3.91
N ARG B 974 -26.58 -30.59 4.61
CA ARG B 974 -26.16 -31.98 4.47
C ARG B 974 -26.54 -32.55 3.11
N GLU B 975 -27.71 -32.15 2.60
CA GLU B 975 -28.04 -32.50 1.21
C GLU B 975 -27.05 -31.89 0.22
N ALA B 976 -26.67 -30.63 0.45
CA ALA B 976 -25.84 -29.94 -0.53
C ALA B 976 -24.41 -30.47 -0.54
N TYR B 977 -23.82 -30.66 0.65
CA TYR B 977 -22.39 -30.89 0.78
C TYR B 977 -22.06 -32.22 1.49
N GLY B 978 -22.98 -33.18 1.43
CA GLY B 978 -22.72 -34.46 2.04
C GLY B 978 -22.45 -34.36 3.53
N ASP B 979 -21.52 -35.20 4.01
CA ASP B 979 -21.17 -35.27 5.41
C ASP B 979 -19.79 -34.65 5.61
N THR B 980 -19.74 -33.56 6.37
CA THR B 980 -18.52 -32.81 6.63
C THR B 980 -18.12 -32.85 8.11
N SER B 981 -18.75 -33.70 8.92
CA SER B 981 -18.42 -33.77 10.33
C SER B 981 -17.10 -34.48 10.59
N GLN B 982 -16.49 -35.09 9.58
CA GLN B 982 -15.21 -35.77 9.73
C GLN B 982 -14.02 -34.84 9.48
N LEU B 983 -14.26 -33.60 9.09
CA LEU B 983 -13.18 -32.66 8.84
C LEU B 983 -12.61 -32.13 10.14
N SER B 984 -11.42 -31.55 10.05
CA SER B 984 -10.76 -30.96 11.21
C SER B 984 -11.19 -29.49 11.35
N ALA B 985 -10.78 -28.87 12.46
CA ALA B 985 -11.10 -27.47 12.66
C ALA B 985 -10.44 -26.59 11.60
N ASN B 986 -9.22 -26.95 11.21
CA ASN B 986 -8.47 -26.12 10.28
C ASN B 986 -9.10 -26.10 8.89
N GLN B 987 -9.42 -27.28 8.35
CA GLN B 987 -10.10 -27.35 7.06
C GLN B 987 -11.50 -26.74 7.13
N PHE B 988 -12.23 -27.01 8.22
CA PHE B 988 -13.62 -26.56 8.31
C PHE B 988 -13.71 -25.03 8.39
N PHE B 989 -12.81 -24.40 9.15
CA PHE B 989 -12.93 -22.97 9.39
C PHE B 989 -12.08 -22.13 8.45
N TYR B 990 -10.95 -22.65 7.95
CA TYR B 990 -10.03 -21.83 7.15
C TYR B 990 -10.01 -22.23 5.69
N GLY B 991 -9.66 -23.49 5.39
CA GLY B 991 -9.69 -23.95 4.01
C GLY B 991 -8.48 -24.78 3.62
N LEU B 992 -8.02 -24.59 2.39
CA LEU B 992 -6.84 -25.33 1.90
C LEU B 992 -5.68 -24.34 1.69
N ARG B 993 -4.44 -24.82 1.82
CA ARG B 993 -3.23 -23.99 1.57
C ARG B 993 -2.31 -24.79 0.63
N GLN B 994 -1.32 -24.14 0.04
CA GLN B 994 -0.46 -24.82 -0.98
C GLN B 994 0.80 -25.47 -0.37
N GLY B 995 1.01 -26.75 -0.64
CA GLY B 995 2.19 -27.44 -0.11
C GLY B 995 1.80 -28.47 0.92
N GLU B 996 0.58 -28.39 1.46
CA GLU B 996 0.14 -29.29 2.50
C GLU B 996 -0.86 -30.29 1.93
N GLU B 997 -0.85 -31.50 2.51
CA GLU B 997 -1.72 -32.60 2.11
C GLU B 997 -2.56 -33.03 3.30
N HIS B 998 -3.87 -33.17 3.07
CA HIS B 998 -4.82 -33.48 4.12
C HIS B 998 -5.41 -34.87 3.91
N ARG B 999 -5.60 -35.60 5.01
CA ARG B 999 -6.23 -36.91 4.98
C ARG B 999 -7.59 -36.84 5.66
N VAL B 1000 -8.62 -37.27 4.93
CA VAL B 1000 -10.00 -37.24 5.43
C VAL B 1000 -10.56 -38.65 5.38
N LYS B 1001 -11.02 -39.15 6.52
CA LYS B 1001 -11.48 -40.53 6.62
C LYS B 1001 -12.97 -40.59 6.31
N LEU B 1002 -13.33 -41.34 5.26
CA LEU B 1002 -14.71 -41.57 4.88
C LEU B 1002 -15.27 -42.85 5.50
N GLU B 1003 -14.60 -43.98 5.28
CA GLU B 1003 -15.02 -45.26 5.86
C GLU B 1003 -13.77 -46.03 6.28
N ARG B 1004 -13.98 -47.22 6.84
CA ARG B 1004 -12.88 -48.07 7.26
C ARG B 1004 -12.13 -48.56 6.02
N GLY B 1005 -10.92 -48.05 5.83
CA GLY B 1005 -10.16 -48.32 4.64
C GLY B 1005 -10.45 -47.41 3.47
N VAL B 1006 -11.37 -46.46 3.64
CA VAL B 1006 -11.73 -45.51 2.58
C VAL B 1006 -11.33 -44.13 3.05
N GLU B 1007 -10.19 -43.65 2.55
CA GLU B 1007 -9.63 -42.35 2.92
C GLU B 1007 -9.36 -41.53 1.68
N LEU B 1008 -9.44 -40.21 1.83
CA LEU B 1008 -9.27 -39.27 0.73
C LEU B 1008 -8.12 -38.32 1.03
N LEU B 1009 -7.27 -38.09 0.03
CA LEU B 1009 -6.08 -37.25 0.16
C LEU B 1009 -6.25 -35.99 -0.69
N ILE B 1010 -6.36 -34.85 -0.04
CA ILE B 1010 -6.76 -33.59 -0.68
C ILE B 1010 -5.63 -32.59 -0.57
N GLY B 1011 -5.41 -31.84 -1.66
CA GLY B 1011 -4.41 -30.78 -1.68
C GLY B 1011 -4.82 -29.69 -2.66
N LEU B 1012 -4.01 -28.64 -2.69
CA LEU B 1012 -4.27 -27.47 -3.53
C LEU B 1012 -3.12 -27.28 -4.51
N GLU B 1013 -3.43 -26.73 -5.69
CA GLU B 1013 -2.42 -26.44 -6.70
C GLU B 1013 -2.35 -24.96 -7.03
N ALA B 1014 -3.46 -24.35 -7.44
CA ALA B 1014 -3.36 -22.92 -7.80
C ALA B 1014 -4.75 -22.31 -7.90
N ILE B 1015 -4.78 -20.97 -7.96
CA ILE B 1015 -6.06 -20.26 -8.02
C ILE B 1015 -5.92 -19.13 -9.05
N SER B 1016 -6.92 -18.97 -9.90
CA SER B 1016 -6.90 -17.93 -10.92
C SER B 1016 -7.70 -16.71 -10.46
N GLU B 1017 -7.30 -15.54 -10.96
CA GLU B 1017 -8.00 -14.32 -10.61
C GLU B 1017 -9.35 -14.27 -11.34
N PRO B 1018 -10.34 -13.58 -10.77
CA PRO B 1018 -11.69 -13.63 -11.33
C PRO B 1018 -11.77 -12.98 -12.71
N ASP B 1019 -12.65 -13.54 -13.53
CA ASP B 1019 -12.93 -13.06 -14.88
C ASP B 1019 -13.86 -11.86 -14.79
N GLU B 1020 -14.48 -11.50 -15.92
CA GLU B 1020 -15.42 -10.37 -15.91
C GLU B 1020 -16.58 -10.63 -14.97
N ARG B 1021 -16.91 -11.90 -14.73
CA ARG B 1021 -17.89 -12.26 -13.70
C ARG B 1021 -17.23 -12.29 -12.33
N GLY B 1022 -17.92 -12.85 -11.34
CA GLY B 1022 -17.31 -13.05 -10.04
C GLY B 1022 -16.77 -14.45 -9.86
N MET B 1023 -16.56 -15.16 -10.97
CA MET B 1023 -16.24 -16.58 -10.94
C MET B 1023 -14.73 -16.78 -11.04
N ARG B 1024 -14.20 -17.66 -10.20
CA ARG B 1024 -12.79 -18.05 -10.23
C ARG B 1024 -12.70 -19.56 -10.41
N THR B 1025 -11.54 -20.02 -10.89
CA THR B 1025 -11.26 -21.43 -11.04
C THR B 1025 -10.13 -21.83 -10.11
N VAL B 1026 -10.35 -22.85 -9.30
CA VAL B 1026 -9.38 -23.33 -8.34
C VAL B 1026 -8.95 -24.72 -8.80
N MET B 1027 -7.65 -24.92 -8.97
CA MET B 1027 -7.09 -26.21 -9.34
C MET B 1027 -6.62 -26.91 -8.06
N CYS B 1028 -7.22 -28.06 -7.77
CA CYS B 1028 -6.91 -28.84 -6.58
C CYS B 1028 -6.43 -30.24 -6.98
N ILE B 1029 -5.98 -30.99 -5.99
CA ILE B 1029 -5.51 -32.36 -6.17
C ILE B 1029 -6.34 -33.27 -5.29
N LEU B 1030 -6.91 -34.32 -5.89
CA LEU B 1030 -7.66 -35.35 -5.19
C LEU B 1030 -7.12 -36.71 -5.60
N ASN B 1031 -6.58 -37.44 -4.62
CA ASN B 1031 -6.01 -38.76 -4.84
C ASN B 1031 -4.93 -38.72 -5.93
N GLY B 1032 -4.16 -37.63 -5.95
CA GLY B 1032 -3.11 -37.47 -6.93
C GLY B 1032 -3.59 -37.10 -8.32
N GLN B 1033 -4.82 -36.60 -8.46
CA GLN B 1033 -5.37 -36.23 -9.76
C GLN B 1033 -5.82 -34.78 -9.73
N LEU B 1034 -5.59 -34.07 -10.84
CA LEU B 1034 -5.94 -32.66 -10.92
C LEU B 1034 -7.43 -32.49 -11.14
N ARG B 1035 -8.00 -31.49 -10.45
CA ARG B 1035 -9.43 -31.20 -10.52
C ARG B 1035 -9.68 -29.70 -10.55
N PRO B 1036 -10.30 -29.18 -11.62
CA PRO B 1036 -10.71 -27.77 -11.61
C PRO B 1036 -12.11 -27.58 -11.03
N VAL B 1037 -12.27 -26.59 -10.16
CA VAL B 1037 -13.55 -26.29 -9.53
C VAL B 1037 -13.88 -24.82 -9.77
N LEU B 1038 -15.11 -24.55 -10.20
CA LEU B 1038 -15.56 -23.20 -10.46
C LEU B 1038 -16.30 -22.68 -9.22
N VAL B 1039 -15.86 -21.54 -8.69
CA VAL B 1039 -16.39 -21.00 -7.45
C VAL B 1039 -16.73 -19.53 -7.65
N ARG B 1040 -17.57 -19.01 -6.77
CA ARG B 1040 -18.02 -17.63 -6.81
C ARG B 1040 -17.36 -16.84 -5.68
N ASP B 1041 -16.71 -15.73 -6.05
CA ASP B 1041 -16.05 -14.86 -5.09
C ASP B 1041 -17.01 -13.71 -4.75
N ARG B 1042 -17.60 -13.78 -3.56
CA ARG B 1042 -18.58 -12.79 -3.14
C ARG B 1042 -17.96 -11.46 -2.74
N SER B 1043 -16.64 -11.36 -2.68
CA SER B 1043 -15.99 -10.12 -2.28
C SER B 1043 -16.11 -9.05 -3.35
N ILE B 1044 -15.90 -9.42 -4.62
CA ILE B 1044 -15.93 -8.44 -5.71
C ILE B 1044 -17.32 -8.23 -6.26
N ALA B 1045 -18.29 -9.09 -5.92
CA ALA B 1045 -19.67 -8.98 -6.38
C ALA B 1045 -19.76 -8.93 -7.90
N MET C 1 -17.34 -69.38 -4.10
CA MET C 1 -15.95 -68.97 -4.25
C MET C 1 -15.46 -68.22 -3.03
N PHE C 2 -14.29 -67.60 -3.16
CA PHE C 2 -13.72 -66.83 -2.06
C PHE C 2 -14.55 -65.58 -1.80
N SER C 3 -14.75 -65.28 -0.51
CA SER C 3 -15.46 -64.05 -0.15
C SER C 3 -14.59 -62.82 -0.33
N LYS C 4 -13.31 -62.91 0.01
CA LYS C 4 -12.40 -61.77 -0.09
C LYS C 4 -11.00 -62.27 -0.40
N VAL C 5 -10.23 -61.45 -1.10
CA VAL C 5 -8.87 -61.78 -1.48
C VAL C 5 -7.98 -60.56 -1.26
N LEU C 6 -6.77 -60.79 -0.78
CA LEU C 6 -5.78 -59.73 -0.57
C LEU C 6 -4.67 -59.89 -1.59
N VAL C 7 -4.28 -58.78 -2.22
CA VAL C 7 -3.24 -58.77 -3.24
C VAL C 7 -2.02 -58.09 -2.64
N ALA C 8 -0.95 -58.87 -2.45
CA ALA C 8 0.30 -58.34 -1.90
C ALA C 8 1.29 -58.03 -3.02
N ASN C 9 0.92 -57.07 -3.86
CA ASN C 9 1.75 -56.67 -4.98
C ASN C 9 1.45 -55.21 -5.33
N ARG C 10 2.12 -54.70 -6.34
CA ARG C 10 2.03 -53.30 -6.74
C ARG C 10 2.06 -53.20 -8.25
N GLY C 11 1.37 -52.19 -8.77
CA GLY C 11 1.44 -51.88 -10.18
C GLY C 11 0.25 -52.37 -11.01
N GLU C 12 0.52 -52.69 -12.28
CA GLU C 12 -0.55 -53.09 -13.18
C GLU C 12 -1.04 -54.51 -12.90
N ILE C 13 -0.19 -55.36 -12.32
CA ILE C 13 -0.62 -56.72 -12.00
C ILE C 13 -1.69 -56.69 -10.91
N ALA C 14 -1.58 -55.77 -9.96
CA ALA C 14 -2.60 -55.62 -8.94
C ALA C 14 -3.93 -55.19 -9.55
N ILE C 15 -3.90 -54.28 -10.52
CA ILE C 15 -5.12 -53.84 -11.17
C ILE C 15 -5.74 -54.97 -11.99
N ARG C 16 -4.89 -55.77 -12.65
CA ARG C 16 -5.39 -56.94 -13.38
C ARG C 16 -6.06 -57.93 -12.45
N ALA C 17 -5.44 -58.18 -11.29
CA ALA C 17 -6.05 -59.07 -10.31
C ALA C 17 -7.37 -58.51 -9.79
N PHE C 18 -7.42 -57.20 -9.56
CA PHE C 18 -8.67 -56.58 -9.10
C PHE C 18 -9.78 -56.72 -10.13
N ARG C 19 -9.44 -56.51 -11.41
CA ARG C 19 -10.44 -56.67 -12.47
C ARG C 19 -10.93 -58.11 -12.55
N ALA C 20 -10.00 -59.08 -12.46
CA ALA C 20 -10.40 -60.48 -12.51
C ALA C 20 -11.28 -60.84 -11.32
N ALA C 21 -10.96 -60.33 -10.13
CA ALA C 21 -11.76 -60.61 -8.96
C ALA C 21 -13.16 -59.99 -9.08
N TYR C 22 -13.24 -58.77 -9.60
CA TYR C 22 -14.54 -58.13 -9.78
C TYR C 22 -15.38 -58.88 -10.80
N GLU C 23 -14.75 -59.43 -11.84
CA GLU C 23 -15.48 -60.25 -12.80
C GLU C 23 -16.07 -61.49 -12.14
N LEU C 24 -15.42 -61.99 -11.08
CA LEU C 24 -15.87 -63.17 -10.37
C LEU C 24 -16.70 -62.84 -9.13
N GLY C 25 -16.97 -61.56 -8.89
CA GLY C 25 -17.73 -61.17 -7.71
C GLY C 25 -17.03 -61.41 -6.38
N VAL C 26 -15.74 -61.07 -6.28
CA VAL C 26 -14.95 -61.28 -5.08
C VAL C 26 -14.42 -59.94 -4.62
N GLY C 27 -14.52 -59.67 -3.32
CA GLY C 27 -13.99 -58.44 -2.76
C GLY C 27 -12.47 -58.41 -2.79
N THR C 28 -11.92 -57.20 -2.71
CA THR C 28 -10.48 -56.99 -2.85
C THR C 28 -9.97 -56.11 -1.72
N VAL C 29 -8.72 -56.39 -1.31
CA VAL C 29 -8.04 -55.63 -0.26
C VAL C 29 -6.64 -55.30 -0.76
N ALA C 30 -6.18 -54.08 -0.49
CA ALA C 30 -4.88 -53.61 -0.94
C ALA C 30 -4.05 -53.11 0.23
N VAL C 31 -2.73 -53.24 0.10
CA VAL C 31 -1.79 -52.77 1.11
C VAL C 31 -0.74 -51.90 0.42
N TYR C 32 -0.41 -50.78 1.06
CA TYR C 32 0.52 -49.83 0.48
C TYR C 32 1.44 -49.26 1.55
N PRO C 33 2.68 -48.91 1.20
CA PRO C 33 3.54 -48.17 2.11
C PRO C 33 3.21 -46.68 2.08
N TYR C 34 3.82 -45.95 3.02
CA TYR C 34 3.59 -44.51 3.09
C TYR C 34 4.15 -43.80 1.86
N GLU C 35 5.32 -44.21 1.40
CA GLU C 35 5.96 -43.55 0.25
C GLU C 35 5.24 -43.81 -1.07
N ASP C 36 4.32 -44.77 -1.10
CA ASP C 36 3.59 -45.12 -2.33
C ASP C 36 2.09 -44.88 -2.14
N ARG C 37 1.75 -43.83 -1.39
CA ARG C 37 0.34 -43.54 -1.13
C ARG C 37 -0.38 -42.97 -2.36
N ASN C 38 0.37 -42.50 -3.36
CA ASN C 38 -0.21 -41.87 -4.53
C ASN C 38 -0.34 -42.83 -5.71
N SER C 39 -0.14 -44.12 -5.49
CA SER C 39 -0.31 -45.10 -6.56
C SER C 39 -1.78 -45.28 -6.91
N GLN C 40 -2.03 -45.70 -8.15
CA GLN C 40 -3.40 -45.85 -8.62
C GLN C 40 -4.09 -47.06 -7.97
N HIS C 41 -3.34 -48.15 -7.77
CA HIS C 41 -3.95 -49.37 -7.26
C HIS C 41 -4.56 -49.20 -5.87
N ARG C 42 -4.15 -48.15 -5.14
CA ARG C 42 -4.76 -47.88 -3.84
C ARG C 42 -6.23 -47.50 -4.00
N LEU C 43 -6.56 -46.70 -5.01
CA LEU C 43 -7.93 -46.22 -5.19
C LEU C 43 -8.77 -47.14 -6.07
N LYS C 44 -8.20 -48.23 -6.57
CA LYS C 44 -8.93 -49.18 -7.39
C LYS C 44 -9.50 -50.35 -6.59
N ALA C 45 -9.22 -50.42 -5.30
CA ALA C 45 -9.66 -51.51 -4.45
C ALA C 45 -10.78 -51.06 -3.51
N ASP C 46 -11.50 -52.04 -2.99
CA ASP C 46 -12.59 -51.73 -2.06
C ASP C 46 -12.06 -51.19 -0.74
N GLU C 47 -10.99 -51.79 -0.21
CA GLU C 47 -10.39 -51.35 1.04
C GLU C 47 -8.87 -51.32 0.88
N SER C 48 -8.23 -50.35 1.54
CA SER C 48 -6.79 -50.20 1.50
C SER C 48 -6.25 -49.98 2.90
N TYR C 49 -5.04 -50.50 3.14
CA TYR C 49 -4.40 -50.39 4.45
C TYR C 49 -2.92 -50.09 4.26
N GLN C 50 -2.35 -49.43 5.27
CA GLN C 50 -0.96 -49.01 5.26
C GLN C 50 -0.11 -49.99 6.07
N ILE C 51 1.03 -50.39 5.51
CA ILE C 51 1.93 -51.35 6.13
C ILE C 51 3.34 -50.76 6.18
N GLY C 52 4.15 -51.32 7.08
CA GLY C 52 5.54 -50.94 7.18
C GLY C 52 5.77 -49.72 8.05
N ASP C 53 7.04 -49.41 8.26
CA ASP C 53 7.44 -48.25 9.04
C ASP C 53 7.63 -47.04 8.12
N ILE C 54 8.20 -45.96 8.67
CA ILE C 54 8.34 -44.72 7.91
C ILE C 54 9.46 -44.76 6.90
N GLY C 55 10.31 -45.79 6.93
CA GLY C 55 11.39 -45.94 5.97
C GLY C 55 11.36 -47.29 5.30
N HIS C 56 12.29 -47.47 4.36
CA HIS C 56 12.47 -48.72 3.62
C HIS C 56 11.18 -49.16 2.94
N PRO C 57 10.72 -48.43 1.91
CA PRO C 57 9.49 -48.85 1.23
C PRO C 57 9.57 -50.23 0.59
N VAL C 58 10.74 -50.61 0.08
CA VAL C 58 10.87 -51.92 -0.58
C VAL C 58 10.74 -53.04 0.44
N HIS C 59 11.34 -52.87 1.62
CA HIS C 59 11.29 -53.90 2.65
C HIS C 59 9.88 -54.09 3.22
N ALA C 60 9.00 -53.10 3.04
CA ALA C 60 7.64 -53.22 3.56
C ALA C 60 6.88 -54.36 2.88
N TYR C 61 7.07 -54.52 1.57
CA TYR C 61 6.38 -55.59 0.86
C TYR C 61 6.97 -56.96 1.17
N LEU C 62 8.20 -57.01 1.65
CA LEU C 62 8.83 -58.29 2.03
C LEU C 62 8.74 -58.50 3.53
N SER C 63 7.50 -58.65 4.01
CA SER C 63 7.22 -58.86 5.43
C SER C 63 6.02 -59.80 5.53
N VAL C 64 6.29 -61.10 5.69
CA VAL C 64 5.22 -62.10 5.64
C VAL C 64 4.26 -61.92 6.81
N ASP C 65 4.81 -61.73 8.02
CA ASP C 65 3.97 -61.68 9.21
C ASP C 65 3.00 -60.52 9.18
N GLU C 66 3.46 -59.35 8.75
CA GLU C 66 2.59 -58.17 8.70
C GLU C 66 1.46 -58.37 7.71
N ILE C 67 1.76 -58.91 6.53
CA ILE C 67 0.72 -59.14 5.53
C ILE C 67 -0.28 -60.18 6.01
N VAL C 68 0.20 -61.25 6.66
CA VAL C 68 -0.71 -62.27 7.18
C VAL C 68 -1.62 -61.67 8.26
N ALA C 69 -1.05 -60.84 9.15
CA ALA C 69 -1.86 -60.22 10.19
C ALA C 69 -2.89 -59.27 9.59
N THR C 70 -2.51 -58.50 8.57
CA THR C 70 -3.45 -57.60 7.92
C THR C 70 -4.58 -58.37 7.24
N ALA C 71 -4.24 -59.47 6.57
CA ALA C 71 -5.26 -60.29 5.93
C ALA C 71 -6.21 -60.90 6.97
N ARG C 72 -5.67 -61.35 8.10
CA ARG C 72 -6.52 -61.89 9.16
C ARG C 72 -7.43 -60.81 9.73
N ARG C 73 -6.91 -59.60 9.92
CA ARG C 73 -7.72 -58.51 10.46
C ARG C 73 -8.83 -58.10 9.49
N ALA C 74 -8.54 -58.15 8.19
CA ALA C 74 -9.52 -57.76 7.17
C ALA C 74 -10.47 -58.89 6.80
N GLY C 75 -10.31 -60.07 7.37
CA GLY C 75 -11.18 -61.20 7.04
C GLY C 75 -11.03 -61.70 5.63
N ALA C 76 -9.80 -61.84 5.14
CA ALA C 76 -9.54 -62.35 3.81
C ALA C 76 -9.41 -63.87 3.83
N ASP C 77 -9.67 -64.49 2.69
CA ASP C 77 -9.60 -65.93 2.54
C ASP C 77 -8.47 -66.40 1.63
N ALA C 78 -7.85 -65.50 0.86
CA ALA C 78 -6.79 -65.89 -0.06
C ALA C 78 -5.82 -64.73 -0.23
N ILE C 79 -4.61 -65.06 -0.67
CA ILE C 79 -3.56 -64.08 -0.93
C ILE C 79 -3.01 -64.34 -2.33
N TYR C 80 -2.98 -63.29 -3.16
CA TYR C 80 -2.48 -63.40 -4.53
C TYR C 80 -1.10 -62.76 -4.63
N PRO C 81 -0.04 -63.53 -4.90
CA PRO C 81 1.31 -62.95 -4.97
C PRO C 81 1.50 -62.04 -6.18
N GLY C 82 1.16 -62.53 -7.36
CA GLY C 82 1.43 -61.83 -8.60
C GLY C 82 2.73 -62.30 -9.22
N TYR C 83 3.61 -61.36 -9.57
CA TYR C 83 4.97 -61.68 -10.00
C TYR C 83 5.94 -60.75 -9.28
N GLY C 84 7.08 -61.30 -8.89
CA GLY C 84 8.03 -60.54 -8.09
C GLY C 84 7.66 -60.53 -6.63
N PHE C 85 8.52 -59.87 -5.85
CA PHE C 85 8.35 -59.75 -4.39
C PHE C 85 8.32 -61.17 -3.80
N LEU C 86 7.34 -61.51 -2.96
CA LEU C 86 7.26 -62.84 -2.38
C LEU C 86 6.38 -63.78 -3.22
N SER C 87 6.66 -63.87 -4.51
CA SER C 87 5.92 -64.76 -5.39
C SER C 87 6.49 -66.16 -5.42
N GLU C 88 7.72 -66.36 -4.94
CA GLU C 88 8.35 -67.67 -4.94
C GLU C 88 9.07 -67.93 -3.61
N ASN C 89 8.60 -67.30 -2.53
CA ASN C 89 9.20 -67.49 -1.22
C ASN C 89 8.39 -68.51 -0.44
N PRO C 90 8.96 -69.66 -0.06
CA PRO C 90 8.17 -70.71 0.61
C PRO C 90 7.63 -70.30 1.96
N ASP C 91 8.20 -69.28 2.61
CA ASP C 91 7.70 -68.85 3.91
C ASP C 91 6.26 -68.37 3.83
N LEU C 92 5.91 -67.68 2.74
CA LEU C 92 4.53 -67.23 2.56
C LEU C 92 3.58 -68.41 2.47
N ALA C 93 3.95 -69.45 1.71
CA ALA C 93 3.10 -70.63 1.62
C ALA C 93 2.98 -71.33 2.96
N ALA C 94 4.08 -71.43 3.70
CA ALA C 94 4.03 -72.07 5.01
C ALA C 94 3.14 -71.29 5.98
N ALA C 95 3.26 -69.96 5.97
CA ALA C 95 2.43 -69.14 6.84
C ALA C 95 0.96 -69.23 6.46
N CYS C 96 0.66 -69.27 5.16
CA CYS C 96 -0.72 -69.44 4.72
C CYS C 96 -1.28 -70.77 5.19
N ALA C 97 -0.49 -71.84 5.08
CA ALA C 97 -0.94 -73.14 5.57
C ALA C 97 -1.12 -73.14 7.08
N ALA C 98 -0.31 -72.36 7.80
CA ALA C 98 -0.40 -72.29 9.25
C ALA C 98 -1.66 -71.58 9.73
N ALA C 99 -2.37 -70.90 8.83
CA ALA C 99 -3.60 -70.23 9.16
C ALA C 99 -4.71 -70.73 8.24
N GLY C 100 -5.89 -70.12 8.34
CA GLY C 100 -7.02 -70.49 7.52
C GLY C 100 -7.07 -69.84 6.16
N ILE C 101 -5.99 -69.20 5.74
CA ILE C 101 -5.93 -68.48 4.48
C ILE C 101 -5.27 -69.35 3.43
N SER C 102 -5.88 -69.43 2.26
CA SER C 102 -5.36 -70.21 1.15
C SER C 102 -4.36 -69.39 0.34
N PHE C 103 -3.41 -70.08 -0.28
CA PHE C 103 -2.38 -69.44 -1.10
C PHE C 103 -2.60 -69.79 -2.56
N VAL C 104 -2.63 -68.77 -3.41
CA VAL C 104 -2.82 -68.96 -4.85
C VAL C 104 -1.46 -69.30 -5.44
N GLY C 105 -1.19 -70.58 -5.61
CA GLY C 105 0.07 -71.04 -6.14
C GLY C 105 0.07 -72.54 -6.35
N PRO C 106 1.13 -73.07 -6.97
CA PRO C 106 1.17 -74.51 -7.26
C PRO C 106 1.06 -75.38 -6.02
N SER C 107 2.04 -75.25 -5.12
CA SER C 107 2.09 -75.99 -3.86
C SER C 107 3.32 -75.54 -3.09
N ALA C 108 3.36 -75.90 -1.81
CA ALA C 108 4.54 -75.57 -0.99
C ALA C 108 5.75 -76.40 -1.40
N GLU C 109 5.53 -77.68 -1.74
CA GLU C 109 6.65 -78.55 -2.09
C GLU C 109 7.27 -78.17 -3.43
N VAL C 110 6.44 -77.76 -4.39
CA VAL C 110 6.95 -77.43 -5.73
C VAL C 110 7.84 -76.20 -5.66
N LEU C 111 7.56 -75.27 -4.75
CA LEU C 111 8.37 -74.06 -4.64
C LEU C 111 9.78 -74.36 -4.16
N GLU C 112 9.97 -75.44 -3.39
CA GLU C 112 11.30 -75.76 -2.89
C GLU C 112 12.16 -76.39 -3.98
N LEU C 113 11.53 -77.02 -4.95
CA LEU C 113 12.29 -77.70 -5.99
C LEU C 113 12.87 -76.71 -7.01
N ALA C 114 12.34 -75.49 -7.07
CA ALA C 114 12.71 -74.68 -8.23
C ALA C 114 13.77 -73.64 -7.88
N GLY C 115 14.18 -73.57 -6.60
CA GLY C 115 15.02 -72.48 -6.15
C GLY C 115 16.50 -72.72 -6.33
N ASN C 116 17.01 -73.87 -5.88
CA ASN C 116 18.45 -74.11 -5.90
C ASN C 116 18.97 -74.42 -7.29
N LYS C 117 18.08 -74.69 -8.25
CA LYS C 117 18.49 -75.10 -9.60
C LYS C 117 19.19 -76.46 -9.65
N SER C 118 19.13 -77.09 -10.82
CA SER C 118 19.80 -78.32 -11.21
C SER C 118 19.21 -79.55 -10.52
N ARG C 119 18.37 -79.36 -9.51
CA ARG C 119 17.53 -80.47 -9.11
C ARG C 119 16.27 -80.49 -9.94
N ALA C 120 15.90 -79.33 -10.48
CA ALA C 120 15.06 -79.33 -11.68
C ALA C 120 15.68 -80.22 -12.75
N ILE C 121 17.00 -80.12 -12.92
CA ILE C 121 17.69 -80.89 -13.95
C ILE C 121 17.67 -82.37 -13.59
N ALA C 122 17.83 -82.68 -12.30
CA ALA C 122 17.67 -84.04 -11.83
C ALA C 122 16.27 -84.56 -12.13
N ALA C 123 15.27 -83.70 -11.98
CA ALA C 123 13.91 -84.10 -12.32
C ALA C 123 13.69 -84.20 -13.82
N ALA C 124 14.52 -83.54 -14.62
CA ALA C 124 14.35 -83.59 -16.07
C ALA C 124 15.03 -84.80 -16.70
N ARG C 125 16.15 -85.24 -16.13
CA ARG C 125 16.71 -86.53 -16.53
C ARG C 125 15.78 -87.68 -16.18
N GLU C 126 15.14 -87.62 -15.01
CA GLU C 126 14.20 -88.65 -14.61
C GLU C 126 12.96 -88.65 -15.49
N ALA C 127 12.38 -87.48 -15.74
CA ALA C 127 11.19 -87.38 -16.57
C ALA C 127 11.52 -87.71 -18.02
N GLY C 128 12.81 -87.75 -18.35
CA GLY C 128 13.26 -88.10 -19.67
C GLY C 128 13.07 -87.02 -20.70
N LEU C 129 13.76 -85.90 -20.54
CA LEU C 129 13.78 -84.80 -21.49
C LEU C 129 15.19 -84.60 -22.02
N PRO C 130 15.35 -83.88 -23.13
CA PRO C 130 16.71 -83.51 -23.55
C PRO C 130 17.29 -82.47 -22.61
N VAL C 131 18.38 -82.84 -21.94
CA VAL C 131 18.99 -82.00 -20.91
C VAL C 131 20.45 -81.78 -21.28
N LEU C 132 20.98 -80.63 -20.88
CA LEU C 132 22.36 -80.29 -21.16
C LEU C 132 23.27 -80.68 -20.00
N MET C 133 24.58 -80.67 -20.29
CA MET C 133 25.61 -80.86 -19.28
C MET C 133 25.43 -79.87 -18.14
N SER C 134 25.48 -80.39 -16.90
CA SER C 134 25.39 -79.58 -15.69
C SER C 134 26.67 -79.71 -14.89
N SER C 135 27.18 -78.58 -14.43
CA SER C 135 28.43 -78.52 -13.67
C SER C 135 28.14 -78.48 -12.18
N ALA C 136 29.10 -78.96 -11.39
CA ALA C 136 28.97 -78.98 -9.94
C ALA C 136 29.11 -77.57 -9.38
N PRO C 137 28.12 -77.06 -8.65
CA PRO C 137 28.25 -75.70 -8.08
C PRO C 137 29.36 -75.63 -7.06
N SER C 138 30.36 -74.80 -7.34
CA SER C 138 31.49 -74.63 -6.45
C SER C 138 32.07 -73.23 -6.62
N ALA C 139 32.46 -72.62 -5.51
CA ALA C 139 33.10 -71.31 -5.51
C ALA C 139 34.62 -71.40 -5.65
N SER C 140 35.17 -72.59 -5.69
CA SER C 140 36.62 -72.78 -5.80
C SER C 140 37.03 -72.84 -7.26
N VAL C 141 38.22 -72.33 -7.56
CA VAL C 141 38.67 -72.19 -8.93
C VAL C 141 39.43 -73.41 -9.41
N ASP C 142 40.25 -74.00 -8.52
CA ASP C 142 40.93 -75.25 -8.86
C ASP C 142 39.94 -76.38 -9.10
N GLU C 143 38.91 -76.49 -8.27
CA GLU C 143 37.89 -77.52 -8.48
C GLU C 143 37.13 -77.28 -9.77
N LEU C 144 36.78 -76.02 -10.05
CA LEU C 144 36.07 -75.73 -11.29
C LEU C 144 36.93 -76.05 -12.50
N LEU C 145 38.25 -75.81 -12.42
CA LEU C 145 39.12 -76.16 -13.54
C LEU C 145 39.28 -77.67 -13.67
N SER C 146 39.35 -78.38 -12.55
CA SER C 146 39.43 -79.83 -12.58
C SER C 146 38.17 -80.45 -13.19
N VAL C 147 37.04 -79.78 -13.04
CA VAL C 147 35.84 -80.24 -13.74
C VAL C 147 35.82 -79.74 -15.19
N ALA C 148 36.41 -78.58 -15.45
CA ALA C 148 36.42 -77.96 -16.77
C ALA C 148 37.44 -78.58 -17.71
N ALA C 149 38.31 -79.45 -17.24
CA ALA C 149 39.33 -80.02 -18.11
C ALA C 149 38.73 -80.99 -19.14
N GLY C 150 37.47 -81.38 -19.00
CA GLY C 150 36.82 -82.26 -19.95
C GLY C 150 35.60 -81.67 -20.62
N MET C 151 35.65 -80.40 -21.02
CA MET C 151 34.45 -79.73 -21.48
C MET C 151 34.51 -79.41 -22.97
N PRO C 152 33.36 -79.37 -23.63
CA PRO C 152 33.29 -78.79 -24.99
C PRO C 152 33.22 -77.27 -24.90
N PHE C 153 34.31 -76.62 -25.28
CA PHE C 153 34.40 -75.17 -25.20
C PHE C 153 33.81 -74.54 -26.45
N PRO C 154 33.34 -73.27 -26.37
CA PRO C 154 33.43 -72.32 -25.25
C PRO C 154 32.46 -72.63 -24.11
N LEU C 155 32.57 -71.89 -23.00
CA LEU C 155 31.83 -72.19 -21.79
C LEU C 155 31.22 -70.92 -21.23
N PHE C 156 29.96 -71.01 -20.80
CA PHE C 156 29.31 -69.93 -20.06
C PHE C 156 29.46 -70.19 -18.58
N VAL C 157 30.14 -69.28 -17.89
CA VAL C 157 30.22 -69.30 -16.44
C VAL C 157 29.11 -68.42 -15.90
N LYS C 158 28.18 -69.03 -15.15
CA LYS C 158 26.95 -68.39 -14.72
C LYS C 158 26.89 -68.38 -13.20
N ALA C 159 26.39 -67.27 -12.65
CA ALA C 159 26.13 -67.20 -11.21
C ALA C 159 25.06 -68.22 -10.85
N VAL C 160 25.22 -68.84 -9.67
CA VAL C 160 24.29 -69.87 -9.26
C VAL C 160 22.92 -69.27 -8.91
N ALA C 161 22.91 -68.18 -8.16
CA ALA C 161 21.68 -67.48 -7.85
C ALA C 161 21.26 -66.49 -8.92
N GLY C 162 22.05 -66.35 -9.98
CA GLY C 162 21.73 -65.40 -11.03
C GLY C 162 20.50 -65.84 -11.82
N GLY C 163 19.60 -64.88 -12.06
CA GLY C 163 18.40 -65.14 -12.83
C GLY C 163 17.94 -63.93 -13.61
N GLY C 164 17.70 -64.12 -14.91
CA GLY C 164 17.32 -63.05 -15.82
C GLY C 164 18.38 -62.72 -16.85
N GLY C 165 19.64 -63.05 -16.61
CA GLY C 165 20.73 -62.58 -17.43
C GLY C 165 21.66 -61.62 -16.70
N ARG C 166 21.85 -61.86 -15.41
CA ARG C 166 22.70 -61.02 -14.56
C ARG C 166 23.84 -61.87 -14.00
N GLY C 167 25.02 -61.73 -14.57
CA GLY C 167 26.20 -62.37 -13.99
C GLY C 167 26.72 -63.62 -14.66
N MET C 168 26.80 -63.62 -15.99
CA MET C 168 27.40 -64.71 -16.75
C MET C 168 28.41 -64.17 -17.75
N ARG C 169 29.43 -64.97 -18.01
CA ARG C 169 30.51 -64.63 -18.93
C ARG C 169 30.78 -65.79 -19.88
N ARG C 170 31.05 -65.47 -21.13
CA ARG C 170 31.41 -66.46 -22.14
C ARG C 170 32.92 -66.47 -22.29
N VAL C 171 33.55 -67.63 -22.08
CA VAL C 171 34.99 -67.77 -22.24
C VAL C 171 35.22 -68.82 -23.33
N GLY C 172 35.97 -68.45 -24.36
CA GLY C 172 36.29 -69.33 -25.47
C GLY C 172 37.38 -70.36 -25.22
N ASP C 173 38.02 -70.35 -24.05
CA ASP C 173 39.10 -71.27 -23.78
C ASP C 173 39.22 -71.47 -22.28
N ILE C 174 40.22 -72.28 -21.89
CA ILE C 174 40.47 -72.55 -20.47
C ILE C 174 41.64 -71.76 -19.92
N ALA C 175 42.43 -71.11 -20.78
CA ALA C 175 43.52 -70.28 -20.29
C ALA C 175 43.00 -69.06 -19.53
N ALA C 176 41.94 -68.44 -20.03
CA ALA C 176 41.31 -67.31 -19.38
C ALA C 176 40.16 -67.73 -18.47
N LEU C 177 39.99 -69.03 -18.26
CA LEU C 177 38.91 -69.54 -17.40
C LEU C 177 39.11 -69.14 -15.95
N PRO C 178 40.33 -69.20 -15.37
CA PRO C 178 40.47 -68.90 -13.94
C PRO C 178 40.17 -67.45 -13.57
N GLU C 179 40.74 -66.48 -14.29
CA GLU C 179 40.39 -65.07 -14.06
C GLU C 179 38.90 -64.83 -14.27
N ALA C 180 38.33 -65.40 -15.33
CA ALA C 180 36.91 -65.23 -15.58
C ALA C 180 36.07 -65.76 -14.42
N ILE C 181 36.45 -66.93 -13.90
CA ILE C 181 35.71 -67.60 -12.84
C ILE C 181 35.84 -66.81 -11.54
N GLU C 182 37.03 -66.26 -11.28
CA GLU C 182 37.21 -65.39 -10.12
C GLU C 182 36.36 -64.14 -10.22
N ALA C 183 36.30 -63.51 -11.40
CA ALA C 183 35.45 -62.34 -11.55
C ALA C 183 33.98 -62.70 -11.36
N ALA C 184 33.55 -63.84 -11.91
CA ALA C 184 32.16 -64.26 -11.76
C ALA C 184 31.84 -64.57 -10.30
N SER C 185 32.76 -65.20 -9.58
CA SER C 185 32.54 -65.50 -8.17
C SER C 185 32.44 -64.21 -7.35
N ARG C 186 33.33 -63.24 -7.62
CA ARG C 186 33.26 -61.98 -6.90
C ARG C 186 31.95 -61.25 -7.18
N GLU C 187 31.53 -61.22 -8.45
CA GLU C 187 30.28 -60.56 -8.81
C GLU C 187 29.08 -61.25 -8.17
N ALA C 188 29.07 -62.58 -8.16
CA ALA C 188 27.96 -63.30 -7.54
C ALA C 188 27.93 -63.09 -6.03
N GLU C 189 29.10 -63.05 -5.39
CA GLU C 189 29.14 -62.78 -3.96
C GLU C 189 28.64 -61.38 -3.63
N SER C 190 29.03 -60.39 -4.45
CA SER C 190 28.57 -59.02 -4.21
C SER C 190 27.09 -58.86 -4.52
N ALA C 191 26.57 -59.62 -5.50
CA ALA C 191 25.19 -59.49 -5.93
C ALA C 191 24.23 -60.25 -5.01
N PHE C 192 24.35 -61.56 -4.96
CA PHE C 192 23.36 -62.40 -4.28
C PHE C 192 23.89 -63.07 -3.03
N GLY C 193 25.18 -62.89 -2.71
CA GLY C 193 25.76 -63.47 -1.52
C GLY C 193 26.25 -64.88 -1.67
N ASP C 194 26.01 -65.54 -2.80
CA ASP C 194 26.54 -66.88 -3.00
C ASP C 194 27.71 -66.78 -3.95
N PRO C 195 28.94 -67.04 -3.50
CA PRO C 195 30.11 -66.94 -4.39
C PRO C 195 30.29 -68.10 -5.35
N THR C 196 29.31 -69.01 -5.45
CA THR C 196 29.43 -70.17 -6.32
C THR C 196 28.97 -69.83 -7.73
N VAL C 197 29.77 -70.27 -8.71
CA VAL C 197 29.43 -70.12 -10.12
C VAL C 197 29.59 -71.48 -10.79
N TYR C 198 28.71 -71.75 -11.75
CA TYR C 198 28.69 -73.04 -12.44
C TYR C 198 28.92 -72.82 -13.93
N LEU C 199 29.59 -73.77 -14.56
CA LEU C 199 29.87 -73.66 -15.99
C LEU C 199 28.72 -74.32 -16.74
N GLU C 200 28.68 -74.09 -18.04
CA GLU C 200 27.76 -74.80 -18.93
C GLU C 200 28.25 -74.68 -20.36
N GLN C 201 28.00 -75.73 -21.14
CA GLN C 201 28.32 -75.71 -22.57
C GLN C 201 27.55 -74.59 -23.26
N ALA C 202 28.24 -73.84 -24.12
CA ALA C 202 27.68 -72.63 -24.71
C ALA C 202 27.17 -72.96 -26.12
N VAL C 203 25.85 -73.10 -26.23
CA VAL C 203 25.19 -73.44 -27.47
C VAL C 203 25.16 -72.21 -28.38
N ILE C 204 25.46 -72.43 -29.66
CA ILE C 204 25.58 -71.35 -30.63
C ILE C 204 24.21 -70.93 -31.13
N ASN C 205 24.09 -69.61 -31.40
CA ASN C 205 22.97 -68.90 -32.01
C ASN C 205 21.63 -69.48 -31.55
N PRO C 206 21.25 -69.29 -30.29
CA PRO C 206 20.03 -69.91 -29.77
C PRO C 206 18.79 -69.07 -30.01
N ARG C 207 17.65 -69.73 -29.88
CA ARG C 207 16.33 -69.11 -29.88
C ARG C 207 15.58 -69.56 -28.65
N HIS C 208 14.92 -68.62 -27.97
CA HIS C 208 14.29 -68.89 -26.68
C HIS C 208 12.80 -69.15 -26.88
N ILE C 209 12.34 -70.30 -26.38
CA ILE C 209 10.98 -70.78 -26.58
C ILE C 209 10.31 -71.02 -25.23
N GLU C 210 9.12 -70.45 -25.04
CA GLU C 210 8.38 -70.58 -23.80
C GLU C 210 7.13 -71.44 -24.03
N VAL C 211 6.86 -72.35 -23.10
CA VAL C 211 5.66 -73.19 -23.15
C VAL C 211 4.86 -72.97 -21.88
N GLN C 212 3.58 -72.66 -22.04
CA GLN C 212 2.70 -72.34 -20.92
C GLN C 212 1.91 -73.57 -20.51
N ILE C 213 1.86 -73.85 -19.21
CA ILE C 213 1.22 -75.04 -18.65
C ILE C 213 0.16 -74.59 -17.65
N LEU C 214 -1.03 -75.19 -17.75
CA LEU C 214 -2.12 -74.96 -16.82
C LEU C 214 -2.58 -76.29 -16.25
N ALA C 215 -2.76 -76.35 -14.93
CA ALA C 215 -3.08 -77.61 -14.27
C ALA C 215 -3.91 -77.34 -13.03
N ASP C 216 -4.78 -78.30 -12.71
CA ASP C 216 -5.72 -78.22 -11.60
C ASP C 216 -5.24 -79.07 -10.42
N ASN C 217 -6.10 -79.22 -9.41
CA ASN C 217 -5.67 -79.83 -8.15
C ASN C 217 -5.55 -81.34 -8.28
N LEU C 218 -6.63 -82.02 -8.68
CA LEU C 218 -6.62 -83.47 -8.75
C LEU C 218 -5.65 -84.04 -9.79
N GLY C 219 -5.19 -83.22 -10.73
CA GLY C 219 -4.21 -83.64 -11.70
C GLY C 219 -4.74 -83.72 -13.11
N ASP C 220 -4.49 -82.67 -13.89
CA ASP C 220 -4.80 -82.62 -15.31
C ASP C 220 -4.04 -81.44 -15.90
N VAL C 221 -3.22 -81.67 -16.91
CA VAL C 221 -2.29 -80.66 -17.42
C VAL C 221 -2.60 -80.39 -18.88
N ILE C 222 -2.67 -79.11 -19.24
CA ILE C 222 -2.89 -78.66 -20.61
C ILE C 222 -1.85 -77.59 -20.94
N HIS C 223 -1.57 -77.45 -22.23
CA HIS C 223 -0.59 -76.47 -22.69
C HIS C 223 -1.28 -75.47 -23.63
N LEU C 224 -0.76 -74.24 -23.61
CA LEU C 224 -1.29 -73.15 -24.41
C LEU C 224 -0.28 -72.70 -25.47
N TYR C 225 0.39 -73.66 -26.09
CA TYR C 225 1.30 -73.43 -27.21
C TYR C 225 2.51 -72.60 -26.79
N GLU C 226 3.34 -72.22 -27.76
CA GLU C 226 4.64 -71.63 -27.48
C GLU C 226 4.63 -70.12 -27.66
N ARG C 227 5.71 -69.49 -27.21
CA ARG C 227 6.00 -68.08 -27.47
C ARG C 227 7.41 -67.92 -28.01
N ASP C 228 7.87 -66.68 -28.15
CA ASP C 228 9.22 -66.42 -28.65
C ASP C 228 9.74 -65.14 -28.04
N CYS C 229 10.93 -65.22 -27.43
CA CYS C 229 11.58 -64.08 -26.77
C CYS C 229 13.04 -64.00 -27.17
N SER C 230 13.30 -64.08 -28.48
CA SER C 230 14.68 -64.07 -28.96
C SER C 230 15.30 -62.68 -28.89
N VAL C 231 14.50 -61.63 -29.05
CA VAL C 231 15.01 -60.26 -29.07
C VAL C 231 15.32 -59.84 -27.64
N GLN C 232 16.60 -59.80 -27.29
CA GLN C 232 17.00 -59.39 -25.94
C GLN C 232 18.13 -58.36 -26.04
N ARG C 233 18.18 -57.49 -25.03
CA ARG C 233 19.23 -56.49 -24.89
C ARG C 233 19.91 -56.69 -23.54
N ARG C 234 21.21 -57.01 -23.57
CA ARG C 234 21.94 -57.41 -22.36
C ARG C 234 21.20 -58.50 -21.60
N HIS C 235 20.73 -59.50 -22.34
CA HIS C 235 20.03 -60.69 -21.82
C HIS C 235 18.69 -60.35 -21.18
N GLN C 236 18.20 -59.13 -21.33
CA GLN C 236 16.90 -58.74 -20.79
C GLN C 236 15.86 -58.75 -21.89
N LYS C 237 14.68 -59.27 -21.56
CA LYS C 237 13.60 -59.37 -22.54
C LYS C 237 13.16 -57.99 -23.00
N VAL C 238 12.94 -57.84 -24.30
CA VAL C 238 12.60 -56.55 -24.88
C VAL C 238 11.26 -56.62 -25.61
N ILE C 239 11.17 -57.46 -26.64
CA ILE C 239 10.00 -57.53 -27.50
C ILE C 239 9.51 -58.97 -27.55
N GLU C 240 8.22 -59.16 -27.32
CA GLU C 240 7.59 -60.48 -27.36
C GLU C 240 7.11 -60.79 -28.76
N LEU C 241 6.88 -62.07 -29.01
CA LEU C 241 6.53 -62.53 -30.35
C LEU C 241 5.43 -63.59 -30.28
N ALA C 242 4.61 -63.59 -31.34
CA ALA C 242 3.55 -64.56 -31.60
C ALA C 242 4.15 -65.96 -31.70
N PRO C 243 3.33 -67.03 -31.84
CA PRO C 243 3.89 -68.36 -32.12
C PRO C 243 5.03 -68.32 -33.12
N ALA C 244 6.05 -69.14 -32.88
CA ALA C 244 7.37 -68.86 -33.43
C ALA C 244 7.40 -69.19 -34.92
N PRO C 245 7.68 -68.22 -35.79
CA PRO C 245 7.67 -68.48 -37.23
C PRO C 245 8.84 -69.36 -37.64
N HIS C 246 8.70 -69.96 -38.82
CA HIS C 246 9.67 -70.91 -39.36
C HIS C 246 9.87 -72.09 -38.42
N LEU C 247 8.78 -72.56 -37.82
CA LEU C 247 8.78 -73.73 -36.95
C LEU C 247 7.83 -74.78 -37.52
N ASP C 248 8.33 -75.98 -37.73
CA ASP C 248 7.51 -77.07 -38.26
C ASP C 248 6.56 -77.59 -37.19
N ALA C 249 5.53 -78.31 -37.63
CA ALA C 249 4.48 -78.71 -36.70
C ALA C 249 4.93 -79.85 -35.80
N GLU C 250 5.76 -80.78 -36.31
CA GLU C 250 6.29 -81.84 -35.47
C GLU C 250 7.09 -81.27 -34.31
N LEU C 251 7.88 -80.23 -34.57
CA LEU C 251 8.69 -79.62 -33.53
C LEU C 251 7.81 -79.10 -32.39
N ARG C 252 6.79 -78.30 -32.74
CA ARG C 252 5.90 -77.74 -31.75
C ARG C 252 5.13 -78.83 -31.01
N TYR C 253 4.72 -79.88 -31.73
CA TYR C 253 3.97 -80.95 -31.10
C TYR C 253 4.79 -81.65 -30.04
N LYS C 254 6.05 -81.97 -30.36
CA LYS C 254 6.86 -82.67 -29.37
C LYS C 254 7.34 -81.76 -28.25
N MET C 255 7.57 -80.47 -28.51
CA MET C 255 7.78 -79.53 -27.41
C MET C 255 6.61 -79.53 -26.45
N CYS C 256 5.39 -79.36 -26.98
CA CYS C 256 4.21 -79.34 -26.12
C CYS C 256 4.07 -80.65 -25.36
N VAL C 257 4.37 -81.76 -26.03
CA VAL C 257 4.14 -83.07 -25.43
C VAL C 257 5.10 -83.33 -24.27
N ASP C 258 6.41 -83.10 -24.47
CA ASP C 258 7.31 -83.35 -23.35
C ASP C 258 7.20 -82.27 -22.28
N ALA C 259 6.83 -81.04 -22.63
CA ALA C 259 6.55 -80.05 -21.59
C ALA C 259 5.40 -80.51 -20.70
N VAL C 260 4.33 -81.02 -21.32
CA VAL C 260 3.18 -81.48 -20.54
C VAL C 260 3.53 -82.72 -19.72
N ALA C 261 4.38 -83.59 -20.27
CA ALA C 261 4.80 -84.77 -19.51
C ALA C 261 5.61 -84.38 -18.28
N PHE C 262 6.53 -83.42 -18.43
CA PHE C 262 7.26 -82.92 -17.27
C PHE C 262 6.33 -82.28 -16.25
N ALA C 263 5.37 -81.47 -16.71
CA ALA C 263 4.47 -80.81 -15.78
C ALA C 263 3.61 -81.81 -15.02
N ARG C 264 3.14 -82.87 -15.71
CA ARG C 264 2.35 -83.90 -15.04
C ARG C 264 3.21 -84.69 -14.06
N HIS C 265 4.45 -85.01 -14.43
CA HIS C 265 5.32 -85.74 -13.53
C HIS C 265 5.64 -84.92 -12.28
N ILE C 266 5.75 -83.60 -12.43
CA ILE C 266 6.25 -82.77 -11.33
C ILE C 266 5.19 -82.52 -10.27
N GLY C 267 3.93 -82.89 -10.53
CA GLY C 267 2.86 -82.67 -9.57
C GLY C 267 2.47 -81.21 -9.44
N TYR C 268 2.09 -80.59 -10.55
CA TYR C 268 1.74 -79.19 -10.56
C TYR C 268 0.24 -79.00 -10.36
N SER C 269 -0.14 -77.82 -9.87
CA SER C 269 -1.55 -77.52 -9.61
C SER C 269 -1.95 -76.11 -10.04
N CYS C 270 -1.10 -75.39 -10.76
CA CYS C 270 -1.42 -74.02 -11.13
C CYS C 270 -0.82 -73.71 -12.50
N ALA C 271 -0.74 -72.43 -12.82
CA ALA C 271 -0.17 -71.94 -14.07
C ALA C 271 1.34 -71.82 -13.97
N GLY C 272 2.01 -71.91 -15.12
CA GLY C 272 3.45 -71.70 -15.12
C GLY C 272 4.02 -71.89 -16.50
N THR C 273 5.35 -71.93 -16.59
CA THR C 273 5.98 -72.00 -17.91
C THR C 273 7.28 -72.77 -17.84
N VAL C 274 7.67 -73.31 -19.00
CA VAL C 274 8.91 -74.04 -19.20
C VAL C 274 9.68 -73.37 -20.33
N GLU C 275 11.01 -73.31 -20.18
CA GLU C 275 11.86 -72.59 -21.13
C GLU C 275 12.76 -73.56 -21.88
N PHE C 276 12.97 -73.30 -23.17
CA PHE C 276 13.84 -74.11 -24.01
C PHE C 276 14.68 -73.20 -24.89
N LEU C 277 15.85 -73.71 -25.30
CA LEU C 277 16.71 -73.05 -26.27
C LEU C 277 16.90 -73.95 -27.48
N LEU C 278 16.74 -73.38 -28.67
CA LEU C 278 16.75 -74.13 -29.92
C LEU C 278 17.89 -73.59 -30.78
N ASP C 279 18.70 -74.50 -31.33
CA ASP C 279 19.91 -74.08 -32.04
C ASP C 279 19.76 -74.38 -33.54
N GLU C 280 20.78 -73.99 -34.30
CA GLU C 280 20.72 -74.08 -35.76
C GLU C 280 20.36 -75.48 -36.23
N ARG C 281 20.92 -76.50 -35.58
CA ARG C 281 20.56 -77.88 -35.93
C ARG C 281 19.28 -78.32 -35.24
N GLY C 282 18.93 -77.68 -34.14
CA GLY C 282 17.68 -77.95 -33.45
C GLY C 282 17.81 -78.98 -32.34
N GLU C 283 17.69 -78.53 -31.10
CA GLU C 283 17.73 -79.38 -29.93
C GLU C 283 17.07 -78.65 -28.78
N TYR C 284 16.64 -79.42 -27.78
CA TYR C 284 15.97 -78.88 -26.60
C TYR C 284 16.90 -79.00 -25.41
N VAL C 285 16.96 -77.94 -24.60
CA VAL C 285 17.95 -77.85 -23.54
C VAL C 285 17.33 -77.72 -22.14
N PHE C 286 16.08 -77.24 -22.03
CA PHE C 286 15.35 -77.19 -20.77
C PHE C 286 16.11 -76.35 -19.74
N ILE C 287 16.16 -75.05 -20.03
CA ILE C 287 16.93 -74.13 -19.19
C ILE C 287 16.37 -74.11 -17.77
N GLU C 288 15.06 -73.89 -17.63
CA GLU C 288 14.40 -73.98 -16.32
C GLU C 288 12.89 -73.93 -16.51
N MET C 289 12.19 -73.83 -15.38
CA MET C 289 10.73 -73.82 -15.31
C MET C 289 10.31 -72.76 -14.30
N ASN C 290 9.64 -71.71 -14.80
CA ASN C 290 9.16 -70.64 -13.93
C ASN C 290 7.79 -71.01 -13.36
N PRO C 291 7.66 -71.16 -12.03
CA PRO C 291 6.38 -71.52 -11.41
C PRO C 291 5.52 -70.33 -11.02
N ARG C 292 5.25 -69.45 -11.98
CA ARG C 292 4.42 -68.27 -11.75
C ARG C 292 3.94 -67.75 -13.09
N VAL C 293 3.36 -66.56 -13.09
CA VAL C 293 2.87 -65.90 -14.29
C VAL C 293 3.77 -64.71 -14.60
N GLN C 294 4.10 -64.54 -15.87
CA GLN C 294 5.00 -63.49 -16.28
C GLN C 294 4.20 -62.27 -16.74
N VAL C 295 4.91 -61.29 -17.32
CA VAL C 295 4.27 -60.10 -17.88
C VAL C 295 3.91 -60.28 -19.34
N GLU C 296 4.19 -61.44 -19.93
CA GLU C 296 3.96 -61.68 -21.35
C GLU C 296 2.76 -62.58 -21.60
N HIS C 297 2.07 -63.05 -20.55
CA HIS C 297 0.95 -63.97 -20.73
C HIS C 297 -0.12 -63.39 -21.65
N THR C 298 -0.29 -62.07 -21.64
CA THR C 298 -1.28 -61.43 -22.49
C THR C 298 -1.11 -61.86 -23.95
N VAL C 299 0.13 -62.07 -24.39
CA VAL C 299 0.37 -62.47 -25.77
C VAL C 299 -0.39 -63.75 -26.09
N THR C 300 -0.23 -64.78 -25.25
CA THR C 300 -0.99 -66.00 -25.49
C THR C 300 -2.48 -65.77 -25.29
N GLU C 301 -2.86 -64.87 -24.37
CA GLU C 301 -4.25 -64.52 -24.20
C GLU C 301 -4.86 -63.96 -25.48
N GLU C 302 -4.04 -63.43 -26.38
CA GLU C 302 -4.54 -62.88 -27.64
C GLU C 302 -4.69 -63.92 -28.74
N ILE C 303 -4.10 -65.11 -28.59
CA ILE C 303 -4.19 -66.16 -29.59
C ILE C 303 -5.12 -67.28 -29.15
N THR C 304 -5.09 -67.65 -27.87
CA THR C 304 -5.93 -68.73 -27.37
C THR C 304 -7.20 -68.25 -26.69
N ASP C 305 -7.39 -66.93 -26.61
CA ASP C 305 -8.48 -66.19 -25.97
C ASP C 305 -9.00 -66.90 -24.72
N VAL C 306 -8.08 -67.28 -23.84
CA VAL C 306 -8.38 -67.95 -22.58
C VAL C 306 -7.89 -67.07 -21.45
N ASP C 307 -8.77 -66.80 -20.48
CA ASP C 307 -8.39 -65.99 -19.33
C ASP C 307 -7.48 -66.78 -18.40
N LEU C 308 -6.39 -66.15 -17.96
CA LEU C 308 -5.39 -66.81 -17.13
C LEU C 308 -5.57 -66.52 -15.63
N VAL C 309 -5.76 -65.26 -15.26
CA VAL C 309 -5.82 -64.91 -13.84
C VAL C 309 -7.13 -65.40 -13.22
N ALA C 310 -8.25 -65.21 -13.92
CA ALA C 310 -9.53 -65.69 -13.41
C ALA C 310 -9.55 -67.20 -13.32
N SER C 311 -9.00 -67.89 -14.33
CA SER C 311 -8.90 -69.34 -14.27
C SER C 311 -8.00 -69.77 -13.12
N GLN C 312 -6.90 -69.04 -12.89
CA GLN C 312 -6.04 -69.35 -11.75
C GLN C 312 -6.80 -69.24 -10.44
N LEU C 313 -7.60 -68.18 -10.28
CA LEU C 313 -8.35 -67.97 -9.05
C LEU C 313 -9.40 -69.05 -8.86
N ARG C 314 -10.08 -69.44 -9.93
CA ARG C 314 -11.07 -70.52 -9.83
C ARG C 314 -10.42 -71.86 -9.56
N ILE C 315 -9.21 -72.08 -10.07
CA ILE C 315 -8.47 -73.31 -9.77
C ILE C 315 -8.08 -73.35 -8.31
N ALA C 316 -7.67 -72.20 -7.75
CA ALA C 316 -7.33 -72.15 -6.33
C ALA C 316 -8.54 -72.40 -5.43
N ALA C 317 -9.75 -72.24 -5.95
CA ALA C 317 -10.97 -72.49 -5.20
C ALA C 317 -11.40 -73.95 -5.24
N GLY C 318 -10.70 -74.79 -5.98
CA GLY C 318 -11.01 -76.20 -6.02
C GLY C 318 -11.87 -76.62 -7.21
N GLU C 319 -11.59 -76.08 -8.39
CA GLU C 319 -12.27 -76.45 -9.62
C GLU C 319 -11.29 -77.15 -10.56
N THR C 320 -11.79 -78.16 -11.27
CA THR C 320 -10.98 -78.86 -12.25
C THR C 320 -11.16 -78.23 -13.63
N LEU C 321 -10.38 -78.71 -14.59
CA LEU C 321 -10.47 -78.18 -15.95
C LEU C 321 -11.54 -78.91 -16.76
N GLU C 322 -12.72 -79.08 -16.18
CA GLU C 322 -13.84 -79.72 -16.86
C GLU C 322 -15.06 -78.82 -16.88
N GLN C 323 -15.46 -78.26 -15.74
CA GLN C 323 -16.50 -77.24 -15.72
C GLN C 323 -16.03 -75.92 -16.31
N LEU C 324 -14.71 -75.68 -16.33
CA LEU C 324 -14.15 -74.47 -16.94
C LEU C 324 -14.14 -74.53 -18.46
N GLY C 325 -14.32 -75.71 -19.05
CA GLY C 325 -14.30 -75.85 -20.49
C GLY C 325 -12.93 -75.85 -21.12
N LEU C 326 -11.86 -75.92 -20.32
CA LEU C 326 -10.50 -75.90 -20.84
C LEU C 326 -10.05 -77.35 -21.06
N ARG C 327 -10.52 -77.92 -22.17
CA ARG C 327 -10.10 -79.24 -22.63
C ARG C 327 -9.49 -79.13 -24.03
N GLN C 328 -8.61 -80.07 -24.35
CA GLN C 328 -7.68 -79.89 -25.47
C GLN C 328 -8.21 -80.51 -26.76
N GLU C 329 -9.35 -80.02 -27.24
CA GLU C 329 -9.73 -80.27 -28.63
C GLU C 329 -10.40 -79.06 -29.27
N ASP C 330 -10.51 -77.93 -28.58
CA ASP C 330 -11.03 -76.69 -29.13
C ASP C 330 -10.06 -75.53 -28.93
N ILE C 331 -8.83 -75.81 -28.50
CA ILE C 331 -7.81 -74.80 -28.32
C ILE C 331 -6.95 -74.76 -29.57
N ALA C 332 -7.07 -73.68 -30.33
CA ALA C 332 -6.33 -73.46 -31.57
C ALA C 332 -5.99 -71.98 -31.74
N PRO C 333 -4.72 -71.64 -31.89
CA PRO C 333 -4.35 -70.24 -32.13
C PRO C 333 -4.84 -69.76 -33.49
N HIS C 334 -5.13 -68.46 -33.57
CA HIS C 334 -5.54 -67.86 -34.83
C HIS C 334 -5.11 -66.40 -34.80
N GLY C 335 -4.31 -65.98 -35.78
CA GLY C 335 -3.69 -64.67 -35.74
C GLY C 335 -2.32 -64.69 -35.09
N ALA C 336 -1.68 -63.53 -35.15
CA ALA C 336 -0.39 -63.28 -34.51
C ALA C 336 -0.54 -62.08 -33.57
N ALA C 337 0.40 -61.96 -32.64
CA ALA C 337 0.37 -60.87 -31.67
C ALA C 337 1.78 -60.61 -31.16
N LEU C 338 1.95 -59.44 -30.56
CA LEU C 338 3.24 -59.05 -29.97
C LEU C 338 2.99 -58.01 -28.90
N GLN C 339 3.97 -57.88 -27.99
CA GLN C 339 3.86 -56.98 -26.85
C GLN C 339 5.16 -56.22 -26.66
N CYS C 340 5.03 -54.97 -26.22
CA CYS C 340 6.17 -54.12 -25.92
C CYS C 340 5.87 -53.34 -24.63
N ARG C 341 6.94 -52.90 -23.98
CA ARG C 341 6.85 -52.19 -22.71
C ARG C 341 7.52 -50.83 -22.85
N ILE C 342 6.89 -49.80 -22.29
CA ILE C 342 7.41 -48.44 -22.37
C ILE C 342 7.97 -48.06 -21.01
N THR C 343 9.23 -47.64 -20.98
CA THR C 343 9.93 -47.27 -19.76
C THR C 343 10.49 -45.86 -19.88
N THR C 344 11.01 -45.35 -18.77
CA THR C 344 11.61 -44.01 -18.72
C THR C 344 13.11 -44.04 -19.01
N GLU C 345 13.65 -45.18 -19.43
CA GLU C 345 15.07 -45.26 -19.70
C GLU C 345 15.45 -44.42 -20.91
N ASP C 346 16.57 -43.70 -20.78
CA ASP C 346 17.06 -42.83 -21.84
C ASP C 346 18.07 -43.59 -22.69
N PRO C 347 17.80 -43.79 -23.98
CA PRO C 347 18.75 -44.51 -24.84
C PRO C 347 19.96 -43.66 -25.22
N ALA C 348 20.05 -42.45 -24.68
CA ALA C 348 21.15 -41.54 -25.00
C ALA C 348 22.26 -41.58 -23.95
N ASN C 349 21.93 -41.26 -22.70
CA ASN C 349 22.84 -41.44 -21.57
C ASN C 349 22.61 -42.81 -20.94
N GLY C 350 23.45 -43.76 -21.36
CA GLY C 350 23.39 -45.11 -20.82
C GLY C 350 22.00 -45.70 -21.05
N PHE C 351 21.46 -46.33 -20.02
CA PHE C 351 20.05 -46.72 -20.02
C PHE C 351 19.41 -46.52 -18.65
N ARG C 352 19.92 -45.56 -17.88
CA ARG C 352 19.45 -45.36 -16.52
C ARG C 352 18.08 -44.67 -16.51
N PRO C 353 17.24 -44.98 -15.53
CA PRO C 353 15.92 -44.34 -15.45
C PRO C 353 16.03 -42.86 -15.15
N ASP C 354 15.03 -42.11 -15.61
CA ASP C 354 14.95 -40.67 -15.38
C ASP C 354 13.68 -40.38 -14.60
N THR C 355 13.80 -39.53 -13.58
CA THR C 355 12.69 -39.17 -12.72
C THR C 355 12.23 -37.75 -13.01
N GLY C 356 10.93 -37.52 -12.88
CA GLY C 356 10.38 -36.20 -13.14
C GLY C 356 8.87 -36.24 -13.02
N ARG C 357 8.26 -35.09 -13.33
CA ARG C 357 6.82 -34.94 -13.34
C ARG C 357 6.31 -34.94 -14.77
N ILE C 358 5.25 -35.71 -15.02
CA ILE C 358 4.69 -35.86 -16.36
C ILE C 358 3.84 -34.63 -16.68
N SER C 359 4.19 -33.96 -17.78
CA SER C 359 3.54 -32.72 -18.19
C SER C 359 2.62 -32.88 -19.39
N ALA C 360 2.55 -34.07 -19.99
CA ALA C 360 1.63 -34.32 -21.10
C ALA C 360 1.51 -35.80 -21.39
N LEU C 361 0.28 -36.30 -21.49
CA LEU C 361 0.01 -37.70 -21.76
C LEU C 361 -1.09 -37.81 -22.79
N ARG C 362 -0.78 -38.46 -23.91
CA ARG C 362 -1.77 -38.79 -24.93
C ARG C 362 -1.61 -40.26 -25.30
N THR C 363 -2.68 -41.03 -25.10
CA THR C 363 -2.66 -42.47 -25.28
C THR C 363 -3.05 -42.81 -26.72
N ALA C 364 -3.29 -44.09 -27.00
CA ALA C 364 -3.69 -44.47 -28.35
C ALA C 364 -4.62 -45.66 -28.26
N GLY C 365 -5.07 -46.14 -29.41
CA GLY C 365 -6.00 -47.24 -29.45
C GLY C 365 -6.62 -47.38 -30.82
N GLY C 366 -7.62 -48.25 -30.90
CA GLY C 366 -8.18 -48.62 -32.19
C GLY C 366 -8.32 -50.12 -32.34
N ALA C 367 -8.16 -50.61 -33.57
CA ALA C 367 -8.33 -52.02 -33.86
C ALA C 367 -7.05 -52.79 -33.51
N GLY C 368 -7.20 -53.86 -32.75
CA GLY C 368 -6.06 -54.69 -32.37
C GLY C 368 -5.04 -54.01 -31.50
N VAL C 369 -5.48 -53.25 -30.49
CA VAL C 369 -4.58 -52.57 -29.56
C VAL C 369 -5.11 -52.78 -28.15
N ARG C 370 -4.22 -53.21 -27.25
CA ARG C 370 -4.55 -53.40 -25.84
C ARG C 370 -3.49 -52.72 -24.99
N LEU C 371 -3.95 -51.98 -23.97
CA LEU C 371 -3.06 -51.24 -23.09
C LEU C 371 -3.23 -51.73 -21.66
N ASP C 372 -2.11 -51.96 -20.97
CA ASP C 372 -2.08 -52.37 -19.58
C ASP C 372 -1.25 -51.41 -18.77
N GLY C 373 -1.82 -50.87 -17.70
CA GLY C 373 -1.13 -49.89 -16.89
C GLY C 373 -1.27 -48.49 -17.46
N SER C 374 -1.65 -47.52 -16.63
CA SER C 374 -1.87 -46.16 -17.12
C SER C 374 -1.63 -45.16 -15.99
N THR C 375 -0.74 -44.20 -16.24
CA THR C 375 -0.48 -43.13 -15.29
C THR C 375 -1.44 -41.96 -15.58
N ASN C 376 -1.23 -40.83 -14.92
CA ASN C 376 -2.08 -39.67 -15.09
C ASN C 376 -1.24 -38.40 -15.21
N LEU C 377 -1.88 -37.34 -15.67
CA LEU C 377 -1.19 -36.06 -15.84
C LEU C 377 -0.74 -35.52 -14.49
N GLY C 378 0.46 -34.94 -14.46
CA GLY C 378 0.97 -34.41 -13.22
C GLY C 378 1.53 -35.43 -12.25
N ALA C 379 1.65 -36.69 -12.65
CA ALA C 379 2.20 -37.71 -11.77
C ALA C 379 3.71 -37.53 -11.59
N GLU C 380 4.22 -38.09 -10.50
CA GLU C 380 5.65 -38.03 -10.19
C GLU C 380 6.23 -39.44 -10.22
N ILE C 381 7.35 -39.59 -10.92
CA ILE C 381 8.05 -40.86 -10.96
C ILE C 381 8.74 -41.12 -9.62
N SER C 382 8.58 -42.34 -9.11
CA SER C 382 9.09 -42.68 -7.78
C SER C 382 10.42 -43.40 -7.90
N PRO C 383 11.50 -42.88 -7.33
CA PRO C 383 12.83 -43.48 -7.48
C PRO C 383 13.11 -44.62 -6.49
N TYR C 384 12.15 -45.54 -6.38
CA TYR C 384 12.27 -46.67 -5.46
C TYR C 384 12.00 -47.99 -6.17
N PHE C 385 11.14 -47.95 -7.19
CA PHE C 385 10.68 -49.15 -7.87
C PHE C 385 11.10 -49.10 -9.34
N ASP C 386 10.61 -50.06 -10.13
CA ASP C 386 10.94 -50.15 -11.54
C ASP C 386 10.33 -48.99 -12.31
N SER C 387 10.75 -48.88 -13.58
CA SER C 387 10.39 -47.76 -14.44
C SER C 387 9.31 -48.14 -15.47
N MET C 388 8.34 -48.94 -15.07
CA MET C 388 7.33 -49.45 -16.00
C MET C 388 6.19 -48.46 -16.12
N LEU C 389 5.88 -48.07 -17.36
CA LEU C 389 4.85 -47.09 -17.63
C LEU C 389 3.59 -47.69 -18.26
N VAL C 390 3.73 -48.42 -19.36
CA VAL C 390 2.56 -48.98 -20.03
C VAL C 390 3.01 -50.16 -20.89
N LYS C 391 2.16 -51.19 -20.93
CA LYS C 391 2.35 -52.37 -21.78
C LYS C 391 1.39 -52.27 -22.95
N LEU C 392 1.92 -52.38 -24.17
CA LEU C 392 1.12 -52.28 -25.39
C LEU C 392 1.18 -53.61 -26.12
N THR C 393 0.01 -54.18 -26.40
CA THR C 393 -0.11 -55.45 -27.11
C THR C 393 -0.89 -55.23 -28.40
N CYS C 394 -0.35 -55.71 -29.51
CA CYS C 394 -0.97 -55.55 -30.82
C CYS C 394 -1.12 -56.89 -31.51
N ARG C 395 -2.27 -57.11 -32.14
CA ARG C 395 -2.62 -58.38 -32.74
C ARG C 395 -3.09 -58.18 -34.17
N GLY C 396 -3.08 -59.24 -34.95
CA GLY C 396 -3.38 -59.13 -36.36
C GLY C 396 -3.59 -60.50 -36.97
N ARG C 397 -4.05 -60.48 -38.23
CA ARG C 397 -4.21 -61.73 -38.97
C ARG C 397 -2.86 -62.40 -39.20
N ASP C 398 -1.83 -61.62 -39.52
CA ASP C 398 -0.49 -62.11 -39.73
C ASP C 398 0.50 -61.19 -39.03
N LEU C 399 1.77 -61.60 -39.03
CA LEU C 399 2.81 -60.82 -38.39
C LEU C 399 3.00 -59.44 -38.99
N PRO C 400 3.06 -59.26 -40.33
CA PRO C 400 3.22 -57.90 -40.86
C PRO C 400 2.12 -56.93 -40.46
N THR C 401 0.88 -57.39 -40.39
CA THR C 401 -0.21 -56.52 -39.97
C THR C 401 -0.05 -56.10 -38.51
N ALA C 402 0.34 -57.05 -37.65
CA ALA C 402 0.58 -56.72 -36.24
C ALA C 402 1.73 -55.74 -36.10
N VAL C 403 2.77 -55.87 -36.94
CA VAL C 403 3.91 -54.97 -36.85
C VAL C 403 3.55 -53.58 -37.31
N SER C 404 2.77 -53.46 -38.40
CA SER C 404 2.29 -52.15 -38.83
C SER C 404 1.42 -51.52 -37.76
N ARG C 405 0.54 -52.31 -37.13
CA ARG C 405 -0.33 -51.76 -36.10
C ARG C 405 0.47 -51.30 -34.89
N ALA C 406 1.50 -52.06 -34.49
CA ALA C 406 2.36 -51.63 -33.40
C ALA C 406 3.11 -50.35 -33.74
N ARG C 407 3.58 -50.23 -34.98
CA ARG C 407 4.26 -49.01 -35.41
C ARG C 407 3.33 -47.81 -35.29
N ARG C 408 2.09 -47.95 -35.78
CA ARG C 408 1.13 -46.86 -35.67
C ARG C 408 0.84 -46.52 -34.22
N ALA C 409 0.66 -47.54 -33.38
CA ALA C 409 0.37 -47.32 -31.96
C ALA C 409 1.49 -46.54 -31.30
N ILE C 410 2.74 -46.95 -31.54
CA ILE C 410 3.89 -46.31 -30.89
C ILE C 410 4.17 -44.94 -31.47
N ALA C 411 3.73 -44.66 -32.70
CA ALA C 411 3.84 -43.31 -33.23
C ALA C 411 2.82 -42.38 -32.61
N GLU C 412 1.57 -42.85 -32.49
CA GLU C 412 0.51 -42.00 -31.95
C GLU C 412 0.73 -41.65 -30.48
N PHE C 413 1.35 -42.54 -29.71
CA PHE C 413 1.53 -42.30 -28.27
C PHE C 413 2.41 -41.09 -28.03
N ARG C 414 2.06 -40.29 -27.02
CA ARG C 414 2.79 -39.07 -26.71
C ARG C 414 2.99 -38.95 -25.20
N ILE C 415 4.25 -38.87 -24.79
CA ILE C 415 4.62 -38.69 -23.38
C ILE C 415 5.62 -37.53 -23.29
N ARG C 416 5.25 -36.50 -22.54
CA ARG C 416 6.11 -35.32 -22.38
C ARG C 416 6.29 -35.04 -20.90
N GLY C 417 7.54 -34.80 -20.51
CA GLY C 417 7.88 -34.53 -19.13
C GLY C 417 9.09 -35.32 -18.66
N VAL C 418 9.26 -36.52 -19.21
CA VAL C 418 10.39 -37.39 -18.89
C VAL C 418 10.93 -37.99 -20.18
N SER C 419 12.15 -38.51 -20.09
CA SER C 419 12.80 -39.12 -21.24
C SER C 419 12.35 -40.57 -21.40
N THR C 420 12.04 -40.95 -22.64
CA THR C 420 11.43 -42.24 -22.93
C THR C 420 12.28 -42.99 -23.95
N ASN C 421 12.15 -44.32 -23.93
CA ASN C 421 12.87 -45.20 -24.85
C ASN C 421 12.08 -45.50 -26.12
N ILE C 422 11.15 -44.61 -26.50
CA ILE C 422 10.37 -44.83 -27.72
C ILE C 422 11.25 -44.92 -28.96
N PRO C 423 12.25 -44.05 -29.18
CA PRO C 423 13.01 -44.13 -30.44
C PRO C 423 13.77 -45.44 -30.63
N PHE C 424 14.28 -46.05 -29.57
CA PHE C 424 14.90 -47.37 -29.70
C PHE C 424 13.89 -48.40 -30.20
N LEU C 425 12.68 -48.40 -29.64
CA LEU C 425 11.64 -49.31 -30.10
C LEU C 425 11.25 -49.04 -31.54
N GLN C 426 11.19 -47.76 -31.93
CA GLN C 426 10.84 -47.45 -33.31
C GLN C 426 11.92 -47.93 -34.27
N ALA C 427 13.19 -47.80 -33.87
CA ALA C 427 14.28 -48.31 -34.69
C ALA C 427 14.23 -49.82 -34.79
N VAL C 428 13.84 -50.50 -33.71
CA VAL C 428 13.76 -51.96 -33.76
C VAL C 428 12.60 -52.43 -34.62
N LEU C 429 11.47 -51.72 -34.58
CA LEU C 429 10.31 -52.08 -35.39
C LEU C 429 10.52 -51.81 -36.87
N ASP C 430 11.47 -50.95 -37.23
CA ASP C 430 11.73 -50.59 -38.62
C ASP C 430 12.91 -51.35 -39.22
N ASP C 431 13.27 -52.50 -38.65
CA ASP C 431 14.39 -53.26 -39.18
C ASP C 431 13.88 -54.27 -40.20
N PRO C 432 14.38 -54.26 -41.43
CA PRO C 432 13.87 -55.21 -42.44
C PRO C 432 14.05 -56.67 -42.04
N ASP C 433 15.15 -57.00 -41.39
CA ASP C 433 15.35 -58.36 -40.89
C ASP C 433 14.29 -58.74 -39.85
N PHE C 434 13.92 -57.81 -38.98
CA PHE C 434 12.90 -58.10 -37.97
C PHE C 434 11.54 -58.33 -38.63
N ARG C 435 11.21 -57.53 -39.65
CA ARG C 435 9.98 -57.76 -40.39
C ARG C 435 10.00 -59.09 -41.13
N ALA C 436 11.17 -59.50 -41.63
CA ALA C 436 11.27 -60.77 -42.32
C ALA C 436 11.19 -61.97 -41.37
N GLY C 437 11.45 -61.75 -40.09
CA GLY C 437 11.33 -62.81 -39.10
C GLY C 437 12.59 -63.55 -38.75
N ARG C 438 13.76 -63.05 -39.17
CA ARG C 438 15.04 -63.68 -38.85
C ARG C 438 15.50 -63.21 -37.47
N VAL C 439 14.76 -63.64 -36.45
CA VAL C 439 15.06 -63.27 -35.06
C VAL C 439 16.02 -64.27 -34.46
N THR C 440 16.92 -63.78 -33.62
CA THR C 440 17.97 -64.59 -33.02
C THR C 440 18.44 -63.87 -31.76
N THR C 441 18.97 -64.65 -30.81
CA THR C 441 19.45 -64.08 -29.55
C THR C 441 20.45 -62.96 -29.79
N SER C 442 21.26 -63.06 -30.85
CA SER C 442 22.24 -62.04 -31.20
C SER C 442 21.69 -60.99 -32.16
N PHE C 443 20.39 -60.70 -32.09
CA PHE C 443 19.80 -59.70 -32.98
C PHE C 443 20.33 -58.30 -32.72
N ILE C 444 20.92 -58.05 -31.54
CA ILE C 444 21.35 -56.72 -31.16
C ILE C 444 22.76 -56.40 -31.63
N ASP C 445 23.47 -57.37 -32.22
CA ASP C 445 24.82 -57.16 -32.72
C ASP C 445 24.94 -55.91 -33.60
N GLU C 446 23.88 -55.56 -34.32
CA GLU C 446 23.92 -54.38 -35.17
C GLU C 446 23.94 -53.13 -34.30
N ARG C 447 24.90 -52.24 -34.57
CA ARG C 447 25.23 -51.14 -33.66
C ARG C 447 24.27 -49.95 -33.77
N PRO C 448 24.00 -49.42 -34.98
CA PRO C 448 23.27 -48.15 -35.06
C PRO C 448 21.80 -48.23 -34.68
N GLN C 449 21.32 -49.39 -34.23
CA GLN C 449 19.99 -49.45 -33.64
C GLN C 449 19.91 -48.69 -32.32
N LEU C 450 21.01 -48.66 -31.56
CA LEU C 450 20.98 -48.04 -30.23
C LEU C 450 20.94 -46.52 -30.34
N LEU C 451 21.96 -45.93 -30.93
CA LEU C 451 22.09 -44.47 -30.99
C LEU C 451 21.46 -43.95 -32.29
N THR C 452 20.14 -44.10 -32.37
CA THR C 452 19.39 -43.50 -33.46
C THR C 452 19.10 -42.03 -33.22
N ALA C 453 19.20 -41.57 -31.97
CA ALA C 453 18.97 -40.18 -31.60
C ALA C 453 17.67 -39.64 -32.19
N ARG C 454 17.67 -38.34 -32.53
CA ARG C 454 16.48 -37.67 -33.06
C ARG C 454 15.27 -37.96 -32.20
N ALA C 455 15.38 -37.59 -30.92
CA ALA C 455 14.39 -37.98 -29.92
C ALA C 455 12.99 -37.48 -30.28
N SER C 456 12.79 -36.17 -30.24
CA SER C 456 11.50 -35.62 -30.61
C SER C 456 11.54 -34.32 -31.40
N ALA C 457 12.59 -33.50 -31.28
CA ALA C 457 12.63 -32.17 -31.88
C ALA C 457 11.36 -31.39 -31.54
N ASP C 458 11.05 -31.35 -30.25
CA ASP C 458 9.76 -30.85 -29.77
C ASP C 458 9.78 -29.33 -29.74
N ARG C 459 8.94 -28.71 -30.56
CA ARG C 459 8.92 -27.25 -30.69
C ARG C 459 7.90 -26.62 -29.75
N GLY C 460 6.78 -27.30 -29.51
CA GLY C 460 5.76 -26.74 -28.63
C GLY C 460 6.25 -26.55 -27.21
N THR C 461 7.00 -27.53 -26.69
CA THR C 461 7.49 -27.44 -25.32
C THR C 461 8.50 -26.31 -25.16
N LYS C 462 9.34 -26.09 -26.17
CA LYS C 462 10.32 -25.01 -26.08
C LYS C 462 9.66 -23.64 -26.22
N ILE C 463 8.68 -23.53 -27.11
CA ILE C 463 7.92 -22.30 -27.23
C ILE C 463 7.20 -21.99 -25.92
N LEU C 464 6.60 -23.01 -25.29
CA LEU C 464 5.91 -22.80 -24.02
C LEU C 464 6.88 -22.40 -22.92
N ASN C 465 8.05 -23.04 -22.85
CA ASN C 465 9.08 -22.65 -21.89
C ASN C 465 9.47 -21.18 -22.05
N PHE C 466 9.76 -20.76 -23.27
CA PHE C 466 10.15 -19.37 -23.50
C PHE C 466 9.02 -18.41 -23.14
N LEU C 467 7.78 -18.74 -23.51
CA LEU C 467 6.65 -17.87 -23.21
C LEU C 467 6.44 -17.74 -21.71
N ALA C 468 6.52 -18.85 -20.98
CA ALA C 468 6.37 -18.80 -19.52
C ALA C 468 7.49 -17.99 -18.88
N ASP C 469 8.72 -18.16 -19.37
CA ASP C 469 9.83 -17.36 -18.85
C ASP C 469 9.60 -15.87 -19.05
N VAL C 470 9.12 -15.49 -20.24
CA VAL C 470 8.83 -14.09 -20.50
C VAL C 470 7.70 -13.59 -19.61
N THR C 471 6.66 -14.40 -19.44
CA THR C 471 5.51 -13.97 -18.64
C THR C 471 5.90 -13.74 -17.18
N VAL C 472 6.67 -14.66 -16.60
CA VAL C 472 7.00 -14.55 -15.18
C VAL C 472 8.02 -13.45 -14.93
N ASN C 473 9.01 -13.30 -15.81
CA ASN C 473 10.14 -12.40 -15.61
C ASN C 473 10.13 -11.23 -16.58
N ASN C 474 8.95 -10.64 -16.79
CA ASN C 474 8.83 -9.52 -17.72
C ASN C 474 9.37 -8.25 -17.06
N PRO C 475 10.35 -7.58 -17.66
CA PRO C 475 10.89 -6.36 -17.03
C PRO C 475 9.91 -5.19 -17.05
N TYR C 476 9.09 -5.09 -18.09
CA TYR C 476 8.15 -3.98 -18.19
C TYR C 476 6.97 -4.19 -17.25
N GLY C 477 6.57 -3.13 -16.56
CA GLY C 477 5.51 -3.21 -15.58
C GLY C 477 4.13 -3.38 -16.17
N SER C 478 3.12 -2.82 -15.51
CA SER C 478 1.75 -2.99 -15.96
C SER C 478 1.53 -2.26 -17.29
N ARG C 479 0.40 -2.55 -17.93
CA ARG C 479 0.19 -2.18 -19.32
C ARG C 479 -1.29 -1.96 -19.56
N PRO C 480 -1.66 -1.15 -20.55
CA PRO C 480 -3.07 -1.03 -20.92
C PRO C 480 -3.57 -2.24 -21.69
N SER C 481 -4.79 -2.16 -22.21
CA SER C 481 -5.35 -3.25 -22.99
C SER C 481 -4.51 -3.51 -24.23
N THR C 482 -4.47 -4.78 -24.64
CA THR C 482 -3.62 -5.19 -25.75
C THR C 482 -4.16 -4.62 -27.06
N ILE C 483 -3.24 -4.11 -27.89
CA ILE C 483 -3.57 -3.53 -29.19
C ILE C 483 -3.25 -4.55 -30.28
N TYR C 484 -4.19 -4.73 -31.20
CA TYR C 484 -4.02 -5.66 -32.32
C TYR C 484 -3.99 -4.85 -33.62
N PRO C 485 -2.81 -4.60 -34.21
CA PRO C 485 -2.80 -3.75 -35.40
C PRO C 485 -3.41 -4.43 -36.61
N ASP C 486 -3.44 -5.77 -36.63
CA ASP C 486 -3.91 -6.49 -37.80
C ASP C 486 -5.36 -6.19 -38.11
N ASP C 487 -6.13 -5.77 -37.11
CA ASP C 487 -7.53 -5.42 -37.32
C ASP C 487 -7.70 -4.13 -38.12
N LYS C 488 -6.64 -3.33 -38.28
CA LYS C 488 -6.72 -2.06 -38.98
C LYS C 488 -6.38 -2.17 -40.46
N LEU C 489 -6.03 -3.35 -40.94
CA LEU C 489 -5.66 -3.50 -42.35
C LEU C 489 -6.90 -3.45 -43.22
N PRO C 490 -6.87 -2.74 -44.35
CA PRO C 490 -8.05 -2.66 -45.21
C PRO C 490 -8.33 -3.97 -45.92
N ASP C 491 -9.58 -4.13 -46.35
CA ASP C 491 -9.98 -5.32 -47.07
C ASP C 491 -9.42 -5.30 -48.50
N LEU C 492 -8.86 -6.43 -48.93
CA LEU C 492 -8.28 -6.55 -50.25
C LEU C 492 -8.17 -8.03 -50.60
N ASP C 493 -8.35 -8.34 -51.88
CA ASP C 493 -8.29 -9.72 -52.36
C ASP C 493 -6.84 -10.13 -52.50
N LEU C 494 -6.35 -10.91 -51.54
CA LEU C 494 -4.95 -11.36 -51.57
C LEU C 494 -4.84 -12.70 -52.28
N ARG C 495 -5.42 -12.80 -53.48
CA ARG C 495 -5.38 -14.04 -54.24
C ARG C 495 -4.81 -13.79 -55.62
N ALA C 496 -5.14 -12.63 -56.21
CA ALA C 496 -4.67 -12.30 -57.54
C ALA C 496 -3.21 -11.91 -57.54
N ALA C 497 -2.52 -12.22 -58.63
CA ALA C 497 -1.12 -11.87 -58.78
C ALA C 497 -0.95 -10.36 -58.93
N PRO C 498 0.14 -9.79 -58.42
CA PRO C 498 0.27 -8.34 -58.43
C PRO C 498 0.78 -7.85 -59.78
N PRO C 499 0.39 -6.65 -60.19
CA PRO C 499 0.79 -6.17 -61.52
C PRO C 499 2.29 -5.89 -61.59
N ALA C 500 2.82 -6.00 -62.81
CA ALA C 500 4.25 -5.81 -63.03
C ALA C 500 4.70 -4.42 -62.61
N GLY C 501 5.91 -4.34 -62.08
CA GLY C 501 6.46 -3.10 -61.57
C GLY C 501 7.88 -2.88 -62.07
N SER C 502 8.73 -2.39 -61.16
CA SER C 502 10.10 -2.01 -61.53
C SER C 502 11.03 -3.19 -61.72
N LYS C 503 10.75 -4.33 -61.07
CA LYS C 503 11.63 -5.49 -61.23
C LYS C 503 11.53 -6.08 -62.63
N GLN C 504 10.32 -6.12 -63.19
CA GLN C 504 10.14 -6.55 -64.57
C GLN C 504 10.92 -5.65 -65.53
N ARG C 505 10.81 -4.34 -65.35
CA ARG C 505 11.50 -3.40 -66.22
C ARG C 505 13.01 -3.53 -66.11
N LEU C 506 13.52 -3.69 -64.87
CA LEU C 506 14.95 -3.86 -64.68
C LEU C 506 15.44 -5.15 -65.32
N VAL C 507 14.65 -6.23 -65.22
CA VAL C 507 15.02 -7.48 -65.87
C VAL C 507 15.03 -7.31 -67.39
N LYS C 508 14.04 -6.58 -67.93
CA LYS C 508 13.90 -6.50 -69.37
C LYS C 508 14.99 -5.64 -70.00
N LEU C 509 15.27 -4.47 -69.42
CA LEU C 509 16.20 -3.52 -70.01
C LEU C 509 17.61 -3.58 -69.43
N GLY C 510 17.78 -3.98 -68.18
CA GLY C 510 19.08 -4.01 -67.57
C GLY C 510 19.41 -2.71 -66.88
N PRO C 511 20.62 -2.61 -66.31
CA PRO C 511 21.00 -1.40 -65.55
C PRO C 511 21.09 -0.14 -66.40
N GLU C 512 21.81 -0.22 -67.52
CA GLU C 512 21.99 0.95 -68.37
C GLU C 512 20.65 1.44 -68.93
N GLY C 513 19.83 0.51 -69.41
CA GLY C 513 18.52 0.89 -69.93
C GLY C 513 17.63 1.47 -68.86
N PHE C 514 17.67 0.90 -67.65
CA PHE C 514 16.89 1.45 -66.55
C PHE C 514 17.33 2.88 -66.21
N ALA C 515 18.65 3.11 -66.19
CA ALA C 515 19.14 4.46 -65.92
C ALA C 515 18.71 5.44 -67.01
N ARG C 516 18.80 5.03 -68.28
CA ARG C 516 18.39 5.90 -69.37
C ARG C 516 16.90 6.23 -69.29
N TRP C 517 16.07 5.20 -69.00
CA TRP C 517 14.63 5.39 -68.85
C TRP C 517 14.33 6.34 -67.70
N LEU C 518 15.02 6.21 -66.58
CA LEU C 518 14.80 7.11 -65.46
C LEU C 518 15.25 8.54 -65.77
N ARG C 519 16.33 8.70 -66.53
CA ARG C 519 16.74 10.04 -66.94
C ARG C 519 15.72 10.67 -67.88
N GLU C 520 15.15 9.88 -68.79
CA GLU C 520 14.26 10.39 -69.81
C GLU C 520 12.79 10.43 -69.40
N SER C 521 12.47 10.11 -68.15
CA SER C 521 11.09 10.04 -67.68
C SER C 521 10.73 11.30 -66.91
N ALA C 522 9.62 11.93 -67.30
CA ALA C 522 9.24 13.21 -66.70
C ALA C 522 8.71 13.04 -65.28
N ALA C 523 8.26 11.84 -64.94
CA ALA C 523 7.80 11.57 -63.58
C ALA C 523 8.99 11.44 -62.62
N VAL C 524 8.71 11.62 -61.34
CA VAL C 524 9.72 11.65 -60.29
C VAL C 524 9.52 10.45 -59.37
N GLY C 525 10.49 9.53 -59.39
CA GLY C 525 10.33 8.26 -58.72
C GLY C 525 10.44 8.38 -57.21
N VAL C 526 9.46 7.85 -56.51
CA VAL C 526 9.40 7.88 -55.04
C VAL C 526 9.96 6.57 -54.50
N THR C 527 10.83 6.67 -53.50
CA THR C 527 11.36 5.52 -52.79
C THR C 527 10.82 5.50 -51.37
N ASP C 528 10.50 4.32 -50.87
CA ASP C 528 9.95 4.15 -49.53
C ASP C 528 11.05 3.75 -48.56
N THR C 529 11.16 4.49 -47.46
CA THR C 529 12.18 4.22 -46.44
C THR C 529 11.56 3.88 -45.09
N THR C 530 10.29 3.50 -45.06
CA THR C 530 9.64 3.16 -43.80
C THR C 530 10.21 1.88 -43.20
N PHE C 531 10.66 0.95 -44.03
CA PHE C 531 11.08 -0.35 -43.54
C PHE C 531 12.45 -0.32 -42.87
N ARG C 532 13.33 0.59 -43.28
CA ARG C 532 14.66 0.67 -42.70
C ARG C 532 14.89 1.97 -41.93
N ASP C 533 14.71 3.12 -42.57
CA ASP C 533 15.18 4.38 -42.00
C ASP C 533 14.14 5.12 -41.16
N ALA C 534 12.95 4.57 -41.00
CA ALA C 534 11.92 5.22 -40.18
C ALA C 534 12.02 4.81 -38.71
N HIS C 535 11.94 3.51 -38.43
CA HIS C 535 12.03 3.04 -37.06
C HIS C 535 13.45 3.06 -36.51
N GLN C 536 14.45 3.27 -37.37
CA GLN C 536 15.82 3.42 -36.89
C GLN C 536 15.99 4.72 -36.11
N SER C 537 15.34 5.79 -36.56
CA SER C 537 15.47 7.09 -35.93
C SER C 537 14.39 7.38 -34.89
N LEU C 538 13.43 6.48 -34.72
CA LEU C 538 12.32 6.76 -33.81
C LEU C 538 12.13 5.64 -32.78
N LEU C 539 12.41 4.40 -33.15
CA LEU C 539 12.14 3.25 -32.28
C LEU C 539 13.38 2.40 -32.02
N ALA C 540 14.58 2.98 -32.19
CA ALA C 540 15.84 2.31 -31.89
C ALA C 540 16.02 1.03 -32.71
N THR C 541 15.44 1.00 -33.91
CA THR C 541 15.60 -0.11 -34.85
C THR C 541 15.19 -1.44 -34.21
N ARG C 542 14.03 -1.45 -33.56
CA ARG C 542 13.57 -2.63 -32.83
C ARG C 542 12.28 -3.21 -33.38
N VAL C 543 11.92 -2.89 -34.63
CA VAL C 543 10.73 -3.46 -35.25
C VAL C 543 11.10 -4.80 -35.85
N ARG C 544 10.33 -5.82 -35.52
CA ARG C 544 10.63 -7.19 -35.94
C ARG C 544 10.12 -7.43 -37.35
N THR C 545 10.15 -8.68 -37.80
CA THR C 545 9.80 -9.03 -39.17
C THR C 545 8.32 -9.33 -39.36
N SER C 546 7.59 -9.64 -38.28
CA SER C 546 6.19 -10.02 -38.40
C SER C 546 5.35 -8.91 -39.03
N GLY C 547 5.50 -7.68 -38.54
CA GLY C 547 4.70 -6.59 -39.05
C GLY C 547 5.05 -6.21 -40.48
N LEU C 548 6.35 -6.19 -40.80
CA LEU C 548 6.77 -5.89 -42.16
C LEU C 548 6.24 -6.95 -43.13
N SER C 549 6.35 -8.23 -42.76
CA SER C 549 5.85 -9.29 -43.62
C SER C 549 4.33 -9.27 -43.74
N ARG C 550 3.64 -8.86 -42.67
CA ARG C 550 2.17 -8.78 -42.73
C ARG C 550 1.72 -7.63 -43.62
N VAL C 551 2.48 -6.53 -43.66
CA VAL C 551 2.05 -5.35 -44.39
C VAL C 551 2.63 -5.27 -45.81
N ALA C 552 3.61 -6.11 -46.14
CA ALA C 552 4.19 -6.08 -47.48
C ALA C 552 3.22 -6.43 -48.61
N PRO C 553 2.42 -7.50 -48.53
CA PRO C 553 1.45 -7.78 -49.62
C PRO C 553 0.52 -6.62 -49.95
N TYR C 554 0.01 -5.92 -48.94
CA TYR C 554 -0.87 -4.78 -49.21
C TYR C 554 -0.12 -3.67 -49.94
N LEU C 555 1.13 -3.44 -49.56
CA LEU C 555 1.94 -2.43 -50.25
C LEU C 555 2.19 -2.84 -51.69
N ALA C 556 2.45 -4.12 -51.93
CA ALA C 556 2.72 -4.60 -53.28
C ALA C 556 1.48 -4.58 -54.15
N ARG C 557 0.28 -4.65 -53.57
CA ARG C 557 -0.93 -4.76 -54.35
C ARG C 557 -1.79 -3.49 -54.40
N THR C 558 -1.52 -2.50 -53.56
CA THR C 558 -2.14 -1.20 -53.74
C THR C 558 -1.21 -0.15 -54.36
N MET C 559 0.10 -0.35 -54.29
CA MET C 559 1.07 0.64 -54.77
C MET C 559 2.07 -0.06 -55.69
N PRO C 560 1.69 -0.31 -56.94
CA PRO C 560 2.61 -0.97 -57.88
C PRO C 560 3.49 0.00 -58.66
N GLN C 561 3.63 1.23 -58.18
CA GLN C 561 4.38 2.25 -58.91
C GLN C 561 5.57 2.77 -58.14
N LEU C 562 5.88 2.21 -56.98
CA LEU C 562 7.02 2.66 -56.21
C LEU C 562 8.32 2.20 -56.85
N LEU C 563 9.29 3.11 -56.94
CA LEU C 563 10.52 2.84 -57.65
C LEU C 563 11.31 1.71 -57.00
N SER C 564 11.46 1.79 -55.67
CA SER C 564 12.17 0.77 -54.91
C SER C 564 11.78 0.91 -53.45
N VAL C 565 12.15 -0.10 -52.66
CA VAL C 565 11.88 -0.13 -51.22
C VAL C 565 13.19 -0.43 -50.50
N GLU C 566 13.50 0.36 -49.48
CA GLU C 566 14.70 0.17 -48.66
C GLU C 566 14.30 -0.59 -47.39
N CYS C 567 14.77 -1.82 -47.27
CA CYS C 567 14.37 -2.65 -46.15
C CYS C 567 15.51 -3.51 -45.58
N TRP C 568 16.76 -3.17 -45.86
CA TRP C 568 17.87 -4.01 -45.44
C TRP C 568 19.12 -3.15 -45.26
N GLY C 569 19.97 -3.57 -44.33
CA GLY C 569 21.25 -2.93 -44.13
C GLY C 569 21.23 -1.90 -43.02
N GLY C 570 22.29 -1.09 -43.00
CA GLY C 570 22.44 -0.12 -41.93
C GLY C 570 22.69 -0.83 -40.62
N ALA C 571 21.96 -0.45 -39.58
CA ALA C 571 22.13 -1.02 -38.25
C ALA C 571 21.17 -2.17 -37.97
N THR C 572 20.33 -2.55 -38.94
CA THR C 572 19.37 -3.62 -38.70
C THR C 572 20.07 -4.97 -38.53
N TYR C 573 21.21 -5.16 -39.19
CA TYR C 573 21.94 -6.42 -39.10
C TYR C 573 22.38 -6.71 -37.67
N ASP C 574 23.08 -5.74 -37.06
CA ASP C 574 23.63 -5.93 -35.72
C ASP C 574 22.52 -6.03 -34.68
N VAL C 575 21.50 -5.17 -34.79
CA VAL C 575 20.41 -5.20 -33.82
C VAL C 575 19.62 -6.50 -33.95
N ALA C 576 19.43 -6.98 -35.18
CA ALA C 576 18.71 -8.23 -35.36
C ALA C 576 19.47 -9.41 -34.78
N LEU C 577 20.79 -9.44 -34.97
CA LEU C 577 21.59 -10.52 -34.40
C LEU C 577 21.67 -10.43 -32.88
N ARG C 578 21.69 -9.21 -32.33
CA ARG C 578 21.98 -9.03 -30.91
C ARG C 578 20.73 -8.95 -30.04
N PHE C 579 19.82 -8.03 -30.36
CA PHE C 579 18.69 -7.76 -29.49
C PHE C 579 17.43 -8.53 -29.85
N LEU C 580 17.28 -8.96 -31.09
CA LEU C 580 16.04 -9.58 -31.56
C LEU C 580 16.18 -11.06 -31.89
N LYS C 581 17.40 -11.60 -31.85
CA LYS C 581 17.66 -13.03 -32.04
C LYS C 581 17.04 -13.55 -33.35
N GLU C 582 17.29 -12.81 -34.42
CA GLU C 582 16.77 -13.15 -35.74
C GLU C 582 17.90 -13.19 -36.75
N ASP C 583 17.64 -13.83 -37.89
CA ASP C 583 18.62 -13.92 -38.97
C ASP C 583 18.23 -12.95 -40.07
N PRO C 584 19.07 -11.99 -40.42
CA PRO C 584 18.68 -11.00 -41.45
C PRO C 584 18.41 -11.62 -42.81
N TRP C 585 19.09 -12.71 -43.16
CA TRP C 585 18.88 -13.32 -44.46
C TRP C 585 17.48 -13.90 -44.61
N GLU C 586 16.97 -14.52 -43.55
CA GLU C 586 15.58 -15.00 -43.57
C GLU C 586 14.61 -13.85 -43.75
N ARG C 587 14.89 -12.72 -43.10
CA ARG C 587 14.07 -11.53 -43.30
C ARG C 587 14.09 -11.05 -44.74
N LEU C 588 15.28 -11.02 -45.35
CA LEU C 588 15.38 -10.63 -46.75
C LEU C 588 14.61 -11.59 -47.65
N ALA C 589 14.72 -12.89 -47.40
CA ALA C 589 14.00 -13.87 -48.22
C ALA C 589 12.49 -13.70 -48.07
N THR C 590 12.01 -13.51 -46.84
CA THR C 590 10.59 -13.30 -46.61
C THR C 590 10.09 -12.05 -47.31
N LEU C 591 10.85 -10.96 -47.23
CA LEU C 591 10.44 -9.73 -47.91
C LEU C 591 10.49 -9.89 -49.42
N ARG C 592 11.44 -10.65 -49.95
CA ARG C 592 11.49 -10.86 -51.38
C ARG C 592 10.27 -11.63 -51.86
N ALA C 593 9.97 -12.75 -51.19
CA ALA C 593 8.77 -13.53 -51.52
C ALA C 593 7.50 -12.70 -51.37
N ALA C 594 7.44 -11.85 -50.34
CA ALA C 594 6.26 -11.02 -50.15
C ALA C 594 6.06 -10.03 -51.29
N MET C 595 7.12 -9.36 -51.72
CA MET C 595 6.97 -8.37 -52.78
C MET C 595 7.78 -8.80 -54.00
N PRO C 596 7.15 -9.31 -55.05
CA PRO C 596 7.88 -9.75 -56.25
C PRO C 596 7.96 -8.75 -57.39
N ASN C 597 7.34 -7.57 -57.25
CA ASN C 597 7.25 -6.61 -58.34
C ASN C 597 7.94 -5.28 -58.05
N ILE C 598 8.57 -5.13 -56.90
CA ILE C 598 9.22 -3.88 -56.51
C ILE C 598 10.68 -4.16 -56.17
N CYS C 599 11.57 -3.31 -56.67
CA CYS C 599 12.99 -3.47 -56.42
C CYS C 599 13.32 -3.23 -54.95
N LEU C 600 14.38 -3.88 -54.49
CA LEU C 600 14.86 -3.76 -53.12
C LEU C 600 16.20 -3.05 -53.10
N GLN C 601 16.40 -2.18 -52.11
CA GLN C 601 17.58 -1.34 -52.02
C GLN C 601 18.28 -1.56 -50.69
N MET C 602 19.61 -1.57 -50.72
CA MET C 602 20.43 -1.79 -49.53
C MET C 602 21.52 -0.73 -49.45
N LEU C 603 21.79 -0.27 -48.23
CA LEU C 603 22.75 0.81 -47.97
C LEU C 603 24.09 0.20 -47.56
N LEU C 604 25.01 0.07 -48.52
CA LEU C 604 26.35 -0.39 -48.21
C LEU C 604 27.23 0.80 -47.86
N ARG C 605 28.29 0.54 -47.11
CA ARG C 605 29.15 1.59 -46.59
C ARG C 605 30.60 1.41 -47.03
N GLY C 606 30.82 1.10 -48.30
CA GLY C 606 32.18 0.98 -48.81
C GLY C 606 32.89 -0.25 -48.26
N ARG C 607 34.12 -0.03 -47.75
CA ARG C 607 34.92 -1.15 -47.27
C ARG C 607 34.26 -1.83 -46.07
N ASN C 608 33.77 -1.05 -45.11
CA ASN C 608 33.05 -1.59 -43.98
C ASN C 608 31.60 -1.77 -44.40
N THR C 609 31.24 -3.00 -44.77
CA THR C 609 29.90 -3.30 -45.29
C THR C 609 28.79 -2.92 -44.32
N VAL C 610 28.71 -3.59 -43.18
CA VAL C 610 27.67 -3.33 -42.19
C VAL C 610 28.32 -3.16 -40.83
N GLY C 611 29.62 -3.37 -40.75
CA GLY C 611 30.36 -3.23 -39.51
C GLY C 611 30.84 -1.82 -39.30
N TYR C 612 31.88 -1.68 -38.47
CA TYR C 612 32.46 -0.38 -38.15
C TYR C 612 33.96 -0.34 -38.40
N THR C 613 34.53 -1.35 -39.06
CA THR C 613 35.95 -1.44 -39.32
C THR C 613 36.16 -1.94 -40.74
N PRO C 614 37.25 -1.56 -41.39
CA PRO C 614 37.59 -2.12 -42.70
C PRO C 614 37.68 -3.65 -42.66
N TYR C 615 37.23 -4.26 -43.75
CA TYR C 615 37.22 -5.71 -43.95
C TYR C 615 37.95 -6.05 -45.25
N PRO C 616 38.48 -7.26 -45.37
CA PRO C 616 39.19 -7.64 -46.59
C PRO C 616 38.26 -7.69 -47.80
N GLU C 617 38.88 -7.63 -48.98
CA GLU C 617 38.13 -7.52 -50.23
C GLU C 617 37.27 -8.75 -50.49
N ILE C 618 37.80 -9.93 -50.16
CA ILE C 618 37.08 -11.18 -50.46
C ILE C 618 35.77 -11.24 -49.69
N VAL C 619 35.77 -10.78 -48.43
CA VAL C 619 34.54 -10.76 -47.65
C VAL C 619 33.51 -9.85 -48.28
N THR C 620 33.94 -8.67 -48.74
CA THR C 620 33.02 -7.72 -49.36
C THR C 620 32.44 -8.29 -50.66
N SER C 621 33.28 -8.92 -51.48
CA SER C 621 32.79 -9.51 -52.72
C SER C 621 31.80 -10.64 -52.44
N ALA C 622 32.12 -11.51 -51.47
CA ALA C 622 31.20 -12.58 -51.11
C ALA C 622 29.87 -12.01 -50.61
N PHE C 623 29.94 -10.92 -49.84
CA PHE C 623 28.72 -10.35 -49.28
C PHE C 623 27.85 -9.76 -50.38
N VAL C 624 28.47 -9.08 -51.35
CA VAL C 624 27.72 -8.54 -52.48
C VAL C 624 27.10 -9.66 -53.28
N GLN C 625 27.84 -10.74 -53.52
CA GLN C 625 27.32 -11.86 -54.27
C GLN C 625 26.14 -12.52 -53.56
N GLU C 626 26.28 -12.76 -52.25
CA GLU C 626 25.17 -13.35 -51.52
C GLU C 626 23.95 -12.43 -51.51
N ALA C 627 24.16 -11.12 -51.35
CA ALA C 627 23.04 -10.21 -51.25
C ALA C 627 22.29 -10.07 -52.57
N THR C 628 23.02 -9.91 -53.69
CA THR C 628 22.36 -9.93 -55.00
C THR C 628 21.71 -11.29 -55.28
N ALA C 629 22.22 -12.37 -54.72
CA ALA C 629 21.59 -13.67 -54.95
C ALA C 629 20.28 -13.78 -54.18
N THR C 630 20.23 -13.21 -52.98
CA THR C 630 19.00 -13.27 -52.18
C THR C 630 17.93 -12.31 -52.70
N GLY C 631 18.30 -11.30 -53.49
CA GLY C 631 17.30 -10.42 -54.06
C GLY C 631 17.50 -8.93 -53.87
N ILE C 632 18.74 -8.50 -53.59
CA ILE C 632 19.03 -7.07 -53.45
C ILE C 632 19.26 -6.48 -54.84
N ASP C 633 18.39 -5.56 -55.26
CA ASP C 633 18.44 -5.01 -56.60
C ASP C 633 19.35 -3.78 -56.72
N ILE C 634 19.31 -2.89 -55.74
CA ILE C 634 20.02 -1.62 -55.79
C ILE C 634 20.95 -1.51 -54.59
N PHE C 635 22.18 -1.08 -54.83
CA PHE C 635 23.17 -0.86 -53.79
C PHE C 635 23.50 0.63 -53.74
N ARG C 636 23.23 1.26 -52.60
CA ARG C 636 23.59 2.66 -52.37
C ARG C 636 24.89 2.71 -51.59
N ILE C 637 25.93 3.27 -52.19
CA ILE C 637 27.29 3.25 -51.66
C ILE C 637 27.72 4.66 -51.30
N PHE C 638 28.15 4.85 -50.05
CA PHE C 638 28.67 6.12 -49.56
C PHE C 638 29.92 5.87 -48.73
N ASP C 639 30.54 6.95 -48.28
CA ASP C 639 31.70 6.87 -47.39
C ASP C 639 31.66 8.07 -46.47
N ALA C 640 32.22 7.89 -45.27
CA ALA C 640 32.19 8.96 -44.26
C ALA C 640 32.93 10.19 -44.74
N LEU C 641 34.24 10.07 -44.96
CA LEU C 641 35.02 11.14 -45.56
C LEU C 641 35.06 10.88 -47.07
N ASN C 642 34.41 11.75 -47.83
CA ASN C 642 34.20 11.50 -49.25
C ASN C 642 35.52 11.45 -50.01
N ASN C 643 35.95 10.25 -50.38
CA ASN C 643 37.18 10.08 -51.15
C ASN C 643 37.11 8.78 -51.92
N ILE C 644 37.73 8.78 -53.10
CA ILE C 644 37.78 7.58 -53.93
C ILE C 644 38.92 6.73 -53.39
N GLU C 645 39.00 5.48 -53.85
CA GLU C 645 39.84 4.35 -53.46
C GLU C 645 39.33 3.67 -52.20
N SER C 646 38.33 4.23 -51.53
CA SER C 646 37.60 3.59 -50.44
C SER C 646 36.28 2.95 -50.88
N MET C 647 35.81 3.24 -52.09
CA MET C 647 34.58 2.65 -52.59
C MET C 647 34.73 1.96 -53.93
N ARG C 648 35.93 1.98 -54.53
CA ARG C 648 36.13 1.35 -55.83
C ARG C 648 35.87 -0.16 -55.81
N PRO C 649 36.36 -0.95 -54.84
CA PRO C 649 36.09 -2.40 -54.89
C PRO C 649 34.62 -2.74 -54.82
N ALA C 650 33.84 -2.02 -54.02
CA ALA C 650 32.41 -2.28 -53.94
C ALA C 650 31.73 -1.97 -55.27
N ILE C 651 32.12 -0.88 -55.92
CA ILE C 651 31.55 -0.53 -57.22
C ILE C 651 31.89 -1.60 -58.25
N ASP C 652 33.14 -2.07 -58.26
CA ASP C 652 33.52 -3.13 -59.19
C ASP C 652 32.74 -4.40 -58.93
N ALA C 653 32.55 -4.75 -57.65
CA ALA C 653 31.81 -5.95 -57.30
C ALA C 653 30.35 -5.86 -57.74
N VAL C 654 29.73 -4.69 -57.55
CA VAL C 654 28.36 -4.51 -58.03
C VAL C 654 28.33 -4.63 -59.55
N ARG C 655 29.30 -4.03 -60.24
CA ARG C 655 29.23 -4.02 -61.71
C ARG C 655 29.51 -5.40 -62.28
N GLU C 656 30.25 -6.24 -61.56
CA GLU C 656 30.55 -7.59 -62.04
C GLU C 656 29.29 -8.45 -62.10
N THR C 657 28.29 -8.13 -61.30
CA THR C 657 27.08 -8.97 -61.24
C THR C 657 26.33 -8.95 -62.55
N GLY C 658 26.08 -7.76 -63.10
CA GLY C 658 25.38 -7.64 -64.36
C GLY C 658 23.87 -7.55 -64.26
N SER C 659 23.32 -7.57 -63.05
CA SER C 659 21.89 -7.44 -62.86
C SER C 659 21.53 -6.49 -61.73
N ALA C 660 22.49 -5.74 -61.19
CA ALA C 660 22.24 -4.84 -60.08
C ALA C 660 22.53 -3.40 -60.51
N ILE C 661 22.06 -2.47 -59.69
CA ILE C 661 22.26 -1.04 -59.92
C ILE C 661 23.13 -0.49 -58.79
N ALA C 662 24.10 0.35 -59.15
CA ALA C 662 24.98 1.00 -58.20
C ALA C 662 24.67 2.49 -58.15
N GLU C 663 24.37 2.99 -56.96
CA GLU C 663 24.06 4.40 -56.74
C GLU C 663 25.08 4.96 -55.77
N VAL C 664 25.97 5.81 -56.27
CA VAL C 664 27.04 6.38 -55.46
C VAL C 664 26.57 7.72 -54.90
N ALA C 665 26.74 7.91 -53.60
CA ALA C 665 26.22 9.08 -52.92
C ALA C 665 27.34 9.98 -52.42
N MET C 666 27.14 11.29 -52.54
CA MET C 666 28.06 12.29 -52.03
C MET C 666 27.45 12.93 -50.79
N CYS C 667 28.22 13.01 -49.72
CA CYS C 667 27.74 13.55 -48.46
C CYS C 667 27.78 15.08 -48.45
N TYR C 668 26.68 15.69 -47.98
CA TYR C 668 26.53 17.13 -48.00
C TYR C 668 26.68 17.68 -46.58
N THR C 669 27.48 18.73 -46.44
CA THR C 669 27.66 19.41 -45.17
C THR C 669 27.93 20.89 -45.44
N GLY C 670 27.61 21.72 -44.45
CA GLY C 670 27.80 23.15 -44.57
C GLY C 670 26.74 23.81 -45.43
N ASP C 671 27.02 25.06 -45.79
CA ASP C 671 26.11 25.87 -46.61
C ASP C 671 26.95 26.56 -47.68
N LEU C 672 26.92 26.03 -48.91
CA LEU C 672 27.75 26.58 -49.98
C LEU C 672 27.25 27.92 -50.49
N THR C 673 25.97 28.24 -50.32
CA THR C 673 25.45 29.53 -50.78
C THR C 673 25.97 30.69 -49.94
N ASP C 674 26.65 30.42 -48.83
CA ASP C 674 27.16 31.47 -47.97
C ASP C 674 28.44 32.07 -48.57
N PRO C 675 28.56 33.40 -48.55
CA PRO C 675 29.78 34.03 -49.09
C PRO C 675 31.07 33.54 -48.46
N GLY C 676 31.06 33.26 -47.17
CA GLY C 676 32.23 32.85 -46.43
C GLY C 676 32.49 31.36 -46.36
N GLU C 677 31.85 30.56 -47.21
CA GLU C 677 32.10 29.12 -47.23
C GLU C 677 33.26 28.86 -48.18
N GLN C 678 34.46 28.66 -47.61
CA GLN C 678 35.67 28.51 -48.40
C GLN C 678 36.16 27.08 -48.51
N LEU C 679 35.44 26.11 -47.93
CA LEU C 679 35.87 24.72 -47.96
C LEU C 679 34.90 23.84 -48.74
N TYR C 680 33.62 23.84 -48.37
CA TYR C 680 32.62 23.01 -49.03
C TYR C 680 31.89 23.90 -50.05
N THR C 681 32.55 24.10 -51.19
CA THR C 681 32.06 24.96 -52.24
C THR C 681 31.56 24.10 -53.41
N LEU C 682 30.98 24.77 -54.41
CA LEU C 682 30.40 24.05 -55.55
C LEU C 682 31.47 23.28 -56.31
N ASP C 683 32.68 23.84 -56.44
CA ASP C 683 33.71 23.17 -57.21
C ASP C 683 34.14 21.85 -56.56
N TYR C 684 34.18 21.82 -55.24
CA TYR C 684 34.51 20.59 -54.52
C TYR C 684 33.54 19.46 -54.87
N TYR C 685 32.25 19.76 -54.79
CA TYR C 685 31.24 18.76 -55.15
C TYR C 685 31.32 18.38 -56.62
N LEU C 686 31.63 19.36 -57.48
CA LEU C 686 31.69 19.09 -58.91
C LEU C 686 32.83 18.13 -59.25
N LYS C 687 34.02 18.35 -58.67
CA LYS C 687 35.11 17.39 -58.90
C LYS C 687 34.83 16.04 -58.24
N LEU C 688 34.15 16.04 -57.09
CA LEU C 688 33.76 14.77 -56.46
C LEU C 688 32.90 13.95 -57.42
N ALA C 689 31.92 14.61 -58.02
CA ALA C 689 30.98 13.98 -58.95
C ALA C 689 31.70 13.55 -60.23
N GLU C 690 32.66 14.36 -60.68
CA GLU C 690 33.44 13.97 -61.85
C GLU C 690 34.25 12.71 -61.59
N GLN C 691 34.85 12.61 -60.41
CA GLN C 691 35.56 11.38 -60.04
C GLN C 691 34.61 10.20 -59.94
N ILE C 692 33.43 10.41 -59.35
CA ILE C 692 32.44 9.33 -59.22
C ILE C 692 32.02 8.82 -60.59
N VAL C 693 31.85 9.74 -61.55
CA VAL C 693 31.44 9.36 -62.89
C VAL C 693 32.57 8.63 -63.61
N ASP C 694 33.81 9.12 -63.45
CA ASP C 694 34.98 8.40 -63.94
C ASP C 694 35.07 7.00 -63.34
N ALA C 695 34.54 6.78 -62.13
CA ALA C 695 34.64 5.50 -61.45
C ALA C 695 33.58 4.49 -61.92
N GLY C 696 32.67 4.90 -62.80
CA GLY C 696 31.66 3.97 -63.30
C GLY C 696 30.42 3.87 -62.44
N ALA C 697 29.78 5.01 -62.19
CA ALA C 697 28.58 5.07 -61.38
C ALA C 697 27.35 5.00 -62.28
N HIS C 698 26.36 4.20 -61.86
CA HIS C 698 25.10 4.11 -62.60
C HIS C 698 24.10 5.17 -62.15
N VAL C 699 23.99 5.43 -60.85
CA VAL C 699 23.16 6.53 -60.37
C VAL C 699 24.00 7.39 -59.43
N LEU C 700 23.77 8.71 -59.50
CA LEU C 700 24.43 9.68 -58.63
C LEU C 700 23.43 10.24 -57.64
N ALA C 701 23.81 10.27 -56.36
CA ALA C 701 22.90 10.65 -55.29
C ALA C 701 23.60 11.63 -54.34
N ILE C 702 22.78 12.41 -53.64
CA ILE C 702 23.24 13.35 -52.63
C ILE C 702 22.64 12.94 -51.29
N LYS C 703 23.48 12.80 -50.28
CA LYS C 703 23.07 12.33 -48.97
C LYS C 703 23.11 13.49 -47.98
N ASP C 704 21.94 13.86 -47.47
CA ASP C 704 21.80 14.85 -46.41
C ASP C 704 21.28 14.13 -45.18
N MET C 705 22.11 14.06 -44.14
CA MET C 705 21.82 13.31 -42.93
C MET C 705 21.41 14.19 -41.75
N ALA C 706 21.67 15.50 -41.82
CA ALA C 706 21.28 16.40 -40.75
C ALA C 706 20.21 17.41 -41.14
N GLY C 707 19.92 17.55 -42.43
CA GLY C 707 18.92 18.49 -42.88
C GLY C 707 19.47 19.89 -43.06
N LEU C 708 20.62 19.99 -43.73
CA LEU C 708 21.31 21.27 -43.91
C LEU C 708 21.24 21.76 -45.35
N LEU C 709 20.37 21.20 -46.18
CA LEU C 709 20.24 21.60 -47.56
C LEU C 709 19.03 22.53 -47.71
N ARG C 710 19.28 23.73 -48.20
CA ARG C 710 18.30 24.77 -48.42
C ARG C 710 17.83 24.79 -49.86
N PRO C 711 16.66 25.40 -50.12
CA PRO C 711 16.09 25.41 -51.48
C PRO C 711 17.07 25.97 -52.50
N PRO C 712 17.75 27.10 -52.23
CA PRO C 712 18.59 27.68 -53.30
C PRO C 712 19.86 26.89 -53.55
N ALA C 713 20.53 26.42 -52.49
CA ALA C 713 21.66 25.52 -52.62
C ALA C 713 21.31 24.30 -53.47
N ALA C 714 20.16 23.71 -53.17
CA ALA C 714 19.69 22.52 -53.87
C ALA C 714 19.43 22.82 -55.33
N GLN C 715 18.79 23.95 -55.61
CA GLN C 715 18.53 24.36 -56.98
C GLN C 715 19.82 24.48 -57.77
N ARG C 716 20.79 25.25 -57.24
CA ARG C 716 22.03 25.46 -57.98
C ARG C 716 22.82 24.17 -58.16
N LEU C 717 22.91 23.37 -57.10
CA LEU C 717 23.67 22.12 -57.18
C LEU C 717 23.05 21.16 -58.18
N VAL C 718 21.72 20.97 -58.13
CA VAL C 718 21.06 20.07 -59.06
C VAL C 718 21.21 20.56 -60.49
N SER C 719 21.05 21.87 -60.71
CA SER C 719 21.22 22.41 -62.05
C SER C 719 22.63 22.16 -62.59
N ALA C 720 23.65 22.43 -61.77
CA ALA C 720 25.02 22.24 -62.22
C ALA C 720 25.31 20.77 -62.51
N LEU C 721 24.87 19.87 -61.63
CA LEU C 721 25.08 18.44 -61.82
C LEU C 721 24.38 17.94 -63.09
N ARG C 722 23.13 18.37 -63.31
CA ARG C 722 22.40 17.91 -64.48
C ARG C 722 22.98 18.47 -65.77
N SER C 723 23.53 19.68 -65.74
CA SER C 723 24.07 20.28 -66.95
C SER C 723 25.48 19.81 -67.30
N ARG C 724 26.29 19.51 -66.28
CA ARG C 724 27.64 19.03 -66.54
C ARG C 724 27.65 17.57 -67.00
N PHE C 725 26.83 16.73 -66.38
CA PHE C 725 26.88 15.29 -66.61
C PHE C 725 25.57 14.79 -67.22
N ASP C 726 25.50 13.47 -67.40
CA ASP C 726 24.37 12.80 -68.03
C ASP C 726 23.95 11.58 -67.22
N LEU C 727 23.74 11.78 -65.92
CA LEU C 727 23.34 10.75 -64.99
C LEU C 727 22.09 11.17 -64.23
N PRO C 728 21.22 10.23 -63.88
CA PRO C 728 20.09 10.56 -63.02
C PRO C 728 20.55 10.92 -61.62
N VAL C 729 19.76 11.75 -60.95
CA VAL C 729 20.10 12.31 -59.64
C VAL C 729 19.07 11.83 -58.63
N HIS C 730 19.55 11.34 -57.49
CA HIS C 730 18.72 10.87 -56.39
C HIS C 730 18.96 11.76 -55.18
N LEU C 731 17.88 12.20 -54.54
CA LEU C 731 17.97 13.12 -53.42
C LEU C 731 17.44 12.47 -52.15
N HIS C 732 18.19 12.59 -51.06
CA HIS C 732 17.84 12.01 -49.78
C HIS C 732 18.14 13.02 -48.68
N THR C 733 17.17 13.25 -47.79
CA THR C 733 17.32 14.26 -46.75
C THR C 733 16.46 13.88 -45.55
N HIS C 734 16.77 14.53 -44.42
CA HIS C 734 16.04 14.37 -43.18
C HIS C 734 15.33 15.67 -42.81
N ASP C 735 14.30 15.55 -41.96
CA ASP C 735 13.40 16.65 -41.64
C ASP C 735 13.62 17.18 -40.24
N THR C 736 14.88 17.26 -39.79
CA THR C 736 15.15 17.76 -38.45
C THR C 736 14.78 19.23 -38.26
N PRO C 737 15.16 20.18 -39.14
CA PRO C 737 14.74 21.57 -38.92
C PRO C 737 13.26 21.81 -39.19
N GLY C 738 12.60 20.91 -39.89
CA GLY C 738 11.22 21.10 -40.30
C GLY C 738 11.13 21.55 -41.74
N GLY C 739 10.03 21.17 -42.38
CA GLY C 739 9.69 21.74 -43.70
C GLY C 739 10.75 21.55 -44.75
N GLN C 740 11.34 20.36 -44.83
CA GLN C 740 12.37 20.10 -45.83
C GLN C 740 11.78 19.74 -47.20
N LEU C 741 10.47 19.54 -47.29
CA LEU C 741 9.85 19.22 -48.57
C LEU C 741 10.10 20.31 -49.59
N ALA C 742 10.23 21.56 -49.14
CA ALA C 742 10.55 22.67 -50.04
C ALA C 742 11.81 22.36 -50.85
N SER C 743 12.83 21.80 -50.19
CA SER C 743 14.05 21.43 -50.91
C SER C 743 13.73 20.47 -52.05
N TYR C 744 12.92 19.45 -51.77
CA TYR C 744 12.50 18.52 -52.81
C TYR C 744 11.83 19.27 -53.96
N VAL C 745 10.94 20.22 -53.63
CA VAL C 745 10.22 20.95 -54.66
C VAL C 745 11.15 21.81 -55.49
N ALA C 746 12.25 22.29 -54.89
CA ALA C 746 13.24 23.04 -55.63
C ALA C 746 14.15 22.15 -56.45
N ALA C 747 14.24 20.86 -56.08
CA ALA C 747 15.14 19.96 -56.78
C ALA C 747 14.48 19.36 -58.02
N TRP C 748 13.24 18.89 -57.89
CA TRP C 748 12.58 18.29 -59.05
C TRP C 748 12.17 19.33 -60.09
N HIS C 749 12.13 20.61 -59.71
CA HIS C 749 11.91 21.70 -60.65
C HIS C 749 13.15 22.04 -61.47
N ALA C 750 14.28 21.41 -61.18
CA ALA C 750 15.55 21.71 -61.83
C ALA C 750 16.21 20.50 -62.48
N GLY C 751 15.70 19.29 -62.26
CA GLY C 751 16.27 18.12 -62.88
C GLY C 751 16.27 16.85 -62.05
N ALA C 752 15.99 16.96 -60.75
CA ALA C 752 16.01 15.79 -59.88
C ALA C 752 15.01 14.74 -60.34
N ASP C 753 15.45 13.49 -60.35
CA ASP C 753 14.65 12.38 -60.88
C ASP C 753 13.94 11.56 -59.83
N ALA C 754 14.46 11.48 -58.61
CA ALA C 754 13.86 10.60 -57.61
C ALA C 754 14.07 11.19 -56.21
N VAL C 755 13.11 10.90 -55.32
CA VAL C 755 13.14 11.39 -53.95
C VAL C 755 12.77 10.23 -53.03
N ASP C 756 12.99 10.44 -51.73
CA ASP C 756 12.70 9.45 -50.70
C ASP C 756 11.56 9.95 -49.80
N GLY C 757 10.84 8.99 -49.22
CA GLY C 757 9.72 9.33 -48.34
C GLY C 757 9.38 8.28 -47.31
N ALA C 758 9.13 8.73 -46.08
CA ALA C 758 8.65 7.90 -44.99
C ALA C 758 7.16 8.10 -44.77
N ALA C 759 6.50 7.03 -44.32
CA ALA C 759 5.06 7.04 -44.09
C ALA C 759 4.70 8.00 -42.97
N ALA C 760 3.48 8.56 -43.07
CA ALA C 760 3.10 9.70 -42.22
C ALA C 760 3.15 9.39 -40.73
N PRO C 761 2.61 8.28 -40.23
CA PRO C 761 2.72 8.02 -38.77
C PRO C 761 4.15 7.86 -38.29
N LEU C 762 5.09 7.49 -39.16
CA LEU C 762 6.49 7.43 -38.76
C LEU C 762 7.31 8.42 -39.58
N ALA C 763 6.87 9.67 -39.62
CA ALA C 763 7.58 10.73 -40.34
C ALA C 763 7.71 11.95 -39.44
N GLY C 764 8.50 12.91 -39.92
CA GLY C 764 8.75 14.12 -39.16
C GLY C 764 9.83 13.93 -38.12
N THR C 765 10.07 15.00 -37.36
CA THR C 765 11.09 15.03 -36.32
C THR C 765 12.46 14.70 -36.89
N THR C 766 13.00 13.53 -36.53
CA THR C 766 14.30 13.10 -37.03
C THR C 766 14.19 12.10 -38.18
N SER C 767 12.99 11.90 -38.71
CA SER C 767 12.74 10.97 -39.79
C SER C 767 12.64 11.73 -41.12
N GLN C 768 12.25 11.03 -42.16
CA GLN C 768 12.18 11.56 -43.51
C GLN C 768 10.81 12.19 -43.78
N PRO C 769 10.72 13.07 -44.77
CA PRO C 769 9.45 13.76 -45.02
C PRO C 769 8.33 12.79 -45.40
N ALA C 770 7.10 13.21 -45.10
CA ALA C 770 5.94 12.35 -45.27
C ALA C 770 5.69 12.02 -46.74
N LEU C 771 5.14 10.83 -46.97
CA LEU C 771 4.90 10.37 -48.33
C LEU C 771 3.66 11.02 -48.94
N SER C 772 2.64 11.25 -48.12
CA SER C 772 1.41 11.88 -48.61
C SER C 772 1.68 13.29 -49.10
N SER C 773 2.50 14.05 -48.36
CA SER C 773 2.87 15.38 -48.81
C SER C 773 3.59 15.34 -50.15
N ILE C 774 4.48 14.36 -50.32
CA ILE C 774 5.25 14.27 -51.56
C ILE C 774 4.33 13.94 -52.74
N VAL C 775 3.36 13.05 -52.52
CA VAL C 775 2.44 12.68 -53.58
C VAL C 775 1.50 13.84 -53.91
N ALA C 776 1.06 14.58 -52.89
CA ALA C 776 0.13 15.69 -53.12
C ALA C 776 0.80 16.92 -53.69
N ALA C 777 2.11 17.06 -53.54
CA ALA C 777 2.80 18.24 -54.07
C ALA C 777 3.02 18.19 -55.57
N ALA C 778 2.85 17.02 -56.19
CA ALA C 778 3.05 16.86 -57.63
C ALA C 778 1.79 16.43 -58.37
N ALA C 779 0.67 16.28 -57.68
CA ALA C 779 -0.58 15.88 -58.32
C ALA C 779 -1.08 16.94 -59.29
N HIS C 780 -1.58 16.50 -60.45
CA HIS C 780 -2.06 17.38 -61.52
C HIS C 780 -0.98 18.37 -61.93
N THR C 781 0.25 17.89 -62.01
CA THR C 781 1.36 18.64 -62.58
C THR C 781 2.10 17.75 -63.57
N GLU C 782 2.99 18.36 -64.36
CA GLU C 782 3.78 17.57 -65.29
C GLU C 782 4.76 16.65 -64.57
N TYR C 783 4.95 16.83 -63.26
CA TYR C 783 5.82 15.99 -62.46
C TYR C 783 5.04 14.93 -61.67
N ASP C 784 3.86 14.55 -62.15
CA ASP C 784 3.01 13.64 -61.39
C ASP C 784 3.68 12.28 -61.20
N THR C 785 3.64 11.78 -59.96
CA THR C 785 4.22 10.48 -59.65
C THR C 785 3.34 9.33 -60.10
N GLY C 786 2.02 9.53 -60.15
CA GLY C 786 1.10 8.48 -60.52
C GLY C 786 0.60 7.62 -59.38
N LEU C 787 0.95 7.96 -58.14
CA LEU C 787 0.53 7.17 -56.98
C LEU C 787 -0.82 7.67 -56.47
N SER C 788 -1.78 6.75 -56.35
CA SER C 788 -3.05 7.06 -55.71
C SER C 788 -2.84 7.61 -54.30
N LEU C 789 -3.54 8.69 -53.97
CA LEU C 789 -3.41 9.25 -52.63
C LEU C 789 -4.29 8.54 -51.61
N SER C 790 -5.47 8.09 -52.01
CA SER C 790 -6.31 7.30 -51.13
C SER C 790 -5.62 5.99 -50.73
N ALA C 791 -4.93 5.36 -51.68
CA ALA C 791 -4.24 4.11 -51.38
C ALA C 791 -3.14 4.32 -50.33
N VAL C 792 -2.38 5.41 -50.45
CA VAL C 792 -1.33 5.68 -49.47
C VAL C 792 -1.95 6.06 -48.13
N CYS C 793 -3.09 6.74 -48.15
CA CYS C 793 -3.71 7.14 -46.88
C CYS C 793 -4.36 5.95 -46.17
N ALA C 794 -4.74 4.92 -46.91
CA ALA C 794 -5.45 3.79 -46.32
C ALA C 794 -4.59 2.93 -45.40
N LEU C 795 -3.27 3.03 -45.47
CA LEU C 795 -2.38 2.18 -44.68
C LEU C 795 -1.90 2.85 -43.40
N GLU C 796 -2.27 4.11 -43.16
CA GLU C 796 -1.79 4.82 -41.99
C GLU C 796 -2.24 4.23 -40.64
N PRO C 797 -3.49 3.79 -40.46
CA PRO C 797 -3.89 3.28 -39.13
C PRO C 797 -3.08 2.10 -38.66
N TYR C 798 -2.63 1.22 -39.57
CA TYR C 798 -1.79 0.10 -39.17
C TYR C 798 -0.46 0.60 -38.60
N TRP C 799 0.14 1.60 -39.25
CA TRP C 799 1.40 2.17 -38.77
C TRP C 799 1.19 2.85 -37.42
N GLU C 800 0.05 3.54 -37.25
CA GLU C 800 -0.27 4.14 -35.96
C GLU C 800 -0.38 3.09 -34.85
N ALA C 801 -1.08 1.99 -35.12
CA ALA C 801 -1.21 0.93 -34.11
C ALA C 801 0.14 0.29 -33.81
N LEU C 802 0.95 0.07 -34.85
CA LEU C 802 2.27 -0.51 -34.64
C LEU C 802 3.14 0.39 -33.79
N ARG C 803 3.09 1.71 -34.03
CA ARG C 803 3.87 2.63 -33.22
C ARG C 803 3.36 2.66 -31.78
N LYS C 804 2.03 2.55 -31.61
CA LYS C 804 1.48 2.47 -30.25
C LYS C 804 1.95 1.22 -29.53
N VAL C 805 2.15 0.12 -30.26
CA VAL C 805 2.64 -1.11 -29.63
C VAL C 805 4.06 -0.90 -29.10
N TYR C 806 4.93 -0.26 -29.88
CA TYR C 806 6.31 -0.04 -29.48
C TYR C 806 6.42 1.22 -28.62
N ALA C 807 5.79 1.17 -27.44
CA ALA C 807 5.78 2.28 -26.50
C ALA C 807 7.05 2.33 -25.64
N PRO C 808 7.52 1.22 -25.06
CA PRO C 808 8.71 1.30 -24.20
C PRO C 808 9.96 1.75 -24.92
N PHE C 809 10.03 1.62 -26.25
CA PHE C 809 11.22 1.97 -27.02
C PHE C 809 11.06 3.30 -27.76
N GLU C 810 10.24 4.21 -27.23
CA GLU C 810 10.02 5.49 -27.88
C GLU C 810 11.16 6.45 -27.57
N SER C 811 11.70 7.09 -28.62
CA SER C 811 12.83 8.00 -28.43
C SER C 811 12.70 9.26 -29.30
N GLY C 812 11.50 9.60 -29.76
CA GLY C 812 11.34 10.77 -30.59
C GLY C 812 11.43 12.07 -29.81
N LEU C 813 11.85 13.12 -30.50
CA LEU C 813 11.95 14.44 -29.91
C LEU C 813 10.57 15.08 -29.78
N PRO C 814 10.43 16.08 -28.90
CA PRO C 814 9.16 16.81 -28.82
C PRO C 814 8.67 17.41 -30.13
N GLY C 815 9.57 17.94 -30.96
CA GLY C 815 9.17 18.54 -32.21
C GLY C 815 10.35 19.03 -33.04
N PRO C 816 10.16 20.13 -33.75
CA PRO C 816 11.26 20.70 -34.54
C PRO C 816 12.15 21.61 -33.73
N THR C 817 13.46 21.49 -33.97
CA THR C 817 14.47 22.28 -33.28
C THR C 817 15.22 23.15 -34.26
N GLY C 818 15.39 24.43 -33.92
CA GLY C 818 16.15 25.33 -34.75
C GLY C 818 17.65 25.24 -34.57
N ARG C 819 18.10 24.71 -33.42
CA ARG C 819 19.49 24.76 -33.02
C ARG C 819 20.40 23.89 -33.88
N VAL C 820 19.83 23.00 -34.71
CA VAL C 820 20.63 22.07 -35.50
C VAL C 820 21.57 22.79 -36.46
N TYR C 821 21.31 24.05 -36.77
CA TYR C 821 22.19 24.83 -37.63
C TYR C 821 23.54 25.12 -36.99
N HIS C 822 23.64 25.04 -35.66
CA HIS C 822 24.89 25.28 -34.97
C HIS C 822 25.61 24.00 -34.57
N HIS C 823 24.85 22.97 -34.16
CA HIS C 823 25.46 21.74 -33.64
C HIS C 823 25.06 20.55 -34.49
N GLU C 824 25.23 20.70 -35.82
CA GLU C 824 24.76 19.73 -36.81
C GLU C 824 25.09 18.30 -36.44
N ILE C 825 24.05 17.51 -36.18
CA ILE C 825 24.16 16.12 -35.74
C ILE C 825 23.18 15.30 -36.57
N PRO C 826 23.56 14.10 -37.03
CA PRO C 826 22.61 13.27 -37.78
C PRO C 826 21.38 12.94 -36.94
N GLY C 827 20.23 12.84 -37.63
CA GLY C 827 18.98 12.60 -36.93
C GLY C 827 18.93 11.27 -36.21
N GLY C 828 19.60 10.25 -36.75
CA GLY C 828 19.59 8.94 -36.13
C GLY C 828 20.36 8.87 -34.81
N GLN C 829 21.27 9.82 -34.57
CA GLN C 829 22.08 9.81 -33.36
C GLN C 829 21.48 10.67 -32.25
N LEU C 830 20.68 11.67 -32.62
CA LEU C 830 20.20 12.66 -31.64
C LEU C 830 19.33 12.01 -30.58
N SER C 831 18.52 11.02 -30.97
CA SER C 831 17.65 10.35 -30.01
C SER C 831 18.47 9.61 -28.96
N ASN C 832 19.44 8.81 -29.39
CA ASN C 832 20.32 8.12 -28.45
C ASN C 832 21.11 9.12 -27.61
N LEU C 833 21.42 10.29 -28.17
CA LEU C 833 22.15 11.27 -27.39
C LEU C 833 21.27 11.81 -26.27
N ARG C 834 19.99 12.06 -26.59
CA ARG C 834 19.04 12.52 -25.59
C ARG C 834 18.86 11.48 -24.48
N GLN C 835 18.75 10.21 -24.86
CA GLN C 835 18.63 9.16 -23.85
C GLN C 835 19.90 9.03 -23.01
N GLN C 836 21.08 9.10 -23.65
CA GLN C 836 22.33 9.00 -22.92
C GLN C 836 22.48 10.14 -21.92
N ALA C 837 22.14 11.37 -22.33
CA ALA C 837 22.21 12.48 -21.39
C ALA C 837 21.07 12.47 -20.38
N ILE C 838 19.97 11.76 -20.63
CA ILE C 838 19.04 11.56 -19.54
C ILE C 838 19.63 10.60 -18.50
N ALA C 839 20.27 9.54 -18.96
CA ALA C 839 20.55 8.38 -18.10
C ALA C 839 21.97 8.35 -17.56
N LEU C 840 22.83 9.26 -17.98
CA LEU C 840 24.24 9.27 -17.60
C LEU C 840 24.65 10.63 -17.04
N GLY C 841 23.84 11.15 -16.11
CA GLY C 841 24.21 12.37 -15.43
C GLY C 841 23.33 13.57 -15.74
N LEU C 842 23.94 14.62 -16.29
CA LEU C 842 23.24 15.89 -16.54
C LEU C 842 22.11 15.73 -17.55
N GLY C 843 20.88 15.85 -17.06
CA GLY C 843 19.71 15.69 -17.91
C GLY C 843 18.79 16.88 -17.91
N ASP C 844 18.80 17.67 -16.83
CA ASP C 844 18.00 18.88 -16.80
C ASP C 844 18.49 19.92 -17.80
N ARG C 845 19.80 20.01 -18.01
CA ARG C 845 20.36 20.96 -18.97
C ARG C 845 21.10 20.18 -20.05
N PHE C 846 20.69 20.37 -21.30
CA PHE C 846 21.26 19.65 -22.43
C PHE C 846 22.16 20.52 -23.30
N GLU C 847 22.27 21.80 -22.99
CA GLU C 847 23.10 22.70 -23.81
C GLU C 847 24.55 22.23 -23.84
N GLU C 848 25.10 21.87 -22.68
CA GLU C 848 26.53 21.59 -22.58
C GLU C 848 26.97 20.57 -23.63
N ILE C 849 26.13 19.57 -23.89
CA ILE C 849 26.45 18.57 -24.90
C ILE C 849 26.44 19.19 -26.30
N GLU C 850 25.54 20.14 -26.55
CA GLU C 850 25.51 20.84 -27.83
C GLU C 850 26.78 21.64 -28.09
N GLU C 851 27.11 22.60 -27.20
CA GLU C 851 28.35 23.31 -27.48
C GLU C 851 29.60 22.44 -27.31
N ALA C 852 29.50 21.30 -26.61
CA ALA C 852 30.66 20.42 -26.56
C ALA C 852 30.85 19.65 -27.87
N TYR C 853 29.75 19.23 -28.50
CA TYR C 853 29.83 18.68 -29.85
C TYR C 853 30.35 19.72 -30.83
N ALA C 854 29.90 20.96 -30.70
CA ALA C 854 30.43 22.03 -31.54
C ALA C 854 31.93 22.21 -31.36
N GLY C 855 32.39 22.24 -30.11
CA GLY C 855 33.81 22.40 -29.84
C GLY C 855 34.63 21.23 -30.36
N ALA C 856 34.15 20.01 -30.14
CA ALA C 856 34.86 18.84 -30.65
C ALA C 856 34.92 18.83 -32.17
N ASP C 857 33.85 19.26 -32.84
CA ASP C 857 33.88 19.36 -34.29
C ASP C 857 34.87 20.42 -34.75
N ARG C 858 34.94 21.56 -34.04
CA ARG C 858 35.86 22.61 -34.44
C ARG C 858 37.32 22.24 -34.17
N VAL C 859 37.56 21.41 -33.15
CA VAL C 859 38.94 21.02 -32.82
C VAL C 859 39.53 20.19 -33.95
N LEU C 860 38.78 19.22 -34.47
CA LEU C 860 39.27 18.37 -35.54
C LEU C 860 39.13 19.00 -36.93
N GLY C 861 38.54 20.19 -37.01
CA GLY C 861 38.54 20.92 -38.27
C GLY C 861 37.46 20.51 -39.25
N ARG C 862 36.19 20.65 -38.85
CA ARG C 862 35.04 20.54 -39.75
C ARG C 862 35.01 19.17 -40.44
N LEU C 863 34.78 18.14 -39.61
CA LEU C 863 34.73 16.78 -40.13
C LEU C 863 33.37 16.48 -40.75
N VAL C 864 33.37 15.58 -41.73
CA VAL C 864 32.16 15.10 -42.37
C VAL C 864 31.81 13.75 -41.77
N LYS C 865 30.78 13.73 -40.93
CA LYS C 865 30.43 12.55 -40.14
C LYS C 865 29.05 12.05 -40.58
N VAL C 866 28.93 10.72 -40.70
CA VAL C 866 27.59 10.14 -40.80
C VAL C 866 27.42 9.01 -39.79
N THR C 867 27.93 7.81 -40.08
CA THR C 867 28.05 6.80 -39.05
C THR C 867 29.42 6.79 -38.37
N PRO C 868 30.55 6.68 -39.13
CA PRO C 868 31.83 6.32 -38.51
C PRO C 868 32.38 7.44 -37.63
N THR C 869 32.48 8.63 -38.20
CA THR C 869 33.06 9.77 -37.52
C THR C 869 32.05 10.52 -36.65
N SER C 870 30.82 10.04 -36.58
CA SER C 870 29.85 10.61 -35.65
C SER C 870 30.10 10.15 -34.22
N LYS C 871 30.37 8.85 -34.04
CA LYS C 871 30.54 8.31 -32.70
C LYS C 871 31.83 8.79 -32.05
N VAL C 872 32.89 9.01 -32.83
CA VAL C 872 34.12 9.52 -32.24
C VAL C 872 33.90 10.92 -31.66
N VAL C 873 33.20 11.78 -32.39
CA VAL C 873 32.92 13.13 -31.91
C VAL C 873 31.96 13.08 -30.74
N GLY C 874 31.00 12.15 -30.76
CA GLY C 874 30.11 12.01 -29.61
C GLY C 874 30.84 11.62 -28.35
N ASP C 875 31.73 10.62 -28.45
CA ASP C 875 32.55 10.23 -27.31
C ASP C 875 33.47 11.36 -26.87
N LEU C 876 33.92 12.19 -27.82
CA LEU C 876 34.83 13.27 -27.44
C LEU C 876 34.08 14.37 -26.69
N ALA C 877 32.88 14.72 -27.14
CA ALA C 877 32.03 15.63 -26.39
C ALA C 877 31.70 15.05 -25.02
N LEU C 878 31.44 13.75 -24.95
CA LEU C 878 31.17 13.09 -23.67
C LEU C 878 32.34 13.26 -22.71
N ALA C 879 33.56 12.91 -23.16
CA ALA C 879 34.73 13.06 -22.30
C ALA C 879 34.97 14.53 -21.94
N LEU C 880 34.75 15.44 -22.89
CA LEU C 880 34.98 16.86 -22.64
C LEU C 880 34.05 17.38 -21.55
N VAL C 881 32.77 17.02 -21.63
CA VAL C 881 31.82 17.48 -20.63
C VAL C 881 32.08 16.80 -19.29
N GLY C 882 32.54 15.56 -19.31
CA GLY C 882 32.86 14.87 -18.06
C GLY C 882 34.17 15.26 -17.42
N ALA C 883 35.04 15.97 -18.15
CA ALA C 883 36.35 16.34 -17.64
C ALA C 883 36.48 17.84 -17.35
N GLY C 884 35.43 18.62 -17.57
CA GLY C 884 35.48 20.04 -17.27
C GLY C 884 36.18 20.89 -18.32
N VAL C 885 36.56 20.31 -19.45
CA VAL C 885 37.19 21.08 -20.53
C VAL C 885 36.12 21.97 -21.15
N SER C 886 36.25 23.29 -20.96
CA SER C 886 35.21 24.20 -21.41
C SER C 886 35.06 24.19 -22.92
N ALA C 887 36.03 24.73 -23.66
CA ALA C 887 36.00 24.66 -25.11
C ALA C 887 37.34 24.40 -25.78
N ASP C 888 38.47 24.79 -25.18
CA ASP C 888 39.72 24.84 -25.93
C ASP C 888 40.94 24.26 -25.22
N GLU C 889 40.93 24.09 -23.89
CA GLU C 889 42.15 23.67 -23.22
C GLU C 889 42.47 22.21 -23.44
N PHE C 890 41.59 21.45 -24.09
CA PHE C 890 41.93 20.08 -24.47
C PHE C 890 43.08 20.07 -25.46
N ALA C 891 43.10 21.02 -26.39
CA ALA C 891 44.19 21.15 -27.35
C ALA C 891 45.48 21.64 -26.71
N SER C 892 45.49 21.93 -25.41
CA SER C 892 46.68 22.39 -24.71
C SER C 892 47.43 21.26 -24.00
N ASP C 893 46.70 20.32 -23.39
CA ASP C 893 47.31 19.21 -22.67
C ASP C 893 46.58 17.91 -23.04
N PRO C 894 46.75 17.45 -24.29
CA PRO C 894 46.08 16.21 -24.70
C PRO C 894 46.58 14.99 -23.94
N ALA C 895 47.85 14.95 -23.55
CA ALA C 895 48.43 13.77 -22.93
C ALA C 895 47.95 13.53 -21.51
N ARG C 896 47.22 14.48 -20.91
CA ARG C 896 46.76 14.36 -19.53
C ARG C 896 45.28 14.04 -19.46
N PHE C 897 44.78 13.18 -20.36
CA PHE C 897 43.37 12.84 -20.41
C PHE C 897 43.21 11.37 -20.76
N GLY C 898 41.96 10.90 -20.68
CA GLY C 898 41.61 9.52 -20.96
C GLY C 898 40.92 9.35 -22.29
N ILE C 899 41.46 9.99 -23.33
CA ILE C 899 40.88 10.06 -24.68
C ILE C 899 40.36 8.69 -25.12
N PRO C 900 39.11 8.61 -25.59
CA PRO C 900 38.56 7.32 -26.00
C PRO C 900 39.33 6.72 -27.16
N GLU C 901 39.42 5.39 -27.18
CA GLU C 901 40.25 4.71 -28.16
C GLU C 901 39.76 4.94 -29.60
N SER C 902 38.47 5.20 -29.79
CA SER C 902 38.02 5.52 -31.14
C SER C 902 38.70 6.78 -31.68
N VAL C 903 39.02 7.72 -30.78
CA VAL C 903 39.64 8.97 -31.19
C VAL C 903 41.09 8.73 -31.59
N LEU C 904 41.81 7.92 -30.81
CA LEU C 904 43.17 7.54 -31.18
C LEU C 904 43.17 6.78 -32.50
N GLY C 905 42.16 5.94 -32.73
CA GLY C 905 42.10 5.22 -34.00
C GLY C 905 41.78 6.12 -35.17
N PHE C 906 41.01 7.18 -34.94
CA PHE C 906 40.84 8.21 -35.96
C PHE C 906 42.16 8.90 -36.26
N LEU C 907 42.87 9.34 -35.21
CA LEU C 907 44.15 10.01 -35.39
C LEU C 907 45.19 9.10 -36.04
N ARG C 908 45.04 7.79 -35.89
CA ARG C 908 46.01 6.88 -36.52
C ARG C 908 45.89 6.88 -38.03
N GLY C 909 44.68 7.00 -38.55
CA GLY C 909 44.48 7.16 -39.98
C GLY C 909 44.03 5.91 -40.71
N GLU C 910 43.13 5.12 -40.11
CA GLU C 910 42.54 3.99 -40.79
C GLU C 910 41.18 4.30 -41.42
N LEU C 911 40.61 5.46 -41.14
CA LEU C 911 39.37 5.90 -41.78
C LEU C 911 39.61 6.76 -43.01
N GLY C 912 40.86 7.00 -43.38
CA GLY C 912 41.19 7.84 -44.51
C GLY C 912 41.81 9.16 -44.10
N ASP C 913 41.60 10.20 -44.91
CA ASP C 913 42.12 11.51 -44.57
C ASP C 913 40.99 12.53 -44.54
N PRO C 914 41.07 13.53 -43.66
CA PRO C 914 40.01 14.53 -43.58
C PRO C 914 39.95 15.37 -44.84
N PRO C 915 38.78 15.91 -45.19
CA PRO C 915 38.66 16.68 -46.43
C PRO C 915 39.44 17.98 -46.37
N GLY C 916 39.22 18.75 -45.30
CA GLY C 916 39.92 20.01 -45.13
C GLY C 916 41.41 19.83 -44.89
N GLY C 917 41.76 18.87 -44.06
CA GLY C 917 43.17 18.60 -43.78
C GLY C 917 43.35 18.17 -42.34
N TRP C 918 44.58 17.75 -42.05
CA TRP C 918 44.91 17.27 -40.71
C TRP C 918 44.87 18.43 -39.72
N PRO C 919 44.12 18.32 -38.63
CA PRO C 919 43.99 19.45 -37.70
C PRO C 919 45.09 19.48 -36.65
N GLU C 920 46.20 18.78 -36.90
CA GLU C 920 47.25 18.59 -35.89
C GLU C 920 48.59 19.16 -36.38
N PRO C 921 48.72 20.49 -36.40
CA PRO C 921 50.07 21.07 -36.50
C PRO C 921 50.69 21.23 -35.12
N LEU C 922 49.84 21.30 -34.09
CA LEU C 922 50.27 21.34 -32.71
C LEU C 922 49.52 20.36 -31.81
N ARG C 923 48.47 19.70 -32.31
CA ARG C 923 47.67 18.80 -31.49
C ARG C 923 48.50 17.62 -30.99
N THR C 924 48.97 16.78 -31.92
CA THR C 924 49.87 15.68 -31.61
C THR C 924 50.96 15.64 -32.68
N ALA C 925 52.16 15.23 -32.25
CA ALA C 925 53.27 15.12 -33.19
C ALA C 925 53.01 14.00 -34.19
N ALA C 926 52.90 12.77 -33.71
CA ALA C 926 52.38 11.66 -34.48
C ALA C 926 51.15 11.04 -33.84
N LEU C 927 51.26 10.65 -32.57
CA LEU C 927 50.13 10.11 -31.81
C LEU C 927 50.12 10.59 -30.36
N ALA C 928 51.03 11.49 -29.98
CA ALA C 928 51.26 11.94 -28.60
C ALA C 928 51.93 10.86 -27.76
N GLY C 929 52.73 10.01 -28.40
CA GLY C 929 53.54 9.02 -27.71
C GLY C 929 52.73 8.01 -26.93
N ARG C 930 51.69 7.46 -27.56
CA ARG C 930 50.86 6.46 -26.90
C ARG C 930 51.47 5.07 -27.03
N GLY C 931 51.72 4.64 -28.26
CA GLY C 931 52.20 3.31 -28.57
C GLY C 931 52.22 2.97 -30.05
N ALA C 932 51.75 1.76 -30.38
CA ALA C 932 51.72 1.31 -31.77
C ALA C 932 50.31 0.87 -32.15
N ALA C 933 50.17 0.24 -33.32
CA ALA C 933 48.88 -0.19 -33.82
C ALA C 933 48.81 -1.71 -33.85
N ARG C 934 47.62 -2.24 -33.54
CA ARG C 934 47.52 -3.69 -33.38
C ARG C 934 47.51 -4.41 -34.72
N PRO C 935 48.08 -5.61 -34.77
CA PRO C 935 48.14 -6.38 -36.01
C PRO C 935 46.76 -6.93 -36.38
N THR C 936 46.68 -7.45 -37.60
CA THR C 936 45.47 -8.09 -38.12
C THR C 936 45.83 -9.50 -38.58
N ALA C 937 45.02 -10.48 -38.20
CA ALA C 937 45.32 -11.86 -38.53
C ALA C 937 44.70 -12.23 -39.88
N GLN C 938 45.44 -13.02 -40.66
CA GLN C 938 44.95 -13.47 -41.96
C GLN C 938 43.82 -14.49 -41.79
N LEU C 939 42.87 -14.45 -42.73
CA LEU C 939 41.75 -15.38 -42.70
C LEU C 939 42.23 -16.83 -42.85
N ALA C 940 41.54 -17.73 -42.19
CA ALA C 940 41.88 -19.15 -42.25
C ALA C 940 41.34 -19.79 -43.53
N ALA C 941 42.13 -20.71 -44.09
CA ALA C 941 41.86 -21.24 -45.42
C ALA C 941 40.45 -21.81 -45.56
N ASP C 942 39.91 -22.42 -44.50
CA ASP C 942 38.57 -22.98 -44.59
C ASP C 942 37.53 -21.90 -44.82
N ASP C 943 37.74 -20.70 -44.29
CA ASP C 943 36.78 -19.64 -44.49
C ASP C 943 36.79 -19.18 -45.94
N GLU C 944 37.97 -19.06 -46.54
CA GLU C 944 38.08 -18.72 -47.96
C GLU C 944 37.43 -19.81 -48.80
N ILE C 945 37.59 -21.07 -48.40
CA ILE C 945 36.94 -22.18 -49.09
C ILE C 945 35.43 -22.03 -49.02
N ALA C 946 34.89 -21.76 -47.82
CA ALA C 946 33.44 -21.71 -47.69
C ALA C 946 32.84 -20.45 -48.30
N LEU C 947 33.63 -19.39 -48.49
CA LEU C 947 33.14 -18.14 -49.05
C LEU C 947 32.91 -18.19 -50.54
N SER C 948 33.35 -19.25 -51.23
CA SER C 948 33.29 -19.31 -52.67
C SER C 948 32.00 -19.95 -53.17
N SER C 949 31.33 -20.74 -52.33
CA SER C 949 30.07 -21.40 -52.64
C SER C 949 28.90 -20.64 -52.04
N VAL C 950 27.75 -20.74 -52.71
CA VAL C 950 26.53 -20.03 -52.34
C VAL C 950 25.63 -20.98 -51.55
N GLY C 951 25.15 -20.52 -50.41
CA GLY C 951 24.28 -21.33 -49.59
C GLY C 951 24.22 -20.79 -48.17
N ALA C 952 23.52 -21.54 -47.31
CA ALA C 952 23.40 -21.14 -45.92
C ALA C 952 24.74 -21.18 -45.20
N LYS C 953 25.68 -22.01 -45.68
CA LYS C 953 26.99 -22.06 -45.07
C LYS C 953 27.72 -20.72 -45.21
N ARG C 954 27.64 -20.10 -46.39
CA ARG C 954 28.26 -18.80 -46.58
C ARG C 954 27.63 -17.75 -45.68
N GLN C 955 26.30 -17.81 -45.53
CA GLN C 955 25.61 -16.85 -44.67
C GLN C 955 26.03 -17.01 -43.21
N ALA C 956 26.11 -18.25 -42.73
CA ALA C 956 26.58 -18.48 -41.37
C ALA C 956 28.01 -18.02 -41.20
N THR C 957 28.86 -18.24 -42.20
CA THR C 957 30.26 -17.85 -42.10
C THR C 957 30.41 -16.33 -42.08
N LEU C 958 29.57 -15.63 -42.84
CA LEU C 958 29.55 -14.17 -42.77
C LEU C 958 29.05 -13.69 -41.42
N ASN C 959 28.00 -14.33 -40.88
CA ASN C 959 27.47 -13.91 -39.59
C ASN C 959 28.52 -14.06 -38.50
N ARG C 960 29.24 -15.19 -38.50
CA ARG C 960 30.27 -15.41 -37.50
C ARG C 960 31.49 -14.53 -37.71
N LEU C 961 31.85 -14.24 -38.97
CA LEU C 961 33.01 -13.41 -39.24
C LEU C 961 32.75 -11.92 -38.99
N LEU C 962 31.49 -11.49 -39.00
CA LEU C 962 31.20 -10.07 -38.80
C LEU C 962 30.95 -9.74 -37.33
N PHE C 963 30.03 -10.44 -36.68
CA PHE C 963 29.68 -10.19 -35.28
C PHE C 963 29.73 -11.51 -34.52
N PRO C 964 30.90 -11.89 -34.02
CA PRO C 964 31.03 -13.21 -33.37
C PRO C 964 30.17 -13.40 -32.12
N SER C 965 30.29 -12.49 -31.15
CA SER C 965 29.65 -12.71 -29.85
C SER C 965 28.13 -12.74 -29.96
N PRO C 966 27.47 -11.81 -30.67
CA PRO C 966 26.00 -11.85 -30.72
C PRO C 966 25.48 -12.97 -31.57
N THR C 967 26.20 -13.38 -32.62
CA THR C 967 25.75 -14.54 -33.39
C THR C 967 25.93 -15.83 -32.59
N LYS C 968 26.92 -15.88 -31.70
CA LYS C 968 27.05 -17.05 -30.83
C LYS C 968 25.94 -17.09 -29.79
N GLU C 969 25.61 -15.93 -29.22
CA GLU C 969 24.44 -15.84 -28.35
C GLU C 969 23.16 -16.24 -29.09
N PHE C 970 23.00 -15.79 -30.33
CA PHE C 970 21.82 -16.13 -31.12
C PHE C 970 21.76 -17.63 -31.39
N ASN C 971 22.91 -18.24 -31.69
CA ASN C 971 22.94 -19.69 -31.90
C ASN C 971 22.57 -20.45 -30.63
N GLU C 972 23.09 -20.02 -29.48
CA GLU C 972 22.70 -20.66 -28.23
C GLU C 972 21.21 -20.49 -27.96
N HIS C 973 20.67 -19.29 -28.20
CA HIS C 973 19.25 -19.06 -27.96
C HIS C 973 18.38 -19.92 -28.87
N ARG C 974 18.79 -20.05 -30.14
CA ARG C 974 18.03 -20.84 -31.10
C ARG C 974 18.10 -22.33 -30.77
N GLU C 975 19.25 -22.80 -30.29
CA GLU C 975 19.31 -24.17 -29.78
C GLU C 975 18.39 -24.36 -28.57
N ALA C 976 18.36 -23.39 -27.68
CA ALA C 976 17.60 -23.56 -26.43
C ALA C 976 16.10 -23.53 -26.69
N TYR C 977 15.63 -22.56 -27.48
CA TYR C 977 14.22 -22.24 -27.56
C TYR C 977 13.67 -22.35 -28.98
N GLY C 978 14.31 -23.15 -29.82
CA GLY C 978 13.82 -23.34 -31.18
C GLY C 978 13.78 -22.03 -31.96
N ASP C 979 12.74 -21.91 -32.79
CA ASP C 979 12.54 -20.75 -33.65
C ASP C 979 11.39 -19.92 -33.11
N THR C 980 11.71 -18.68 -32.70
CA THR C 980 10.73 -17.77 -32.12
C THR C 980 10.52 -16.52 -32.99
N SER C 981 11.02 -16.52 -34.22
CA SER C 981 10.86 -15.37 -35.09
C SER C 981 9.44 -15.23 -35.64
N GLN C 982 8.59 -16.23 -35.44
CA GLN C 982 7.22 -16.19 -35.91
C GLN C 982 6.26 -15.58 -34.89
N LEU C 983 6.74 -15.23 -33.70
CA LEU C 983 5.90 -14.65 -32.66
C LEU C 983 5.64 -13.19 -32.96
N SER C 984 4.62 -12.64 -32.30
CA SER C 984 4.27 -11.24 -32.46
C SER C 984 5.05 -10.40 -31.45
N ALA C 985 4.94 -9.08 -31.57
CA ALA C 985 5.62 -8.20 -30.62
C ALA C 985 5.06 -8.38 -29.21
N ASN C 986 3.75 -8.60 -29.10
CA ASN C 986 3.11 -8.69 -27.80
C ASN C 986 3.57 -9.93 -27.02
N GLN C 987 3.53 -11.09 -27.66
CA GLN C 987 4.01 -12.32 -27.04
C GLN C 987 5.51 -12.25 -26.77
N PHE C 988 6.28 -11.72 -27.73
CA PHE C 988 7.73 -11.73 -27.59
C PHE C 988 8.19 -10.83 -26.44
N PHE C 989 7.58 -9.66 -26.29
CA PHE C 989 8.06 -8.69 -25.31
C PHE C 989 7.33 -8.75 -23.98
N TYR C 990 6.07 -9.17 -23.96
CA TYR C 990 5.28 -9.11 -22.73
C TYR C 990 4.98 -10.49 -22.15
N GLY C 991 4.31 -11.35 -22.92
CA GLY C 991 4.05 -12.71 -22.47
C GLY C 991 2.65 -13.19 -22.74
N LEU C 992 2.07 -13.91 -21.78
CA LEU C 992 0.69 -14.43 -21.95
C LEU C 992 -0.23 -13.75 -20.92
N ARG C 993 -1.51 -13.66 -21.20
CA ARG C 993 -2.50 -13.08 -20.27
C ARG C 993 -3.71 -14.03 -20.21
N GLN C 994 -4.59 -13.90 -19.24
CA GLN C 994 -5.68 -14.89 -19.05
C GLN C 994 -6.97 -14.49 -19.78
N GLY C 995 -7.57 -15.42 -20.51
CA GLY C 995 -8.78 -15.14 -21.29
C GLY C 995 -8.46 -14.88 -22.75
N GLU C 996 -7.19 -14.98 -23.13
CA GLU C 996 -6.77 -14.60 -24.50
C GLU C 996 -6.05 -15.74 -25.24
N GLU C 997 -6.56 -16.13 -26.41
CA GLU C 997 -5.98 -17.22 -27.24
C GLU C 997 -5.08 -16.69 -28.35
N HIS C 998 -3.89 -17.25 -28.46
CA HIS C 998 -2.92 -16.83 -29.46
C HIS C 998 -2.72 -17.92 -30.50
N ARG C 999 -2.57 -17.51 -31.76
CA ARG C 999 -2.30 -18.43 -32.86
C ARG C 999 -0.88 -18.17 -33.37
N VAL C 1000 -0.07 -19.23 -33.41
CA VAL C 1000 1.32 -19.15 -33.84
C VAL C 1000 1.50 -20.14 -35.00
N LYS C 1001 1.97 -19.63 -36.13
CA LYS C 1001 2.10 -20.44 -37.34
C LYS C 1001 3.48 -21.08 -37.38
N LEU C 1002 3.50 -22.42 -37.39
CA LEU C 1002 4.74 -23.17 -37.52
C LEU C 1002 5.04 -23.54 -38.96
N GLU C 1003 4.10 -24.20 -39.65
CA GLU C 1003 4.26 -24.55 -41.05
C GLU C 1003 2.93 -24.35 -41.76
N ARG C 1004 2.91 -24.64 -43.06
CA ARG C 1004 1.69 -24.53 -43.86
C ARG C 1004 0.71 -25.59 -43.40
N GLY C 1005 -0.37 -25.17 -42.74
CA GLY C 1005 -1.30 -26.08 -42.15
C GLY C 1005 -0.94 -26.54 -40.76
N VAL C 1006 0.19 -26.11 -40.21
CA VAL C 1006 0.64 -26.50 -38.88
C VAL C 1006 0.64 -25.25 -38.02
N GLU C 1007 -0.39 -25.10 -37.20
CA GLU C 1007 -0.58 -23.93 -36.34
C GLU C 1007 -0.80 -24.39 -34.90
N LEU C 1008 -0.38 -23.54 -33.96
CA LEU C 1008 -0.45 -23.84 -32.53
C LEU C 1008 -1.29 -22.78 -31.82
N LEU C 1009 -2.17 -23.24 -30.93
CA LEU C 1009 -3.10 -22.38 -30.21
C LEU C 1009 -2.73 -22.39 -28.72
N ILE C 1010 -2.27 -21.25 -28.22
CA ILE C 1010 -1.66 -21.15 -26.90
C ILE C 1010 -2.49 -20.22 -26.03
N GLY C 1011 -2.66 -20.60 -24.76
CA GLY C 1011 -3.36 -19.79 -23.79
C GLY C 1011 -2.83 -20.04 -22.39
N LEU C 1012 -3.36 -19.27 -21.43
CA LEU C 1012 -2.92 -19.34 -20.05
C LEU C 1012 -4.11 -19.73 -19.17
N GLU C 1013 -3.82 -20.43 -18.06
CA GLU C 1013 -4.84 -20.82 -17.10
C GLU C 1013 -4.59 -20.23 -15.72
N ALA C 1014 -3.42 -20.47 -15.13
CA ALA C 1014 -3.22 -19.93 -13.78
C ALA C 1014 -1.74 -20.00 -13.40
N ILE C 1015 -1.39 -19.30 -12.31
CA ILE C 1015 0.00 -19.25 -11.87
C ILE C 1015 0.00 -19.39 -10.35
N SER C 1016 0.91 -20.22 -9.83
CA SER C 1016 1.02 -20.43 -8.40
C SER C 1016 2.13 -19.56 -7.81
N GLU C 1017 1.97 -19.20 -6.54
CA GLU C 1017 2.98 -18.42 -5.86
C GLU C 1017 4.21 -19.28 -5.55
N PRO C 1018 5.39 -18.68 -5.46
CA PRO C 1018 6.62 -19.48 -5.32
C PRO C 1018 6.69 -20.22 -4.00
N ASP C 1019 7.30 -21.40 -4.06
CA ASP C 1019 7.51 -22.25 -2.91
C ASP C 1019 8.71 -21.74 -2.11
N GLU C 1020 9.26 -22.57 -1.23
CA GLU C 1020 10.43 -22.16 -0.46
C GLU C 1020 11.62 -21.85 -1.38
N ARG C 1021 11.65 -22.45 -2.57
CA ARG C 1021 12.63 -22.08 -3.58
C ARG C 1021 12.16 -20.84 -4.36
N GLY C 1022 12.80 -20.55 -5.47
CA GLY C 1022 12.33 -19.48 -6.34
C GLY C 1022 11.49 -20.01 -7.49
N MET C 1023 10.98 -21.23 -7.36
CA MET C 1023 10.34 -21.93 -8.46
C MET C 1023 8.82 -21.76 -8.36
N ARG C 1024 8.19 -21.46 -9.50
CA ARG C 1024 6.75 -21.37 -9.62
C ARG C 1024 6.27 -22.35 -10.69
N THR C 1025 4.99 -22.69 -10.63
CA THR C 1025 4.35 -23.55 -11.62
C THR C 1025 3.28 -22.76 -12.34
N VAL C 1026 3.35 -22.76 -13.67
CA VAL C 1026 2.41 -22.03 -14.52
C VAL C 1026 1.61 -23.08 -15.27
N MET C 1027 0.29 -23.01 -15.17
CA MET C 1027 -0.61 -23.89 -15.91
C MET C 1027 -1.08 -23.17 -17.16
N CYS C 1028 -0.75 -23.73 -18.33
CA CYS C 1028 -1.08 -23.16 -19.62
C CYS C 1028 -1.93 -24.15 -20.42
N ILE C 1029 -2.42 -23.68 -21.56
CA ILE C 1029 -3.23 -24.49 -22.46
C ILE C 1029 -2.55 -24.51 -23.82
N LEU C 1030 -2.33 -25.71 -24.35
CA LEU C 1030 -1.76 -25.92 -25.68
C LEU C 1030 -2.66 -26.88 -26.44
N ASN C 1031 -3.23 -26.39 -27.54
CA ASN C 1031 -4.14 -27.17 -28.38
C ASN C 1031 -5.30 -27.75 -27.56
N GLY C 1032 -5.77 -26.95 -26.59
CA GLY C 1032 -6.86 -27.39 -25.75
C GLY C 1032 -6.49 -28.40 -24.68
N GLN C 1033 -5.20 -28.52 -24.36
CA GLN C 1033 -4.74 -29.47 -23.35
C GLN C 1033 -3.95 -28.74 -22.27
N LEU C 1034 -4.14 -29.16 -21.02
CA LEU C 1034 -3.47 -28.51 -19.90
C LEU C 1034 -2.01 -28.94 -19.82
N ARG C 1035 -1.14 -27.97 -19.52
CA ARG C 1035 0.30 -28.22 -19.42
C ARG C 1035 0.89 -27.45 -18.24
N PRO C 1036 1.49 -28.15 -17.26
CA PRO C 1036 2.23 -27.44 -16.21
C PRO C 1036 3.68 -27.21 -16.57
N VAL C 1037 4.19 -26.01 -16.34
CA VAL C 1037 5.57 -25.65 -16.65
C VAL C 1037 6.21 -25.09 -15.38
N LEU C 1038 7.41 -25.57 -15.06
CA LEU C 1038 8.14 -25.12 -13.88
C LEU C 1038 9.13 -24.04 -14.30
N VAL C 1039 9.04 -22.86 -13.68
CA VAL C 1039 9.83 -21.71 -14.06
C VAL C 1039 10.48 -21.12 -12.82
N ARG C 1040 11.53 -20.33 -13.05
CA ARG C 1040 12.29 -19.68 -11.99
C ARG C 1040 11.98 -18.20 -11.95
N ASP C 1041 11.59 -17.71 -10.79
CA ASP C 1041 11.28 -16.29 -10.58
C ASP C 1041 12.52 -15.61 -10.02
N ARG C 1042 13.22 -14.85 -10.85
CA ARG C 1042 14.46 -14.20 -10.44
C ARG C 1042 14.22 -12.98 -9.55
N SER C 1043 12.97 -12.57 -9.36
CA SER C 1043 12.70 -11.39 -8.54
C SER C 1043 12.95 -11.66 -7.07
N ILE C 1044 12.50 -12.82 -6.56
CA ILE C 1044 12.63 -13.14 -5.14
C ILE C 1044 13.96 -13.79 -4.81
N ALA C 1045 14.72 -14.23 -5.81
CA ALA C 1045 16.02 -14.87 -5.61
C ALA C 1045 15.94 -16.07 -4.67
N MET D 1 8.40 45.03 55.06
CA MET D 1 7.18 45.08 54.27
C MET D 1 6.46 43.74 54.27
N PHE D 2 5.48 43.60 53.39
CA PHE D 2 4.73 42.35 53.30
C PHE D 2 5.61 41.24 52.74
N SER D 3 5.48 40.04 53.32
CA SER D 3 6.23 38.89 52.82
C SER D 3 5.62 38.36 51.52
N LYS D 4 4.29 38.33 51.43
CA LYS D 4 3.61 37.80 50.26
C LYS D 4 2.30 38.54 50.07
N VAL D 5 1.87 38.64 48.80
CA VAL D 5 0.63 39.34 48.44
C VAL D 5 -0.10 38.50 47.40
N LEU D 6 -1.42 38.44 47.52
CA LEU D 6 -2.28 37.74 46.57
C LEU D 6 -3.07 38.77 45.76
N VAL D 7 -3.11 38.59 44.45
CA VAL D 7 -3.82 39.49 43.55
C VAL D 7 -5.05 38.77 43.04
N ALA D 8 -6.22 39.26 43.44
CA ALA D 8 -7.50 38.68 43.02
C ALA D 8 -8.09 39.46 41.84
N ASN D 9 -7.36 39.44 40.73
CA ASN D 9 -7.79 40.14 39.53
C ASN D 9 -7.20 39.44 38.31
N ARG D 10 -7.50 39.97 37.13
CA ARG D 10 -7.11 39.37 35.87
C ARG D 10 -6.69 40.45 34.89
N GLY D 11 -5.75 40.11 34.00
CA GLY D 11 -5.38 41.00 32.93
C GLY D 11 -4.10 41.78 33.14
N GLU D 12 -4.04 42.97 32.57
CA GLU D 12 -2.82 43.78 32.64
C GLU D 12 -2.62 44.40 34.02
N ILE D 13 -3.71 44.62 34.77
CA ILE D 13 -3.57 45.18 36.11
C ILE D 13 -2.85 44.19 37.03
N ALA D 14 -3.10 42.90 36.85
CA ALA D 14 -2.40 41.89 37.63
C ALA D 14 -0.90 41.91 37.32
N ILE D 15 -0.54 42.07 36.05
CA ILE D 15 0.87 42.12 35.67
C ILE D 15 1.52 43.38 36.22
N ARG D 16 0.79 44.50 36.20
CA ARG D 16 1.32 45.73 36.79
C ARG D 16 1.56 45.57 38.29
N ALA D 17 0.61 44.93 38.99
CA ALA D 17 0.79 44.68 40.42
C ALA D 17 1.98 43.75 40.67
N PHE D 18 2.15 42.73 39.82
CA PHE D 18 3.28 41.82 39.97
C PHE D 18 4.60 42.55 39.78
N ARG D 19 4.67 43.43 38.77
CA ARG D 19 5.90 44.21 38.55
C ARG D 19 6.19 45.12 39.74
N ALA D 20 5.15 45.79 40.25
CA ALA D 20 5.35 46.67 41.40
C ALA D 20 5.82 45.88 42.62
N ALA D 21 5.24 44.70 42.84
CA ALA D 21 5.65 43.87 43.98
C ALA D 21 7.08 43.39 43.82
N TYR D 22 7.47 42.99 42.61
CA TYR D 22 8.85 42.55 42.39
C TYR D 22 9.83 43.68 42.59
N GLU D 23 9.44 44.90 42.23
CA GLU D 23 10.29 46.06 42.50
C GLU D 23 10.50 46.27 43.99
N LEU D 24 9.51 45.89 44.80
CA LEU D 24 9.59 46.03 46.25
C LEU D 24 10.08 44.77 46.95
N GLY D 25 10.43 43.72 46.21
CA GLY D 25 10.89 42.48 46.81
C GLY D 25 9.81 41.73 47.58
N VAL D 26 8.61 41.62 47.02
CA VAL D 26 7.49 40.93 47.66
C VAL D 26 7.04 39.80 46.76
N GLY D 27 6.81 38.62 47.36
CA GLY D 27 6.30 37.49 46.60
C GLY D 27 4.88 37.70 46.14
N THR D 28 4.50 36.94 45.11
CA THR D 28 3.20 37.09 44.46
C THR D 28 2.51 35.75 44.31
N VAL D 29 1.18 35.78 44.42
CA VAL D 29 0.34 34.60 44.27
C VAL D 29 -0.81 34.96 43.33
N ALA D 30 -1.15 34.04 42.43
CA ALA D 30 -2.21 34.25 41.45
C ALA D 30 -3.26 33.15 41.52
N VAL D 31 -4.49 33.50 41.17
CA VAL D 31 -5.61 32.57 41.14
C VAL D 31 -6.29 32.67 39.79
N TYR D 32 -6.63 31.52 39.22
CA TYR D 32 -7.23 31.47 37.89
C TYR D 32 -8.33 30.42 37.83
N PRO D 33 -9.35 30.64 37.02
CA PRO D 33 -10.33 29.58 36.74
C PRO D 33 -9.81 28.62 35.69
N TYR D 34 -10.55 27.52 35.53
CA TYR D 34 -10.16 26.51 34.53
C TYR D 34 -10.25 27.07 33.12
N GLU D 35 -11.29 27.84 32.82
CA GLU D 35 -11.48 28.37 31.48
C GLU D 35 -10.47 29.44 31.11
N ASP D 36 -9.71 29.96 32.06
CA ASP D 36 -8.72 31.00 31.81
C ASP D 36 -7.32 30.51 32.17
N ARG D 37 -7.05 29.23 31.91
CA ARG D 37 -5.75 28.66 32.22
C ARG D 37 -4.65 29.14 31.28
N ASN D 38 -5.02 29.69 30.13
CA ASN D 38 -4.06 30.11 29.12
C ASN D 38 -3.73 31.60 29.19
N SER D 39 -4.15 32.28 30.25
CA SER D 39 -3.83 33.69 30.40
C SER D 39 -2.36 33.88 30.75
N GLN D 40 -1.82 35.05 30.41
CA GLN D 40 -0.41 35.32 30.64
C GLN D 40 -0.11 35.50 32.11
N HIS D 41 -1.01 36.14 32.86
CA HIS D 41 -0.75 36.46 34.26
C HIS D 41 -0.53 35.21 35.10
N ARG D 42 -0.99 34.05 34.63
CA ARG D 42 -0.73 32.82 35.36
C ARG D 42 0.76 32.49 35.39
N LEU D 43 1.47 32.70 34.28
CA LEU D 43 2.88 32.35 34.21
C LEU D 43 3.80 33.49 34.61
N LYS D 44 3.25 34.64 34.99
CA LYS D 44 4.05 35.77 35.43
C LYS D 44 4.21 35.84 36.94
N ALA D 45 3.57 34.94 37.69
CA ALA D 45 3.61 34.93 39.14
C ALA D 45 4.46 33.79 39.65
N ASP D 46 4.88 33.91 40.91
CA ASP D 46 5.69 32.86 41.53
C ASP D 46 4.89 31.59 41.74
N GLU D 47 3.64 31.72 42.21
CA GLU D 47 2.78 30.57 42.44
C GLU D 47 1.39 30.86 41.90
N SER D 48 0.73 29.84 41.38
CA SER D 48 -0.61 29.96 40.83
C SER D 48 -1.49 28.83 41.34
N TYR D 49 -2.78 29.14 41.54
CA TYR D 49 -3.74 28.17 42.04
C TYR D 49 -5.05 28.31 41.28
N GLN D 50 -5.79 27.20 41.22
CA GLN D 50 -7.05 27.13 40.50
C GLN D 50 -8.20 27.26 41.49
N ILE D 51 -9.20 28.08 41.13
CA ILE D 51 -10.35 28.34 41.98
C ILE D 51 -11.63 28.13 41.17
N GLY D 52 -12.72 27.91 41.89
CA GLY D 52 -14.03 27.78 41.27
C GLY D 52 -14.31 26.36 40.79
N ASP D 53 -15.54 26.17 40.32
CA ASP D 53 -15.99 24.90 39.80
C ASP D 53 -15.75 24.84 38.29
N ILE D 54 -16.30 23.82 37.62
CA ILE D 54 -16.05 23.62 36.19
C ILE D 54 -16.84 24.57 35.31
N GLY D 55 -17.79 25.31 35.88
CA GLY D 55 -18.57 26.28 35.12
C GLY D 55 -18.54 27.65 35.76
N HIS D 56 -19.18 28.60 35.08
CA HIS D 56 -19.32 29.98 35.54
C HIS D 56 -17.95 30.60 35.84
N PRO D 57 -17.13 30.86 34.82
CA PRO D 57 -15.82 31.47 35.07
C PRO D 57 -15.91 32.84 35.72
N VAL D 58 -16.93 33.64 35.38
CA VAL D 58 -17.04 34.98 35.95
C VAL D 58 -17.36 34.92 37.44
N HIS D 59 -18.24 33.99 37.84
CA HIS D 59 -18.61 33.86 39.24
C HIS D 59 -17.46 33.36 40.10
N ALA D 60 -16.44 32.75 39.50
CA ALA D 60 -15.31 32.25 40.28
C ALA D 60 -14.56 33.39 40.96
N TYR D 61 -14.38 34.50 40.26
CA TYR D 61 -13.68 35.65 40.84
C TYR D 61 -14.51 36.36 41.90
N LEU D 62 -15.83 36.19 41.88
CA LEU D 62 -16.70 36.81 42.88
C LEU D 62 -17.06 35.78 43.97
N SER D 63 -16.04 35.35 44.71
CA SER D 63 -16.20 34.37 45.78
C SER D 63 -15.21 34.74 46.88
N VAL D 64 -15.69 35.48 47.88
CA VAL D 64 -14.80 36.01 48.92
C VAL D 64 -14.19 34.88 49.74
N ASP D 65 -15.02 33.91 50.15
CA ASP D 65 -14.55 32.87 51.06
C ASP D 65 -13.45 32.02 50.43
N GLU D 66 -13.62 31.65 49.15
CA GLU D 66 -12.62 30.83 48.49
C GLU D 66 -11.29 31.56 48.36
N ILE D 67 -11.33 32.84 48.00
CA ILE D 67 -10.09 33.62 47.88
C ILE D 67 -9.41 33.77 49.23
N VAL D 68 -10.19 34.02 50.29
CA VAL D 68 -9.61 34.15 51.62
C VAL D 68 -8.97 32.83 52.05
N ALA D 69 -9.65 31.71 51.79
CA ALA D 69 -9.09 30.41 52.15
C ALA D 69 -7.81 30.12 51.37
N THR D 70 -7.79 30.46 50.08
CA THR D 70 -6.59 30.24 49.28
C THR D 70 -5.42 31.11 49.78
N ALA D 71 -5.71 32.37 50.13
CA ALA D 71 -4.67 33.24 50.67
C ALA D 71 -4.14 32.70 51.99
N ARG D 72 -5.03 32.20 52.85
CA ARG D 72 -4.60 31.63 54.12
C ARG D 72 -3.75 30.40 53.91
N ARG D 73 -4.13 29.55 52.95
CA ARG D 73 -3.36 28.34 52.67
C ARG D 73 -1.98 28.67 52.10
N ALA D 74 -1.89 29.73 51.29
CA ALA D 74 -0.62 30.11 50.67
C ALA D 74 0.23 30.99 51.57
N GLY D 75 -0.24 31.33 52.76
CA GLY D 75 0.52 32.18 53.66
C GLY D 75 0.71 33.60 53.18
N ALA D 76 -0.34 34.22 52.65
CA ALA D 76 -0.28 35.59 52.18
C ALA D 76 -0.61 36.56 53.31
N ASP D 77 -0.13 37.79 53.17
CA ASP D 77 -0.36 38.83 54.16
C ASP D 77 -1.24 39.96 53.66
N ALA D 78 -1.49 40.06 52.36
CA ALA D 78 -2.29 41.15 51.82
C ALA D 78 -3.01 40.67 50.56
N ILE D 79 -4.08 41.37 50.21
CA ILE D 79 -4.87 41.09 49.02
C ILE D 79 -5.03 42.38 48.24
N TYR D 80 -4.70 42.35 46.96
CA TYR D 80 -4.80 43.52 46.09
C TYR D 80 -6.00 43.38 45.16
N PRO D 81 -7.03 44.21 45.29
CA PRO D 81 -8.21 44.08 44.43
C PRO D 81 -7.94 44.44 42.98
N GLY D 82 -7.34 45.61 42.74
CA GLY D 82 -7.17 46.12 41.40
C GLY D 82 -8.30 47.08 41.03
N TYR D 83 -8.90 46.87 39.87
CA TYR D 83 -10.11 47.57 39.47
C TYR D 83 -11.11 46.57 38.92
N GLY D 84 -12.38 46.77 39.23
CA GLY D 84 -13.41 45.82 38.87
C GLY D 84 -13.46 44.64 39.83
N PHE D 85 -14.40 43.74 39.55
CA PHE D 85 -14.65 42.53 40.36
C PHE D 85 -14.96 42.99 41.79
N LEU D 86 -14.32 42.44 42.81
CA LEU D 86 -14.58 42.84 44.20
C LEU D 86 -13.64 43.95 44.66
N SER D 87 -13.56 45.03 43.89
CA SER D 87 -12.72 46.16 44.25
C SER D 87 -13.45 47.16 45.14
N GLU D 88 -14.78 47.09 45.22
CA GLU D 88 -15.56 48.00 46.05
C GLU D 88 -16.65 47.26 46.81
N ASN D 89 -16.42 45.98 47.11
CA ASN D 89 -17.39 45.19 47.86
C ASN D 89 -16.97 45.13 49.32
N PRO D 90 -17.77 45.65 50.24
CA PRO D 90 -17.35 45.71 51.65
C PRO D 90 -17.16 44.35 52.30
N ASP D 91 -17.74 43.28 51.74
CA ASP D 91 -17.58 41.96 52.33
C ASP D 91 -16.12 41.52 52.32
N LEU D 92 -15.39 41.87 51.25
CA LEU D 92 -13.97 41.53 51.19
C LEU D 92 -13.19 42.22 52.30
N ALA D 93 -13.47 43.50 52.53
CA ALA D 93 -12.79 44.22 53.61
C ALA D 93 -13.15 43.63 54.98
N ALA D 94 -14.43 43.29 55.18
CA ALA D 94 -14.84 42.69 56.45
C ALA D 94 -14.16 41.34 56.67
N ALA D 95 -14.08 40.51 55.63
CA ALA D 95 -13.43 39.21 55.76
C ALA D 95 -11.94 39.37 56.00
N CYS D 96 -11.29 40.34 55.35
CA CYS D 96 -9.88 40.59 55.61
C CYS D 96 -9.65 41.02 57.05
N ALA D 97 -10.52 41.88 57.58
CA ALA D 97 -10.41 42.28 58.98
C ALA D 97 -10.66 41.11 59.93
N ALA D 98 -11.53 40.17 59.53
CA ALA D 98 -11.84 39.01 60.35
C ALA D 98 -10.68 38.04 60.44
N ALA D 99 -9.66 38.19 59.60
CA ALA D 99 -8.49 37.34 59.64
C ALA D 99 -7.24 38.21 59.79
N GLY D 100 -6.07 37.59 59.71
CA GLY D 100 -4.83 38.31 59.83
C GLY D 100 -4.30 38.91 58.55
N ILE D 101 -5.13 38.96 57.51
CA ILE D 101 -4.72 39.47 56.20
C ILE D 101 -5.18 40.91 56.06
N SER D 102 -4.27 41.77 55.61
CA SER D 102 -4.58 43.18 55.40
C SER D 102 -5.18 43.39 54.02
N PHE D 103 -6.00 44.43 53.91
CA PHE D 103 -6.67 44.78 52.67
C PHE D 103 -6.09 46.10 52.13
N VAL D 104 -5.69 46.08 50.86
CA VAL D 104 -5.14 47.27 50.21
C VAL D 104 -6.31 48.11 49.73
N GLY D 105 -6.69 49.11 50.53
CA GLY D 105 -7.80 49.97 50.22
C GLY D 105 -7.94 51.08 51.24
N PRO D 106 -8.85 52.03 50.98
CA PRO D 106 -9.00 53.18 51.89
C PRO D 106 -9.36 52.77 53.31
N SER D 107 -10.53 52.13 53.46
CA SER D 107 -11.03 51.66 54.75
C SER D 107 -12.35 50.95 54.51
N ALA D 108 -12.80 50.20 55.52
CA ALA D 108 -14.10 49.54 55.43
C ALA D 108 -15.25 50.54 55.48
N GLU D 109 -15.12 51.58 56.30
CA GLU D 109 -16.20 52.55 56.45
C GLU D 109 -16.36 53.42 55.20
N VAL D 110 -15.25 53.77 54.56
CA VAL D 110 -15.32 54.64 53.38
C VAL D 110 -16.02 53.93 52.23
N LEU D 111 -15.88 52.60 52.15
CA LEU D 111 -16.52 51.86 51.06
C LEU D 111 -18.04 51.87 51.18
N GLU D 112 -18.58 51.99 52.39
CA GLU D 112 -20.02 52.00 52.56
C GLU D 112 -20.61 53.34 52.15
N LEU D 113 -19.82 54.41 52.24
CA LEU D 113 -20.31 55.75 51.93
C LEU D 113 -20.46 55.96 50.42
N ALA D 114 -19.81 55.14 49.60
CA ALA D 114 -19.72 55.56 48.21
C ALA D 114 -20.69 54.76 47.33
N GLY D 115 -21.42 53.81 47.90
CA GLY D 115 -22.20 52.87 47.11
C GLY D 115 -23.59 53.37 46.76
N ASN D 116 -24.35 53.83 47.76
CA ASN D 116 -25.75 54.18 47.53
C ASN D 116 -25.90 55.51 46.79
N LYS D 117 -24.82 56.30 46.69
CA LYS D 117 -24.90 57.62 46.09
C LYS D 117 -25.72 58.62 46.90
N SER D 118 -25.42 59.91 46.69
CA SER D 118 -26.11 61.08 47.21
C SER D 118 -25.92 61.26 48.72
N ARG D 119 -25.37 60.26 49.41
CA ARG D 119 -24.83 60.56 50.73
C ARG D 119 -23.40 61.02 50.60
N ALA D 120 -22.74 60.65 49.50
CA ALA D 120 -21.61 61.44 49.04
C ALA D 120 -22.02 62.90 48.91
N ILE D 121 -23.22 63.15 48.36
CA ILE D 121 -23.69 64.52 48.15
C ILE D 121 -23.97 65.18 49.50
N ALA D 122 -24.53 64.42 50.44
CA ALA D 122 -24.69 64.91 51.80
C ALA D 122 -23.35 65.29 52.41
N ALA D 123 -22.32 64.50 52.12
CA ALA D 123 -20.97 64.82 52.60
C ALA D 123 -20.36 66.00 51.86
N ALA D 124 -20.84 66.28 50.66
CA ALA D 124 -20.29 67.39 49.88
C ALA D 124 -20.92 68.73 50.24
N ARG D 125 -22.20 68.74 50.60
CA ARG D 125 -22.79 69.94 51.18
C ARG D 125 -22.15 70.28 52.52
N GLU D 126 -21.87 69.27 53.35
CA GLU D 126 -21.23 69.49 54.63
C GLU D 126 -19.81 70.00 54.47
N ALA D 127 -19.04 69.36 53.58
CA ALA D 127 -17.66 69.77 53.36
C ALA D 127 -17.60 71.13 52.66
N GLY D 128 -18.74 71.57 52.14
CA GLY D 128 -18.85 72.87 51.50
C GLY D 128 -18.23 72.94 50.12
N LEU D 129 -18.79 72.19 49.17
CA LEU D 129 -18.39 72.20 47.78
C LEU D 129 -19.55 72.68 46.92
N PRO D 130 -19.30 73.08 45.68
CA PRO D 130 -20.42 73.34 44.76
C PRO D 130 -21.09 72.04 44.37
N VAL D 131 -22.36 71.91 44.73
CA VAL D 131 -23.12 70.69 44.53
C VAL D 131 -24.38 71.01 43.74
N LEU D 132 -24.84 70.04 42.95
CA LEU D 132 -26.03 70.22 42.14
C LEU D 132 -27.27 69.71 42.87
N MET D 133 -28.43 70.10 42.32
CA MET D 133 -29.72 69.60 42.77
C MET D 133 -29.73 68.07 42.75
N SER D 134 -30.21 67.48 43.85
CA SER D 134 -30.34 66.04 43.97
C SER D 134 -31.81 65.67 44.18
N SER D 135 -32.27 64.67 43.44
CA SER D 135 -33.65 64.23 43.50
C SER D 135 -33.79 63.02 44.43
N ALA D 136 -34.99 62.86 44.98
CA ALA D 136 -35.26 61.76 45.88
C ALA D 136 -35.37 60.46 45.11
N PRO D 137 -34.58 59.44 45.43
CA PRO D 137 -34.67 58.16 44.70
C PRO D 137 -36.00 57.49 44.93
N SER D 138 -36.76 57.30 43.85
CA SER D 138 -38.06 56.67 43.93
C SER D 138 -38.37 55.99 42.60
N ALA D 139 -38.98 54.80 42.69
CA ALA D 139 -39.41 54.06 41.51
C ALA D 139 -40.82 54.42 41.07
N SER D 140 -41.50 55.29 41.80
CA SER D 140 -42.86 55.69 41.48
C SER D 140 -42.86 56.89 40.55
N VAL D 141 -43.84 56.94 39.65
CA VAL D 141 -43.86 57.95 38.60
C VAL D 141 -44.62 59.20 39.05
N ASP D 142 -45.71 59.01 39.79
CA ASP D 142 -46.44 60.15 40.33
C ASP D 142 -45.59 60.93 41.33
N GLU D 143 -44.86 60.22 42.20
CA GLU D 143 -43.97 60.90 43.14
C GLU D 143 -42.85 61.64 42.41
N LEU D 144 -42.27 61.00 41.39
CA LEU D 144 -41.21 61.65 40.62
C LEU D 144 -41.73 62.90 39.93
N LEU D 145 -42.96 62.86 39.42
CA LEU D 145 -43.53 64.05 38.78
C LEU D 145 -43.86 65.13 39.80
N SER D 146 -44.33 64.74 40.99
CA SER D 146 -44.59 65.71 42.05
C SER D 146 -43.30 66.39 42.50
N VAL D 147 -42.17 65.70 42.40
CA VAL D 147 -40.91 66.37 42.68
C VAL D 147 -40.42 67.14 41.45
N ALA D 148 -40.75 66.68 40.25
CA ALA D 148 -40.31 67.28 39.00
C ALA D 148 -41.09 68.53 38.63
N ALA D 149 -42.18 68.84 39.34
CA ALA D 149 -42.96 70.01 38.97
C ALA D 149 -42.25 71.32 39.26
N GLY D 150 -41.14 71.30 40.00
CA GLY D 150 -40.37 72.49 40.29
C GLY D 150 -38.94 72.45 39.80
N MET D 151 -38.72 71.96 38.58
CA MET D 151 -37.36 71.71 38.13
C MET D 151 -36.95 72.65 37.00
N PRO D 152 -35.66 72.99 36.90
CA PRO D 152 -35.13 73.63 35.68
C PRO D 152 -34.90 72.58 34.61
N PHE D 153 -35.74 72.61 33.57
CA PHE D 153 -35.64 71.63 32.51
C PHE D 153 -34.64 72.10 31.45
N PRO D 154 -34.06 71.17 30.67
CA PRO D 154 -34.31 69.72 30.57
C PRO D 154 -33.77 68.92 31.76
N LEU D 155 -34.09 67.63 31.83
CA LEU D 155 -33.75 66.80 32.97
C LEU D 155 -33.16 65.47 32.50
N PHE D 156 -32.10 65.04 33.18
CA PHE D 156 -31.53 63.72 32.97
C PHE D 156 -32.13 62.77 34.01
N VAL D 157 -32.85 61.76 33.53
CA VAL D 157 -33.34 60.68 34.38
C VAL D 157 -32.31 59.57 34.33
N LYS D 158 -31.72 59.26 35.49
CA LYS D 158 -30.59 58.36 35.61
C LYS D 158 -30.96 57.19 36.52
N ALA D 159 -30.49 56.00 36.13
CA ALA D 159 -30.63 54.84 37.00
C ALA D 159 -29.86 55.07 38.29
N VAL D 160 -30.41 54.59 39.40
CA VAL D 160 -29.78 54.81 40.70
C VAL D 160 -28.51 53.99 40.83
N ALA D 161 -28.57 52.72 40.45
CA ALA D 161 -27.38 51.87 40.45
C ALA D 161 -26.55 52.01 39.18
N GLY D 162 -26.99 52.82 38.22
CA GLY D 162 -26.25 52.96 36.98
C GLY D 162 -24.92 53.67 37.19
N GLY D 163 -23.88 53.13 36.58
CA GLY D 163 -22.56 53.71 36.66
C GLY D 163 -21.73 53.48 35.41
N GLY D 164 -21.17 54.56 34.86
CA GLY D 164 -20.42 54.51 33.62
C GLY D 164 -21.07 55.22 32.46
N GLY D 165 -22.39 55.42 32.51
CA GLY D 165 -23.13 55.89 31.36
C GLY D 165 -24.08 54.84 30.81
N ARG D 166 -24.67 54.05 31.69
CA ARG D 166 -25.60 52.98 31.31
C ARG D 166 -26.95 53.24 31.97
N GLY D 167 -27.91 53.75 31.19
CA GLY D 167 -29.27 53.87 31.68
C GLY D 167 -29.74 55.26 32.10
N MET D 168 -29.44 56.27 31.28
CA MET D 168 -29.95 57.61 31.50
C MET D 168 -30.56 58.16 30.22
N ARG D 169 -31.57 59.01 30.40
CA ARG D 169 -32.28 59.63 29.29
C ARG D 169 -32.43 61.12 29.53
N ARG D 170 -32.29 61.91 28.47
CA ARG D 170 -32.49 63.36 28.54
C ARG D 170 -33.88 63.68 28.03
N VAL D 171 -34.69 64.35 28.85
CA VAL D 171 -36.03 64.75 28.46
C VAL D 171 -36.09 66.27 28.56
N GLY D 172 -36.47 66.92 27.45
CA GLY D 172 -36.58 68.37 27.38
C GLY D 172 -37.82 68.98 28.00
N ASP D 173 -38.76 68.17 28.50
CA ASP D 173 -39.99 68.70 29.06
C ASP D 173 -40.55 67.70 30.06
N ILE D 174 -41.71 68.04 30.62
CA ILE D 174 -42.38 67.18 31.60
C ILE D 174 -43.55 66.41 30.99
N ALA D 175 -43.97 66.75 29.76
CA ALA D 175 -45.03 66.00 29.11
C ALA D 175 -44.59 64.58 28.79
N ALA D 176 -43.35 64.43 28.31
CA ALA D 176 -42.79 63.12 28.03
C ALA D 176 -42.01 62.55 29.20
N LEU D 177 -42.07 63.20 30.36
CA LEU D 177 -41.36 62.73 31.55
C LEU D 177 -41.90 61.39 32.05
N PRO D 178 -43.24 61.16 32.09
CA PRO D 178 -43.72 59.90 32.66
C PRO D 178 -43.36 58.65 31.86
N GLU D 179 -43.55 58.66 30.54
CA GLU D 179 -43.11 57.54 29.70
C GLU D 179 -41.60 57.34 29.82
N ALA D 180 -40.83 58.43 29.80
CA ALA D 180 -39.38 58.32 29.91
C ALA D 180 -38.99 57.67 31.23
N ILE D 181 -39.65 58.08 32.32
CA ILE D 181 -39.34 57.60 33.66
C ILE D 181 -39.72 56.13 33.79
N GLU D 182 -40.84 55.74 33.19
CA GLU D 182 -41.23 54.33 33.16
C GLU D 182 -40.21 53.49 32.39
N ALA D 183 -39.75 53.98 31.24
CA ALA D 183 -38.73 53.24 30.50
C ALA D 183 -37.44 53.12 31.30
N ALA D 184 -37.04 54.21 31.96
CA ALA D 184 -35.82 54.17 32.76
C ALA D 184 -35.96 53.22 33.93
N SER D 185 -37.12 53.21 34.59
CA SER D 185 -37.35 52.29 35.70
C SER D 185 -37.30 50.85 35.23
N ARG D 186 -37.94 50.55 34.10
CA ARG D 186 -37.91 49.18 33.58
C ARG D 186 -36.49 48.75 33.22
N GLU D 187 -35.73 49.65 32.57
CA GLU D 187 -34.36 49.33 32.21
C GLU D 187 -33.49 49.12 33.45
N ALA D 188 -33.66 49.97 34.47
CA ALA D 188 -32.88 49.81 35.69
C ALA D 188 -33.23 48.52 36.43
N GLU D 189 -34.52 48.16 36.44
CA GLU D 189 -34.94 46.91 37.07
C GLU D 189 -34.36 45.70 36.33
N SER D 190 -34.37 45.74 35.00
CA SER D 190 -33.80 44.63 34.23
C SER D 190 -32.29 44.57 34.34
N ALA D 191 -31.63 45.72 34.49
CA ALA D 191 -30.18 45.79 34.52
C ALA D 191 -29.62 45.45 35.91
N PHE D 192 -29.94 46.26 36.91
CA PHE D 192 -29.30 46.15 38.21
C PHE D 192 -30.25 45.68 39.31
N GLY D 193 -31.53 45.51 39.01
CA GLY D 193 -32.50 45.05 39.97
C GLY D 193 -33.11 46.13 40.83
N ASP D 194 -32.65 47.37 40.72
CA ASP D 194 -33.27 48.45 41.47
C ASP D 194 -34.12 49.27 40.51
N PRO D 195 -35.44 49.26 40.63
CA PRO D 195 -36.28 50.02 39.70
C PRO D 195 -36.35 51.51 39.97
N THR D 196 -35.51 52.04 40.87
CA THR D 196 -35.54 53.45 41.21
C THR D 196 -34.67 54.25 40.25
N VAL D 197 -35.20 55.37 39.79
CA VAL D 197 -34.47 56.30 38.93
C VAL D 197 -34.62 57.70 39.52
N TYR D 198 -33.55 58.49 39.41
CA TYR D 198 -33.51 59.83 39.99
C TYR D 198 -33.27 60.85 38.88
N LEU D 199 -33.87 62.02 39.04
CA LEU D 199 -33.71 63.08 38.05
C LEU D 199 -32.50 63.92 38.43
N GLU D 200 -32.06 64.75 37.49
CA GLU D 200 -31.05 65.75 37.78
C GLU D 200 -31.09 66.83 36.70
N GLN D 201 -30.77 68.06 37.11
CA GLN D 201 -30.68 69.17 36.16
C GLN D 201 -29.60 68.88 35.13
N ALA D 202 -29.92 69.14 33.86
CA ALA D 202 -29.05 68.75 32.74
C ALA D 202 -28.22 69.95 32.32
N VAL D 203 -26.95 69.94 32.73
CA VAL D 203 -26.02 71.03 32.44
C VAL D 203 -25.57 70.92 30.99
N ILE D 204 -25.54 72.07 30.32
CA ILE D 204 -25.23 72.13 28.89
C ILE D 204 -23.73 72.07 28.65
N ASN D 205 -23.37 71.41 27.54
CA ASN D 205 -22.02 71.27 26.95
C ASN D 205 -20.97 71.12 28.04
N PRO D 206 -20.93 69.99 28.73
CA PRO D 206 -20.00 69.84 29.85
C PRO D 206 -18.64 69.31 29.43
N ARG D 207 -17.67 69.48 30.34
CA ARG D 207 -16.34 68.92 30.22
C ARG D 207 -16.04 68.16 31.51
N HIS D 208 -15.47 66.97 31.38
CA HIS D 208 -15.27 66.07 32.51
C HIS D 208 -13.84 66.20 33.01
N ILE D 209 -13.69 66.47 34.30
CA ILE D 209 -12.41 66.76 34.93
C ILE D 209 -12.18 65.79 36.11
N GLU D 210 -11.03 65.13 36.12
CA GLU D 210 -10.69 64.17 37.16
C GLU D 210 -9.56 64.73 38.02
N VAL D 211 -9.67 64.57 39.34
CA VAL D 211 -8.64 64.99 40.27
C VAL D 211 -8.20 63.78 41.08
N GLN D 212 -6.90 63.52 41.12
CA GLN D 212 -6.33 62.36 41.78
C GLN D 212 -5.85 62.73 43.18
N ILE D 213 -6.21 61.90 44.17
CA ILE D 213 -5.92 62.16 45.57
C ILE D 213 -5.14 60.97 46.11
N LEU D 214 -4.07 61.27 46.85
CA LEU D 214 -3.25 60.27 47.53
C LEU D 214 -3.16 60.62 49.00
N ALA D 215 -3.37 59.64 49.88
CA ALA D 215 -3.41 59.90 51.31
C ALA D 215 -2.94 58.68 52.07
N ASP D 216 -2.33 58.93 53.22
CA ASP D 216 -1.74 57.90 54.09
C ASP D 216 -2.64 57.62 55.28
N ASN D 217 -2.13 56.84 56.23
CA ASN D 217 -2.97 56.33 57.31
C ASN D 217 -3.25 57.41 58.35
N LEU D 218 -2.20 58.00 58.93
CA LEU D 218 -2.39 58.98 59.99
C LEU D 218 -3.10 60.26 59.54
N GLY D 219 -3.16 60.50 58.23
CA GLY D 219 -3.88 61.65 57.71
C GLY D 219 -2.98 62.70 57.09
N ASP D 220 -2.86 62.64 55.76
CA ASP D 220 -2.17 63.65 54.98
C ASP D 220 -2.56 63.45 53.52
N VAL D 221 -3.10 64.47 52.87
CA VAL D 221 -3.70 64.33 51.55
C VAL D 221 -2.97 65.24 50.57
N ILE D 222 -2.61 64.68 49.41
CA ILE D 222 -1.96 65.40 48.32
C ILE D 222 -2.70 65.12 47.03
N HIS D 223 -2.60 66.04 46.08
CA HIS D 223 -3.26 65.89 44.79
C HIS D 223 -2.22 65.86 43.68
N LEU D 224 -2.55 65.15 42.61
CA LEU D 224 -1.67 64.98 41.46
C LEU D 224 -2.27 65.63 40.22
N TYR D 225 -2.86 66.82 40.39
CA TYR D 225 -3.39 67.64 39.30
C TYR D 225 -4.53 66.95 38.57
N GLU D 226 -5.01 67.56 37.48
CA GLU D 226 -6.25 67.13 36.85
C GLU D 226 -5.97 66.31 35.58
N ARG D 227 -7.05 65.71 35.06
CA ARG D 227 -7.05 65.04 33.77
C ARG D 227 -8.23 65.54 32.93
N ASP D 228 -8.46 64.92 31.78
CA ASP D 228 -9.57 65.32 30.91
C ASP D 228 -10.06 64.10 30.15
N CYS D 229 -11.38 63.85 30.24
CA CYS D 229 -12.03 62.71 29.58
C CYS D 229 -13.29 63.16 28.87
N SER D 230 -13.19 64.24 28.09
CA SER D 230 -14.36 64.78 27.41
C SER D 230 -14.78 63.92 26.22
N VAL D 231 -13.83 63.26 25.56
CA VAL D 231 -14.12 62.47 24.37
C VAL D 231 -14.76 61.16 24.81
N GLN D 232 -16.08 61.04 24.62
CA GLN D 232 -16.78 59.82 24.97
C GLN D 232 -17.68 59.38 23.83
N ARG D 233 -17.90 58.06 23.75
CA ARG D 233 -18.80 57.47 22.78
C ARG D 233 -19.85 56.67 23.53
N ARG D 234 -21.11 57.06 23.40
CA ARG D 234 -22.20 56.49 24.19
C ARG D 234 -21.86 56.51 25.68
N HIS D 235 -21.34 57.65 26.14
CA HIS D 235 -20.98 57.92 27.53
C HIS D 235 -19.85 57.03 28.05
N GLN D 236 -19.17 56.31 27.16
CA GLN D 236 -18.04 55.47 27.54
C GLN D 236 -16.74 56.19 27.20
N LYS D 237 -15.78 56.10 28.11
CA LYS D 237 -14.50 56.77 27.92
C LYS D 237 -13.75 56.17 26.72
N VAL D 238 -13.16 57.05 25.92
CA VAL D 238 -12.50 56.61 24.69
C VAL D 238 -11.03 57.03 24.69
N ILE D 239 -10.78 58.34 24.74
CA ILE D 239 -9.43 58.87 24.62
C ILE D 239 -9.15 59.77 25.83
N GLU D 240 -8.01 59.54 26.47
CA GLU D 240 -7.58 60.32 27.62
C GLU D 240 -6.78 61.54 27.16
N LEU D 241 -6.66 62.51 28.06
CA LEU D 241 -6.02 63.77 27.72
C LEU D 241 -5.12 64.25 28.86
N ALA D 242 -4.05 64.93 28.48
CA ALA D 242 -3.10 65.60 29.36
C ALA D 242 -3.83 66.67 30.19
N PRO D 243 -3.16 67.34 31.14
CA PRO D 243 -3.79 68.47 31.84
C PRO D 243 -4.59 69.36 30.90
N ALA D 244 -5.74 69.84 31.37
CA ALA D 244 -6.80 70.26 30.48
C ALA D 244 -6.46 71.60 29.84
N PRO D 245 -6.35 71.68 28.52
CA PRO D 245 -5.98 72.93 27.86
C PRO D 245 -7.09 73.96 27.96
N HIS D 246 -6.70 75.21 27.75
CA HIS D 246 -7.59 76.37 27.89
C HIS D 246 -8.21 76.43 29.28
N LEU D 247 -7.40 76.12 30.29
CA LEU D 247 -7.81 76.22 31.69
C LEU D 247 -6.88 77.18 32.42
N ASP D 248 -7.47 78.18 33.08
CA ASP D 248 -6.69 79.16 33.81
C ASP D 248 -6.16 78.55 35.11
N ALA D 249 -5.14 79.21 35.68
CA ALA D 249 -4.47 78.63 36.84
C ALA D 249 -5.30 78.74 38.11
N GLU D 250 -6.06 79.82 38.26
CA GLU D 250 -6.95 79.94 39.42
C GLU D 250 -7.96 78.79 39.45
N LEU D 251 -8.49 78.43 38.28
CA LEU D 251 -9.48 77.37 38.20
C LEU D 251 -8.90 76.05 38.72
N ARG D 252 -7.72 75.67 38.20
CA ARG D 252 -7.07 74.43 38.62
C ARG D 252 -6.70 74.48 40.08
N TYR D 253 -6.25 75.63 40.57
CA TYR D 253 -5.84 75.74 41.97
C TYR D 253 -7.02 75.49 42.89
N LYS D 254 -8.18 76.11 42.58
CA LYS D 254 -9.31 75.91 43.48
C LYS D 254 -9.97 74.55 43.31
N MET D 255 -9.93 73.95 42.11
CA MET D 255 -10.32 72.55 41.98
C MET D 255 -9.46 71.66 42.88
N CYS D 256 -8.14 71.79 42.78
CA CYS D 256 -7.26 70.96 43.60
C CYS D 256 -7.51 71.20 45.09
N VAL D 257 -7.76 72.46 45.45
CA VAL D 257 -7.89 72.81 46.86
C VAL D 257 -9.17 72.23 47.47
N ASP D 258 -10.31 72.40 46.81
CA ASP D 258 -11.53 71.83 47.40
C ASP D 258 -11.57 70.31 47.25
N ALA D 259 -10.95 69.75 46.20
CA ALA D 259 -10.84 68.30 46.15
C ALA D 259 -10.05 67.76 47.34
N VAL D 260 -8.94 68.40 47.67
CA VAL D 260 -8.13 67.95 48.80
C VAL D 260 -8.86 68.17 50.12
N ALA D 261 -9.62 69.26 50.23
CA ALA D 261 -10.40 69.49 51.44
C ALA D 261 -11.45 68.41 51.65
N PHE D 262 -12.16 68.04 50.57
CA PHE D 262 -13.12 66.94 50.66
C PHE D 262 -12.44 65.63 51.04
N ALA D 263 -11.29 65.34 50.42
CA ALA D 263 -10.59 64.09 50.73
C ALA D 263 -10.14 64.05 52.18
N ARG D 264 -9.63 65.17 52.70
CA ARG D 264 -9.21 65.21 54.10
C ARG D 264 -10.40 65.09 55.04
N HIS D 265 -11.52 65.74 54.72
CA HIS D 265 -12.71 65.64 55.55
C HIS D 265 -13.25 64.22 55.58
N ILE D 266 -13.14 63.50 54.46
CA ILE D 266 -13.80 62.20 54.34
C ILE D 266 -13.06 61.10 55.07
N GLY D 267 -11.84 61.36 55.54
CA GLY D 267 -11.06 60.35 56.24
C GLY D 267 -10.53 59.27 55.33
N TYR D 268 -9.78 59.67 54.30
CA TYR D 268 -9.25 58.73 53.33
C TYR D 268 -7.85 58.27 53.73
N SER D 269 -7.47 57.09 53.22
CA SER D 269 -6.17 56.51 53.55
C SER D 269 -5.48 55.87 52.35
N CYS D 270 -5.98 56.09 51.13
CA CYS D 270 -5.38 55.46 49.97
C CYS D 270 -5.53 56.37 48.75
N ALA D 271 -5.35 55.81 47.57
CA ALA D 271 -5.47 56.52 46.31
C ALA D 271 -6.92 56.57 45.85
N GLY D 272 -7.25 57.58 45.05
CA GLY D 272 -8.58 57.65 44.50
C GLY D 272 -8.77 58.90 43.67
N THR D 273 -10.01 59.16 43.26
CA THR D 273 -10.25 60.28 42.37
C THR D 273 -11.62 60.90 42.63
N VAL D 274 -11.72 62.18 42.25
CA VAL D 274 -12.95 62.97 42.34
C VAL D 274 -13.28 63.48 40.95
N GLU D 275 -14.57 63.52 40.61
CA GLU D 275 -15.01 63.89 39.28
C GLU D 275 -15.79 65.21 39.31
N PHE D 276 -15.58 66.04 38.29
CA PHE D 276 -16.29 67.31 38.17
C PHE D 276 -16.72 67.51 36.73
N LEU D 277 -17.78 68.31 36.55
CA LEU D 277 -18.24 68.73 35.23
C LEU D 277 -18.21 70.25 35.15
N LEU D 278 -17.64 70.77 34.07
CA LEU D 278 -17.42 72.20 33.89
C LEU D 278 -18.18 72.66 32.67
N ASP D 279 -18.92 73.76 32.79
CA ASP D 279 -19.80 74.21 31.73
C ASP D 279 -19.28 75.50 31.11
N GLU D 280 -19.99 75.97 30.08
CA GLU D 280 -19.54 77.13 29.31
C GLU D 280 -19.26 78.33 30.20
N ARG D 281 -20.10 78.56 31.21
CA ARG D 281 -19.85 79.65 32.13
C ARG D 281 -18.89 79.25 33.23
N GLY D 282 -18.77 77.95 33.50
CA GLY D 282 -17.81 77.44 34.46
C GLY D 282 -18.40 77.27 35.85
N GLU D 283 -18.55 76.02 36.27
CA GLU D 283 -19.04 75.69 37.60
C GLU D 283 -18.64 74.26 37.91
N TYR D 284 -18.62 73.93 39.19
CA TYR D 284 -18.23 72.61 39.68
C TYR D 284 -19.47 71.89 40.20
N VAL D 285 -19.61 70.62 39.85
CA VAL D 285 -20.84 69.89 40.13
C VAL D 285 -20.62 68.67 41.03
N PHE D 286 -19.41 68.11 41.08
CA PHE D 286 -19.05 67.02 41.99
C PHE D 286 -19.96 65.81 41.74
N ILE D 287 -19.74 65.20 40.57
CA ILE D 287 -20.59 64.08 40.16
C ILE D 287 -20.44 62.91 41.13
N GLU D 288 -19.21 62.50 41.42
CA GLU D 288 -18.97 61.48 42.43
C GLU D 288 -17.47 61.39 42.71
N MET D 289 -17.10 60.37 43.50
CA MET D 289 -15.74 60.11 43.95
C MET D 289 -15.47 58.62 43.85
N ASN D 290 -14.56 58.23 42.96
CA ASN D 290 -14.20 56.83 42.78
C ASN D 290 -13.11 56.45 43.77
N PRO D 291 -13.37 55.52 44.71
CA PRO D 291 -12.39 55.12 45.72
C PRO D 291 -11.52 53.94 45.28
N ARG D 292 -10.87 54.07 44.12
CA ARG D 292 -10.00 53.03 43.60
C ARG D 292 -9.09 53.65 42.55
N VAL D 293 -8.37 52.82 41.81
CA VAL D 293 -7.48 53.25 40.74
C VAL D 293 -8.09 52.83 39.41
N GLN D 294 -8.03 53.73 38.44
CA GLN D 294 -8.62 53.49 37.14
C GLN D 294 -7.57 52.96 36.17
N VAL D 295 -7.95 52.87 34.89
CA VAL D 295 -7.04 52.45 33.84
C VAL D 295 -6.30 53.63 33.21
N GLU D 296 -6.56 54.85 33.67
CA GLU D 296 -5.97 56.05 33.09
C GLU D 296 -4.88 56.66 33.97
N HIS D 297 -4.58 56.07 35.13
CA HIS D 297 -3.60 56.64 36.03
C HIS D 297 -2.25 56.83 35.36
N THR D 298 -1.92 55.96 34.41
CA THR D 298 -0.65 56.07 33.69
C THR D 298 -0.45 57.46 33.12
N VAL D 299 -1.53 58.10 32.67
CA VAL D 299 -1.44 59.44 32.09
C VAL D 299 -0.79 60.39 33.10
N THR D 300 -1.32 60.43 34.32
CA THR D 300 -0.69 61.28 35.33
C THR D 300 0.71 60.79 35.68
N GLU D 301 0.92 59.48 35.64
CA GLU D 301 2.25 58.93 35.87
C GLU D 301 3.26 59.46 34.86
N GLU D 302 2.81 59.92 33.69
CA GLU D 302 3.70 60.46 32.69
C GLU D 302 4.01 61.94 32.86
N ILE D 303 3.25 62.66 33.69
CA ILE D 303 3.48 64.08 33.92
C ILE D 303 4.08 64.33 35.30
N THR D 304 3.66 63.59 36.33
CA THR D 304 4.15 63.79 37.68
C THR D 304 5.25 62.80 38.06
N ASP D 305 5.58 61.87 37.16
CA ASP D 305 6.54 60.77 37.29
C ASP D 305 6.58 60.20 38.71
N VAL D 306 5.41 59.91 39.26
CA VAL D 306 5.25 59.34 40.59
C VAL D 306 4.59 57.98 40.45
N ASP D 307 5.18 56.96 41.07
CA ASP D 307 4.61 55.62 41.01
C ASP D 307 3.38 55.54 41.91
N LEU D 308 2.31 54.95 41.38
CA LEU D 308 1.04 54.87 42.08
C LEU D 308 0.84 53.54 42.80
N VAL D 309 1.07 52.43 42.11
CA VAL D 309 0.78 51.11 42.70
C VAL D 309 1.79 50.77 43.79
N ALA D 310 3.07 51.04 43.55
CA ALA D 310 4.09 50.79 44.58
C ALA D 310 3.87 51.68 45.80
N SER D 311 3.54 52.96 45.56
CA SER D 311 3.23 53.85 46.67
C SER D 311 1.99 53.37 47.42
N GLN D 312 0.98 52.88 46.70
CA GLN D 312 -0.19 52.33 47.36
C GLN D 312 0.18 51.16 48.26
N LEU D 313 1.03 50.26 47.77
CA LEU D 313 1.42 49.09 48.55
C LEU D 313 2.24 49.48 49.78
N ARG D 314 3.12 50.46 49.63
CA ARG D 314 3.90 50.94 50.78
C ARG D 314 3.02 51.68 51.78
N ILE D 315 1.98 52.37 51.31
CA ILE D 315 1.03 53.02 52.20
C ILE D 315 0.24 51.99 52.99
N ALA D 316 -0.15 50.89 52.33
CA ALA D 316 -0.87 49.83 53.02
C ALA D 316 0.00 49.15 54.09
N ALA D 317 1.32 49.28 54.00
CA ALA D 317 2.24 48.70 54.97
C ALA D 317 2.47 49.60 56.17
N GLY D 318 1.88 50.79 56.19
CA GLY D 318 2.01 51.69 57.32
C GLY D 318 3.09 52.75 57.19
N GLU D 319 3.23 53.33 56.00
CA GLU D 319 4.17 54.41 55.75
C GLU D 319 3.41 55.69 55.45
N THR D 320 3.94 56.81 55.93
CA THR D 320 3.36 58.12 55.67
C THR D 320 4.00 58.73 54.42
N LEU D 321 3.47 59.87 54.00
CA LEU D 321 4.00 60.55 52.82
C LEU D 321 5.14 61.49 53.21
N GLU D 322 6.08 61.00 54.01
CA GLU D 322 7.26 61.77 54.40
C GLU D 322 8.55 61.06 54.06
N GLN D 323 8.67 59.77 54.42
CA GLN D 323 9.79 58.98 53.95
C GLN D 323 9.69 58.65 52.47
N LEU D 324 8.48 58.68 51.90
CA LEU D 324 8.28 58.44 50.47
C LEU D 324 8.69 59.64 49.62
N GLY D 325 8.86 60.81 50.21
CA GLY D 325 9.23 62.00 49.46
C GLY D 325 8.10 62.66 48.71
N LEU D 326 6.86 62.24 48.93
CA LEU D 326 5.71 62.81 48.24
C LEU D 326 5.15 63.95 49.08
N ARG D 327 5.82 65.10 48.99
CA ARG D 327 5.38 66.35 49.61
C ARG D 327 5.20 67.41 48.52
N GLN D 328 4.32 68.38 48.80
CA GLN D 328 3.79 69.24 47.74
C GLN D 328 4.57 70.55 47.61
N GLU D 329 5.86 70.44 47.27
CA GLU D 329 6.56 71.60 46.75
C GLU D 329 7.54 71.24 45.64
N ASP D 330 7.60 69.97 45.23
CA ASP D 330 8.42 69.53 44.10
C ASP D 330 7.60 68.77 43.07
N ILE D 331 6.29 68.78 43.19
CA ILE D 331 5.39 68.13 42.24
C ILE D 331 4.93 69.18 41.23
N ALA D 332 5.41 69.05 39.99
CA ALA D 332 5.08 69.95 38.89
C ALA D 332 5.01 69.18 37.58
N PRO D 333 3.88 69.24 36.87
CA PRO D 333 3.79 68.58 35.57
C PRO D 333 4.70 69.24 34.55
N HIS D 334 5.16 68.43 33.60
CA HIS D 334 5.99 68.95 32.51
C HIS D 334 5.78 68.05 31.30
N GLY D 335 5.35 68.65 30.19
CA GLY D 335 4.92 67.87 29.04
C GLY D 335 3.43 67.57 29.05
N ALA D 336 3.00 66.94 27.96
CA ALA D 336 1.64 66.47 27.78
C ALA D 336 1.67 64.99 27.47
N ALA D 337 0.53 64.32 27.66
CA ALA D 337 0.44 62.90 27.41
C ALA D 337 -1.01 62.53 27.11
N LEU D 338 -1.19 61.35 26.53
CA LEU D 338 -2.51 60.82 26.23
C LEU D 338 -2.44 59.31 26.14
N GLN D 339 -3.61 58.67 26.30
CA GLN D 339 -3.71 57.22 26.32
C GLN D 339 -4.89 56.76 25.48
N CYS D 340 -4.72 55.62 24.82
CA CYS D 340 -5.78 54.99 24.04
C CYS D 340 -5.75 53.49 24.30
N ARG D 341 -6.89 52.85 24.05
CA ARG D 341 -7.06 51.42 24.28
C ARG D 341 -7.48 50.75 22.98
N ILE D 342 -6.90 49.58 22.70
CA ILE D 342 -7.19 48.84 21.48
C ILE D 342 -8.05 47.63 21.83
N THR D 343 -9.20 47.53 21.18
CA THR D 343 -10.15 46.45 21.41
C THR D 343 -10.46 45.73 20.12
N THR D 344 -11.19 44.62 20.23
CA THR D 344 -11.60 43.82 19.08
C THR D 344 -12.94 44.25 18.51
N GLU D 345 -13.50 45.37 18.98
CA GLU D 345 -14.79 45.83 18.48
C GLU D 345 -14.69 46.25 17.02
N ASP D 346 -15.69 45.83 16.24
CA ASP D 346 -15.75 46.15 14.82
C ASP D 346 -16.56 47.41 14.60
N PRO D 347 -15.98 48.48 14.07
CA PRO D 347 -16.74 49.72 13.85
C PRO D 347 -17.67 49.63 12.65
N ALA D 348 -17.74 48.46 12.02
CA ALA D 348 -18.57 48.27 10.83
C ALA D 348 -19.93 47.65 11.18
N ASN D 349 -19.92 46.45 11.75
CA ASN D 349 -21.14 45.83 12.30
C ASN D 349 -21.28 46.19 13.78
N GLY D 350 -22.09 47.23 14.01
CA GLY D 350 -22.35 47.68 15.37
C GLY D 350 -21.05 48.04 16.07
N PHE D 351 -20.90 47.58 17.31
CA PHE D 351 -19.62 47.65 18.00
C PHE D 351 -19.38 46.40 18.84
N ARG D 352 -19.94 45.27 18.41
CA ARG D 352 -19.85 44.04 19.19
C ARG D 352 -18.46 43.42 19.06
N PRO D 353 -17.97 42.76 20.11
CA PRO D 353 -16.66 42.12 20.04
C PRO D 353 -16.65 40.95 19.06
N ASP D 354 -15.47 40.70 18.50
CA ASP D 354 -15.26 39.59 17.57
C ASP D 354 -14.23 38.64 18.16
N THR D 355 -14.52 37.34 18.10
CA THR D 355 -13.65 36.31 18.64
C THR D 355 -12.95 35.57 17.51
N GLY D 356 -11.71 35.15 17.77
CA GLY D 356 -10.94 34.43 16.78
C GLY D 356 -9.54 34.17 17.30
N ARG D 357 -8.72 33.59 16.43
CA ARG D 357 -7.33 33.31 16.71
C ARG D 357 -6.44 34.33 16.01
N ILE D 358 -5.47 34.86 16.75
CA ILE D 358 -4.58 35.90 16.22
C ILE D 358 -3.52 35.25 15.34
N SER D 359 -3.45 35.70 14.09
CA SER D 359 -2.56 35.13 13.09
C SER D 359 -1.36 36.03 12.76
N ALA D 360 -1.30 37.23 13.34
CA ALA D 360 -0.15 38.10 13.12
C ALA D 360 -0.14 39.26 14.11
N LEU D 361 0.99 39.48 14.78
CA LEU D 361 1.12 40.54 15.76
C LEU D 361 2.45 41.26 15.55
N ARG D 362 2.39 42.56 15.29
CA ARG D 362 3.57 43.41 15.22
C ARG D 362 3.31 44.65 16.08
N THR D 363 4.17 44.85 17.08
CA THR D 363 4.01 45.90 18.06
C THR D 363 4.73 47.17 17.58
N ALA D 364 4.87 48.16 18.46
CA ALA D 364 5.58 49.37 18.06
C ALA D 364 6.28 49.93 19.29
N GLY D 365 6.97 51.05 19.09
CA GLY D 365 7.71 51.66 20.18
C GLY D 365 8.66 52.71 19.64
N GLY D 366 9.52 53.19 20.53
CA GLY D 366 10.36 54.33 20.22
C GLY D 366 10.33 55.38 21.30
N ALA D 367 10.45 56.65 20.90
CA ALA D 367 10.50 57.74 21.86
C ALA D 367 9.10 58.14 22.27
N GLY D 368 8.88 58.23 23.59
CA GLY D 368 7.58 58.62 24.12
C GLY D 368 6.46 57.66 23.84
N VAL D 369 6.70 56.36 23.97
CA VAL D 369 5.68 55.34 23.75
C VAL D 369 5.74 54.33 24.88
N ARG D 370 4.59 54.03 25.49
CA ARG D 370 4.48 53.05 26.55
C ARG D 370 3.34 52.10 26.24
N LEU D 371 3.58 50.80 26.41
CA LEU D 371 2.59 49.78 26.12
C LEU D 371 2.28 48.98 27.38
N ASP D 372 0.99 48.76 27.63
CA ASP D 372 0.53 47.97 28.76
C ASP D 372 -0.37 46.85 28.27
N GLY D 373 -0.05 45.62 28.66
CA GLY D 373 -0.80 44.46 28.19
C GLY D 373 -0.31 44.00 26.83
N SER D 374 -0.05 42.69 26.69
CA SER D 374 0.47 42.17 25.45
C SER D 374 0.07 40.71 25.27
N THR D 375 -0.58 40.40 24.16
CA THR D 375 -0.95 39.03 23.82
C THR D 375 0.20 38.39 23.04
N ASN D 376 -0.04 37.20 22.50
CA ASN D 376 0.98 36.47 21.76
C ASN D 376 0.39 35.87 20.50
N LEU D 377 1.27 35.44 19.60
CA LEU D 377 0.83 34.85 18.34
C LEU D 377 0.10 33.54 18.59
N GLY D 378 -0.98 33.32 17.84
CA GLY D 378 -1.74 32.10 18.02
C GLY D 378 -2.68 32.08 19.21
N ALA D 379 -2.85 33.21 19.90
CA ALA D 379 -3.76 33.26 21.04
C ALA D 379 -5.21 33.22 20.58
N GLU D 380 -6.09 32.80 21.49
CA GLU D 380 -7.52 32.73 21.24
C GLU D 380 -8.25 33.72 22.12
N ILE D 381 -9.14 34.50 21.52
CA ILE D 381 -9.98 35.44 22.25
C ILE D 381 -11.03 34.68 23.05
N SER D 382 -11.19 35.05 24.32
CA SER D 382 -12.08 34.33 25.21
C SER D 382 -13.41 35.05 25.32
N PRO D 383 -14.53 34.43 24.95
CA PRO D 383 -15.84 35.10 24.95
C PRO D 383 -16.53 35.11 26.30
N TYR D 384 -15.78 35.50 27.34
CA TYR D 384 -16.30 35.53 28.71
C TYR D 384 -16.02 36.87 29.37
N PHE D 385 -14.92 37.52 28.98
CA PHE D 385 -14.46 38.74 29.62
C PHE D 385 -14.43 39.88 28.59
N ASP D 386 -13.88 41.02 29.01
CA ASP D 386 -13.81 42.19 28.15
C ASP D 386 -12.86 41.95 26.98
N SER D 387 -12.88 42.90 26.03
CA SER D 387 -12.14 42.79 24.78
C SER D 387 -10.89 43.67 24.77
N MET D 388 -10.18 43.74 25.89
CA MET D 388 -9.04 44.64 26.00
C MET D 388 -7.77 43.95 25.50
N LEU D 389 -7.08 44.60 24.57
CA LEU D 389 -5.88 44.04 23.94
C LEU D 389 -4.61 44.73 24.40
N VAL D 390 -4.52 46.05 24.27
CA VAL D 390 -3.31 46.77 24.62
C VAL D 390 -3.65 48.23 24.89
N LYS D 391 -2.97 48.81 25.88
CA LYS D 391 -3.07 50.21 26.22
C LYS D 391 -1.82 50.93 25.72
N LEU D 392 -2.00 51.99 24.95
CA LEU D 392 -0.89 52.75 24.38
C LEU D 392 -0.91 54.16 24.94
N THR D 393 0.21 54.58 25.54
CA THR D 393 0.35 55.91 26.11
C THR D 393 1.48 56.64 25.41
N CYS D 394 1.22 57.87 24.97
CA CYS D 394 2.19 58.67 24.25
C CYS D 394 2.34 60.03 24.91
N ARG D 395 3.59 60.49 25.02
CA ARG D 395 3.90 61.72 25.74
C ARG D 395 4.79 62.60 24.87
N GLY D 396 4.85 63.88 25.22
CA GLY D 396 5.55 64.84 24.39
C GLY D 396 5.74 66.14 25.12
N ARG D 397 6.53 67.03 24.49
CA ARG D 397 6.72 68.37 25.05
C ARG D 397 5.41 69.14 25.06
N ASP D 398 4.64 69.02 23.99
CA ASP D 398 3.35 69.68 23.86
C ASP D 398 2.34 68.70 23.29
N LEU D 399 1.08 69.13 23.25
CA LEU D 399 0.00 68.28 22.74
C LEU D 399 0.18 67.89 21.27
N PRO D 400 0.53 68.79 20.34
CA PRO D 400 0.70 68.35 18.95
C PRO D 400 1.76 67.28 18.76
N THR D 401 2.87 67.36 19.50
CA THR D 401 3.90 66.33 19.40
C THR D 401 3.39 64.98 19.90
N ALA D 402 2.65 64.98 21.01
CA ALA D 402 2.07 63.75 21.52
C ALA D 402 1.07 63.16 20.53
N VAL D 403 0.31 64.02 19.85
CA VAL D 403 -0.69 63.53 18.90
C VAL D 403 -0.02 62.94 17.66
N SER D 404 1.04 63.59 17.16
CA SER D 404 1.79 63.02 16.05
C SER D 404 2.41 61.69 16.44
N ARG D 405 2.95 61.60 17.65
CA ARG D 405 3.57 60.34 18.08
C ARG D 405 2.53 59.24 18.24
N ALA D 406 1.34 59.57 18.74
CA ALA D 406 0.28 58.57 18.83
C ALA D 406 -0.17 58.12 17.45
N ARG D 407 -0.26 59.05 16.49
CA ARG D 407 -0.61 58.69 15.13
C ARG D 407 0.41 57.71 14.55
N ARG D 408 1.70 58.00 14.71
CA ARG D 408 2.73 57.10 14.22
C ARG D 408 2.64 55.74 14.90
N ALA D 409 2.43 55.73 16.22
CA ALA D 409 2.34 54.47 16.96
C ALA D 409 1.20 53.62 16.44
N ILE D 410 0.02 54.22 16.26
CA ILE D 410 -1.16 53.49 15.83
C ILE D 410 -1.08 53.08 14.37
N ALA D 411 -0.28 53.78 13.57
CA ALA D 411 -0.06 53.34 12.20
C ALA D 411 0.87 52.14 12.15
N GLU D 412 1.96 52.18 12.93
CA GLU D 412 2.94 51.08 12.89
C GLU D 412 2.36 49.78 13.43
N PHE D 413 1.43 49.85 14.39
CA PHE D 413 0.90 48.63 14.99
C PHE D 413 0.14 47.79 13.96
N ARG D 414 0.30 46.47 14.06
CA ARG D 414 -0.31 45.55 13.11
C ARG D 414 -0.91 44.36 13.85
N ILE D 415 -2.22 44.15 13.68
CA ILE D 415 -2.93 43.02 14.26
C ILE D 415 -3.74 42.36 13.16
N ARG D 416 -3.48 41.07 12.92
CA ARG D 416 -4.17 40.31 11.88
C ARG D 416 -4.73 39.04 12.49
N GLY D 417 -5.99 38.75 12.18
CA GLY D 417 -6.67 37.58 12.70
C GLY D 417 -8.05 37.89 13.22
N VAL D 418 -8.22 39.10 13.77
CA VAL D 418 -9.49 39.55 14.31
C VAL D 418 -9.73 40.99 13.84
N SER D 419 -10.99 41.41 13.95
CA SER D 419 -11.36 42.76 13.56
C SER D 419 -11.10 43.75 14.68
N THR D 420 -10.50 44.89 14.33
CA THR D 420 -10.00 45.85 15.31
C THR D 420 -10.62 47.22 15.04
N ASN D 421 -10.69 48.04 16.09
CA ASN D 421 -11.24 49.39 16.02
C ASN D 421 -10.17 50.44 15.73
N ILE D 422 -9.06 50.04 15.09
CA ILE D 422 -8.01 51.00 14.75
C ILE D 422 -8.51 52.12 13.85
N PRO D 423 -9.29 51.85 12.79
CA PRO D 423 -9.67 52.96 11.89
C PRO D 423 -10.51 54.05 12.55
N PHE D 424 -11.38 53.70 13.50
CA PHE D 424 -12.10 54.72 14.26
C PHE D 424 -11.14 55.63 15.02
N LEU D 425 -10.15 55.02 15.69
CA LEU D 425 -9.16 55.83 16.40
C LEU D 425 -8.35 56.70 15.45
N GLN D 426 -8.01 56.17 14.27
CA GLN D 426 -7.24 56.97 13.32
C GLN D 426 -8.07 58.15 12.82
N ALA D 427 -9.37 57.93 12.60
CA ALA D 427 -10.25 59.02 12.20
C ALA D 427 -10.38 60.06 13.30
N VAL D 428 -10.40 59.62 14.56
CA VAL D 428 -10.51 60.57 15.67
C VAL D 428 -9.22 61.38 15.83
N LEU D 429 -8.06 60.74 15.64
CA LEU D 429 -6.79 61.43 15.77
C LEU D 429 -6.53 62.41 14.62
N ASP D 430 -7.22 62.27 13.50
CA ASP D 430 -7.03 63.12 12.34
C ASP D 430 -8.09 64.22 12.24
N ASP D 431 -8.75 64.57 13.33
CA ASP D 431 -9.77 65.61 13.28
C ASP D 431 -9.13 66.96 13.59
N PRO D 432 -9.25 67.95 12.71
CA PRO D 432 -8.61 69.25 13.00
C PRO D 432 -9.09 69.90 14.29
N ASP D 433 -10.37 69.76 14.61
CA ASP D 433 -10.88 70.28 15.88
C ASP D 433 -10.22 69.59 17.07
N PHE D 434 -9.98 68.29 16.98
CA PHE D 434 -9.33 67.58 18.07
C PHE D 434 -7.89 68.03 18.24
N ARG D 435 -7.19 68.26 17.14
CA ARG D 435 -5.83 68.80 17.23
C ARG D 435 -5.83 70.21 17.80
N ALA D 436 -6.85 71.02 17.47
CA ALA D 436 -6.92 72.37 18.02
C ALA D 436 -7.28 72.39 19.50
N GLY D 437 -7.85 71.31 20.02
CA GLY D 437 -8.15 71.22 21.43
C GLY D 437 -9.56 71.60 21.85
N ARG D 438 -10.48 71.76 20.90
CA ARG D 438 -11.87 72.08 21.20
C ARG D 438 -12.63 70.79 21.52
N VAL D 439 -12.28 70.20 22.66
CA VAL D 439 -12.89 68.95 23.11
C VAL D 439 -14.11 69.27 23.96
N THR D 440 -15.14 68.43 23.83
CA THR D 440 -16.42 68.63 24.50
C THR D 440 -17.12 67.28 24.56
N THR D 441 -17.99 67.12 25.56
CA THR D 441 -18.73 65.87 25.73
C THR D 441 -19.46 65.47 24.45
N SER D 442 -19.94 66.45 23.68
CA SER D 442 -20.64 66.19 22.44
C SER D 442 -19.71 66.17 21.22
N PHE D 443 -18.46 65.76 21.41
CA PHE D 443 -17.50 65.72 20.30
C PHE D 443 -17.89 64.70 19.24
N ILE D 444 -18.75 63.74 19.58
CA ILE D 444 -19.10 62.64 18.67
C ILE D 444 -20.26 62.99 17.75
N ASP D 445 -20.88 64.16 17.94
CA ASP D 445 -22.01 64.58 17.10
C ASP D 445 -21.71 64.46 15.62
N GLU D 446 -20.46 64.64 15.21
CA GLU D 446 -20.08 64.54 13.81
C GLU D 446 -20.19 63.09 13.37
N ARG D 447 -20.90 62.85 12.27
CA ARG D 447 -21.32 61.51 11.87
C ARG D 447 -20.23 60.71 11.17
N PRO D 448 -19.55 61.25 10.15
CA PRO D 448 -18.67 60.40 9.33
C PRO D 448 -17.39 59.97 10.03
N GLN D 449 -17.21 60.30 11.31
CA GLN D 449 -16.12 59.71 12.08
C GLN D 449 -16.31 58.22 12.30
N LEU D 450 -17.56 57.77 12.42
CA LEU D 450 -17.83 56.37 12.74
C LEU D 450 -17.55 55.48 11.54
N LEU D 451 -18.28 55.68 10.44
CA LEU D 451 -18.18 54.82 9.27
C LEU D 451 -17.15 55.38 8.29
N THR D 452 -15.90 55.36 8.73
CA THR D 452 -14.80 55.71 7.84
C THR D 452 -14.38 54.55 6.95
N ALA D 453 -14.78 53.32 7.30
CA ALA D 453 -14.47 52.11 6.54
C ALA D 453 -13.01 52.04 6.13
N ARG D 454 -12.73 51.49 4.95
CA ARG D 454 -11.37 51.30 4.47
C ARG D 454 -10.49 50.66 5.54
N ALA D 455 -10.90 49.48 5.98
CA ALA D 455 -10.30 48.83 7.14
C ALA D 455 -8.80 48.60 6.95
N SER D 456 -8.44 47.70 6.03
CA SER D 456 -7.02 47.46 5.75
C SER D 456 -6.68 47.24 4.29
N ALA D 457 -7.60 46.77 3.45
CA ALA D 457 -7.29 46.38 2.07
C ALA D 457 -6.07 45.46 2.03
N ASP D 458 -6.13 44.42 2.86
CA ASP D 458 -4.97 43.57 3.12
C ASP D 458 -4.80 42.58 1.98
N ARG D 459 -3.69 42.69 1.26
CA ARG D 459 -3.44 41.85 0.09
C ARG D 459 -2.65 40.60 0.45
N GLY D 460 -1.74 40.70 1.42
CA GLY D 460 -0.93 39.54 1.79
C GLY D 460 -1.78 38.41 2.35
N THR D 461 -2.76 38.73 3.19
CA THR D 461 -3.60 37.70 3.78
C THR D 461 -4.45 37.00 2.73
N LYS D 462 -4.95 37.73 1.74
CA LYS D 462 -5.76 37.11 0.70
C LYS D 462 -4.91 36.25 -0.23
N ILE D 463 -3.70 36.74 -0.57
CA ILE D 463 -2.78 35.93 -1.36
C ILE D 463 -2.43 34.65 -0.62
N LEU D 464 -2.17 34.74 0.69
CA LEU D 464 -1.84 33.55 1.48
C LEU D 464 -3.02 32.59 1.55
N ASN D 465 -4.23 33.11 1.75
CA ASN D 465 -5.43 32.26 1.73
C ASN D 465 -5.56 31.50 0.42
N PHE D 466 -5.43 32.20 -0.72
CA PHE D 466 -5.55 31.53 -2.01
C PHE D 466 -4.45 30.49 -2.21
N LEU D 467 -3.21 30.82 -1.83
CA LEU D 467 -2.10 29.88 -1.99
C LEU D 467 -2.31 28.64 -1.14
N ALA D 468 -2.74 28.80 0.10
CA ALA D 468 -3.00 27.65 0.96
C ALA D 468 -4.13 26.79 0.40
N ASP D 469 -5.19 27.44 -0.11
CA ASP D 469 -6.28 26.68 -0.71
C ASP D 469 -5.80 25.86 -1.89
N VAL D 470 -4.96 26.45 -2.74
CA VAL D 470 -4.42 25.72 -3.89
C VAL D 470 -3.53 24.56 -3.43
N THR D 471 -2.70 24.81 -2.41
CA THR D 471 -1.77 23.78 -1.94
C THR D 471 -2.52 22.58 -1.37
N VAL D 472 -3.55 22.83 -0.55
CA VAL D 472 -4.24 21.73 0.11
C VAL D 472 -5.13 20.97 -0.87
N ASN D 473 -5.80 21.68 -1.77
CA ASN D 473 -6.81 21.10 -2.65
C ASN D 473 -6.37 21.09 -4.11
N ASN D 474 -5.12 20.72 -4.36
CA ASN D 474 -4.59 20.69 -5.71
C ASN D 474 -5.12 19.46 -6.45
N PRO D 475 -5.80 19.62 -7.58
CA PRO D 475 -6.31 18.43 -8.29
C PRO D 475 -5.22 17.57 -8.91
N TYR D 476 -4.13 18.18 -9.37
CA TYR D 476 -3.06 17.43 -9.99
C TYR D 476 -2.24 16.69 -8.95
N GLY D 477 -1.91 15.44 -9.25
CA GLY D 477 -1.19 14.60 -8.30
C GLY D 477 0.27 14.98 -8.14
N SER D 478 1.12 13.98 -7.90
CA SER D 478 2.53 14.25 -7.64
C SER D 478 3.21 14.77 -8.92
N ARG D 479 4.42 15.29 -8.75
CA ARG D 479 5.06 16.07 -9.79
C ARG D 479 6.57 15.92 -9.68
N PRO D 480 7.30 16.10 -10.78
CA PRO D 480 8.77 16.12 -10.69
C PRO D 480 9.29 17.41 -10.08
N SER D 481 10.60 17.59 -10.11
CA SER D 481 11.21 18.81 -9.58
C SER D 481 10.72 20.02 -10.34
N THR D 482 10.64 21.15 -9.64
CA THR D 482 10.08 22.37 -10.21
C THR D 482 11.02 22.92 -11.27
N ILE D 483 10.47 23.35 -12.40
CA ILE D 483 11.21 23.91 -13.52
C ILE D 483 11.08 25.43 -13.48
N TYR D 484 12.21 26.13 -13.62
CA TYR D 484 12.23 27.59 -13.62
C TYR D 484 12.68 28.06 -15.00
N PRO D 485 11.76 28.51 -15.87
CA PRO D 485 12.20 28.88 -17.22
C PRO D 485 13.03 30.15 -17.24
N ASP D 486 12.88 31.01 -16.23
CA ASP D 486 13.55 32.31 -16.23
C ASP D 486 15.06 32.15 -16.24
N ASP D 487 15.58 31.01 -15.75
CA ASP D 487 17.01 30.76 -15.76
C ASP D 487 17.56 30.53 -17.15
N LYS D 488 16.71 30.29 -18.15
CA LYS D 488 17.14 30.00 -19.50
C LYS D 488 17.23 31.23 -20.39
N LEU D 489 16.87 32.40 -19.87
CA LEU D 489 16.89 33.61 -20.68
C LEU D 489 18.33 34.08 -20.89
N PRO D 490 18.70 34.48 -22.10
CA PRO D 490 20.08 34.92 -22.34
C PRO D 490 20.37 36.27 -21.69
N ASP D 491 21.66 36.52 -21.46
CA ASP D 491 22.08 37.79 -20.87
C ASP D 491 21.95 38.92 -21.88
N LEU D 492 21.39 40.04 -21.44
CA LEU D 492 21.19 41.20 -22.29
C LEU D 492 20.98 42.42 -21.41
N ASP D 493 21.47 43.57 -21.87
CA ASP D 493 21.37 44.82 -21.11
C ASP D 493 19.96 45.38 -21.30
N LEU D 494 19.13 45.21 -20.28
CA LEU D 494 17.75 45.71 -20.35
C LEU D 494 17.65 47.13 -19.79
N ARG D 495 18.53 48.01 -20.24
CA ARG D 495 18.54 49.39 -19.77
C ARG D 495 18.42 50.36 -20.94
N ALA D 496 19.04 50.01 -22.06
CA ALA D 496 19.04 50.88 -23.23
C ALA D 496 17.68 50.82 -23.93
N ALA D 497 17.30 51.94 -24.53
CA ALA D 497 16.06 52.02 -25.28
C ALA D 497 16.15 51.19 -26.55
N PRO D 498 15.04 50.59 -26.99
CA PRO D 498 15.11 49.69 -28.14
C PRO D 498 15.07 50.46 -29.44
N PRO D 499 15.73 49.96 -30.49
CA PRO D 499 15.77 50.72 -31.75
C PRO D 499 14.41 50.79 -32.43
N ALA D 500 14.23 51.86 -33.21
CA ALA D 500 12.96 52.10 -33.88
C ALA D 500 12.60 50.95 -34.82
N GLY D 501 11.31 50.66 -34.91
CA GLY D 501 10.81 49.55 -35.70
C GLY D 501 9.63 49.98 -36.56
N SER D 502 8.63 49.11 -36.64
CA SER D 502 7.50 49.32 -37.53
C SER D 502 6.50 50.34 -36.99
N LYS D 503 6.44 50.54 -35.67
CA LYS D 503 5.49 51.51 -35.13
C LYS D 503 5.90 52.93 -35.49
N GLN D 504 7.20 53.22 -35.45
CA GLN D 504 7.70 54.52 -35.88
C GLN D 504 7.35 54.78 -37.35
N ARG D 505 7.57 53.78 -38.21
CA ARG D 505 7.30 53.95 -39.63
C ARG D 505 5.80 54.14 -39.88
N LEU D 506 4.96 53.38 -39.17
CA LEU D 506 3.52 53.54 -39.33
C LEU D 506 3.06 54.91 -38.87
N VAL D 507 3.63 55.41 -37.78
CA VAL D 507 3.30 56.75 -37.32
C VAL D 507 3.73 57.80 -38.34
N LYS D 508 4.92 57.61 -38.92
CA LYS D 508 5.48 58.63 -39.81
C LYS D 508 4.74 58.70 -41.14
N LEU D 509 4.45 57.55 -41.75
CA LEU D 509 3.86 57.52 -43.08
C LEU D 509 2.35 57.31 -43.10
N GLY D 510 1.79 56.63 -42.10
CA GLY D 510 0.38 56.37 -42.08
C GLY D 510 0.05 55.05 -42.76
N PRO D 511 -1.25 54.72 -42.83
CA PRO D 511 -1.66 53.43 -43.40
C PRO D 511 -1.34 53.29 -44.88
N GLU D 512 -1.72 54.28 -45.69
CA GLU D 512 -1.49 54.21 -47.13
C GLU D 512 0.00 54.14 -47.46
N GLY D 513 0.79 54.99 -46.80
CA GLY D 513 2.23 54.96 -47.03
C GLY D 513 2.87 53.66 -46.59
N PHE D 514 2.41 53.11 -45.47
CA PHE D 514 2.91 51.82 -45.02
C PHE D 514 2.59 50.72 -46.01
N ALA D 515 1.37 50.73 -46.55
CA ALA D 515 1.00 49.73 -47.56
C ALA D 515 1.85 49.87 -48.81
N ARG D 516 2.06 51.10 -49.27
CA ARG D 516 2.88 51.33 -50.47
C ARG D 516 4.32 50.86 -50.24
N TRP D 517 4.88 51.17 -49.07
CA TRP D 517 6.23 50.75 -48.72
C TRP D 517 6.34 49.24 -48.68
N LEU D 518 5.33 48.56 -48.12
CA LEU D 518 5.35 47.11 -48.08
C LEU D 518 5.22 46.49 -49.46
N ARG D 519 4.42 47.11 -50.34
CA ARG D 519 4.33 46.62 -51.71
C ARG D 519 5.64 46.80 -52.46
N GLU D 520 6.32 47.92 -52.23
CA GLU D 520 7.54 48.25 -52.98
C GLU D 520 8.82 47.71 -52.35
N SER D 521 8.72 46.92 -51.27
CA SER D 521 9.89 46.44 -50.56
C SER D 521 10.19 44.99 -50.96
N ALA D 522 11.45 44.74 -51.37
CA ALA D 522 11.81 43.42 -51.87
C ALA D 522 11.90 42.38 -50.76
N ALA D 523 12.07 42.82 -49.51
CA ALA D 523 12.08 41.91 -48.39
C ALA D 523 10.67 41.43 -48.06
N VAL D 524 10.60 40.29 -47.36
CA VAL D 524 9.34 39.61 -47.06
C VAL D 524 9.11 39.66 -45.55
N GLY D 525 8.08 40.39 -45.14
CA GLY D 525 7.87 40.66 -43.72
C GLY D 525 7.36 39.45 -42.98
N VAL D 526 8.03 39.13 -41.87
CA VAL D 526 7.68 38.00 -41.02
C VAL D 526 6.81 38.49 -39.87
N THR D 527 5.71 37.79 -39.60
CA THR D 527 4.86 38.05 -38.46
C THR D 527 4.97 36.91 -37.46
N ASP D 528 4.98 37.25 -36.17
CA ASP D 528 5.11 36.27 -35.10
C ASP D 528 3.73 35.93 -34.54
N THR D 529 3.41 34.63 -34.48
CA THR D 529 2.13 34.17 -33.96
C THR D 529 2.29 33.28 -32.73
N THR D 530 3.45 33.33 -32.07
CA THR D 530 3.65 32.50 -30.89
C THR D 530 2.77 32.94 -29.72
N PHE D 531 2.45 34.23 -29.65
CA PHE D 531 1.74 34.74 -28.47
C PHE D 531 0.26 34.39 -28.50
N ARG D 532 -0.34 34.24 -29.68
CA ARG D 532 -1.76 33.92 -29.77
C ARG D 532 -2.01 32.54 -30.37
N ASP D 533 -1.51 32.27 -31.57
CA ASP D 533 -1.95 31.10 -32.32
C ASP D 533 -1.10 29.86 -32.09
N ALA D 534 -0.07 29.93 -31.24
CA ALA D 534 0.76 28.75 -30.97
C ALA D 534 0.19 27.91 -29.82
N HIS D 535 0.01 28.52 -28.65
CA HIS D 535 -0.51 27.78 -27.50
C HIS D 535 -2.01 27.54 -27.60
N GLN D 536 -2.70 28.19 -28.55
CA GLN D 536 -4.11 27.91 -28.75
C GLN D 536 -4.33 26.53 -29.34
N SER D 537 -3.44 26.10 -30.23
CA SER D 537 -3.55 24.80 -30.89
C SER D 537 -2.79 23.69 -30.18
N LEU D 538 -2.03 24.00 -29.13
CA LEU D 538 -1.20 22.99 -28.49
C LEU D 538 -1.46 22.88 -26.99
N LEU D 539 -1.79 24.00 -26.35
CA LEU D 539 -1.93 24.04 -24.90
C LEU D 539 -3.30 24.55 -24.45
N ALA D 540 -4.32 24.46 -25.31
CA ALA D 540 -5.69 24.84 -24.98
C ALA D 540 -5.81 26.29 -24.56
N THR D 541 -4.92 27.15 -25.08
CA THR D 541 -4.96 28.59 -24.82
C THR D 541 -4.92 28.91 -23.33
N ARG D 542 -4.00 28.26 -22.61
CA ARG D 542 -3.93 28.39 -21.15
C ARG D 542 -2.62 29.02 -20.68
N VAL D 543 -1.89 29.71 -21.56
CA VAL D 543 -0.67 30.38 -21.15
C VAL D 543 -1.03 31.74 -20.59
N ARG D 544 -0.53 32.05 -19.40
CA ARG D 544 -0.88 33.27 -18.70
C ARG D 544 -0.03 34.43 -19.21
N THR D 545 -0.11 35.57 -18.53
CA THR D 545 0.56 36.79 -18.98
C THR D 545 1.98 36.93 -18.43
N SER D 546 2.32 36.20 -17.37
CA SER D 546 3.65 36.34 -16.75
C SER D 546 4.77 36.01 -17.72
N GLY D 547 4.65 34.87 -18.41
CA GLY D 547 5.71 34.45 -19.33
C GLY D 547 5.83 35.35 -20.54
N LEU D 548 4.69 35.75 -21.11
CA LEU D 548 4.71 36.65 -22.25
C LEU D 548 5.34 37.99 -21.88
N SER D 549 4.96 38.53 -20.72
CA SER D 549 5.54 39.80 -20.29
C SER D 549 7.02 39.67 -19.94
N ARG D 550 7.43 38.51 -19.42
CA ARG D 550 8.84 38.32 -19.12
C ARG D 550 9.68 38.20 -20.38
N VAL D 551 9.11 37.63 -21.45
CA VAL D 551 9.90 37.37 -22.66
C VAL D 551 9.74 38.46 -23.71
N ALA D 552 8.80 39.39 -23.55
CA ALA D 552 8.62 40.46 -24.53
C ALA D 552 9.81 41.42 -24.64
N PRO D 553 10.41 41.92 -23.56
CA PRO D 553 11.60 42.79 -23.72
C PRO D 553 12.72 42.19 -24.54
N TYR D 554 13.03 40.90 -24.32
CA TYR D 554 14.09 40.27 -25.10
C TYR D 554 13.74 40.22 -26.57
N LEU D 555 12.47 39.94 -26.89
CA LEU D 555 12.02 39.93 -28.27
C LEU D 555 12.13 41.32 -28.89
N ALA D 556 11.78 42.36 -28.12
CA ALA D 556 11.85 43.72 -28.64
C ALA D 556 13.28 44.21 -28.82
N ARG D 557 14.24 43.64 -28.08
CA ARG D 557 15.60 44.15 -28.12
C ARG D 557 16.59 43.27 -28.86
N THR D 558 16.24 42.03 -29.20
CA THR D 558 17.05 41.26 -30.13
C THR D 558 16.49 41.17 -31.54
N MET D 559 15.20 41.43 -31.73
CA MET D 559 14.54 41.30 -33.03
C MET D 559 13.75 42.57 -33.32
N PRO D 560 14.43 43.64 -33.75
CA PRO D 560 13.73 44.88 -34.06
C PRO D 560 13.23 44.97 -35.50
N GLN D 561 13.14 43.84 -36.19
CA GLN D 561 12.78 43.86 -37.61
C GLN D 561 11.50 43.09 -37.89
N LEU D 562 10.80 42.61 -36.86
CA LEU D 562 9.56 41.88 -37.07
C LEU D 562 8.44 42.85 -37.46
N LEU D 563 7.67 42.45 -38.48
CA LEU D 563 6.66 43.33 -39.05
C LEU D 563 5.58 43.66 -38.02
N SER D 564 5.08 42.64 -37.34
CA SER D 564 4.04 42.80 -36.33
C SER D 564 4.02 41.54 -35.46
N VAL D 565 3.32 41.64 -34.34
CA VAL D 565 3.16 40.53 -33.39
C VAL D 565 1.68 40.35 -33.10
N GLU D 566 1.20 39.11 -33.20
CA GLU D 566 -0.19 38.78 -32.91
C GLU D 566 -0.27 38.24 -31.48
N CYS D 567 -0.92 39.00 -30.59
CA CYS D 567 -0.97 38.63 -29.19
C CYS D 567 -2.32 38.90 -28.53
N TRP D 568 -3.39 39.05 -29.31
CA TRP D 568 -4.68 39.42 -28.73
C TRP D 568 -5.80 38.90 -29.62
N GLY D 569 -6.92 38.58 -29.00
CA GLY D 569 -8.11 38.18 -29.74
C GLY D 569 -8.26 36.68 -29.85
N GLY D 570 -9.16 36.29 -30.76
CA GLY D 570 -9.48 34.88 -30.89
C GLY D 570 -10.18 34.38 -29.66
N ALA D 571 -9.72 33.24 -29.14
CA ALA D 571 -10.33 32.62 -27.98
C ALA D 571 -9.66 33.02 -26.67
N THR D 572 -8.64 33.87 -26.70
CA THR D 572 -7.94 34.26 -25.49
C THR D 572 -8.83 35.08 -24.56
N TYR D 573 -9.75 35.86 -25.12
CA TYR D 573 -10.64 36.69 -24.32
C TYR D 573 -11.50 35.84 -23.38
N ASP D 574 -12.21 34.86 -23.95
CA ASP D 574 -13.13 34.03 -23.18
C ASP D 574 -12.38 33.16 -22.18
N VAL D 575 -11.27 32.56 -22.60
CA VAL D 575 -10.51 31.70 -21.71
C VAL D 575 -9.89 32.51 -20.58
N ALA D 576 -9.43 33.73 -20.88
CA ALA D 576 -8.85 34.58 -19.84
C ALA D 576 -9.91 34.98 -18.82
N LEU D 577 -11.12 35.32 -19.27
CA LEU D 577 -12.19 35.69 -18.35
C LEU D 577 -12.66 34.48 -17.54
N ARG D 578 -12.68 33.30 -18.15
CA ARG D 578 -13.33 32.13 -17.54
C ARG D 578 -12.36 31.26 -16.73
N PHE D 579 -11.29 30.80 -17.36
CA PHE D 579 -10.42 29.81 -16.74
C PHE D 579 -9.23 30.41 -16.01
N LEU D 580 -8.79 31.61 -16.37
CA LEU D 580 -7.57 32.19 -15.83
C LEU D 580 -7.82 33.40 -14.95
N LYS D 581 -9.06 33.89 -14.86
CA LYS D 581 -9.43 34.97 -13.96
C LYS D 581 -8.56 36.21 -14.15
N GLU D 582 -8.39 36.60 -15.42
CA GLU D 582 -7.58 37.73 -15.79
C GLU D 582 -8.37 38.69 -16.67
N ASP D 583 -7.90 39.92 -16.77
CA ASP D 583 -8.53 40.92 -17.62
C ASP D 583 -7.71 41.09 -18.89
N PRO D 584 -8.29 40.85 -20.07
CA PRO D 584 -7.51 40.96 -21.30
C PRO D 584 -6.94 42.35 -21.56
N TRP D 585 -7.63 43.40 -21.13
CA TRP D 585 -7.16 44.75 -21.38
C TRP D 585 -5.87 45.04 -20.62
N GLU D 586 -5.75 44.55 -19.39
CA GLU D 586 -4.51 44.71 -18.65
C GLU D 586 -3.38 43.97 -19.36
N ARG D 587 -3.66 42.80 -19.91
CA ARG D 587 -2.66 42.08 -20.70
C ARG D 587 -2.22 42.87 -21.92
N LEU D 588 -3.18 43.47 -22.63
CA LEU D 588 -2.83 44.31 -23.78
C LEU D 588 -1.97 45.50 -23.36
N ALA D 589 -2.32 46.15 -22.26
CA ALA D 589 -1.54 47.30 -21.80
C ALA D 589 -0.13 46.88 -21.41
N THR D 590 0.00 45.75 -20.71
CA THR D 590 1.33 45.27 -20.33
C THR D 590 2.16 44.93 -21.55
N LEU D 591 1.56 44.27 -22.54
CA LEU D 591 2.31 43.95 -23.75
C LEU D 591 2.67 45.20 -24.54
N ARG D 592 1.81 46.21 -24.54
CA ARG D 592 2.13 47.45 -25.23
C ARG D 592 3.32 48.14 -24.58
N ALA D 593 3.27 48.30 -23.26
CA ALA D 593 4.39 48.88 -22.53
C ALA D 593 5.67 48.07 -22.71
N ALA D 594 5.56 46.75 -22.74
CA ALA D 594 6.74 45.91 -22.92
C ALA D 594 7.38 46.12 -24.29
N MET D 595 6.58 46.17 -25.35
CA MET D 595 7.16 46.32 -26.68
C MET D 595 6.67 47.63 -27.29
N PRO D 596 7.50 48.66 -27.35
CA PRO D 596 7.08 49.96 -27.93
C PRO D 596 7.46 50.18 -29.38
N ASN D 597 8.17 49.25 -30.01
CA ASN D 597 8.68 49.45 -31.36
C ASN D 597 8.14 48.46 -32.39
N ILE D 598 7.22 47.58 -32.01
CA ILE D 598 6.66 46.58 -32.91
C ILE D 598 5.15 46.70 -32.91
N CYS D 599 4.56 46.65 -34.09
CA CYS D 599 3.12 46.75 -34.23
C CYS D 599 2.43 45.53 -33.64
N LEU D 600 1.19 45.73 -33.17
CA LEU D 600 0.38 44.68 -32.59
C LEU D 600 -0.81 44.39 -33.49
N GLN D 601 -1.16 43.11 -33.62
CA GLN D 601 -2.19 42.67 -34.55
C GLN D 601 -3.26 41.89 -33.79
N MET D 602 -4.52 42.10 -34.18
CA MET D 602 -5.66 41.46 -33.54
C MET D 602 -6.58 40.85 -34.60
N LEU D 603 -7.11 39.67 -34.32
CA LEU D 603 -7.95 38.91 -35.24
C LEU D 603 -9.42 39.17 -34.92
N LEU D 604 -10.04 40.10 -35.64
CA LEU D 604 -11.46 40.34 -35.49
C LEU D 604 -12.25 39.43 -36.44
N ARG D 605 -13.50 39.18 -36.08
CA ARG D 605 -14.31 38.22 -36.83
C ARG D 605 -15.60 38.87 -37.34
N GLY D 606 -15.49 40.06 -37.92
CA GLY D 606 -16.66 40.70 -38.51
C GLY D 606 -17.65 41.15 -37.46
N ARG D 607 -18.92 40.80 -37.67
CA ARG D 607 -19.98 41.25 -36.76
C ARG D 607 -19.78 40.69 -35.36
N ASN D 608 -19.48 39.41 -35.25
CA ASN D 608 -19.18 38.79 -33.97
C ASN D 608 -17.70 39.02 -33.67
N THR D 609 -17.42 40.04 -32.87
CA THR D 609 -16.06 40.45 -32.56
C THR D 609 -15.21 39.33 -31.97
N VAL D 610 -15.56 38.88 -30.77
CA VAL D 610 -14.80 37.83 -30.09
C VAL D 610 -15.77 36.76 -29.59
N GLY D 611 -17.07 37.01 -29.75
CA GLY D 611 -18.09 36.08 -29.34
C GLY D 611 -18.43 35.08 -30.43
N TYR D 612 -19.63 34.52 -30.34
CA TYR D 612 -20.09 33.52 -31.30
C TYR D 612 -21.44 33.89 -31.90
N THR D 613 -21.92 35.11 -31.68
CA THR D 613 -23.23 35.55 -32.16
C THR D 613 -23.09 36.98 -32.68
N PRO D 614 -23.89 37.36 -33.66
CA PRO D 614 -23.94 38.77 -34.08
C PRO D 614 -24.24 39.72 -32.94
N TYR D 615 -23.58 40.88 -32.99
CA TYR D 615 -23.71 41.95 -32.01
C TYR D 615 -24.08 43.24 -32.72
N PRO D 616 -24.71 44.18 -32.01
CA PRO D 616 -25.10 45.44 -32.64
C PRO D 616 -23.89 46.27 -33.06
N GLU D 617 -24.14 47.21 -33.97
CA GLU D 617 -23.06 47.98 -34.58
C GLU D 617 -22.34 48.86 -33.55
N ILE D 618 -23.09 49.44 -32.61
CA ILE D 618 -22.50 50.36 -31.64
C ILE D 618 -21.47 49.64 -30.78
N VAL D 619 -21.76 48.40 -30.39
CA VAL D 619 -20.82 47.62 -29.60
C VAL D 619 -19.53 47.38 -30.37
N THR D 620 -19.65 47.03 -31.65
CA THR D 620 -18.47 46.78 -32.47
C THR D 620 -17.63 48.05 -32.64
N SER D 621 -18.29 49.19 -32.89
CA SER D 621 -17.56 50.45 -33.03
C SER D 621 -16.85 50.83 -31.74
N ALA D 622 -17.53 50.67 -30.60
CA ALA D 622 -16.90 50.96 -29.31
C ALA D 622 -15.71 50.05 -29.08
N PHE D 623 -15.84 48.77 -29.47
CA PHE D 623 -14.76 47.82 -29.23
C PHE D 623 -13.55 48.16 -30.08
N VAL D 624 -13.77 48.54 -31.34
CA VAL D 624 -12.68 48.95 -32.20
C VAL D 624 -12.00 50.20 -31.64
N GLN D 625 -12.80 51.17 -31.18
CA GLN D 625 -12.22 52.39 -30.63
C GLN D 625 -11.40 52.10 -29.37
N GLU D 626 -11.93 51.29 -28.46
CA GLU D 626 -11.16 50.96 -27.26
C GLU D 626 -9.88 50.21 -27.62
N ALA D 627 -9.95 49.28 -28.58
CA ALA D 627 -8.80 48.46 -28.90
C ALA D 627 -7.70 49.29 -29.57
N THR D 628 -8.05 50.13 -30.56
CA THR D 628 -7.06 51.04 -31.12
C THR D 628 -6.53 52.03 -30.08
N ALA D 629 -7.34 52.37 -29.07
CA ALA D 629 -6.85 53.28 -28.04
C ALA D 629 -5.82 52.60 -27.14
N THR D 630 -6.04 51.32 -26.84
CA THR D 630 -5.11 50.59 -25.99
C THR D 630 -3.81 50.23 -26.71
N GLY D 631 -3.81 50.23 -28.05
CA GLY D 631 -2.58 49.96 -28.78
C GLY D 631 -2.63 48.89 -29.85
N ILE D 632 -3.81 48.58 -30.37
CA ILE D 632 -3.93 47.61 -31.45
C ILE D 632 -3.69 48.32 -32.77
N ASP D 633 -2.63 47.93 -33.47
CA ASP D 633 -2.23 48.61 -34.69
C ASP D 633 -2.88 48.03 -35.95
N ILE D 634 -3.00 46.71 -36.04
CA ILE D 634 -3.49 46.04 -37.23
C ILE D 634 -4.69 45.18 -36.87
N PHE D 635 -5.74 45.24 -37.69
CA PHE D 635 -6.95 44.44 -37.52
C PHE D 635 -7.07 43.50 -38.71
N ARG D 636 -7.06 42.20 -38.44
CA ARG D 636 -7.27 41.19 -39.48
C ARG D 636 -8.71 40.73 -39.42
N ILE D 637 -9.46 40.97 -40.49
CA ILE D 637 -10.91 40.76 -40.53
C ILE D 637 -11.22 39.64 -41.51
N PHE D 638 -11.95 38.64 -41.05
CA PHE D 638 -12.41 37.53 -41.87
C PHE D 638 -13.87 37.22 -41.54
N ASP D 639 -14.44 36.28 -42.27
CA ASP D 639 -15.79 35.81 -42.02
C ASP D 639 -15.87 34.33 -42.38
N ALA D 640 -16.75 33.61 -41.69
CA ALA D 640 -16.87 32.16 -41.89
C ALA D 640 -17.26 31.84 -43.33
N LEU D 641 -18.46 32.25 -43.73
CA LEU D 641 -18.90 32.14 -45.12
C LEU D 641 -18.55 33.44 -45.81
N ASN D 642 -17.60 33.38 -46.75
CA ASN D 642 -17.04 34.59 -47.33
C ASN D 642 -18.08 35.38 -48.10
N ASN D 643 -18.55 36.49 -47.52
CA ASN D 643 -19.52 37.34 -48.20
C ASN D 643 -19.41 38.75 -47.64
N ILE D 644 -19.68 39.73 -48.51
CA ILE D 644 -19.65 41.13 -48.11
C ILE D 644 -21.00 41.41 -47.46
N GLU D 645 -21.12 42.56 -46.82
CA GLU D 645 -22.18 43.10 -45.97
C GLU D 645 -22.14 42.51 -44.56
N SER D 646 -21.30 41.51 -44.30
CA SER D 646 -21.00 40.99 -42.98
C SER D 646 -19.71 41.56 -42.38
N MET D 647 -18.88 42.23 -43.18
CA MET D 647 -17.65 42.82 -42.68
C MET D 647 -17.52 44.31 -42.99
N ARG D 648 -18.48 44.90 -43.70
CA ARG D 648 -18.39 46.32 -44.03
C ARG D 648 -18.36 47.24 -42.81
N PRO D 649 -19.21 47.06 -41.77
CA PRO D 649 -19.13 47.99 -40.63
C PRO D 649 -17.79 47.96 -39.91
N ALA D 650 -17.18 46.78 -39.77
CA ALA D 650 -15.87 46.70 -39.13
C ALA D 650 -14.81 47.42 -39.95
N ILE D 651 -14.86 47.26 -41.28
CA ILE D 651 -13.91 47.96 -42.14
C ILE D 651 -14.08 49.47 -42.03
N ASP D 652 -15.33 49.93 -42.04
CA ASP D 652 -15.57 51.38 -41.89
C ASP D 652 -15.07 51.87 -40.54
N ALA D 653 -15.30 51.11 -39.47
CA ALA D 653 -14.85 51.51 -38.15
C ALA D 653 -13.34 51.59 -38.06
N VAL D 654 -12.64 50.62 -38.67
CA VAL D 654 -11.18 50.69 -38.71
C VAL D 654 -10.73 51.91 -39.50
N ARG D 655 -11.38 52.18 -40.63
CA ARG D 655 -10.91 53.28 -41.47
C ARG D 655 -11.20 54.64 -40.85
N GLU D 656 -12.22 54.73 -40.00
CA GLU D 656 -12.55 55.98 -39.34
C GLU D 656 -11.46 56.41 -38.37
N THR D 657 -10.68 55.46 -37.85
CA THR D 657 -9.67 55.79 -36.84
C THR D 657 -8.57 56.68 -37.42
N GLY D 658 -8.03 56.30 -38.57
CA GLY D 658 -6.99 57.09 -39.22
C GLY D 658 -5.58 56.75 -38.81
N SER D 659 -5.40 55.77 -37.92
CA SER D 659 -4.07 55.36 -37.50
C SER D 659 -3.91 53.84 -37.45
N ALA D 660 -4.87 53.09 -37.97
CA ALA D 660 -4.83 51.63 -37.94
C ALA D 660 -4.79 51.08 -39.37
N ILE D 661 -4.45 49.80 -39.47
CA ILE D 661 -4.38 49.10 -40.74
C ILE D 661 -5.46 48.01 -40.73
N ALA D 662 -6.16 47.87 -41.85
CA ALA D 662 -7.19 46.86 -42.03
C ALA D 662 -6.69 45.83 -43.04
N GLU D 663 -6.68 44.55 -42.64
CA GLU D 663 -6.25 43.46 -43.50
C GLU D 663 -7.41 42.49 -43.63
N VAL D 664 -8.01 42.46 -44.82
CA VAL D 664 -9.18 41.61 -45.08
C VAL D 664 -8.70 40.28 -45.64
N ALA D 665 -9.21 39.19 -45.06
CA ALA D 665 -8.73 37.85 -45.40
C ALA D 665 -9.83 37.06 -46.11
N MET D 666 -9.42 36.29 -47.11
CA MET D 666 -10.31 35.38 -47.83
C MET D 666 -9.99 33.95 -47.42
N CYS D 667 -11.03 33.19 -47.06
CA CYS D 667 -10.84 31.82 -46.59
C CYS D 667 -10.67 30.85 -47.77
N TYR D 668 -9.68 29.97 -47.64
CA TYR D 668 -9.33 29.03 -48.70
C TYR D 668 -9.80 27.63 -48.33
N THR D 669 -10.46 26.96 -49.28
CA THR D 669 -10.89 25.58 -49.09
C THR D 669 -10.87 24.88 -50.44
N GLY D 670 -10.73 23.56 -50.39
CA GLY D 670 -10.70 22.76 -51.61
C GLY D 670 -9.35 22.86 -52.32
N ASP D 671 -9.34 22.36 -53.56
CA ASP D 671 -8.15 22.36 -54.40
C ASP D 671 -8.55 22.83 -55.80
N LEU D 672 -8.25 24.09 -56.10
CA LEU D 672 -8.66 24.67 -57.37
C LEU D 672 -7.87 24.14 -58.56
N THR D 673 -6.66 23.64 -58.34
CA THR D 673 -5.86 23.10 -59.44
C THR D 673 -6.43 21.79 -59.98
N ASP D 674 -7.42 21.21 -59.31
CA ASP D 674 -8.01 19.95 -59.74
C ASP D 674 -8.97 20.19 -60.91
N PRO D 675 -8.92 19.35 -61.94
CA PRO D 675 -9.84 19.52 -63.08
C PRO D 675 -11.31 19.52 -62.70
N GLY D 676 -11.69 18.72 -61.72
CA GLY D 676 -13.07 18.59 -61.31
C GLY D 676 -13.53 19.52 -60.22
N GLU D 677 -12.80 20.59 -59.92
CA GLU D 677 -13.22 21.56 -58.91
C GLU D 677 -14.10 22.59 -59.60
N GLN D 678 -15.42 22.44 -59.46
CA GLN D 678 -16.38 23.30 -60.14
C GLN D 678 -17.00 24.36 -59.25
N LEU D 679 -16.61 24.44 -57.98
CA LEU D 679 -17.19 25.41 -57.07
C LEU D 679 -16.17 26.43 -56.58
N TYR D 680 -15.06 25.98 -56.00
CA TYR D 680 -14.03 26.87 -55.48
C TYR D 680 -12.95 27.00 -56.55
N THR D 681 -13.22 27.82 -57.56
CA THR D 681 -12.34 28.01 -58.69
C THR D 681 -11.67 29.36 -58.59
N LEU D 682 -10.74 29.62 -59.52
CA LEU D 682 -9.97 30.87 -59.48
C LEU D 682 -10.87 32.08 -59.64
N ASP D 683 -11.91 31.97 -60.48
CA ASP D 683 -12.77 33.13 -60.72
C ASP D 683 -13.52 33.53 -59.46
N TYR D 684 -13.95 32.56 -58.67
CA TYR D 684 -14.63 32.84 -57.41
C TYR D 684 -13.76 33.69 -56.49
N TYR D 685 -12.51 33.28 -56.29
CA TYR D 685 -11.59 34.04 -55.46
C TYR D 685 -11.30 35.41 -56.07
N LEU D 686 -11.23 35.48 -57.40
CA LEU D 686 -10.92 36.76 -58.05
C LEU D 686 -12.04 37.78 -57.85
N LYS D 687 -13.30 37.36 -58.00
CA LYS D 687 -14.40 38.28 -57.72
C LYS D 687 -14.51 38.60 -56.23
N LEU D 688 -14.18 37.63 -55.37
CA LEU D 688 -14.15 37.92 -53.93
C LEU D 688 -13.18 39.05 -53.62
N ALA D 689 -11.99 38.96 -54.21
CA ALA D 689 -10.92 39.94 -54.01
C ALA D 689 -11.30 41.28 -54.63
N GLU D 690 -11.98 41.25 -55.78
CA GLU D 690 -12.45 42.48 -56.40
C GLU D 690 -13.45 43.20 -55.51
N GLN D 691 -14.37 42.45 -54.90
CA GLN D 691 -15.32 43.04 -53.96
C GLN D 691 -14.60 43.60 -52.74
N ILE D 692 -13.62 42.86 -52.21
CA ILE D 692 -12.86 43.30 -51.05
C ILE D 692 -12.14 44.61 -51.35
N VAL D 693 -11.60 44.73 -52.56
CA VAL D 693 -10.87 45.95 -52.95
C VAL D 693 -11.85 47.11 -53.14
N ASP D 694 -13.00 46.84 -53.76
CA ASP D 694 -14.07 47.83 -53.82
C ASP D 694 -14.52 48.28 -52.43
N ALA D 695 -14.37 47.43 -51.42
CA ALA D 695 -14.83 47.74 -50.08
C ALA D 695 -13.84 48.59 -49.28
N GLY D 696 -12.67 48.88 -49.84
CA GLY D 696 -11.70 49.72 -49.17
C GLY D 696 -10.78 48.96 -48.24
N ALA D 697 -10.08 47.96 -48.77
CA ALA D 697 -9.15 47.15 -48.00
C ALA D 697 -7.74 47.71 -48.12
N HIS D 698 -7.04 47.78 -47.00
CA HIS D 698 -5.65 48.22 -47.01
C HIS D 698 -4.67 47.08 -47.27
N VAL D 699 -4.89 45.90 -46.67
CA VAL D 699 -4.09 44.73 -46.99
C VAL D 699 -5.04 43.58 -47.33
N LEU D 700 -4.63 42.76 -48.30
CA LEU D 700 -5.36 41.57 -48.71
C LEU D 700 -4.61 40.33 -48.27
N ALA D 701 -5.33 39.39 -47.66
CA ALA D 701 -4.72 38.21 -47.07
C ALA D 701 -5.51 36.96 -47.43
N ILE D 702 -4.82 35.83 -47.38
CA ILE D 702 -5.41 34.52 -47.64
C ILE D 702 -5.28 33.69 -46.37
N LYS D 703 -6.38 33.12 -45.91
CA LYS D 703 -6.42 32.37 -44.66
C LYS D 703 -6.58 30.89 -44.97
N ASP D 704 -5.56 30.10 -44.62
CA ASP D 704 -5.60 28.65 -44.72
C ASP D 704 -5.54 28.10 -43.30
N MET D 705 -6.63 27.47 -42.87
CA MET D 705 -6.79 26.99 -41.50
C MET D 705 -6.62 25.49 -41.36
N ALA D 706 -6.66 24.74 -42.46
CA ALA D 706 -6.48 23.30 -42.41
C ALA D 706 -5.22 22.81 -43.10
N GLY D 707 -4.55 23.66 -43.89
CA GLY D 707 -3.35 23.26 -44.60
C GLY D 707 -3.63 22.59 -45.91
N LEU D 708 -4.54 23.17 -46.70
CA LEU D 708 -4.96 22.60 -47.97
C LEU D 708 -4.42 23.36 -49.17
N LEU D 709 -3.44 24.24 -48.99
CA LEU D 709 -2.87 25.02 -50.07
C LEU D 709 -1.56 24.37 -50.53
N ARG D 710 -1.50 24.01 -51.79
CA ARG D 710 -0.36 23.38 -52.44
C ARG D 710 0.49 24.40 -53.17
N PRO D 711 1.75 24.06 -53.45
CA PRO D 711 2.67 25.00 -54.10
C PRO D 711 2.12 25.56 -55.40
N PRO D 712 1.54 24.72 -56.28
CA PRO D 712 1.12 25.27 -57.59
C PRO D 712 -0.13 26.14 -57.50
N ALA D 713 -1.12 25.72 -56.71
CA ALA D 713 -2.29 26.54 -56.41
C ALA D 713 -1.87 27.91 -55.90
N ALA D 714 -0.94 27.92 -54.94
CA ALA D 714 -0.47 29.15 -54.32
C ALA D 714 0.24 30.03 -55.33
N GLN D 715 1.08 29.42 -56.18
CA GLN D 715 1.77 30.18 -57.22
C GLN D 715 0.77 30.87 -58.15
N ARG D 716 -0.19 30.11 -58.68
CA ARG D 716 -1.13 30.70 -59.63
C ARG D 716 -2.01 31.75 -58.98
N LEU D 717 -2.50 31.49 -57.77
CA LEU D 717 -3.36 32.44 -57.09
C LEU D 717 -2.62 33.74 -56.77
N VAL D 718 -1.41 33.63 -56.23
CA VAL D 718 -0.64 34.82 -55.89
C VAL D 718 -0.32 35.62 -57.15
N SER D 719 0.07 34.93 -58.24
CA SER D 719 0.36 35.63 -59.48
C SER D 719 -0.86 36.38 -60.00
N ALA D 720 -2.02 35.72 -60.02
CA ALA D 720 -3.23 36.37 -60.52
C ALA D 720 -3.62 37.56 -59.66
N LEU D 721 -3.56 37.41 -58.33
CA LEU D 721 -3.90 38.50 -57.42
C LEU D 721 -2.95 39.68 -57.59
N ARG D 722 -1.65 39.40 -57.70
CA ARG D 722 -0.69 40.50 -57.83
C ARG D 722 -0.79 41.19 -59.18
N SER D 723 -1.16 40.47 -60.23
CA SER D 723 -1.25 41.08 -61.54
C SER D 723 -2.57 41.82 -61.78
N ARG D 724 -3.67 41.36 -61.20
CA ARG D 724 -4.94 42.05 -61.36
C ARG D 724 -5.02 43.33 -60.52
N PHE D 725 -4.52 43.28 -59.29
CA PHE D 725 -4.70 44.38 -58.35
C PHE D 725 -3.35 44.98 -57.96
N ASP D 726 -3.41 45.95 -57.05
CA ASP D 726 -2.25 46.71 -56.60
C ASP D 726 -2.24 46.82 -55.08
N LEU D 727 -2.38 45.68 -54.41
CA LEU D 727 -2.40 45.57 -52.96
C LEU D 727 -1.37 44.56 -52.48
N PRO D 728 -0.77 44.79 -51.32
CA PRO D 728 0.12 43.76 -50.74
C PRO D 728 -0.67 42.53 -50.32
N VAL D 729 0.00 41.39 -50.35
CA VAL D 729 -0.61 40.09 -50.08
C VAL D 729 0.02 39.48 -48.84
N HIS D 730 -0.82 39.00 -47.93
CA HIS D 730 -0.40 38.35 -46.69
C HIS D 730 -0.85 36.90 -46.72
N LEU D 731 0.05 35.99 -46.38
CA LEU D 731 -0.22 34.56 -46.45
C LEU D 731 -0.15 33.95 -45.06
N HIS D 732 -1.16 33.14 -44.72
CA HIS D 732 -1.26 32.49 -43.42
C HIS D 732 -1.71 31.05 -43.63
N THR D 733 -1.01 30.10 -43.00
CA THR D 733 -1.31 28.69 -43.20
C THR D 733 -0.89 27.90 -41.98
N HIS D 734 -1.41 26.68 -41.89
CA HIS D 734 -1.08 25.74 -40.82
C HIS D 734 -0.34 24.53 -41.40
N ASP D 735 0.38 23.83 -40.52
CA ASP D 735 1.30 22.77 -40.92
C ASP D 735 0.77 21.39 -40.55
N THR D 736 -0.55 21.17 -40.71
CA THR D 736 -1.11 19.86 -40.38
C THR D 736 -0.61 18.74 -41.27
N PRO D 737 -0.60 18.86 -42.61
CA PRO D 737 -0.07 17.74 -43.42
C PRO D 737 1.44 17.60 -43.35
N GLY D 738 2.15 18.61 -42.89
CA GLY D 738 3.59 18.63 -42.88
C GLY D 738 4.15 19.42 -44.05
N GLY D 739 5.33 19.99 -43.84
CA GLY D 739 6.09 20.59 -44.93
C GLY D 739 5.35 21.65 -45.71
N GLN D 740 4.65 22.55 -45.02
CA GLN D 740 3.92 23.61 -45.71
C GLN D 740 4.81 24.80 -46.07
N LEU D 741 6.06 24.82 -45.60
CA LEU D 741 6.96 25.91 -45.94
C LEU D 741 7.16 26.03 -47.44
N ALA D 742 7.07 24.90 -48.16
CA ALA D 742 7.16 24.92 -49.61
C ALA D 742 6.15 25.90 -50.21
N SER D 743 4.92 25.89 -49.69
CA SER D 743 3.92 26.84 -50.17
C SER D 743 4.43 28.27 -50.02
N TYR D 744 4.97 28.60 -48.85
CA TYR D 744 5.55 29.93 -48.65
C TYR D 744 6.59 30.24 -49.71
N VAL D 745 7.48 29.26 -49.97
CA VAL D 745 8.55 29.49 -50.93
C VAL D 745 8.01 29.68 -52.34
N ALA D 746 6.87 29.07 -52.66
CA ALA D 746 6.24 29.28 -53.94
C ALA D 746 5.48 30.59 -53.99
N ALA D 747 5.12 31.15 -52.84
CA ALA D 747 4.33 32.37 -52.81
C ALA D 747 5.23 33.61 -52.90
N TRP D 748 6.31 33.64 -52.12
CA TRP D 748 7.18 34.82 -52.16
C TRP D 748 8.01 34.88 -53.44
N HIS D 749 8.11 33.78 -54.18
CA HIS D 749 8.72 33.78 -55.50
C HIS D 749 7.82 34.34 -56.59
N ALA D 750 6.57 34.69 -56.26
CA ALA D 750 5.60 35.15 -57.22
C ALA D 750 4.98 36.50 -56.88
N GLY D 751 5.25 37.03 -55.69
CA GLY D 751 4.72 38.33 -55.33
C GLY D 751 4.32 38.51 -53.87
N ALA D 752 4.23 37.42 -53.11
CA ALA D 752 3.81 37.50 -51.72
C ALA D 752 4.75 38.39 -50.92
N ASP D 753 4.16 39.25 -50.09
CA ASP D 753 4.92 40.26 -49.34
C ASP D 753 5.20 39.88 -47.89
N ALA D 754 4.34 39.08 -47.26
CA ALA D 754 4.51 38.79 -45.84
C ALA D 754 4.02 37.39 -45.53
N VAL D 755 4.63 36.78 -44.51
CA VAL D 755 4.29 35.42 -44.09
C VAL D 755 4.23 35.42 -42.56
N ASP D 756 3.68 34.33 -42.01
CA ASP D 756 3.53 34.13 -40.59
C ASP D 756 4.43 32.99 -40.11
N GLY D 757 4.83 33.05 -38.84
CA GLY D 757 5.69 32.02 -38.28
C GLY D 757 5.57 31.87 -36.77
N ALA D 758 5.53 30.62 -36.32
CA ALA D 758 5.58 30.26 -34.91
C ALA D 758 6.96 29.76 -34.51
N ALA D 759 7.31 30.01 -33.25
CA ALA D 759 8.62 29.64 -32.72
C ALA D 759 8.78 28.13 -32.69
N ALA D 760 10.03 27.69 -32.83
CA ALA D 760 10.31 26.27 -33.09
C ALA D 760 9.81 25.34 -32.00
N PRO D 761 10.03 25.59 -30.70
CA PRO D 761 9.48 24.68 -29.67
C PRO D 761 7.97 24.60 -29.68
N LEU D 762 7.26 25.62 -30.18
CA LEU D 762 5.82 25.54 -30.29
C LEU D 762 5.40 25.64 -31.75
N ALA D 763 6.00 24.81 -32.60
CA ALA D 763 5.67 24.78 -34.02
C ALA D 763 5.46 23.34 -34.45
N GLY D 764 4.97 23.19 -35.69
CA GLY D 764 4.69 21.87 -36.23
C GLY D 764 3.34 21.35 -35.78
N THR D 765 3.04 20.13 -36.21
CA THR D 765 1.79 19.45 -35.90
C THR D 765 0.60 20.28 -36.37
N THR D 766 -0.17 20.83 -35.44
CA THR D 766 -1.33 21.65 -35.75
C THR D 766 -1.04 23.14 -35.65
N SER D 767 0.23 23.51 -35.47
CA SER D 767 0.64 24.90 -35.33
C SER D 767 1.20 25.41 -36.66
N GLN D 768 1.78 26.59 -36.63
CA GLN D 768 2.30 27.27 -37.81
C GLN D 768 3.75 26.90 -38.05
N PRO D 769 4.24 27.06 -39.29
CA PRO D 769 5.61 26.65 -39.60
C PRO D 769 6.65 27.40 -38.77
N ALA D 770 7.79 26.74 -38.56
CA ALA D 770 8.83 27.26 -37.69
C ALA D 770 9.43 28.56 -38.23
N LEU D 771 9.86 29.42 -37.31
CA LEU D 771 10.40 30.72 -37.69
C LEU D 771 11.84 30.59 -38.19
N SER D 772 12.62 29.69 -37.60
CA SER D 772 14.00 29.49 -38.02
C SER D 772 14.08 29.00 -39.45
N SER D 773 13.19 28.08 -39.84
CA SER D 773 13.15 27.61 -41.21
C SER D 773 12.83 28.75 -42.17
N ILE D 774 11.90 29.63 -41.78
CA ILE D 774 11.51 30.73 -42.66
C ILE D 774 12.65 31.70 -42.84
N VAL D 775 13.39 31.97 -41.76
CA VAL D 775 14.52 32.89 -41.84
C VAL D 775 15.67 32.28 -42.64
N ALA D 776 15.91 30.98 -42.49
CA ALA D 776 17.00 30.32 -43.20
C ALA D 776 16.70 30.06 -44.67
N ALA D 777 15.42 30.03 -45.05
CA ALA D 777 15.06 29.77 -46.44
C ALA D 777 15.27 30.98 -47.35
N ALA D 778 15.46 32.17 -46.79
CA ALA D 778 15.65 33.38 -47.57
C ALA D 778 16.99 34.05 -47.32
N ALA D 779 17.85 33.47 -46.48
CA ALA D 779 19.16 34.06 -46.21
C ALA D 779 20.05 34.05 -47.45
N HIS D 780 20.79 35.14 -47.64
CA HIS D 780 21.66 35.32 -48.80
C HIS D 780 20.88 35.15 -50.11
N THR D 781 19.66 35.67 -50.13
CA THR D 781 18.88 35.79 -51.35
C THR D 781 18.33 37.20 -51.47
N GLU D 782 17.79 37.52 -52.65
CA GLU D 782 17.19 38.84 -52.81
C GLU D 782 15.94 39.02 -51.97
N TYR D 783 15.42 37.93 -51.38
CA TYR D 783 14.24 37.98 -50.52
C TYR D 783 14.62 37.94 -49.04
N ASP D 784 15.82 38.40 -48.70
CA ASP D 784 16.31 38.28 -47.32
C ASP D 784 15.44 39.09 -46.37
N THR D 785 15.06 38.47 -45.25
CA THR D 785 14.23 39.14 -44.25
C THR D 785 15.05 40.10 -43.39
N GLY D 786 16.34 39.83 -43.20
CA GLY D 786 17.18 40.66 -42.36
C GLY D 786 17.21 40.27 -40.90
N LEU D 787 16.57 39.17 -40.52
CA LEU D 787 16.56 38.73 -39.13
C LEU D 787 17.76 37.85 -38.83
N SER D 788 18.50 38.20 -37.79
CA SER D 788 19.58 37.37 -37.29
C SER D 788 19.06 35.98 -36.93
N LEU D 789 19.78 34.93 -37.37
CA LEU D 789 19.36 33.58 -37.05
C LEU D 789 19.81 33.15 -35.65
N SER D 790 20.98 33.58 -35.22
CA SER D 790 21.43 33.31 -33.86
C SER D 790 20.49 33.93 -32.83
N ALA D 791 20.01 35.14 -33.10
CA ALA D 791 19.10 35.80 -32.17
C ALA D 791 17.80 35.02 -32.02
N VAL D 792 17.25 34.52 -33.13
CA VAL D 792 16.02 33.74 -33.07
C VAL D 792 16.28 32.41 -32.39
N CYS D 793 17.46 31.82 -32.59
CA CYS D 793 17.75 30.53 -31.96
C CYS D 793 17.99 30.65 -30.47
N ALA D 794 18.43 31.84 -30.01
CA ALA D 794 18.80 32.01 -28.60
C ALA D 794 17.60 31.96 -27.66
N LEU D 795 16.38 32.14 -28.15
CA LEU D 795 15.20 32.20 -27.29
C LEU D 795 14.47 30.86 -27.18
N GLU D 796 14.92 29.83 -27.90
CA GLU D 796 14.24 28.53 -27.88
C GLU D 796 14.21 27.85 -26.51
N PRO D 797 15.29 27.82 -25.72
CA PRO D 797 15.23 27.08 -24.44
C PRO D 797 14.15 27.59 -23.49
N TYR D 798 13.88 28.90 -23.49
CA TYR D 798 12.81 29.42 -22.65
C TYR D 798 11.46 28.85 -23.06
N TRP D 799 11.20 28.79 -24.37
CA TRP D 799 9.95 28.22 -24.86
C TRP D 799 9.86 26.73 -24.54
N GLU D 800 10.99 26.02 -24.64
CA GLU D 800 11.01 24.62 -24.24
C GLU D 800 10.66 24.43 -22.76
N ALA D 801 11.26 25.24 -21.89
CA ALA D 801 10.96 25.13 -20.47
C ALA D 801 9.50 25.49 -20.17
N LEU D 802 9.00 26.53 -20.84
CA LEU D 802 7.61 26.91 -20.65
C LEU D 802 6.65 25.81 -21.09
N ARG D 803 6.95 25.15 -22.21
CA ARG D 803 6.10 24.04 -22.65
C ARG D 803 6.20 22.87 -21.67
N LYS D 804 7.38 22.62 -21.12
CA LYS D 804 7.51 21.58 -20.11
C LYS D 804 6.70 21.89 -18.86
N VAL D 805 6.57 23.17 -18.52
CA VAL D 805 5.77 23.55 -17.36
C VAL D 805 4.30 23.20 -17.60
N TYR D 806 3.78 23.49 -18.79
CA TYR D 806 2.38 23.23 -19.11
C TYR D 806 2.21 21.79 -19.60
N ALA D 807 2.48 20.85 -18.69
CA ALA D 807 2.35 19.42 -18.96
C ALA D 807 0.92 18.91 -18.86
N PRO D 808 0.16 19.24 -17.80
CA PRO D 808 -1.20 18.70 -17.70
C PRO D 808 -2.13 19.11 -18.82
N PHE D 809 -1.83 20.22 -19.52
CA PHE D 809 -2.71 20.73 -20.57
C PHE D 809 -2.17 20.44 -21.97
N GLU D 810 -1.42 19.34 -22.12
CA GLU D 810 -0.85 18.99 -23.41
C GLU D 810 -1.89 18.29 -24.28
N SER D 811 -2.03 18.75 -25.52
CA SER D 811 -3.02 18.18 -26.43
C SER D 811 -2.49 18.02 -27.85
N GLY D 812 -1.17 17.99 -28.04
CA GLY D 812 -0.64 17.87 -29.37
C GLY D 812 -0.77 16.46 -29.92
N LEU D 813 -0.82 16.37 -31.26
CA LEU D 813 -0.91 15.08 -31.93
C LEU D 813 0.45 14.39 -31.95
N PRO D 814 0.47 13.07 -32.15
CA PRO D 814 1.76 12.36 -32.31
C PRO D 814 2.67 12.92 -33.39
N GLY D 815 2.12 13.33 -34.54
CA GLY D 815 2.92 13.83 -35.62
C GLY D 815 2.10 14.32 -36.80
N PRO D 816 2.64 14.13 -38.00
CA PRO D 816 1.89 14.51 -39.21
C PRO D 816 0.93 13.43 -39.67
N THR D 817 -0.25 13.86 -40.09
CA THR D 817 -1.30 12.98 -40.57
C THR D 817 -1.62 13.26 -42.02
N GLY D 818 -1.71 12.21 -42.82
CA GLY D 818 -2.08 12.38 -44.22
C GLY D 818 -3.57 12.50 -44.46
N ARG D 819 -4.38 12.02 -43.51
CA ARG D 819 -5.81 11.87 -43.70
C ARG D 819 -6.55 13.20 -43.81
N VAL D 820 -5.90 14.31 -43.46
CA VAL D 820 -6.55 15.62 -43.44
C VAL D 820 -7.09 16.01 -44.82
N TYR D 821 -6.58 15.40 -45.89
CA TYR D 821 -7.08 15.69 -47.22
C TYR D 821 -8.50 15.19 -47.44
N HIS D 822 -8.98 14.25 -46.63
CA HIS D 822 -10.33 13.73 -46.76
C HIS D 822 -11.29 14.34 -45.76
N HIS D 823 -10.83 14.59 -44.52
CA HIS D 823 -11.71 15.06 -43.46
C HIS D 823 -11.26 16.41 -42.94
N GLU D 824 -11.02 17.34 -43.87
CA GLU D 824 -10.43 18.65 -43.60
C GLU D 824 -11.05 19.33 -42.38
N ILE D 825 -10.23 19.49 -41.34
CA ILE D 825 -10.66 20.06 -40.06
C ILE D 825 -9.60 21.08 -39.65
N PRO D 826 -9.99 22.25 -39.13
CA PRO D 826 -8.99 23.22 -38.66
C PRO D 826 -8.10 22.63 -37.57
N GLY D 827 -6.83 23.06 -37.58
CA GLY D 827 -5.87 22.52 -36.64
C GLY D 827 -6.21 22.81 -35.19
N GLY D 828 -6.83 23.96 -34.92
CA GLY D 828 -7.18 24.32 -33.56
C GLY D 828 -8.27 23.47 -32.95
N GLN D 829 -9.08 22.80 -33.78
CA GLN D 829 -10.19 22.00 -33.29
C GLN D 829 -9.82 20.53 -33.13
N LEU D 830 -8.83 20.06 -33.88
CA LEU D 830 -8.51 18.64 -33.92
C LEU D 830 -8.06 18.13 -32.56
N SER D 831 -7.32 18.94 -31.81
CA SER D 831 -6.85 18.52 -30.49
C SER D 831 -8.02 18.30 -29.54
N ASN D 832 -8.93 19.27 -29.46
CA ASN D 832 -10.12 19.11 -28.64
C ASN D 832 -10.98 17.96 -29.11
N LEU D 833 -10.97 17.68 -30.42
CA LEU D 833 -11.73 16.54 -30.91
C LEU D 833 -11.14 15.24 -30.42
N ARG D 834 -9.80 15.15 -30.43
CA ARG D 834 -9.12 13.97 -29.93
C ARG D 834 -9.40 13.77 -28.44
N GLN D 835 -9.36 14.86 -27.66
CA GLN D 835 -9.67 14.74 -26.23
C GLN D 835 -11.13 14.37 -26.01
N GLN D 836 -12.05 14.96 -26.76
CA GLN D 836 -13.46 14.62 -26.60
C GLN D 836 -13.73 13.17 -26.93
N ALA D 837 -13.12 12.64 -28.01
CA ALA D 837 -13.31 11.23 -28.32
C ALA D 837 -12.51 10.32 -27.39
N ILE D 838 -11.49 10.82 -26.70
CA ILE D 838 -10.94 10.00 -25.62
C ILE D 838 -11.92 9.89 -24.47
N ALA D 839 -12.54 11.00 -24.11
CA ALA D 839 -13.20 11.13 -22.81
C ALA D 839 -14.71 10.92 -22.86
N LEU D 840 -15.29 10.78 -24.05
CA LEU D 840 -16.74 10.67 -24.23
C LEU D 840 -17.10 9.44 -25.04
N GLY D 841 -16.53 8.29 -24.66
CA GLY D 841 -16.89 7.04 -25.29
C GLY D 841 -15.81 6.41 -26.14
N LEU D 842 -16.08 6.23 -27.43
CA LEU D 842 -15.20 5.51 -28.34
C LEU D 842 -13.86 6.23 -28.49
N GLY D 843 -12.80 5.62 -27.95
CA GLY D 843 -11.48 6.22 -27.99
C GLY D 843 -10.44 5.33 -28.66
N ASP D 844 -10.65 4.02 -28.61
CA ASP D 844 -9.73 3.10 -29.29
C ASP D 844 -9.78 3.27 -30.80
N ARG D 845 -10.95 3.55 -31.37
CA ARG D 845 -11.09 3.74 -32.81
C ARG D 845 -11.60 5.15 -33.06
N PHE D 846 -10.84 5.93 -33.82
CA PHE D 846 -11.16 7.33 -34.10
C PHE D 846 -11.63 7.56 -35.52
N GLU D 847 -11.67 6.51 -36.35
CA GLU D 847 -12.10 6.67 -37.73
C GLU D 847 -13.53 7.18 -37.81
N GLU D 848 -14.44 6.61 -37.01
CA GLU D 848 -15.85 6.90 -37.15
C GLU D 848 -16.12 8.40 -37.11
N ILE D 849 -15.38 9.13 -36.27
CA ILE D 849 -15.54 10.57 -36.19
C ILE D 849 -15.05 11.24 -37.48
N GLU D 850 -14.00 10.70 -38.10
CA GLU D 850 -13.51 11.24 -39.37
C GLU D 850 -14.54 11.08 -40.49
N GLU D 851 -14.97 9.85 -40.79
CA GLU D 851 -15.99 9.76 -41.84
C GLU D 851 -17.33 10.35 -41.43
N ALA D 852 -17.59 10.54 -40.13
CA ALA D 852 -18.82 11.22 -39.75
C ALA D 852 -18.74 12.72 -39.99
N TYR D 853 -17.58 13.33 -39.74
CA TYR D 853 -17.35 14.71 -40.13
C TYR D 853 -17.43 14.87 -41.65
N ALA D 854 -16.86 13.91 -42.39
CA ALA D 854 -16.99 13.94 -43.84
C ALA D 854 -18.45 13.89 -44.28
N GLY D 855 -19.23 12.98 -43.70
CA GLY D 855 -20.63 12.87 -44.07
C GLY D 855 -21.43 14.12 -43.72
N ALA D 856 -21.19 14.67 -42.53
CA ALA D 856 -21.89 15.89 -42.13
C ALA D 856 -21.52 17.05 -43.04
N ASP D 857 -20.25 17.14 -43.47
CA ASP D 857 -19.86 18.19 -44.40
C ASP D 857 -20.53 17.99 -45.76
N ARG D 858 -20.65 16.75 -46.22
CA ARG D 858 -21.26 16.49 -47.51
C ARG D 858 -22.77 16.72 -47.47
N VAL D 859 -23.40 16.52 -46.32
CA VAL D 859 -24.85 16.70 -46.22
C VAL D 859 -25.22 18.16 -46.42
N LEU D 860 -24.49 19.07 -45.78
CA LEU D 860 -24.76 20.49 -45.90
C LEU D 860 -24.16 21.12 -47.15
N GLY D 861 -23.42 20.35 -47.94
CA GLY D 861 -22.96 20.83 -49.24
C GLY D 861 -21.71 21.70 -49.20
N ARG D 862 -20.61 21.14 -48.72
CA ARG D 862 -19.28 21.75 -48.83
C ARG D 862 -19.24 23.13 -48.18
N LEU D 863 -19.39 23.13 -46.86
CA LEU D 863 -19.38 24.38 -46.11
C LEU D 863 -17.96 24.86 -45.86
N VAL D 864 -17.81 26.18 -45.76
CA VAL D 864 -16.54 26.82 -45.44
C VAL D 864 -16.56 27.16 -43.96
N LYS D 865 -15.82 26.40 -43.16
CA LYS D 865 -15.85 26.50 -41.71
C LYS D 865 -14.50 26.98 -41.19
N VAL D 866 -14.52 27.90 -40.23
CA VAL D 866 -13.31 28.17 -39.46
C VAL D 866 -13.57 28.09 -37.96
N THR D 867 -14.15 29.15 -37.38
CA THR D 867 -14.68 29.04 -36.02
C THR D 867 -16.17 28.70 -36.00
N PRO D 868 -17.05 29.51 -36.68
CA PRO D 868 -18.49 29.43 -36.42
C PRO D 868 -19.10 28.13 -36.90
N THR D 869 -18.87 27.81 -38.16
CA THR D 869 -19.47 26.64 -38.80
C THR D 869 -18.66 25.37 -38.57
N SER D 870 -17.56 25.45 -37.81
CA SER D 870 -16.82 24.25 -37.43
C SER D 870 -17.53 23.50 -36.31
N LYS D 871 -18.01 24.23 -35.30
CA LYS D 871 -18.62 23.59 -34.14
C LYS D 871 -19.97 22.95 -34.49
N VAL D 872 -20.72 23.54 -35.41
CA VAL D 872 -21.99 22.94 -35.80
C VAL D 872 -21.76 21.58 -36.45
N VAL D 873 -20.77 21.50 -37.35
CA VAL D 873 -20.46 20.23 -38.01
C VAL D 873 -19.88 19.24 -37.01
N GLY D 874 -19.09 19.72 -36.05
CA GLY D 874 -18.57 18.83 -35.01
C GLY D 874 -19.68 18.22 -34.18
N ASP D 875 -20.63 19.05 -33.73
CA ASP D 875 -21.79 18.54 -32.99
C ASP D 875 -22.63 17.61 -33.86
N LEU D 876 -22.68 17.85 -35.17
CA LEU D 876 -23.50 17.01 -36.02
C LEU D 876 -22.86 15.63 -36.20
N ALA D 877 -21.54 15.60 -36.40
CA ALA D 877 -20.82 14.33 -36.41
C ALA D 877 -20.97 13.60 -35.07
N LEU D 878 -20.91 14.36 -33.96
CA LEU D 878 -21.10 13.76 -32.64
C LEU D 878 -22.47 13.08 -32.52
N ALA D 879 -23.53 13.81 -32.87
CA ALA D 879 -24.87 13.21 -32.81
C ALA D 879 -25.01 12.04 -33.78
N LEU D 880 -24.41 12.15 -34.96
CA LEU D 880 -24.51 11.09 -35.97
C LEU D 880 -23.86 9.81 -35.47
N VAL D 881 -22.67 9.93 -34.87
CA VAL D 881 -21.98 8.75 -34.36
C VAL D 881 -22.70 8.19 -33.14
N GLY D 882 -23.30 9.08 -32.33
CA GLY D 882 -24.04 8.60 -31.17
C GLY D 882 -25.42 8.05 -31.46
N ALA D 883 -25.94 8.26 -32.66
CA ALA D 883 -27.28 7.81 -33.01
C ALA D 883 -27.29 6.65 -34.01
N GLY D 884 -26.12 6.18 -34.44
CA GLY D 884 -26.06 5.06 -35.36
C GLY D 884 -26.31 5.40 -36.81
N VAL D 885 -26.44 6.68 -37.15
CA VAL D 885 -26.63 7.09 -38.54
C VAL D 885 -25.32 6.85 -39.29
N SER D 886 -25.31 5.88 -40.20
CA SER D 886 -24.07 5.50 -40.87
C SER D 886 -23.51 6.64 -41.72
N ALA D 887 -24.17 6.98 -42.83
CA ALA D 887 -23.73 8.12 -43.62
C ALA D 887 -24.85 8.97 -44.20
N ASP D 888 -26.04 8.43 -44.46
CA ASP D 888 -27.02 9.14 -45.28
C ASP D 888 -28.45 9.12 -44.76
N GLU D 889 -28.83 8.22 -43.85
CA GLU D 889 -30.24 8.14 -43.49
C GLU D 889 -30.69 9.29 -42.60
N PHE D 890 -29.76 10.14 -42.15
CA PHE D 890 -30.16 11.35 -41.43
C PHE D 890 -30.99 12.26 -42.33
N ALA D 891 -30.61 12.37 -43.61
CA ALA D 891 -31.36 13.15 -44.58
C ALA D 891 -32.71 12.53 -44.93
N SER D 892 -33.04 11.36 -44.39
CA SER D 892 -34.30 10.69 -44.66
C SER D 892 -35.36 10.98 -43.60
N ASP D 893 -34.98 11.01 -42.32
CA ASP D 893 -35.90 11.26 -41.22
C ASP D 893 -35.28 12.27 -40.26
N PRO D 894 -35.15 13.53 -40.69
CA PRO D 894 -34.58 14.55 -39.79
C PRO D 894 -35.41 14.81 -38.57
N ALA D 895 -36.75 14.71 -38.67
CA ALA D 895 -37.63 15.08 -37.57
C ALA D 895 -37.60 14.09 -36.42
N ARG D 896 -36.95 12.94 -36.58
CA ARG D 896 -36.91 11.89 -35.55
C ARG D 896 -35.56 11.86 -34.84
N PHE D 897 -34.96 13.02 -34.59
CA PHE D 897 -33.65 13.07 -33.96
C PHE D 897 -33.59 14.27 -33.00
N GLY D 898 -32.49 14.33 -32.25
CA GLY D 898 -32.27 15.38 -31.27
C GLY D 898 -31.26 16.41 -31.73
N ILE D 899 -31.39 16.86 -32.98
CA ILE D 899 -30.47 17.76 -33.66
C ILE D 899 -30.03 18.89 -32.75
N PRO D 900 -28.73 19.13 -32.60
CA PRO D 900 -28.26 20.20 -31.71
C PRO D 900 -28.74 21.57 -32.15
N GLU D 901 -29.00 22.44 -31.17
CA GLU D 901 -29.61 23.74 -31.47
C GLU D 901 -28.72 24.61 -32.35
N SER D 902 -27.39 24.42 -32.31
CA SER D 902 -26.54 25.18 -33.22
C SER D 902 -26.87 24.86 -34.68
N VAL D 903 -27.29 23.63 -34.96
CA VAL D 903 -27.60 23.23 -36.32
C VAL D 903 -28.90 23.87 -36.78
N LEU D 904 -29.91 23.90 -35.90
CA LEU D 904 -31.14 24.61 -36.22
C LEU D 904 -30.89 26.09 -36.42
N GLY D 905 -29.98 26.67 -35.63
CA GLY D 905 -29.66 28.07 -35.81
C GLY D 905 -28.91 28.36 -37.10
N PHE D 906 -28.10 27.40 -37.55
CA PHE D 906 -27.51 27.49 -38.88
C PHE D 906 -28.59 27.45 -39.95
N LEU D 907 -29.50 26.47 -39.86
CA LEU D 907 -30.57 26.35 -40.83
C LEU D 907 -31.50 27.56 -40.83
N ARG D 908 -31.58 28.28 -39.71
CA ARG D 908 -32.45 29.45 -39.64
C ARG D 908 -31.92 30.59 -40.51
N GLY D 909 -30.59 30.74 -40.57
CA GLY D 909 -29.98 31.71 -41.47
C GLY D 909 -29.52 32.99 -40.82
N GLU D 910 -28.94 32.91 -39.62
CA GLU D 910 -28.34 34.08 -38.99
C GLU D 910 -26.83 34.18 -39.21
N LEU D 911 -26.21 33.15 -39.77
CA LEU D 911 -24.80 33.19 -40.13
C LEU D 911 -24.57 33.61 -41.57
N GLY D 912 -25.62 33.89 -42.33
CA GLY D 912 -25.49 34.27 -43.72
C GLY D 912 -26.02 33.20 -44.66
N ASP D 913 -25.47 33.12 -45.86
CA ASP D 913 -25.87 32.09 -46.81
C ASP D 913 -24.66 31.26 -47.24
N PRO D 914 -24.85 29.98 -47.51
CA PRO D 914 -23.73 29.13 -47.93
C PRO D 914 -23.21 29.55 -49.29
N PRO D 915 -21.92 29.32 -49.57
CA PRO D 915 -21.36 29.75 -50.86
C PRO D 915 -21.95 28.98 -52.01
N GLY D 916 -21.92 27.64 -51.91
CA GLY D 916 -22.47 26.81 -52.96
C GLY D 916 -23.97 26.94 -53.10
N GLY D 917 -24.69 26.97 -51.99
CA GLY D 917 -26.13 27.11 -52.01
C GLY D 917 -26.77 26.33 -50.89
N TRP D 918 -28.07 26.53 -50.75
CA TRP D 918 -28.82 25.87 -49.69
C TRP D 918 -28.91 24.37 -49.97
N PRO D 919 -28.52 23.52 -49.05
CA PRO D 919 -28.50 22.07 -49.30
C PRO D 919 -29.83 21.40 -49.02
N GLU D 920 -30.91 22.19 -48.95
CA GLU D 920 -32.22 21.69 -48.51
C GLU D 920 -33.27 21.86 -49.60
N PRO D 921 -33.22 21.05 -50.67
CA PRO D 921 -34.40 20.94 -51.55
C PRO D 921 -35.36 19.87 -51.03
N LEU D 922 -34.82 18.94 -50.24
CA LEU D 922 -35.62 17.91 -49.57
C LEU D 922 -35.29 17.76 -48.09
N ARG D 923 -34.24 18.42 -47.59
CA ARG D 923 -33.83 18.26 -46.20
C ARG D 923 -34.92 18.75 -45.24
N THR D 924 -35.21 20.05 -45.28
CA THR D 924 -36.31 20.64 -44.52
C THR D 924 -37.05 21.60 -45.43
N ALA D 925 -38.36 21.71 -45.20
CA ALA D 925 -39.17 22.64 -45.98
C ALA D 925 -38.80 24.08 -45.66
N ALA D 926 -38.99 24.49 -44.41
CA ALA D 926 -38.43 25.72 -43.87
C ALA D 926 -37.52 25.45 -42.68
N LEU D 927 -38.03 24.75 -41.66
CA LEU D 927 -37.24 24.37 -40.50
C LEU D 927 -37.58 22.97 -40.00
N ALA D 928 -38.43 22.23 -40.72
CA ALA D 928 -38.97 20.92 -40.30
C ALA D 928 -40.00 21.06 -39.17
N GLY D 929 -40.70 22.19 -39.14
CA GLY D 929 -41.79 22.41 -38.21
C GLY D 929 -41.37 22.35 -36.76
N ARG D 930 -40.28 23.05 -36.41
CA ARG D 930 -39.81 23.07 -35.04
C ARG D 930 -40.54 24.14 -34.24
N GLY D 931 -40.48 25.38 -34.71
CA GLY D 931 -41.03 26.53 -34.00
C GLY D 931 -40.70 27.87 -34.61
N ALA D 932 -40.32 28.82 -33.78
CA ALA D 932 -39.95 30.16 -34.24
C ALA D 932 -38.58 30.55 -33.74
N ALA D 933 -38.20 31.82 -33.90
CA ALA D 933 -36.89 32.30 -33.52
C ALA D 933 -37.01 33.28 -32.35
N ARG D 934 -36.04 33.23 -31.43
CA ARG D 934 -36.18 34.01 -30.21
C ARG D 934 -35.89 35.48 -30.45
N PRO D 935 -36.59 36.37 -29.73
CA PRO D 935 -36.39 37.81 -29.89
C PRO D 935 -35.07 38.25 -29.31
N THR D 936 -34.71 39.50 -29.60
CA THR D 936 -33.51 40.14 -29.08
C THR D 936 -33.90 41.44 -28.40
N ALA D 937 -33.38 41.66 -27.19
CA ALA D 937 -33.75 42.85 -26.42
C ALA D 937 -32.84 44.02 -26.76
N GLN D 938 -33.42 45.20 -26.83
CA GLN D 938 -32.65 46.41 -27.12
C GLN D 938 -31.77 46.79 -25.94
N LEU D 939 -30.60 47.34 -26.24
CA LEU D 939 -29.67 47.78 -25.21
C LEU D 939 -30.28 48.87 -24.34
N ALA D 940 -29.93 48.86 -23.05
CA ALA D 940 -30.43 49.85 -22.12
C ALA D 940 -29.64 51.15 -22.23
N ALA D 941 -30.36 52.27 -22.09
CA ALA D 941 -29.80 53.58 -22.39
C ALA D 941 -28.50 53.86 -21.65
N ASP D 942 -28.37 53.39 -20.41
CA ASP D 942 -27.14 53.63 -19.65
C ASP D 942 -25.93 52.98 -20.32
N ASP D 943 -26.13 51.84 -20.98
CA ASP D 943 -25.01 51.18 -21.64
C ASP D 943 -24.55 51.99 -22.84
N GLU D 944 -25.50 52.53 -23.61
CA GLU D 944 -25.15 53.40 -24.73
C GLU D 944 -24.45 54.65 -24.22
N ILE D 945 -24.89 55.17 -23.07
CA ILE D 945 -24.22 56.31 -22.45
C ILE D 945 -22.79 55.96 -22.10
N ALA D 946 -22.58 54.81 -21.45
CA ALA D 946 -21.22 54.49 -21.01
C ALA D 946 -20.31 54.05 -22.15
N LEU D 947 -20.88 53.65 -23.29
CA LEU D 947 -20.08 53.20 -24.42
C LEU D 947 -19.44 54.34 -25.20
N SER D 948 -19.82 55.58 -24.92
CA SER D 948 -19.36 56.72 -25.70
C SER D 948 -18.08 57.33 -25.15
N SER D 949 -17.79 57.10 -23.88
CA SER D 949 -16.60 57.60 -23.20
C SER D 949 -15.55 56.49 -23.10
N VAL D 950 -14.28 56.92 -23.10
CA VAL D 950 -13.13 56.01 -23.07
C VAL D 950 -12.63 55.91 -21.63
N GLY D 951 -12.43 54.69 -21.17
CA GLY D 951 -11.94 54.47 -19.83
C GLY D 951 -12.21 53.03 -19.40
N ALA D 952 -11.88 52.77 -18.13
CA ALA D 952 -12.10 51.44 -17.57
C ALA D 952 -13.59 51.10 -17.49
N LYS D 953 -14.45 52.10 -17.41
CA LYS D 953 -15.89 51.86 -17.39
C LYS D 953 -16.35 51.20 -18.69
N ARG D 954 -15.87 51.70 -19.82
CA ARG D 954 -16.22 51.10 -21.11
C ARG D 954 -15.72 49.66 -21.19
N GLN D 955 -14.52 49.40 -20.69
CA GLN D 955 -13.97 48.06 -20.72
C GLN D 955 -14.79 47.11 -19.86
N ALA D 956 -15.19 47.54 -18.65
CA ALA D 956 -16.04 46.72 -17.81
C ALA D 956 -17.40 46.47 -18.46
N THR D 957 -17.94 47.49 -19.12
CA THR D 957 -19.25 47.36 -19.76
C THR D 957 -19.20 46.40 -20.94
N LEU D 958 -18.09 46.42 -21.68
CA LEU D 958 -17.89 45.42 -22.74
C LEU D 958 -17.72 44.02 -22.17
N ASN D 959 -16.96 43.88 -21.08
CA ASN D 959 -16.77 42.57 -20.48
C ASN D 959 -18.10 41.99 -20.02
N ARG D 960 -18.93 42.81 -19.37
CA ARG D 960 -20.22 42.31 -18.89
C ARG D 960 -21.20 42.08 -20.03
N LEU D 961 -21.15 42.90 -21.09
CA LEU D 961 -22.06 42.72 -22.21
C LEU D 961 -21.68 41.56 -23.12
N LEU D 962 -20.43 41.11 -23.10
CA LEU D 962 -20.02 40.01 -23.97
C LEU D 962 -20.14 38.65 -23.30
N PHE D 963 -19.55 38.49 -22.12
CA PHE D 963 -19.57 37.22 -21.39
C PHE D 963 -20.01 37.49 -19.96
N PRO D 964 -21.33 37.51 -19.70
CA PRO D 964 -21.81 37.88 -18.35
C PRO D 964 -21.36 36.94 -17.24
N SER D 965 -21.62 35.64 -17.39
CA SER D 965 -21.41 34.71 -16.28
C SER D 965 -19.94 34.60 -15.89
N PRO D 966 -18.99 34.46 -16.82
CA PRO D 966 -17.59 34.32 -16.41
C PRO D 966 -17.00 35.62 -15.91
N THR D 967 -17.44 36.78 -16.42
CA THR D 967 -16.95 38.03 -15.88
C THR D 967 -17.52 38.28 -14.48
N LYS D 968 -18.72 37.76 -14.19
CA LYS D 968 -19.25 37.87 -12.83
C LYS D 968 -18.49 36.95 -11.87
N GLU D 969 -18.18 35.74 -12.33
CA GLU D 969 -17.29 34.88 -11.55
C GLU D 969 -15.93 35.51 -11.33
N PHE D 970 -15.37 36.14 -12.36
CA PHE D 970 -14.08 36.80 -12.23
C PHE D 970 -14.14 37.96 -11.23
N ASN D 971 -15.23 38.73 -11.25
CA ASN D 971 -15.39 39.82 -10.30
C ASN D 971 -15.49 39.30 -8.87
N GLU D 972 -16.26 38.21 -8.66
CA GLU D 972 -16.33 37.61 -7.34
C GLU D 972 -14.97 37.10 -6.89
N HIS D 973 -14.22 36.46 -7.78
CA HIS D 973 -12.91 35.93 -7.42
C HIS D 973 -11.95 37.06 -7.07
N ARG D 974 -11.99 38.15 -7.82
CA ARG D 974 -11.11 39.29 -7.57
C ARG D 974 -11.47 40.00 -6.27
N GLU D 975 -12.76 40.08 -5.96
CA GLU D 975 -13.15 40.57 -4.64
C GLU D 975 -12.64 39.68 -3.53
N ALA D 976 -12.72 38.35 -3.73
CA ALA D 976 -12.38 37.43 -2.66
C ALA D 976 -10.87 37.39 -2.40
N TYR D 977 -10.08 37.32 -3.47
CA TYR D 977 -8.66 36.98 -3.37
C TYR D 977 -7.76 38.06 -3.96
N GLY D 978 -8.23 39.29 -4.03
CA GLY D 978 -7.42 40.38 -4.55
C GLY D 978 -6.98 40.13 -5.98
N ASP D 979 -5.75 40.54 -6.28
CA ASP D 979 -5.16 40.43 -7.60
C ASP D 979 -4.11 39.34 -7.59
N THR D 980 -4.36 38.28 -8.38
CA THR D 980 -3.47 37.13 -8.46
C THR D 980 -2.86 36.97 -9.85
N SER D 981 -2.99 37.97 -10.73
CA SER D 981 -2.44 37.87 -12.07
C SER D 981 -0.93 38.01 -12.09
N GLN D 982 -0.30 38.39 -10.97
CA GLN D 982 1.14 38.53 -10.89
C GLN D 982 1.85 37.24 -10.50
N LEU D 983 1.10 36.18 -10.19
CA LEU D 983 1.69 34.92 -9.78
C LEU D 983 2.21 34.16 -11.00
N SER D 984 3.08 33.18 -10.74
CA SER D 984 3.64 32.36 -11.80
C SER D 984 2.73 31.16 -12.05
N ALA D 985 3.05 30.40 -13.10
CA ALA D 985 2.25 29.21 -13.39
C ALA D 985 2.37 28.19 -12.28
N ASN D 986 3.55 28.07 -11.68
CA ASN D 986 3.77 27.05 -10.66
C ASN D 986 2.96 27.31 -9.40
N GLN D 987 3.03 28.53 -8.88
CA GLN D 987 2.22 28.90 -7.71
C GLN D 987 0.74 28.86 -8.02
N PHE D 988 0.34 29.35 -9.21
CA PHE D 988 -1.08 29.44 -9.53
C PHE D 988 -1.72 28.05 -9.67
N PHE D 989 -1.02 27.12 -10.30
CA PHE D 989 -1.62 25.82 -10.59
C PHE D 989 -1.31 24.75 -9.56
N TYR D 990 -0.17 24.83 -8.86
CA TYR D 990 0.24 23.75 -7.97
C TYR D 990 0.18 24.17 -6.50
N GLY D 991 0.92 25.20 -6.11
CA GLY D 991 0.85 25.69 -4.75
C GLY D 991 2.19 26.01 -4.14
N LEU D 992 2.33 25.71 -2.86
CA LEU D 992 3.59 26.01 -2.15
C LEU D 992 4.26 24.69 -1.79
N ARG D 993 5.58 24.65 -1.74
CA ARG D 993 6.33 23.44 -1.34
C ARG D 993 7.32 23.84 -0.23
N GLN D 994 7.90 22.87 0.48
CA GLN D 994 8.75 23.17 1.65
C GLN D 994 10.24 23.26 1.30
N GLY D 995 10.88 24.36 1.68
CA GLY D 995 12.31 24.57 1.36
C GLY D 995 12.44 25.56 0.23
N GLU D 996 11.32 26.07 -0.29
CA GLU D 996 11.36 26.94 -1.48
C GLU D 996 10.77 28.34 -1.22
N GLU D 997 11.53 29.38 -1.51
CA GLU D 997 11.08 30.78 -1.32
C GLU D 997 10.59 31.38 -2.64
N HIS D 998 9.47 32.08 -2.60
CA HIS D 998 8.88 32.70 -3.77
C HIS D 998 8.83 34.21 -3.62
N ARG D 999 9.10 34.92 -4.70
CA ARG D 999 9.02 36.37 -4.74
C ARG D 999 7.86 36.79 -5.62
N VAL D 1000 6.96 37.59 -5.07
CA VAL D 1000 5.77 38.07 -5.76
C VAL D 1000 5.79 39.59 -5.76
N LYS D 1001 5.73 40.19 -6.95
CA LYS D 1001 5.84 41.64 -7.08
C LYS D 1001 4.45 42.27 -7.00
N LEU D 1002 4.25 43.13 -6.00
CA LEU D 1002 3.00 43.87 -5.84
C LEU D 1002 3.07 45.25 -6.50
N GLU D 1003 4.07 46.06 -6.15
CA GLU D 1003 4.27 47.37 -6.75
C GLU D 1003 5.76 47.61 -6.94
N ARG D 1004 6.10 48.77 -7.48
CA ARG D 1004 7.50 49.14 -7.70
C ARG D 1004 8.16 49.35 -6.34
N GLY D 1005 9.05 48.42 -5.97
CA GLY D 1005 9.66 48.43 -4.66
C GLY D 1005 8.86 47.73 -3.59
N VAL D 1006 7.69 47.18 -3.93
CA VAL D 1006 6.83 46.48 -2.98
C VAL D 1006 6.76 45.03 -3.42
N GLU D 1007 7.54 44.17 -2.75
CA GLU D 1007 7.62 42.75 -3.09
C GLU D 1007 7.37 41.92 -1.83
N LEU D 1008 6.82 40.72 -2.04
CA LEU D 1008 6.45 39.83 -0.96
C LEU D 1008 7.19 38.49 -1.10
N LEU D 1009 7.72 38.00 0.01
CA LEU D 1009 8.52 36.77 0.05
C LEU D 1009 7.75 35.70 0.83
N ILE D 1010 7.32 34.66 0.12
CA ILE D 1010 6.38 33.68 0.65
C ILE D 1010 7.05 32.30 0.70
N GLY D 1011 6.80 31.57 1.79
CA GLY D 1011 7.32 30.22 1.93
C GLY D 1011 6.38 29.39 2.79
N LEU D 1012 6.72 28.10 2.92
CA LEU D 1012 5.91 27.16 3.68
C LEU D 1012 6.74 26.58 4.81
N GLU D 1013 6.06 26.21 5.91
CA GLU D 1013 6.71 25.60 7.06
C GLU D 1013 6.16 24.21 7.35
N ALA D 1014 4.86 24.07 7.56
CA ALA D 1014 4.35 22.73 7.88
C ALA D 1014 2.84 22.69 7.74
N ILE D 1015 2.29 21.46 7.76
CA ILE D 1015 0.85 21.28 7.59
C ILE D 1015 0.40 20.22 8.58
N SER D 1016 -0.71 20.47 9.27
CA SER D 1016 -1.25 19.53 10.24
C SER D 1016 -2.35 18.67 9.61
N GLU D 1017 -2.51 17.46 10.14
CA GLU D 1017 -3.56 16.58 9.65
C GLU D 1017 -4.92 17.07 10.15
N PRO D 1018 -5.99 16.77 9.41
CA PRO D 1018 -7.30 17.34 9.75
C PRO D 1018 -7.84 16.81 11.07
N ASP D 1019 -8.56 17.70 11.76
CA ASP D 1019 -9.21 17.40 13.03
C ASP D 1019 -10.50 16.62 12.76
N GLU D 1020 -11.39 16.56 13.76
CA GLU D 1020 -12.65 15.87 13.57
C GLU D 1020 -13.47 16.52 12.46
N ARG D 1021 -13.26 17.81 12.21
CA ARG D 1021 -13.85 18.47 11.05
C ARG D 1021 -13.02 18.22 9.80
N GLY D 1022 -13.27 18.96 8.74
CA GLY D 1022 -12.45 18.87 7.55
C GLY D 1022 -11.40 19.96 7.51
N MET D 1023 -11.12 20.58 8.65
CA MET D 1023 -10.29 21.77 8.72
C MET D 1023 -8.85 21.39 9.07
N ARG D 1024 -7.90 21.98 8.35
CA ARG D 1024 -6.47 21.83 8.63
C ARG D 1024 -5.86 23.20 8.86
N THR D 1025 -4.71 23.19 9.53
CA THR D 1025 -3.94 24.41 9.78
C THR D 1025 -2.61 24.31 9.05
N VAL D 1026 -2.30 25.34 8.25
CA VAL D 1026 -1.07 25.38 7.47
C VAL D 1026 -0.23 26.53 8.04
N MET D 1027 0.99 26.22 8.42
CA MET D 1027 1.94 27.22 8.91
C MET D 1027 2.82 27.66 7.75
N CYS D 1028 2.77 28.94 7.41
CA CYS D 1028 3.53 29.51 6.30
C CYS D 1028 4.42 30.63 6.82
N ILE D 1029 5.28 31.13 5.93
CA ILE D 1029 6.19 32.23 6.24
C ILE D 1029 5.91 33.36 5.27
N LEU D 1030 5.69 34.55 5.80
CA LEU D 1030 5.50 35.77 5.02
C LEU D 1030 6.44 36.85 5.55
N ASN D 1031 7.36 37.30 4.70
CA ASN D 1031 8.35 38.31 5.05
C ASN D 1031 9.14 37.89 6.29
N GLY D 1032 9.43 36.60 6.39
CA GLY D 1032 10.16 36.08 7.53
C GLY D 1032 9.38 35.97 8.81
N GLN D 1033 8.04 35.96 8.74
CA GLN D 1033 7.20 35.87 9.92
C GLN D 1033 6.25 34.70 9.78
N LEU D 1034 6.01 33.99 10.88
CA LEU D 1034 5.15 32.82 10.86
C LEU D 1034 3.68 33.22 10.83
N ARG D 1035 2.90 32.49 10.03
CA ARG D 1035 1.48 32.76 9.87
C ARG D 1035 0.69 31.46 9.81
N PRO D 1036 -0.25 31.24 10.75
CA PRO D 1036 -1.15 30.09 10.63
C PRO D 1036 -2.41 30.42 9.82
N VAL D 1037 -2.78 29.55 8.90
CA VAL D 1037 -3.96 29.73 8.07
C VAL D 1037 -4.85 28.49 8.21
N LEU D 1038 -6.15 28.71 8.42
CA LEU D 1038 -7.12 27.64 8.56
C LEU D 1038 -7.79 27.40 7.22
N VAL D 1039 -7.71 26.15 6.73
CA VAL D 1039 -8.21 25.82 5.40
C VAL D 1039 -9.10 24.59 5.50
N ARG D 1040 -9.92 24.40 4.48
CA ARG D 1040 -10.86 23.28 4.40
C ARG D 1040 -10.36 22.27 3.38
N ASP D 1041 -10.25 21.02 3.79
CA ASP D 1041 -9.83 19.92 2.93
C ASP D 1041 -11.07 19.22 2.41
N ARG D 1042 -11.40 19.46 1.14
CA ARG D 1042 -12.61 18.90 0.53
C ARG D 1042 -12.47 17.42 0.19
N SER D 1043 -11.28 16.84 0.35
CA SER D 1043 -11.10 15.43 0.01
C SER D 1043 -11.78 14.52 1.03
N ILE D 1044 -11.64 14.82 2.32
CA ILE D 1044 -12.21 13.96 3.36
C ILE D 1044 -13.66 14.30 3.67
N ALA D 1045 -14.16 15.45 3.20
CA ALA D 1045 -15.54 15.88 3.44
C ALA D 1045 -15.87 15.92 4.93
#